data_8G0Z
#
_entry.id   8G0Z
#
loop_
_entity.id
_entity.type
_entity.pdbx_description
1 polymer 'DnaB-like replicative helicase'
2 polymer "DNA (5'-D(P*TP*TP*TP*TP*TP*TP*TP*TP*TP*TP*TP*T)-3')"
3 non-polymer 'PHOSPHOTHIOPHOSPHORIC ACID-ADENYLATE ESTER'
4 non-polymer 'MAGNESIUM ION'
#
loop_
_entity_poly.entity_id
_entity_poly.type
_entity_poly.pdbx_seq_one_letter_code
_entity_poly.pdbx_strand_id
1 'polypeptide(L)'
;MVEIILSHLIFDQAYFSKVWPYMDSEYFESGPAKNTFKLIKSHVNEYHSVPSINALNVALENSSFTETEYSGVKTLISKL
ADSPEDHSWLVKETEKYVQQRAMFNATSKIIEIQTNAELPPEKRNKKMPDVGAIPDIMRQALSISFDSYVGHDWMDDYEA
RWLSYMNKARKVPFKLRILNKITKGGAETGTLNVLMAGVNVGKSLGLCSLAADYLQLGHNVLYISMQMAEEVCAKRIDAN
MLDVSLDDIDDGHISYAEYKGKMEKWREKSTLGRLIVKQYPTGGADANTFRSLLNELKLKKNFVPTIIIVDYLGICKSCR
IRVYSENSYTTVKAIAEELRALAVETETVLWTAAQVGKQAWDSSDVNMSDIAESAGLPATADFMLAVIETEELAAAEQQL
IKQIKSRYGDKNKWNKFLMGVQKGNQKWVEIE
;
A,B,C,D,E,F
2 'polydeoxyribonucleotide' (DT)(DT)(DT)(DT)(DT)(DT)(DT)(DT)(DT)(DT)(DT)(DT) M
#
loop_
_chem_comp.id
_chem_comp.type
_chem_comp.name
_chem_comp.formula
AGS non-polymer 'PHOSPHOTHIOPHOSPHORIC ACID-ADENYLATE ESTER' 'C10 H16 N5 O12 P3 S'
DT DNA linking THYMIDINE-5'-MONOPHOSPHATE 'C10 H15 N2 O8 P'
MG non-polymer 'MAGNESIUM ION' 'Mg 2'
#
# COMPACT_ATOMS: atom_id res chain seq x y z
N MET A 1 -30.18 25.10 29.39
CA MET A 1 -29.13 26.10 29.17
C MET A 1 -29.71 27.51 29.22
N VAL A 2 -31.00 27.63 28.87
CA VAL A 2 -31.64 28.94 28.84
C VAL A 2 -31.68 29.55 30.24
N GLU A 3 -31.90 28.71 31.26
CA GLU A 3 -31.91 29.21 32.63
C GLU A 3 -30.56 29.82 32.99
N ILE A 4 -29.46 29.14 32.61
CA ILE A 4 -28.13 29.66 32.89
C ILE A 4 -27.90 30.97 32.14
N ILE A 5 -28.33 31.03 30.88
CA ILE A 5 -28.13 32.23 30.08
C ILE A 5 -28.84 33.42 30.70
N LEU A 6 -30.11 33.23 31.09
CA LEU A 6 -30.85 34.31 31.70
C LEU A 6 -30.27 34.70 33.06
N SER A 7 -29.86 33.70 33.86
CA SER A 7 -29.32 33.98 35.17
C SER A 7 -28.03 34.79 35.08
N HIS A 8 -27.15 34.45 34.13
CA HIS A 8 -25.91 35.17 33.98
C HIS A 8 -26.05 36.43 33.15
N LEU A 9 -27.18 36.63 32.48
CA LEU A 9 -27.51 37.96 31.98
C LEU A 9 -27.91 38.87 33.12
N ILE A 10 -28.70 38.35 34.07
CA ILE A 10 -29.13 39.16 35.20
C ILE A 10 -27.98 39.44 36.16
N PHE A 11 -27.16 38.43 36.44
CA PHE A 11 -26.18 38.50 37.53
C PHE A 11 -24.74 38.47 37.03
N ASP A 12 -24.43 39.18 35.95
CA ASP A 12 -23.05 39.28 35.51
C ASP A 12 -22.90 40.51 34.64
N GLN A 13 -21.64 40.94 34.48
CA GLN A 13 -21.33 42.14 33.72
C GLN A 13 -20.51 41.85 32.47
N ALA A 14 -19.39 41.12 32.61
CA ALA A 14 -18.59 40.78 31.43
C ALA A 14 -19.37 39.90 30.46
N TYR A 15 -20.10 38.93 31.00
CA TYR A 15 -20.93 38.08 30.14
C TYR A 15 -21.98 38.89 29.41
N PHE A 16 -22.63 39.82 30.11
CA PHE A 16 -23.62 40.69 29.46
C PHE A 16 -22.97 41.53 28.37
N SER A 17 -21.89 42.23 28.71
CA SER A 17 -21.21 43.09 27.73
C SER A 17 -20.65 42.30 26.56
N LYS A 18 -20.45 41.00 26.73
CA LYS A 18 -19.92 40.18 25.65
C LYS A 18 -21.00 39.57 24.76
N VAL A 19 -22.14 39.19 25.33
CA VAL A 19 -23.13 38.41 24.60
C VAL A 19 -24.42 39.17 24.29
N TRP A 20 -24.60 40.38 24.83
CA TRP A 20 -25.85 41.09 24.58
C TRP A 20 -26.05 41.49 23.12
N PRO A 21 -25.06 42.01 22.38
CA PRO A 21 -25.31 42.36 20.98
C PRO A 21 -25.74 41.19 20.12
N TYR A 22 -25.44 39.95 20.50
CA TYR A 22 -25.77 38.77 19.72
C TYR A 22 -26.95 38.01 20.31
N MET A 23 -27.83 38.69 21.02
CA MET A 23 -28.96 38.05 21.69
C MET A 23 -30.26 38.58 21.11
N ASP A 24 -31.12 37.66 20.67
CA ASP A 24 -32.39 37.99 20.05
C ASP A 24 -33.52 37.22 20.72
N SER A 25 -34.73 37.75 20.60
CA SER A 25 -35.89 37.12 21.23
C SER A 25 -36.20 35.76 20.59
N GLU A 26 -36.01 35.64 19.27
CA GLU A 26 -36.35 34.41 18.58
C GLU A 26 -35.40 33.27 18.90
N TYR A 27 -34.31 33.53 19.61
CA TYR A 27 -33.34 32.49 19.93
C TYR A 27 -33.71 31.64 21.14
N PHE A 28 -34.74 32.01 21.90
CA PHE A 28 -34.97 31.35 23.18
C PHE A 28 -36.08 30.29 23.13
N GLU A 29 -37.31 30.71 22.87
CA GLU A 29 -38.44 29.79 22.95
C GLU A 29 -39.72 30.46 22.47
N SER A 30 -40.85 29.77 22.62
CA SER A 30 -42.17 30.36 22.41
C SER A 30 -42.99 30.37 23.71
N GLY A 31 -42.30 30.20 24.84
CA GLY A 31 -42.98 30.22 26.15
C GLY A 31 -42.13 30.96 27.17
N PRO A 32 -41.57 30.27 28.19
CA PRO A 32 -40.82 30.94 29.26
C PRO A 32 -39.53 31.61 28.77
N ALA A 33 -38.70 30.88 28.02
CA ALA A 33 -37.39 31.43 27.62
C ALA A 33 -37.55 32.75 26.86
N LYS A 34 -38.33 32.74 25.78
CA LYS A 34 -38.44 33.97 24.94
C LYS A 34 -39.03 35.10 25.78
N ASN A 35 -40.13 34.84 26.48
CA ASN A 35 -40.80 35.92 27.26
C ASN A 35 -39.79 36.50 28.25
N THR A 36 -39.00 35.65 28.92
CA THR A 36 -38.05 36.15 29.93
C THR A 36 -36.99 37.02 29.26
N PHE A 37 -36.47 36.60 28.10
CA PHE A 37 -35.50 37.44 27.37
C PHE A 37 -36.18 38.75 26.96
N LYS A 38 -37.45 38.66 26.54
CA LYS A 38 -38.21 39.87 26.15
C LYS A 38 -38.18 40.85 27.32
N LEU A 39 -38.40 40.36 28.54
CA LEU A 39 -38.38 41.24 29.74
C LEU A 39 -37.01 41.89 29.84
N ILE A 40 -35.94 41.09 29.69
CA ILE A 40 -34.55 41.63 29.81
C ILE A 40 -34.35 42.68 28.72
N LYS A 41 -34.74 42.36 27.49
CA LYS A 41 -34.56 43.31 26.36
C LYS A 41 -35.38 44.57 26.65
N SER A 42 -36.63 44.39 27.09
CA SER A 42 -37.51 45.56 27.35
C SER A 42 -36.86 46.46 28.40
N HIS A 43 -36.45 45.89 29.53
CA HIS A 43 -35.84 46.70 30.62
C HIS A 43 -34.53 47.31 30.10
N VAL A 44 -33.72 46.51 29.42
CA VAL A 44 -32.41 47.02 28.91
C VAL A 44 -32.68 48.21 27.99
N ASN A 45 -33.92 48.37 27.53
CA ASN A 45 -34.17 49.45 26.58
C ASN A 45 -34.68 50.71 27.28
N GLU A 46 -35.63 50.56 28.22
CA GLU A 46 -36.15 51.73 28.89
C GLU A 46 -35.14 52.30 29.89
N TYR A 47 -34.44 51.42 30.61
CA TYR A 47 -33.35 51.82 31.50
C TYR A 47 -32.10 51.06 31.08
N HIS A 48 -31.08 51.78 30.62
CA HIS A 48 -29.91 51.15 30.05
C HIS A 48 -29.05 50.51 31.13
N SER A 49 -29.59 49.48 31.77
CA SER A 49 -28.87 48.74 32.82
C SER A 49 -29.54 47.39 33.00
N VAL A 50 -28.79 46.45 33.56
CA VAL A 50 -29.30 45.10 33.78
C VAL A 50 -30.33 45.13 34.90
N PRO A 51 -31.53 44.59 34.69
CA PRO A 51 -32.54 44.61 35.75
C PRO A 51 -32.20 43.67 36.89
N SER A 52 -32.63 44.01 38.10
CA SER A 52 -32.39 43.13 39.26
C SER A 52 -33.31 41.91 39.14
N ILE A 53 -32.94 40.76 39.71
CA ILE A 53 -33.83 39.59 39.51
C ILE A 53 -35.23 40.02 39.97
N ASN A 54 -35.29 40.85 41.02
CA ASN A 54 -36.59 41.39 41.50
C ASN A 54 -37.12 42.37 40.45
N ALA A 55 -36.25 43.18 39.84
CA ALA A 55 -36.68 44.09 38.76
C ALA A 55 -37.19 43.24 37.60
N LEU A 56 -36.52 42.12 37.31
CA LEU A 56 -37.02 41.20 36.26
C LEU A 56 -38.39 40.69 36.73
N ASN A 57 -38.51 40.41 38.04
CA ASN A 57 -39.82 39.98 38.60
C ASN A 57 -40.79 41.15 38.48
N VAL A 58 -40.30 42.37 38.69
CA VAL A 58 -41.16 43.59 38.53
C VAL A 58 -41.63 43.64 37.08
N ALA A 59 -40.76 43.30 36.13
CA ALA A 59 -41.16 43.27 34.70
C ALA A 59 -42.31 42.26 34.55
N LEU A 60 -42.15 41.06 35.10
CA LEU A 60 -43.25 40.05 35.06
C LEU A 60 -44.47 40.66 35.76
N GLU A 61 -44.24 41.30 36.91
CA GLU A 61 -45.35 41.91 37.68
C GLU A 61 -46.06 42.96 36.80
N ASN A 62 -45.29 43.68 35.98
CA ASN A 62 -45.87 44.76 35.14
C ASN A 62 -45.64 44.43 33.67
N SER A 63 -46.38 43.44 33.13
CA SER A 63 -46.24 43.06 31.70
C SER A 63 -47.46 42.24 31.26
N SER A 64 -47.70 42.17 29.95
CA SER A 64 -48.85 41.38 29.42
C SER A 64 -48.44 39.90 29.34
N PHE A 65 -48.97 39.08 30.25
CA PHE A 65 -48.65 37.62 30.25
C PHE A 65 -49.92 36.81 30.48
N THR A 66 -50.14 35.78 29.66
CA THR A 66 -51.31 34.89 29.87
C THR A 66 -51.12 34.17 31.22
N GLU A 67 -52.21 33.71 31.84
CA GLU A 67 -52.11 33.08 33.18
C GLU A 67 -50.93 32.11 33.15
N THR A 68 -50.89 31.21 32.17
CA THR A 68 -49.80 30.20 32.08
C THR A 68 -48.47 30.93 31.94
N GLU A 69 -48.39 31.89 31.02
CA GLU A 69 -47.12 32.64 30.80
C GLU A 69 -46.73 33.36 32.09
N TYR A 70 -47.68 34.09 32.69
CA TYR A 70 -47.36 34.86 33.92
C TYR A 70 -46.83 33.90 34.98
N SER A 71 -47.50 32.76 35.18
CA SER A 71 -47.00 31.74 36.14
C SER A 71 -45.64 31.26 35.65
N GLY A 72 -45.59 30.70 34.44
CA GLY A 72 -44.32 30.28 33.87
C GLY A 72 -43.22 31.30 34.11
N VAL A 73 -43.52 32.58 33.87
CA VAL A 73 -42.52 33.61 34.06
C VAL A 73 -42.15 33.74 35.54
N LYS A 74 -43.12 33.64 36.44
CA LYS A 74 -42.82 33.71 37.86
C LYS A 74 -41.91 32.58 38.30
N THR A 75 -42.22 31.36 37.86
CA THR A 75 -41.40 30.20 38.22
C THR A 75 -39.97 30.36 37.66
N LEU A 76 -39.86 30.79 36.41
CA LEU A 76 -38.54 30.95 35.81
C LEU A 76 -37.74 32.03 36.53
N ILE A 77 -38.38 33.15 36.89
CA ILE A 77 -37.71 34.21 37.61
C ILE A 77 -37.24 33.71 38.98
N SER A 78 -38.08 32.95 39.68
CA SER A 78 -37.69 32.36 40.94
C SER A 78 -36.63 31.27 40.79
N LYS A 79 -36.32 30.87 39.56
CA LYS A 79 -35.35 29.76 39.35
C LYS A 79 -34.01 30.26 38.81
N LEU A 80 -33.64 31.51 39.08
CA LEU A 80 -32.38 32.11 38.56
C LEU A 80 -31.44 32.40 39.72
N ALA A 81 -30.18 31.95 39.63
CA ALA A 81 -29.23 32.10 40.74
C ALA A 81 -27.98 32.85 40.29
N ASP A 82 -27.21 33.38 41.23
CA ASP A 82 -26.03 34.21 40.89
C ASP A 82 -24.81 33.30 40.90
N SER A 83 -24.99 32.02 40.66
CA SER A 83 -23.87 31.05 40.78
C SER A 83 -22.71 31.44 39.86
N PRO A 84 -21.46 31.16 40.26
CA PRO A 84 -20.32 31.56 39.48
C PRO A 84 -19.72 30.53 38.52
N GLU A 85 -20.09 30.56 37.24
CA GLU A 85 -19.42 29.69 36.30
C GLU A 85 -18.24 30.40 35.64
N ASP A 86 -17.36 29.60 35.04
CA ASP A 86 -16.21 30.16 34.33
C ASP A 86 -16.68 30.86 33.05
N HIS A 87 -15.98 31.93 32.69
CA HIS A 87 -16.45 32.80 31.61
C HIS A 87 -16.30 32.16 30.24
N SER A 88 -15.17 31.48 29.99
CA SER A 88 -14.92 30.92 28.68
C SER A 88 -15.95 29.85 28.32
N TRP A 89 -16.21 28.93 29.25
CA TRP A 89 -17.20 27.90 29.01
C TRP A 89 -18.58 28.50 28.81
N LEU A 90 -18.93 29.51 29.59
CA LEU A 90 -20.24 30.15 29.48
C LEU A 90 -20.42 30.78 28.11
N VAL A 91 -19.41 31.53 27.66
CA VAL A 91 -19.50 32.18 26.36
C VAL A 91 -19.57 31.16 25.23
N LYS A 92 -18.73 30.13 25.29
CA LYS A 92 -18.74 29.11 24.23
C LYS A 92 -20.07 28.38 24.19
N GLU A 93 -20.62 28.02 25.36
CA GLU A 93 -21.86 27.27 25.39
C GLU A 93 -23.04 28.10 24.93
N THR A 94 -23.09 29.38 25.33
CA THR A 94 -24.19 30.21 24.85
C THR A 94 -24.05 30.51 23.36
N GLU A 95 -22.81 30.59 22.85
CA GLU A 95 -22.63 30.72 21.41
C GLU A 95 -23.15 29.49 20.68
N LYS A 96 -22.85 28.30 21.19
CA LYS A 96 -23.37 27.08 20.56
C LYS A 96 -24.89 27.03 20.61
N TYR A 97 -25.48 27.41 21.74
CA TYR A 97 -26.94 27.42 21.86
C TYR A 97 -27.56 28.39 20.85
N VAL A 98 -26.99 29.59 20.74
CA VAL A 98 -27.50 30.58 19.80
C VAL A 98 -27.38 30.08 18.38
N GLN A 99 -26.23 29.48 18.04
CA GLN A 99 -26.05 28.97 16.68
C GLN A 99 -27.05 27.88 16.35
N GLN A 100 -27.28 26.95 17.29
CA GLN A 100 -28.24 25.89 17.04
C GLN A 100 -29.64 26.44 16.84
N ARG A 101 -30.05 27.39 17.69
CA ARG A 101 -31.39 27.95 17.56
C ARG A 101 -31.53 28.72 16.24
N ALA A 102 -30.50 29.47 15.85
CA ALA A 102 -30.55 30.19 14.58
C ALA A 102 -30.66 29.24 13.40
N MET A 103 -29.89 28.14 13.43
CA MET A 103 -29.97 27.16 12.36
C MET A 103 -31.37 26.53 12.29
N PHE A 104 -31.95 26.20 13.45
CA PHE A 104 -33.29 25.63 13.47
C PHE A 104 -34.31 26.61 12.90
N ASN A 105 -34.22 27.88 13.30
CA ASN A 105 -35.16 28.88 12.79
C ASN A 105 -35.01 29.05 11.28
N ALA A 106 -33.78 29.09 10.78
CA ALA A 106 -33.57 29.26 9.34
C ALA A 106 -34.10 28.05 8.56
N THR A 107 -33.87 26.84 9.07
CA THR A 107 -34.38 25.65 8.39
C THR A 107 -35.90 25.65 8.37
N SER A 108 -36.53 26.01 9.49
CA SER A 108 -37.98 26.09 9.51
C SER A 108 -38.48 27.15 8.54
N LYS A 109 -37.78 28.28 8.45
CA LYS A 109 -38.20 29.34 7.54
C LYS A 109 -38.10 28.89 6.08
N ILE A 110 -37.02 28.19 5.72
CA ILE A 110 -36.91 27.75 4.33
C ILE A 110 -37.92 26.66 4.02
N ILE A 111 -38.23 25.79 4.98
CA ILE A 111 -39.28 24.79 4.77
C ILE A 111 -40.62 25.48 4.55
N GLU A 112 -40.91 26.52 5.34
CA GLU A 112 -42.16 27.26 5.17
C GLU A 112 -42.19 27.98 3.83
N ILE A 113 -41.06 28.51 3.39
CA ILE A 113 -40.98 29.16 2.08
C ILE A 113 -41.27 28.16 0.97
N GLN A 114 -40.69 26.96 1.05
CA GLN A 114 -40.96 25.94 0.05
C GLN A 114 -42.43 25.52 0.06
N THR A 115 -43.01 25.37 1.25
CA THR A 115 -44.42 24.99 1.34
C THR A 115 -45.32 26.07 0.75
N ASN A 116 -45.02 27.33 1.03
CA ASN A 116 -45.80 28.43 0.45
C ASN A 116 -45.61 28.51 -1.06
N ALA A 117 -44.42 28.16 -1.56
CA ALA A 117 -44.17 28.19 -2.99
C ALA A 117 -45.05 27.18 -3.72
N GLU A 118 -45.23 26.01 -3.13
CA GLU A 118 -46.10 24.97 -3.74
C GLU A 118 -47.56 25.25 -3.36
N LEU A 119 -48.04 26.47 -3.61
CA LEU A 119 -49.47 26.82 -3.33
C LEU A 119 -50.04 27.58 -4.53
N PRO A 120 -51.37 27.54 -4.80
CA PRO A 120 -51.96 28.34 -5.88
C PRO A 120 -51.42 29.77 -5.87
N PRO A 121 -50.91 30.30 -7.00
CA PRO A 121 -50.33 31.64 -7.04
C PRO A 121 -51.34 32.69 -6.59
N GLU A 122 -52.61 32.51 -6.98
CA GLU A 122 -53.68 33.43 -6.54
C GLU A 122 -53.73 33.39 -5.01
N LYS A 123 -53.45 32.22 -4.44
CA LYS A 123 -53.55 32.03 -2.97
C LYS A 123 -52.18 31.75 -2.34
N ARG A 124 -51.48 32.77 -1.82
CA ARG A 124 -50.19 32.59 -1.12
C ARG A 124 -49.95 33.84 -0.29
N ASN A 125 -49.02 33.82 0.66
CA ASN A 125 -48.70 35.07 1.40
C ASN A 125 -47.67 35.88 0.61
N LYS A 126 -47.86 37.19 0.52
CA LYS A 126 -46.93 38.09 -0.14
C LYS A 126 -45.69 38.35 0.71
N LYS A 127 -45.84 38.36 2.04
CA LYS A 127 -44.73 38.66 2.93
C LYS A 127 -43.67 37.57 2.91
N MET A 128 -44.05 36.32 2.62
CA MET A 128 -43.09 35.23 2.59
C MET A 128 -42.04 35.48 1.51
N PRO A 129 -40.75 35.36 1.83
CA PRO A 129 -39.72 35.57 0.81
C PRO A 129 -39.79 34.53 -0.28
N ASP A 130 -39.35 34.91 -1.47
CA ASP A 130 -39.34 34.02 -2.60
C ASP A 130 -38.33 32.88 -2.38
N VAL A 131 -38.43 31.85 -3.22
CA VAL A 131 -37.56 30.69 -3.08
C VAL A 131 -36.10 31.07 -3.29
N GLY A 132 -35.84 32.02 -4.20
CA GLY A 132 -34.47 32.42 -4.49
C GLY A 132 -33.76 33.04 -3.31
N ALA A 133 -34.49 33.44 -2.27
CA ALA A 133 -33.89 33.97 -1.06
C ALA A 133 -33.43 32.90 -0.09
N ILE A 134 -33.69 31.62 -0.39
CA ILE A 134 -33.31 30.55 0.54
C ILE A 134 -31.80 30.49 0.79
N PRO A 135 -30.93 30.48 -0.23
CA PRO A 135 -29.50 30.39 0.06
C PRO A 135 -28.96 31.53 0.89
N ASP A 136 -29.51 32.74 0.75
CA ASP A 136 -29.04 33.86 1.56
C ASP A 136 -29.48 33.71 3.01
N ILE A 137 -30.72 33.26 3.24
CA ILE A 137 -31.24 33.13 4.60
C ILE A 137 -30.36 32.21 5.43
N MET A 138 -30.06 31.02 4.89
CA MET A 138 -29.17 30.09 5.58
C MET A 138 -27.82 30.73 5.87
N ARG A 139 -27.34 31.58 4.94
CA ARG A 139 -26.08 32.28 5.17
C ARG A 139 -26.16 33.14 6.43
N GLN A 140 -27.27 33.86 6.60
CA GLN A 140 -27.45 34.66 7.82
C GLN A 140 -27.48 33.78 9.06
N ALA A 141 -27.94 32.53 8.92
CA ALA A 141 -27.87 31.60 10.04
C ALA A 141 -26.45 31.16 10.32
N LEU A 142 -25.62 31.02 9.27
CA LEU A 142 -24.25 30.60 9.46
C LEU A 142 -23.33 31.75 9.85
N SER A 143 -23.78 32.99 9.67
CA SER A 143 -22.99 34.16 10.05
C SER A 143 -23.33 34.63 11.46
N ILE A 144 -23.28 33.71 12.42
CA ILE A 144 -23.59 34.00 13.81
C ILE A 144 -22.43 33.50 14.65
N SER A 145 -21.61 34.40 15.16
CA SER A 145 -20.44 33.99 15.98
C SER A 145 -20.18 35.12 16.97
N PHE A 146 -20.12 34.80 18.25
CA PHE A 146 -20.00 35.87 19.25
C PHE A 146 -18.72 36.64 18.94
N ASP A 147 -17.67 35.96 18.51
CA ASP A 147 -16.39 36.69 18.31
C ASP A 147 -15.73 36.30 16.98
N SER A 148 -15.51 37.28 16.11
CA SER A 148 -14.93 37.01 14.78
C SER A 148 -13.43 37.29 14.75
N TYR A 149 -12.60 36.25 14.78
CA TYR A 149 -11.14 36.44 14.65
C TYR A 149 -10.58 35.43 13.63
N VAL A 150 -10.72 35.72 12.35
CA VAL A 150 -10.15 34.85 11.29
C VAL A 150 -8.91 35.54 10.75
N GLY A 151 -7.75 35.23 11.28
CA GLY A 151 -6.51 35.81 10.78
C GLY A 151 -6.32 37.25 11.26
N HIS A 152 -5.29 37.87 10.69
CA HIS A 152 -4.93 39.25 11.03
C HIS A 152 -5.48 40.18 9.96
N ASP A 153 -6.31 41.13 10.38
CA ASP A 153 -6.97 42.07 9.47
C ASP A 153 -6.19 43.37 9.46
N TRP A 154 -5.54 43.66 8.34
CA TRP A 154 -4.86 44.93 8.17
C TRP A 154 -5.88 46.07 8.18
N MET A 155 -5.50 47.19 8.81
CA MET A 155 -6.33 48.39 8.95
C MET A 155 -7.45 48.17 9.95
N ASP A 156 -7.63 46.94 10.42
CA ASP A 156 -8.58 46.64 11.48
C ASP A 156 -7.92 46.13 12.75
N ASP A 157 -6.61 45.87 12.71
CA ASP A 157 -5.86 45.42 13.88
C ASP A 157 -4.54 46.18 13.99
N TYR A 158 -4.51 47.42 13.50
CA TYR A 158 -3.26 48.18 13.49
C TYR A 158 -2.90 48.66 14.88
N GLU A 159 -3.88 48.92 15.73
CA GLU A 159 -3.59 49.35 17.10
C GLU A 159 -3.02 48.19 17.92
N ALA A 160 -3.54 46.98 17.72
CA ALA A 160 -2.99 45.82 18.41
C ALA A 160 -1.61 45.46 17.89
N ARG A 161 -1.41 45.63 16.58
CA ARG A 161 -0.12 45.30 15.98
C ARG A 161 0.97 46.26 16.47
N TRP A 162 0.64 47.53 16.64
CA TRP A 162 1.62 48.48 17.17
C TRP A 162 2.03 48.11 18.58
N LEU A 163 1.08 47.66 19.39
CA LEU A 163 1.42 47.20 20.74
C LEU A 163 2.36 46.00 20.70
N SER A 164 2.36 45.26 19.58
CA SER A 164 3.31 44.17 19.42
C SER A 164 4.69 44.69 19.09
N TYR A 165 4.81 45.76 18.33
CA TYR A 165 6.14 46.21 17.91
C TYR A 165 6.83 46.91 19.07
N MET A 166 6.05 47.68 19.85
CA MET A 166 6.62 48.43 21.00
C MET A 166 6.96 47.48 22.15
N ASN A 167 6.10 46.51 22.43
CA ASN A 167 6.28 45.57 23.56
C ASN A 167 7.22 44.42 23.15
N LYS A 168 7.65 44.37 21.90
CA LYS A 168 8.53 43.28 21.41
C LYS A 168 7.91 41.97 21.86
N ALA A 169 6.61 41.79 21.64
CA ALA A 169 5.87 40.63 22.16
C ALA A 169 6.43 39.31 21.68
N ARG A 170 7.14 39.32 20.56
CA ARG A 170 7.59 38.04 20.03
C ARG A 170 9.05 37.71 20.35
N LYS A 171 9.86 38.71 20.68
CA LYS A 171 11.29 38.51 20.84
C LYS A 171 11.63 37.83 22.16
N VAL A 172 12.63 36.96 22.12
CA VAL A 172 13.18 36.33 23.32
C VAL A 172 14.68 36.62 23.34
N PRO A 173 15.17 37.42 24.30
CA PRO A 173 16.59 37.81 24.28
C PRO A 173 17.53 36.62 24.44
N PHE A 174 18.82 36.90 24.25
CA PHE A 174 19.83 35.86 24.17
C PHE A 174 20.83 35.85 25.32
N LYS A 175 20.91 36.93 26.11
CA LYS A 175 21.90 37.16 27.15
C LYS A 175 23.29 37.40 26.59
N LEU A 176 23.48 37.31 25.29
CA LEU A 176 24.72 37.69 24.61
C LEU A 176 24.45 38.94 23.78
N ARG A 177 25.26 39.97 23.97
CA ARG A 177 25.00 41.25 23.32
C ARG A 177 25.08 41.13 21.81
N ILE A 178 26.04 40.37 21.30
CA ILE A 178 26.21 40.26 19.85
C ILE A 178 25.01 39.56 19.21
N LEU A 179 24.52 38.50 19.85
CA LEU A 179 23.37 37.78 19.29
C LEU A 179 22.10 38.62 19.35
N ASN A 180 21.96 39.44 20.39
CA ASN A 180 20.83 40.37 20.43
C ASN A 180 20.96 41.46 19.37
N LYS A 181 22.20 41.87 19.07
CA LYS A 181 22.40 42.91 18.07
C LYS A 181 21.96 42.46 16.68
N ILE A 182 22.31 41.23 16.29
CA ILE A 182 22.03 40.77 14.93
C ILE A 182 20.61 40.21 14.78
N THR A 183 19.89 40.01 15.88
CA THR A 183 18.51 39.53 15.83
C THR A 183 17.51 40.62 16.15
N LYS A 184 17.96 41.86 16.34
CA LYS A 184 17.09 42.99 16.66
C LYS A 184 16.29 42.71 17.94
N GLY A 185 16.92 42.07 18.92
CA GLY A 185 16.27 41.84 20.19
C GLY A 185 16.05 40.39 20.55
N GLY A 186 16.69 39.48 19.84
CA GLY A 186 16.62 38.06 20.15
C GLY A 186 15.80 37.29 19.14
N ALA A 187 15.68 35.99 19.39
CA ALA A 187 14.90 35.11 18.55
C ALA A 187 13.41 35.29 18.82
N GLU A 188 12.59 34.78 17.92
CA GLU A 188 11.14 34.95 17.99
C GLU A 188 10.47 33.63 18.32
N THR A 189 9.28 33.73 18.90
CA THR A 189 8.48 32.55 19.20
C THR A 189 7.95 31.93 17.91
N GLY A 190 7.74 30.62 17.95
CA GLY A 190 7.28 29.92 16.77
C GLY A 190 8.29 29.89 15.65
N THR A 191 9.56 29.68 15.97
CA THR A 191 10.64 29.71 14.99
C THR A 191 11.53 28.49 15.17
N LEU A 192 12.22 28.13 14.09
CA LEU A 192 13.24 27.09 14.11
C LEU A 192 14.59 27.74 13.84
N ASN A 193 15.50 27.60 14.78
CA ASN A 193 16.83 28.20 14.68
C ASN A 193 17.87 27.09 14.80
N VAL A 194 18.83 27.08 13.88
CA VAL A 194 19.81 26.01 13.80
C VAL A 194 21.21 26.57 13.78
N LEU A 195 22.16 25.77 14.28
CA LEU A 195 23.57 26.09 14.26
C LEU A 195 24.29 25.08 13.35
N MET A 196 25.04 25.58 12.38
CA MET A 196 25.66 24.66 11.39
C MET A 196 26.96 24.09 11.96
N ALA A 197 26.89 22.95 12.65
CA ALA A 197 28.12 22.30 13.14
C ALA A 197 29.00 21.99 11.92
N GLY A 198 30.29 22.33 12.00
CA GLY A 198 31.20 22.12 10.87
C GLY A 198 32.06 20.89 11.06
N VAL A 199 33.35 20.99 10.73
CA VAL A 199 34.26 19.81 10.84
C VAL A 199 34.52 19.54 12.33
N ASN A 200 33.84 18.53 12.90
CA ASN A 200 34.00 18.21 14.33
C ASN A 200 34.03 19.51 15.14
N VAL A 201 33.41 20.56 14.62
CA VAL A 201 33.45 21.89 15.32
C VAL A 201 32.74 21.76 16.66
N GLY A 202 31.59 21.11 16.69
CA GLY A 202 30.81 21.01 17.95
C GLY A 202 29.78 19.90 17.91
N LYS A 203 29.22 19.55 19.07
CA LYS A 203 28.18 18.48 19.15
C LYS A 203 27.38 18.68 20.43
N SER A 204 26.35 19.55 20.39
CA SER A 204 25.48 19.79 21.57
C SER A 204 26.08 20.87 22.47
N LEU A 205 27.38 21.14 22.35
CA LEU A 205 28.03 22.11 23.26
C LEU A 205 27.29 23.45 23.15
N GLY A 206 27.06 23.91 21.92
CA GLY A 206 26.34 25.18 21.71
C GLY A 206 24.93 25.11 22.25
N LEU A 207 24.20 24.04 21.93
CA LEU A 207 22.79 23.90 22.37
C LEU A 207 22.77 23.79 23.90
N CYS A 208 23.79 23.15 24.49
CA CYS A 208 23.88 23.07 25.97
C CYS A 208 24.12 24.48 26.52
N SER A 209 24.95 25.27 25.83
CA SER A 209 25.19 26.68 26.25
C SER A 209 23.88 27.46 26.16
N LEU A 210 23.11 27.22 25.09
CA LEU A 210 21.82 27.91 24.90
C LEU A 210 20.84 27.43 25.98
N ALA A 211 21.11 26.26 26.58
CA ALA A 211 20.22 25.71 27.61
C ALA A 211 20.60 26.28 28.99
N ALA A 212 21.59 27.16 29.05
CA ALA A 212 21.99 27.79 30.31
C ALA A 212 21.65 29.27 30.31
N ASP A 213 21.88 29.97 29.20
CA ASP A 213 21.56 31.39 29.13
C ASP A 213 20.06 31.63 29.29
N TYR A 214 19.23 30.80 28.64
CA TYR A 214 17.79 30.91 28.81
C TYR A 214 17.36 30.57 30.22
N LEU A 215 18.02 29.59 30.84
CA LEU A 215 17.71 29.20 32.21
C LEU A 215 18.00 30.35 33.17
N GLN A 216 19.10 31.07 32.96
CA GLN A 216 19.45 32.20 33.81
C GLN A 216 18.52 33.38 33.60
N LEU A 217 17.78 33.42 32.49
CA LEU A 217 16.86 34.51 32.21
C LEU A 217 15.43 34.19 32.64
N GLY A 218 15.18 33.03 33.22
CA GLY A 218 13.88 32.69 33.74
C GLY A 218 12.99 31.85 32.84
N HIS A 219 13.50 31.37 31.71
CA HIS A 219 12.69 30.62 30.77
C HIS A 219 12.65 29.15 31.13
N ASN A 220 11.50 28.54 30.87
CA ASN A 220 11.37 27.08 30.98
C ASN A 220 11.97 26.45 29.73
N VAL A 221 12.98 25.60 29.92
CA VAL A 221 13.73 24.99 28.83
C VAL A 221 13.49 23.49 28.86
N LEU A 222 13.14 22.94 27.71
CA LEU A 222 13.01 21.50 27.52
C LEU A 222 14.12 21.07 26.56
N TYR A 223 15.08 20.32 27.08
CA TYR A 223 16.22 19.84 26.31
C TYR A 223 15.99 18.37 25.97
N ILE A 224 15.75 18.08 24.70
CA ILE A 224 15.56 16.73 24.22
C ILE A 224 16.85 16.26 23.59
N SER A 225 17.47 15.23 24.20
CA SER A 225 18.76 14.71 23.67
C SER A 225 18.54 13.31 23.07
N MET A 226 19.24 13.02 21.97
CA MET A 226 19.10 11.70 21.30
C MET A 226 20.40 10.91 21.42
N GLN A 227 21.54 11.57 21.23
CA GLN A 227 22.85 10.86 21.21
C GLN A 227 23.47 10.87 22.61
N MET A 228 22.74 11.30 23.64
CA MET A 228 23.34 11.42 25.00
C MET A 228 22.30 11.06 26.06
N ALA A 229 22.74 10.77 27.28
CA ALA A 229 21.80 10.53 28.36
C ALA A 229 21.44 11.84 29.05
N GLU A 230 20.41 11.76 29.91
CA GLU A 230 19.97 12.95 30.63
C GLU A 230 21.07 13.45 31.58
N GLU A 231 21.77 12.53 32.24
CA GLU A 231 22.80 12.92 33.18
C GLU A 231 23.94 13.65 32.50
N VAL A 232 24.34 13.22 31.30
CA VAL A 232 25.45 13.86 30.61
C VAL A 232 25.10 15.28 30.20
N CYS A 233 23.90 15.46 29.61
CA CYS A 233 23.47 16.80 29.23
C CYS A 233 23.34 17.71 30.45
N ALA A 234 22.75 17.18 31.53
CA ALA A 234 22.65 17.98 32.75
C ALA A 234 24.02 18.25 33.35
N LYS A 235 25.01 17.39 33.10
CA LYS A 235 26.36 17.66 33.56
C LYS A 235 26.99 18.79 32.76
N ARG A 236 26.72 18.85 31.46
CA ARG A 236 27.15 20.00 30.67
C ARG A 236 26.49 21.28 31.17
N ILE A 237 25.21 21.18 31.52
CA ILE A 237 24.50 22.34 32.07
C ILE A 237 25.13 22.77 33.39
N ASP A 238 25.46 21.81 34.26
CA ASP A 238 26.10 22.12 35.53
C ASP A 238 27.46 22.78 35.32
N ALA A 239 28.23 22.25 34.37
CA ALA A 239 29.55 22.84 34.07
C ALA A 239 29.39 24.33 33.76
N ASN A 240 28.44 24.67 32.89
CA ASN A 240 28.21 26.09 32.48
C ASN A 240 27.67 26.91 33.65
N MET A 241 26.76 26.37 34.44
CA MET A 241 26.09 27.17 35.50
C MET A 241 26.96 27.26 36.76
N LEU A 242 27.59 26.17 37.20
CA LEU A 242 28.34 26.18 38.44
C LEU A 242 29.79 26.61 38.27
N ASP A 243 30.22 26.91 37.05
CA ASP A 243 31.56 27.33 36.68
C ASP A 243 32.58 26.22 36.90
N VAL A 244 32.14 25.01 37.18
CA VAL A 244 33.04 23.86 37.34
C VAL A 244 33.38 23.30 35.97
N SER A 245 34.65 22.97 35.77
CA SER A 245 35.06 22.34 34.52
C SER A 245 34.44 20.96 34.39
N LEU A 246 34.24 20.54 33.14
CA LEU A 246 33.58 19.26 32.90
C LEU A 246 34.42 18.09 33.39
N ASP A 247 35.74 18.14 33.15
CA ASP A 247 36.62 17.06 33.60
C ASP A 247 36.81 17.07 35.11
N ASP A 248 36.63 18.22 35.77
CA ASP A 248 36.76 18.28 37.22
C ASP A 248 35.69 17.45 37.92
N ILE A 249 34.48 17.38 37.35
CA ILE A 249 33.42 16.57 37.93
C ILE A 249 33.79 15.09 37.87
N ASP A 250 34.28 14.63 36.72
CA ASP A 250 34.66 13.23 36.58
C ASP A 250 35.86 12.88 37.44
N ASP A 251 36.85 13.77 37.51
CA ASP A 251 38.03 13.51 38.33
C ASP A 251 37.68 13.47 39.81
N GLY A 252 36.79 14.35 40.26
CA GLY A 252 36.43 14.45 41.65
C GLY A 252 37.02 15.63 42.40
N HIS A 253 37.56 16.63 41.68
CA HIS A 253 38.13 17.78 42.34
C HIS A 253 37.07 18.55 43.14
N ILE A 254 35.89 18.73 42.57
CA ILE A 254 34.82 19.43 43.26
C ILE A 254 34.10 18.45 44.18
N SER A 255 33.95 18.84 45.44
CA SER A 255 33.32 17.99 46.43
C SER A 255 31.81 18.23 46.49
N TYR A 256 31.13 17.38 47.28
CA TYR A 256 29.69 17.50 47.41
C TYR A 256 29.28 18.80 48.09
N ALA A 257 30.11 19.31 49.00
CA ALA A 257 29.77 20.53 49.72
C ALA A 257 29.68 21.72 48.77
N GLU A 258 30.71 21.92 47.94
CA GLU A 258 30.70 23.03 47.00
C GLU A 258 29.58 22.89 45.98
N TYR A 259 29.36 21.67 45.48
CA TYR A 259 28.30 21.42 44.51
C TYR A 259 26.94 21.80 45.10
N LYS A 260 26.63 21.30 46.30
CA LYS A 260 25.34 21.59 46.91
C LYS A 260 25.21 23.06 47.25
N GLY A 261 26.31 23.69 47.70
CA GLY A 261 26.25 25.11 48.00
C GLY A 261 25.94 25.95 46.77
N LYS A 262 26.61 25.66 45.65
CA LYS A 262 26.34 26.38 44.42
C LYS A 262 24.92 26.13 43.93
N MET A 263 24.45 24.88 44.02
CA MET A 263 23.09 24.58 43.58
C MET A 263 22.06 25.32 44.42
N GLU A 264 22.25 25.37 45.73
CA GLU A 264 21.31 26.10 46.58
C GLU A 264 21.41 27.60 46.38
N LYS A 265 22.61 28.11 46.08
CA LYS A 265 22.75 29.52 45.75
C LYS A 265 21.97 29.87 44.49
N TRP A 266 22.03 28.99 43.47
CA TRP A 266 21.23 29.21 42.27
C TRP A 266 19.74 29.09 42.58
N ARG A 267 19.35 28.14 43.43
CA ARG A 267 17.94 27.97 43.76
C ARG A 267 17.38 29.17 44.50
N GLU A 268 18.21 29.84 45.32
CA GLU A 268 17.74 31.01 46.04
C GLU A 268 17.33 32.13 45.08
N LYS A 269 18.07 32.29 43.99
CA LYS A 269 17.77 33.35 43.03
C LYS A 269 16.41 33.12 42.40
N SER A 270 15.61 34.18 42.33
CA SER A 270 14.27 34.11 41.76
C SER A 270 14.25 34.30 40.25
N THR A 271 15.39 34.65 39.65
CA THR A 271 15.49 34.83 38.20
C THR A 271 15.91 33.56 37.48
N LEU A 272 15.64 32.40 38.06
CA LEU A 272 16.04 31.12 37.48
C LEU A 272 14.82 30.36 37.01
N GLY A 273 14.94 29.69 35.88
CA GLY A 273 13.88 28.89 35.30
C GLY A 273 14.00 27.43 35.66
N ARG A 274 13.30 26.60 34.90
CA ARG A 274 13.33 25.16 35.05
C ARG A 274 13.86 24.52 33.77
N LEU A 275 14.70 23.51 33.92
CA LEU A 275 15.27 22.77 32.80
C LEU A 275 14.86 21.32 32.93
N ILE A 276 14.19 20.79 31.91
CA ILE A 276 13.75 19.40 31.87
C ILE A 276 14.48 18.72 30.73
N VAL A 277 15.30 17.71 31.06
CA VAL A 277 16.08 16.98 30.08
C VAL A 277 15.41 15.63 29.84
N LYS A 278 15.06 15.37 28.58
CA LYS A 278 14.43 14.12 28.19
C LYS A 278 15.28 13.44 27.13
N GLN A 279 15.56 12.16 27.33
CA GLN A 279 16.41 11.40 26.42
C GLN A 279 15.56 10.48 25.54
N TYR A 280 15.93 10.38 24.27
CA TYR A 280 15.29 9.48 23.33
C TYR A 280 16.36 8.75 22.53
N PRO A 281 16.08 7.52 22.11
CA PRO A 281 17.05 6.78 21.29
C PRO A 281 17.23 7.42 19.93
N THR A 282 18.39 7.14 19.33
CA THR A 282 18.70 7.66 18.00
C THR A 282 17.69 7.17 16.99
N GLY A 283 17.04 8.11 16.30
CA GLY A 283 16.03 7.77 15.32
C GLY A 283 14.71 7.33 15.89
N GLY A 284 14.53 7.42 17.20
CA GLY A 284 13.31 6.96 17.83
C GLY A 284 12.43 8.08 18.34
N ALA A 285 12.66 9.30 17.84
CA ALA A 285 11.91 10.47 18.29
C ALA A 285 11.62 11.34 17.07
N ASP A 286 10.39 11.25 16.57
CA ASP A 286 9.90 12.17 15.55
C ASP A 286 9.25 13.38 16.21
N ALA A 287 8.89 14.37 15.40
CA ALA A 287 8.23 15.53 15.95
C ALA A 287 6.74 15.28 16.10
N ASN A 288 6.39 14.13 16.67
CA ASN A 288 5.04 13.80 17.13
C ASN A 288 5.19 13.19 18.52
N THR A 289 6.33 12.56 18.77
CA THR A 289 6.68 12.14 20.12
C THR A 289 6.93 13.35 21.00
N PHE A 290 7.47 14.42 20.44
CA PHE A 290 7.68 15.65 21.21
C PHE A 290 6.35 16.26 21.64
N ARG A 291 5.33 16.17 20.80
CA ARG A 291 4.01 16.64 21.19
C ARG A 291 3.46 15.85 22.36
N SER A 292 3.63 14.52 22.34
CA SER A 292 3.20 13.70 23.47
C SER A 292 4.00 14.04 24.73
N LEU A 293 5.30 14.29 24.59
CA LEU A 293 6.11 14.68 25.73
C LEU A 293 5.64 16.00 26.31
N LEU A 294 5.33 16.98 25.45
CA LEU A 294 4.83 18.26 25.94
C LEU A 294 3.49 18.08 26.65
N ASN A 295 2.60 17.24 26.10
CA ASN A 295 1.32 17.00 26.74
C ASN A 295 1.51 16.36 28.12
N GLU A 296 2.42 15.39 28.22
CA GLU A 296 2.67 14.74 29.50
C GLU A 296 3.28 15.71 30.50
N LEU A 297 4.20 16.55 30.06
CA LEU A 297 4.82 17.52 30.96
C LEU A 297 3.80 18.54 31.44
N LYS A 298 2.92 19.01 30.55
CA LYS A 298 1.89 19.95 30.95
C LYS A 298 0.91 19.32 31.93
N LEU A 299 0.51 18.07 31.67
CA LEU A 299 -0.51 17.43 32.51
C LEU A 299 0.07 17.03 33.86
N LYS A 300 1.26 16.43 33.88
CA LYS A 300 1.84 15.88 35.09
C LYS A 300 2.80 16.83 35.79
N LYS A 301 3.75 17.39 35.05
CA LYS A 301 4.76 18.27 35.63
C LYS A 301 4.34 19.73 35.63
N ASN A 302 3.19 20.06 35.05
CA ASN A 302 2.72 21.44 34.86
C ASN A 302 3.77 22.30 34.13
N PHE A 303 4.73 21.66 33.48
CA PHE A 303 5.85 22.33 32.84
C PHE A 303 5.47 22.65 31.40
N VAL A 304 5.17 23.91 31.14
CA VAL A 304 4.90 24.40 29.78
C VAL A 304 6.13 25.18 29.33
N PRO A 305 6.91 24.66 28.39
CA PRO A 305 8.17 25.31 28.04
C PRO A 305 7.99 26.50 27.11
N THR A 306 8.97 27.40 27.15
CA THR A 306 9.10 28.46 26.16
C THR A 306 10.27 28.25 25.23
N ILE A 307 11.25 27.43 25.61
CA ILE A 307 12.38 27.07 24.77
C ILE A 307 12.43 25.55 24.66
N ILE A 308 12.51 25.05 23.43
CA ILE A 308 12.71 23.63 23.17
C ILE A 308 14.00 23.49 22.38
N ILE A 309 14.94 22.70 22.90
CA ILE A 309 16.24 22.52 22.28
C ILE A 309 16.42 21.04 21.97
N VAL A 310 16.51 20.70 20.68
CA VAL A 310 16.74 19.34 20.23
C VAL A 310 18.24 19.17 19.98
N ASP A 311 18.80 18.06 20.48
CA ASP A 311 20.25 17.90 20.47
C ASP A 311 20.82 17.91 19.05
N TYR A 312 20.17 17.23 18.12
CA TYR A 312 20.68 17.13 16.76
C TYR A 312 19.52 16.85 15.82
N LEU A 313 19.43 17.63 14.74
CA LEU A 313 18.36 17.44 13.76
C LEU A 313 18.54 16.16 12.96
N GLY A 314 19.78 15.84 12.61
CA GLY A 314 20.02 14.66 11.79
C GLY A 314 19.65 13.36 12.49
N ILE A 315 19.89 13.28 13.80
CA ILE A 315 19.57 12.08 14.55
C ILE A 315 18.06 11.86 14.66
N CYS A 316 17.29 12.93 14.50
CA CYS A 316 15.81 12.83 14.67
C CYS A 316 15.22 12.00 13.53
N LYS A 317 13.92 11.69 13.62
CA LYS A 317 13.22 10.89 12.57
C LYS A 317 12.00 11.67 12.09
N SER A 318 11.60 11.49 10.83
CA SER A 318 10.37 12.15 10.31
C SER A 318 9.13 11.44 10.88
N CYS A 319 8.09 12.20 11.23
CA CYS A 319 6.88 11.59 11.86
C CYS A 319 6.23 10.58 10.91
N ARG A 320 6.07 10.95 9.64
CA ARG A 320 5.39 10.05 8.66
C ARG A 320 6.23 9.92 7.39
N ILE A 321 7.38 9.22 7.48
CA ILE A 321 8.22 8.98 6.27
C ILE A 321 8.48 7.47 6.18
N ARG A 322 8.25 6.73 7.27
CA ARG A 322 8.41 5.24 7.28
C ARG A 322 9.89 4.88 7.20
N VAL A 323 10.57 5.25 6.11
CA VAL A 323 12.00 4.85 5.92
C VAL A 323 12.91 5.96 6.49
N TYR A 324 13.79 5.59 7.43
CA TYR A 324 14.75 6.58 8.00
C TYR A 324 16.13 6.34 7.38
N SER A 325 17.01 7.34 7.45
CA SER A 325 18.38 7.20 6.87
C SER A 325 19.38 7.96 7.74
N GLU A 326 20.62 7.46 7.84
CA GLU A 326 21.63 8.09 8.72
C GLU A 326 21.91 9.52 8.26
N ASN A 327 22.08 9.72 6.95
CA ASN A 327 22.37 11.07 6.40
C ASN A 327 21.67 11.26 5.05
N SER A 328 20.34 11.45 5.06
CA SER A 328 19.56 11.63 3.80
C SER A 328 18.89 13.01 3.77
N TYR A 329 18.90 13.66 2.60
CA TYR A 329 18.36 15.04 2.47
C TYR A 329 16.85 15.09 2.68
N THR A 330 16.10 14.13 2.13
CA THR A 330 14.61 14.22 2.22
C THR A 330 14.20 14.21 3.69
N THR A 331 14.83 13.37 4.51
CA THR A 331 14.47 13.29 5.96
C THR A 331 14.79 14.62 6.64
N VAL A 332 15.94 15.22 6.35
CA VAL A 332 16.34 16.48 7.05
C VAL A 332 15.33 17.57 6.72
N LYS A 333 14.90 17.64 5.45
CA LYS A 333 13.92 18.67 5.02
C LYS A 333 12.59 18.45 5.76
N ALA A 334 12.17 17.19 5.89
CA ALA A 334 10.91 16.87 6.57
C ALA A 334 11.04 17.14 8.07
N ILE A 335 12.16 16.72 8.67
CA ILE A 335 12.39 16.95 10.09
C ILE A 335 12.33 18.44 10.41
N ALA A 336 12.96 19.27 9.56
CA ALA A 336 12.94 20.71 9.78
C ALA A 336 11.52 21.26 9.69
N GLU A 337 10.75 20.81 8.69
CA GLU A 337 9.38 21.28 8.56
C GLU A 337 8.53 20.87 9.77
N GLU A 338 8.68 19.62 10.23
CA GLU A 338 7.91 19.16 11.37
C GLU A 338 8.28 19.90 12.64
N LEU A 339 9.57 20.14 12.86
CA LEU A 339 10.00 20.87 14.05
C LEU A 339 9.53 22.31 14.01
N ARG A 340 9.57 22.95 12.84
CA ARG A 340 9.08 24.32 12.76
C ARG A 340 7.57 24.39 12.95
N ALA A 341 6.84 23.37 12.45
CA ALA A 341 5.42 23.30 12.72
C ALA A 341 5.14 23.15 14.21
N LEU A 342 5.93 22.32 14.88
CA LEU A 342 5.80 22.17 16.33
C LEU A 342 6.05 23.50 17.04
N ALA A 343 7.10 24.21 16.62
CA ALA A 343 7.40 25.51 17.24
C ALA A 343 6.27 26.50 17.03
N VAL A 344 5.71 26.54 15.81
CA VAL A 344 4.62 27.46 15.53
C VAL A 344 3.38 27.11 16.35
N GLU A 345 3.05 25.82 16.42
CA GLU A 345 1.83 25.42 17.11
C GLU A 345 1.98 25.47 18.63
N THR A 346 3.20 25.49 19.15
CA THR A 346 3.43 25.58 20.59
C THR A 346 3.88 26.96 21.04
N GLU A 347 4.13 27.88 20.10
CA GLU A 347 4.58 29.23 20.43
C GLU A 347 5.85 29.21 21.27
N THR A 348 6.82 28.41 20.84
CA THR A 348 8.08 28.25 21.55
C THR A 348 9.24 28.49 20.59
N VAL A 349 10.37 28.89 21.15
CA VAL A 349 11.61 29.04 20.38
C VAL A 349 12.29 27.68 20.33
N LEU A 350 12.50 27.17 19.12
CA LEU A 350 13.05 25.84 18.91
C LEU A 350 14.46 25.96 18.35
N TRP A 351 15.40 25.24 18.98
CA TRP A 351 16.80 25.28 18.62
C TRP A 351 17.28 23.89 18.24
N THR A 352 18.15 23.77 17.23
CA THR A 352 18.68 22.41 16.92
C THR A 352 20.02 22.52 16.20
N ALA A 353 20.63 21.38 15.85
CA ALA A 353 21.95 21.40 15.19
C ALA A 353 21.92 20.50 13.95
N ALA A 354 22.79 20.78 12.97
CA ALA A 354 22.86 19.95 11.74
C ALA A 354 24.29 20.02 11.19
N GLN A 355 24.67 19.03 10.37
CA GLN A 355 26.07 18.98 9.84
C GLN A 355 26.15 19.78 8.53
N VAL A 356 27.37 20.04 8.06
CA VAL A 356 27.57 20.84 6.82
C VAL A 356 28.50 20.05 5.88
N GLY A 357 28.62 20.50 4.62
CA GLY A 357 29.44 19.80 3.63
C GLY A 357 30.91 19.82 4.00
N LYS A 358 31.69 18.86 3.47
CA LYS A 358 33.14 18.81 3.75
C LYS A 358 33.79 20.11 3.26
N GLN A 359 33.29 20.66 2.14
CA GLN A 359 33.82 21.95 1.63
C GLN A 359 33.63 23.01 2.72
N ALA A 360 32.45 23.07 3.33
CA ALA A 360 32.22 24.01 4.45
C ALA A 360 33.18 23.65 5.59
N TRP A 361 33.56 22.38 5.70
CA TRP A 361 34.50 21.94 6.76
C TRP A 361 35.90 22.47 6.46
N ASP A 362 36.38 22.28 5.23
CA ASP A 362 37.76 22.72 4.86
C ASP A 362 37.82 24.25 4.81
N SER A 363 36.79 24.90 4.26
CA SER A 363 36.82 26.38 4.09
C SER A 363 36.38 27.08 5.40
N SER A 364 37.13 28.08 5.84
CA SER A 364 36.71 28.85 7.03
C SER A 364 35.36 29.51 6.73
N ASP A 365 35.22 30.06 5.52
CA ASP A 365 33.91 30.65 5.11
C ASP A 365 32.95 29.50 4.76
N VAL A 366 31.70 29.57 5.25
CA VAL A 366 30.69 28.53 4.90
C VAL A 366 29.58 29.19 4.07
N ASN A 367 29.30 28.66 2.88
CA ASN A 367 28.24 29.23 2.01
C ASN A 367 26.96 28.40 2.18
N MET A 368 25.79 29.02 2.02
CA MET A 368 24.53 28.24 2.06
C MET A 368 24.66 27.10 1.07
N SER A 369 25.32 27.35 -0.07
CA SER A 369 25.58 26.26 -1.05
C SER A 369 26.47 25.21 -0.38
N ASP A 370 27.44 25.66 0.41
CA ASP A 370 28.34 24.71 1.13
C ASP A 370 27.68 24.26 2.43
N ILE A 371 26.58 23.52 2.32
CA ILE A 371 25.87 22.99 3.52
C ILE A 371 25.48 21.54 3.26
N ALA A 372 25.65 20.66 4.25
CA ALA A 372 25.22 19.26 4.10
C ALA A 372 23.73 19.20 3.77
N GLU A 373 22.95 20.08 4.40
CA GLU A 373 21.49 20.15 4.11
C GLU A 373 21.27 21.33 3.14
N SER A 374 21.12 21.05 1.84
CA SER A 374 20.98 22.16 0.87
C SER A 374 19.52 22.34 0.45
N ALA A 375 18.98 23.57 0.53
CA ALA A 375 17.61 23.85 0.06
C ALA A 375 16.62 23.18 1.00
N GLY A 376 17.12 22.51 2.04
CA GLY A 376 16.24 21.90 3.03
C GLY A 376 16.38 22.64 4.34
N LEU A 377 17.61 22.94 4.76
CA LEU A 377 17.64 23.70 6.00
C LEU A 377 17.56 25.20 5.73
N PRO A 378 18.27 25.77 4.74
CA PRO A 378 18.08 27.20 4.46
C PRO A 378 16.81 27.47 3.67
N ALA A 379 15.74 26.79 4.05
CA ALA A 379 14.39 27.10 3.57
C ALA A 379 13.35 27.04 4.66
N THR A 380 13.62 26.26 5.72
CA THR A 380 12.64 26.10 6.83
C THR A 380 13.22 26.69 8.12
N ALA A 381 14.34 27.42 8.03
CA ALA A 381 15.00 27.93 9.24
C ALA A 381 14.92 29.45 9.29
N ASP A 382 14.36 29.99 10.36
CA ASP A 382 14.29 31.46 10.53
C ASP A 382 15.69 32.01 10.73
N PHE A 383 16.52 31.32 11.53
CA PHE A 383 17.91 31.76 11.79
C PHE A 383 18.85 30.58 11.63
N MET A 384 19.95 30.77 10.90
CA MET A 384 20.95 29.68 10.77
C MET A 384 22.33 30.28 11.05
N LEU A 385 22.89 29.98 12.22
CA LEU A 385 24.27 30.45 12.53
C LEU A 385 25.27 29.36 12.12
N ALA A 386 26.33 29.74 11.41
CA ALA A 386 27.36 28.77 11.00
C ALA A 386 28.52 28.80 12.01
N VAL A 387 28.51 27.87 12.96
CA VAL A 387 29.58 27.80 14.00
C VAL A 387 30.70 26.88 13.50
N ILE A 388 31.79 27.47 13.00
CA ILE A 388 32.94 26.67 12.48
C ILE A 388 34.17 26.94 13.37
N GLU A 389 35.10 25.99 13.48
CA GLU A 389 36.28 26.16 14.35
C GLU A 389 37.57 26.08 13.53
N THR A 390 38.56 26.91 13.85
CA THR A 390 39.87 26.87 13.14
C THR A 390 40.98 26.74 14.18
N GLU A 391 42.09 26.08 13.82
CA GLU A 391 43.19 25.86 14.79
C GLU A 391 43.60 27.21 15.41
N GLU A 392 43.65 28.27 14.59
CA GLU A 392 44.00 29.61 15.10
C GLU A 392 42.93 30.06 16.09
N LEU A 393 41.65 29.91 15.72
CA LEU A 393 40.55 30.25 16.68
C LEU A 393 40.70 29.36 17.92
N ALA A 394 41.04 28.09 17.71
CA ALA A 394 41.23 27.16 18.85
C ALA A 394 42.38 27.65 19.73
N ALA A 395 43.53 27.99 19.14
CA ALA A 395 44.67 28.38 19.96
C ALA A 395 44.36 29.60 20.82
N ALA A 396 43.47 30.46 20.35
CA ALA A 396 43.04 31.63 21.09
C ALA A 396 41.74 31.41 21.85
N GLU A 397 41.24 30.17 21.87
CA GLU A 397 39.99 29.83 22.55
C GLU A 397 38.82 30.64 22.01
N GLN A 398 38.65 30.62 20.69
CA GLN A 398 37.61 31.39 20.02
C GLN A 398 37.00 30.57 18.90
N GLN A 399 35.82 31.00 18.46
CA GLN A 399 35.14 30.42 17.31
C GLN A 399 34.52 31.53 16.50
N LEU A 400 34.67 31.48 15.18
CA LEU A 400 34.16 32.51 14.29
C LEU A 400 32.70 32.19 13.97
N ILE A 401 31.78 33.04 14.44
CA ILE A 401 30.36 32.87 14.18
C ILE A 401 30.01 33.66 12.92
N LYS A 402 29.49 32.95 11.92
CA LYS A 402 29.07 33.56 10.66
C LYS A 402 27.58 33.40 10.50
N GLN A 403 26.92 34.43 9.98
CA GLN A 403 25.44 34.43 9.87
C GLN A 403 25.07 34.00 8.45
N ILE A 404 24.50 32.81 8.29
CA ILE A 404 24.27 32.29 6.91
C ILE A 404 22.82 32.54 6.48
N LYS A 405 21.87 32.60 7.41
CA LYS A 405 20.46 32.94 7.05
C LYS A 405 19.76 33.60 8.23
N SER A 406 19.29 34.84 8.05
CA SER A 406 18.67 35.60 9.16
C SER A 406 17.31 36.15 8.72
N ARG A 407 16.23 35.40 8.94
CA ARG A 407 14.88 35.92 8.63
C ARG A 407 14.64 37.14 9.52
N TYR A 408 15.14 37.10 10.75
CA TYR A 408 14.95 38.23 11.71
C TYR A 408 15.42 39.55 11.10
N GLY A 409 16.70 39.66 10.72
CA GLY A 409 17.22 40.96 10.22
C GLY A 409 18.09 40.79 9.00
N ASP A 410 18.78 41.87 8.58
CA ASP A 410 19.66 41.78 7.43
C ASP A 410 20.82 40.84 7.73
N LYS A 411 21.06 39.90 6.82
CA LYS A 411 22.12 38.92 7.03
C LYS A 411 23.51 39.55 6.98
N ASN A 412 23.68 40.62 6.22
CA ASN A 412 24.98 41.21 5.98
C ASN A 412 25.31 42.37 6.93
N LYS A 413 24.44 42.67 7.89
CA LYS A 413 24.71 43.75 8.83
C LYS A 413 25.94 43.44 9.67
N TRP A 414 25.87 42.39 10.48
CA TRP A 414 27.00 41.89 11.27
C TRP A 414 27.09 40.40 10.98
N ASN A 415 27.80 40.05 9.91
CA ASN A 415 27.83 38.66 9.46
C ASN A 415 28.85 37.84 10.26
N LYS A 416 30.06 38.37 10.42
CA LYS A 416 31.15 37.64 11.07
C LYS A 416 31.41 38.25 12.44
N PHE A 417 31.50 37.41 13.45
CA PHE A 417 31.84 37.84 14.81
C PHE A 417 32.56 36.70 15.50
N LEU A 418 33.49 37.05 16.38
CA LEU A 418 34.32 36.08 17.09
C LEU A 418 33.71 35.81 18.46
N MET A 419 33.55 34.53 18.79
CA MET A 419 32.92 34.11 20.03
C MET A 419 33.95 33.43 20.93
N GLY A 420 33.90 33.78 22.22
CA GLY A 420 34.79 33.23 23.22
C GLY A 420 34.33 31.89 23.75
N VAL A 421 34.58 30.82 23.00
CA VAL A 421 34.15 29.49 23.40
C VAL A 421 35.09 28.94 24.46
N GLN A 422 34.53 28.44 25.56
CA GLN A 422 35.24 27.66 26.56
C GLN A 422 34.72 26.23 26.50
N LYS A 423 35.58 25.31 26.07
CA LYS A 423 35.23 23.91 25.88
C LYS A 423 35.16 23.12 27.17
N GLY A 424 35.73 23.64 28.26
CA GLY A 424 35.71 22.94 29.53
C GLY A 424 34.42 23.18 30.28
N ASN A 425 34.03 24.44 30.40
CA ASN A 425 32.78 24.81 31.05
C ASN A 425 31.61 24.81 30.09
N GLN A 426 31.84 24.51 28.81
CA GLN A 426 30.81 24.48 27.78
C GLN A 426 30.07 25.81 27.73
N LYS A 427 30.82 26.89 27.49
CA LYS A 427 30.26 28.23 27.64
C LYS A 427 30.67 29.10 26.46
N TRP A 428 29.84 30.10 26.18
CA TRP A 428 30.13 31.13 25.19
C TRP A 428 30.20 32.47 25.92
N VAL A 429 31.35 33.12 25.88
CA VAL A 429 31.51 34.45 26.45
C VAL A 429 31.78 35.43 25.31
N GLU A 430 31.42 36.69 25.53
CA GLU A 430 31.59 37.70 24.50
C GLU A 430 33.05 38.14 24.42
N ILE A 431 33.38 38.78 23.30
CA ILE A 431 34.72 39.29 23.04
C ILE A 431 34.63 40.80 22.87
N GLU A 432 35.44 41.53 23.63
CA GLU A 432 35.46 42.99 23.55
C GLU A 432 36.13 43.46 22.27
N MET B 1 -46.84 14.16 -10.35
CA MET B 1 -47.28 13.68 -11.66
C MET B 1 -46.30 12.66 -12.23
N VAL B 2 -45.94 11.67 -11.40
CA VAL B 2 -44.99 10.65 -11.84
C VAL B 2 -45.57 9.82 -12.97
N GLU B 3 -46.85 9.44 -12.87
CA GLU B 3 -47.46 8.58 -13.88
C GLU B 3 -47.45 9.25 -15.24
N ILE B 4 -47.79 10.54 -15.31
CA ILE B 4 -47.77 11.24 -16.59
C ILE B 4 -46.36 11.31 -17.15
N ILE B 5 -45.37 11.59 -16.29
CA ILE B 5 -43.98 11.67 -16.73
C ILE B 5 -43.54 10.35 -17.35
N LEU B 6 -43.81 9.25 -16.65
CA LEU B 6 -43.41 7.93 -17.16
C LEU B 6 -44.16 7.58 -18.44
N SER B 7 -45.47 7.88 -18.48
CA SER B 7 -46.27 7.53 -19.65
C SER B 7 -45.78 8.27 -20.88
N HIS B 8 -45.46 9.55 -20.75
CA HIS B 8 -44.98 10.31 -21.90
C HIS B 8 -43.50 10.11 -22.16
N LEU B 9 -42.75 9.53 -21.21
CA LEU B 9 -41.43 9.03 -21.56
C LEU B 9 -41.54 7.80 -22.44
N ILE B 10 -42.46 6.90 -22.13
CA ILE B 10 -42.62 5.69 -22.93
C ILE B 10 -43.25 6.01 -24.28
N PHE B 11 -44.29 6.85 -24.30
CA PHE B 11 -45.15 7.01 -25.45
C PHE B 11 -45.06 8.41 -26.08
N ASP B 12 -43.87 9.00 -26.11
CA ASP B 12 -43.70 10.29 -26.78
C ASP B 12 -42.23 10.50 -27.08
N GLN B 13 -41.89 10.62 -28.36
CA GLN B 13 -40.50 10.82 -28.75
C GLN B 13 -40.03 12.23 -28.45
N ALA B 14 -40.87 13.24 -28.74
CA ALA B 14 -40.47 14.62 -28.51
C ALA B 14 -40.28 14.91 -27.02
N TYR B 15 -41.23 14.48 -26.20
CA TYR B 15 -41.13 14.67 -24.77
C TYR B 15 -39.91 13.95 -24.21
N PHE B 16 -39.64 12.73 -24.70
CA PHE B 16 -38.46 12.00 -24.28
C PHE B 16 -37.18 12.76 -24.62
N SER B 17 -37.04 13.17 -25.87
CA SER B 17 -35.83 13.87 -26.30
C SER B 17 -35.69 15.21 -25.57
N LYS B 18 -36.79 15.77 -25.09
CA LYS B 18 -36.70 17.04 -24.37
C LYS B 18 -36.31 16.85 -22.91
N VAL B 19 -36.88 15.86 -22.23
CA VAL B 19 -36.80 15.81 -20.77
C VAL B 19 -35.88 14.71 -20.25
N TRP B 20 -35.52 13.71 -21.06
CA TRP B 20 -34.72 12.60 -20.55
C TRP B 20 -33.34 13.02 -20.05
N PRO B 21 -32.56 13.84 -20.75
CA PRO B 21 -31.21 14.16 -20.25
C PRO B 21 -31.20 14.84 -18.90
N TYR B 22 -32.30 15.42 -18.46
CA TYR B 22 -32.40 16.08 -17.16
C TYR B 22 -33.07 15.20 -16.11
N MET B 23 -33.36 13.94 -16.42
CA MET B 23 -34.03 13.06 -15.48
C MET B 23 -33.02 12.39 -14.55
N ASP B 24 -33.40 12.24 -13.28
CA ASP B 24 -32.59 11.57 -12.29
C ASP B 24 -33.47 10.67 -11.45
N SER B 25 -32.87 9.60 -10.93
CA SER B 25 -33.62 8.64 -10.12
C SER B 25 -34.01 9.20 -8.75
N GLU B 26 -33.39 10.30 -8.32
CA GLU B 26 -33.66 10.89 -7.02
C GLU B 26 -34.81 11.89 -7.04
N TYR B 27 -35.73 11.76 -8.00
CA TYR B 27 -36.81 12.72 -8.15
C TYR B 27 -38.20 12.15 -7.92
N PHE B 28 -38.40 10.84 -8.01
CA PHE B 28 -39.76 10.30 -8.06
C PHE B 28 -40.29 9.91 -6.68
N GLU B 29 -39.69 8.88 -6.08
CA GLU B 29 -40.09 8.43 -4.74
C GLU B 29 -39.15 7.32 -4.28
N SER B 30 -39.48 6.70 -3.14
CA SER B 30 -38.76 5.53 -2.65
C SER B 30 -39.61 4.28 -2.77
N GLY B 31 -40.36 4.16 -3.87
CA GLY B 31 -41.24 3.04 -4.09
C GLY B 31 -41.31 2.58 -5.53
N PRO B 32 -42.52 2.29 -6.00
CA PRO B 32 -42.67 1.76 -7.37
C PRO B 32 -42.13 2.68 -8.45
N ALA B 33 -42.27 3.99 -8.28
CA ALA B 33 -41.85 4.94 -9.32
C ALA B 33 -40.34 4.88 -9.52
N LYS B 34 -39.57 4.82 -8.42
CA LYS B 34 -38.12 4.75 -8.54
C LYS B 34 -37.69 3.48 -9.23
N ASN B 35 -38.34 2.36 -8.93
CA ASN B 35 -37.99 1.09 -9.57
C ASN B 35 -38.34 1.11 -11.06
N THR B 36 -39.50 1.67 -11.42
CA THR B 36 -39.86 1.78 -12.82
C THR B 36 -38.87 2.66 -13.58
N PHE B 37 -38.48 3.79 -12.98
CA PHE B 37 -37.49 4.64 -13.63
C PHE B 37 -36.13 3.97 -13.71
N LYS B 38 -35.78 3.14 -12.73
CA LYS B 38 -34.55 2.38 -12.80
C LYS B 38 -34.58 1.40 -13.98
N LEU B 39 -35.70 0.72 -14.18
CA LEU B 39 -35.84 -0.18 -15.32
C LEU B 39 -35.71 0.58 -16.63
N ILE B 40 -36.39 1.73 -16.73
CA ILE B 40 -36.33 2.53 -17.95
C ILE B 40 -34.91 3.02 -18.22
N LYS B 41 -34.24 3.49 -17.18
CA LYS B 41 -32.88 4.01 -17.33
C LYS B 41 -31.91 2.90 -17.72
N SER B 42 -32.05 1.71 -17.12
CA SER B 42 -31.20 0.59 -17.51
C SER B 42 -31.43 0.21 -18.97
N HIS B 43 -32.69 0.18 -19.40
CA HIS B 43 -32.97 -0.15 -20.79
C HIS B 43 -32.38 0.89 -21.74
N VAL B 44 -32.51 2.17 -21.39
CA VAL B 44 -32.00 3.22 -22.26
C VAL B 44 -30.47 3.19 -22.31
N ASN B 45 -29.83 2.91 -21.17
CA ASN B 45 -28.38 2.79 -21.16
C ASN B 45 -27.92 1.60 -22.01
N GLU B 46 -28.64 0.48 -21.93
CA GLU B 46 -28.19 -0.72 -22.63
C GLU B 46 -28.47 -0.66 -24.13
N TYR B 47 -29.57 -0.05 -24.54
CA TYR B 47 -30.01 -0.12 -25.93
C TYR B 47 -30.18 1.24 -26.60
N HIS B 48 -30.01 2.35 -25.87
CA HIS B 48 -30.08 3.70 -26.45
C HIS B 48 -31.43 3.95 -27.12
N SER B 49 -32.50 3.46 -26.51
CA SER B 49 -33.84 3.67 -27.05
C SER B 49 -34.84 3.55 -25.91
N VAL B 50 -36.02 4.12 -26.13
CA VAL B 50 -37.07 4.10 -25.11
C VAL B 50 -37.70 2.71 -25.09
N PRO B 51 -37.80 2.08 -23.91
CA PRO B 51 -38.41 0.75 -23.84
C PRO B 51 -39.91 0.82 -24.06
N SER B 52 -40.48 -0.32 -24.45
CA SER B 52 -41.91 -0.49 -24.60
C SER B 52 -42.47 -1.16 -23.36
N ILE B 53 -43.79 -1.39 -23.38
CA ILE B 53 -44.43 -2.06 -22.24
C ILE B 53 -43.94 -3.49 -22.11
N ASN B 54 -43.78 -4.19 -23.25
CA ASN B 54 -43.29 -5.57 -23.21
C ASN B 54 -41.89 -5.64 -22.63
N ALA B 55 -41.00 -4.73 -23.05
CA ALA B 55 -39.64 -4.72 -22.52
C ALA B 55 -39.65 -4.44 -21.02
N LEU B 56 -40.53 -3.55 -20.56
CA LEU B 56 -40.60 -3.23 -19.15
C LEU B 56 -41.08 -4.42 -18.33
N ASN B 57 -42.19 -5.03 -18.73
CA ASN B 57 -42.83 -6.03 -17.88
C ASN B 57 -42.35 -7.46 -18.15
N VAL B 58 -41.48 -7.67 -19.14
CA VAL B 58 -40.96 -9.01 -19.37
C VAL B 58 -39.44 -8.99 -19.29
N ALA B 59 -38.81 -8.21 -20.18
CA ALA B 59 -37.35 -8.21 -20.27
C ALA B 59 -36.68 -7.57 -19.06
N LEU B 60 -37.40 -6.77 -18.28
CA LEU B 60 -36.78 -6.01 -17.20
C LEU B 60 -37.38 -6.29 -15.84
N GLU B 61 -38.70 -6.44 -15.74
CA GLU B 61 -39.32 -6.60 -14.42
C GLU B 61 -38.94 -7.92 -13.77
N ASN B 62 -38.60 -8.93 -14.56
CA ASN B 62 -38.13 -10.20 -14.03
C ASN B 62 -36.70 -10.01 -13.55
N SER B 63 -36.57 -9.44 -12.35
CA SER B 63 -35.29 -9.09 -11.77
C SER B 63 -35.35 -9.35 -10.27
N SER B 64 -34.35 -8.84 -9.55
CA SER B 64 -34.24 -9.07 -8.11
C SER B 64 -35.09 -8.04 -7.37
N PHE B 65 -36.38 -8.36 -7.24
CA PHE B 65 -37.33 -7.52 -6.53
C PHE B 65 -38.09 -8.37 -5.52
N THR B 66 -38.53 -7.72 -4.45
CA THR B 66 -39.39 -8.37 -3.47
C THR B 66 -40.83 -8.40 -3.98
N GLU B 67 -41.70 -9.07 -3.22
CA GLU B 67 -43.09 -9.22 -3.65
C GLU B 67 -43.80 -7.87 -3.72
N THR B 68 -43.62 -7.03 -2.70
CA THR B 68 -44.27 -5.73 -2.68
C THR B 68 -43.75 -4.84 -3.81
N GLU B 69 -42.44 -4.81 -4.02
CA GLU B 69 -41.88 -4.01 -5.11
C GLU B 69 -42.35 -4.54 -6.45
N TYR B 70 -42.38 -5.86 -6.62
CA TYR B 70 -42.85 -6.44 -7.87
C TYR B 70 -44.30 -6.06 -8.15
N SER B 71 -45.16 -6.15 -7.14
CA SER B 71 -46.56 -5.80 -7.32
C SER B 71 -46.72 -4.32 -7.64
N GLY B 72 -45.98 -3.47 -6.94
CA GLY B 72 -46.06 -2.04 -7.23
C GLY B 72 -45.61 -1.69 -8.64
N VAL B 73 -44.50 -2.28 -9.08
CA VAL B 73 -44.02 -2.02 -10.43
C VAL B 73 -44.99 -2.54 -11.47
N LYS B 74 -45.58 -3.72 -11.23
CA LYS B 74 -46.56 -4.26 -12.17
C LYS B 74 -47.77 -3.34 -12.27
N THR B 75 -48.29 -2.87 -11.13
CA THR B 75 -49.43 -1.97 -11.16
C THR B 75 -49.10 -0.67 -11.88
N LEU B 76 -47.92 -0.10 -11.61
CA LEU B 76 -47.54 1.15 -12.25
C LEU B 76 -47.37 0.97 -13.75
N ILE B 77 -46.75 -0.12 -14.19
CA ILE B 77 -46.55 -0.37 -15.60
C ILE B 77 -47.89 -0.59 -16.30
N SER B 78 -48.80 -1.33 -15.67
CA SER B 78 -50.12 -1.52 -16.25
C SER B 78 -50.92 -0.23 -16.28
N LYS B 79 -50.63 0.70 -15.38
CA LYS B 79 -51.35 1.96 -15.34
C LYS B 79 -50.85 2.97 -16.35
N LEU B 80 -49.67 2.75 -16.94
CA LEU B 80 -49.13 3.70 -17.92
C LEU B 80 -49.96 3.68 -19.19
N ALA B 81 -50.31 4.85 -19.68
CA ALA B 81 -51.11 4.97 -20.90
C ALA B 81 -50.87 6.34 -21.52
N ASP B 82 -50.84 6.38 -22.85
CA ASP B 82 -50.63 7.63 -23.55
C ASP B 82 -51.86 8.53 -23.44
N SER B 83 -51.63 9.80 -23.12
CA SER B 83 -52.70 10.76 -22.97
C SER B 83 -52.41 12.00 -23.82
N PRO B 84 -53.40 12.51 -24.55
CA PRO B 84 -53.16 13.67 -25.40
C PRO B 84 -53.03 14.96 -24.58
N GLU B 85 -51.80 15.46 -24.46
CA GLU B 85 -51.54 16.70 -23.76
C GLU B 85 -50.56 17.52 -24.57
N ASP B 86 -50.69 18.84 -24.49
CA ASP B 86 -49.87 19.74 -25.29
C ASP B 86 -48.40 19.64 -24.87
N HIS B 87 -47.52 19.67 -25.86
CA HIS B 87 -46.08 19.58 -25.59
C HIS B 87 -45.48 20.97 -25.39
N SER B 88 -46.15 21.79 -24.58
CA SER B 88 -45.55 22.97 -23.97
C SER B 88 -45.94 22.96 -22.50
N TRP B 89 -47.13 22.45 -22.22
CA TRP B 89 -47.61 22.30 -20.85
C TRP B 89 -46.93 21.13 -20.14
N LEU B 90 -46.71 20.04 -20.86
CA LEU B 90 -46.05 18.88 -20.28
C LEU B 90 -44.63 19.21 -19.86
N VAL B 91 -43.88 19.89 -20.73
CA VAL B 91 -42.49 20.22 -20.41
C VAL B 91 -42.42 21.17 -19.23
N LYS B 92 -43.30 22.19 -19.19
CA LYS B 92 -43.29 23.13 -18.08
C LYS B 92 -43.68 22.48 -16.76
N GLU B 93 -44.71 21.63 -16.79
CA GLU B 93 -45.10 20.94 -15.56
C GLU B 93 -44.00 19.98 -15.09
N THR B 94 -43.35 19.29 -16.02
CA THR B 94 -42.25 18.42 -15.65
C THR B 94 -41.09 19.20 -15.06
N GLU B 95 -40.80 20.37 -15.63
CA GLU B 95 -39.74 21.22 -15.10
C GLU B 95 -40.07 21.70 -13.69
N LYS B 96 -41.33 22.10 -13.46
CA LYS B 96 -41.73 22.50 -12.12
C LYS B 96 -41.62 21.35 -11.13
N TYR B 97 -42.04 20.15 -11.54
CA TYR B 97 -41.93 18.99 -10.67
C TYR B 97 -40.48 18.68 -10.34
N VAL B 98 -39.60 18.74 -11.34
CA VAL B 98 -38.19 18.47 -11.12
C VAL B 98 -37.59 19.49 -10.17
N GLN B 99 -37.92 20.77 -10.35
CA GLN B 99 -37.41 21.80 -9.46
C GLN B 99 -37.89 21.60 -8.03
N GLN B 100 -39.18 21.26 -7.86
CA GLN B 100 -39.70 21.01 -6.53
C GLN B 100 -39.01 19.82 -5.87
N ARG B 101 -38.80 18.74 -6.63
CA ARG B 101 -38.14 17.56 -6.06
C ARG B 101 -36.68 17.85 -5.73
N ALA B 102 -36.00 18.64 -6.56
CA ALA B 102 -34.63 19.02 -6.25
C ALA B 102 -34.56 19.85 -4.97
N MET B 103 -35.49 20.78 -4.79
CA MET B 103 -35.54 21.56 -3.56
C MET B 103 -35.81 20.67 -2.35
N PHE B 104 -36.74 19.70 -2.49
CA PHE B 104 -37.04 18.79 -1.40
C PHE B 104 -35.81 17.97 -1.01
N ASN B 105 -35.11 17.44 -2.02
CA ASN B 105 -33.91 16.66 -1.75
C ASN B 105 -32.83 17.51 -1.08
N ALA B 106 -32.66 18.75 -1.54
CA ALA B 106 -31.66 19.62 -0.92
C ALA B 106 -32.01 19.94 0.53
N THR B 107 -33.29 20.18 0.81
CA THR B 107 -33.71 20.44 2.18
C THR B 107 -33.45 19.22 3.07
N SER B 108 -33.78 18.03 2.59
CA SER B 108 -33.52 16.82 3.36
C SER B 108 -32.02 16.65 3.59
N LYS B 109 -31.21 16.92 2.56
CA LYS B 109 -29.77 16.76 2.68
C LYS B 109 -29.19 17.72 3.72
N ILE B 110 -29.63 18.99 3.71
CA ILE B 110 -29.08 19.92 4.69
C ILE B 110 -29.59 19.60 6.09
N ILE B 111 -30.81 19.09 6.22
CA ILE B 111 -31.27 18.62 7.53
C ILE B 111 -30.37 17.51 8.04
N GLU B 112 -30.04 16.55 7.18
CA GLU B 112 -29.16 15.47 7.58
C GLU B 112 -27.77 16.00 7.90
N ILE B 113 -27.30 17.01 7.16
CA ILE B 113 -25.99 17.61 7.43
C ILE B 113 -25.96 18.22 8.82
N GLN B 114 -27.00 18.99 9.16
CA GLN B 114 -27.06 19.61 10.48
C GLN B 114 -27.15 18.55 11.58
N THR B 115 -27.95 17.51 11.36
CA THR B 115 -28.07 16.45 12.35
C THR B 115 -26.73 15.74 12.55
N ASN B 116 -26.00 15.49 11.46
CA ASN B 116 -24.70 14.82 11.57
C ASN B 116 -23.69 15.70 12.29
N ALA B 117 -23.62 16.99 11.93
CA ALA B 117 -22.64 17.88 12.54
C ALA B 117 -22.96 18.15 14.00
N GLU B 118 -24.23 18.03 14.39
CA GLU B 118 -24.57 18.17 15.80
C GLU B 118 -23.99 17.05 16.65
N LEU B 119 -23.77 15.89 16.05
CA LEU B 119 -23.22 14.76 16.79
C LEU B 119 -21.75 14.98 17.11
N PRO B 120 -21.26 14.43 18.21
CA PRO B 120 -19.84 14.59 18.58
C PRO B 120 -18.94 13.83 17.63
N PRO B 121 -17.64 14.13 17.62
CA PRO B 121 -16.72 13.44 16.69
C PRO B 121 -16.63 11.94 16.94
N GLU B 122 -15.87 11.25 16.09
CA GLU B 122 -15.72 9.79 16.03
C GLU B 122 -17.00 9.10 15.55
N LYS B 123 -18.09 9.86 15.33
CA LYS B 123 -19.31 9.34 14.74
C LYS B 123 -19.90 10.33 13.76
N ARG B 124 -19.05 11.15 13.14
CA ARG B 124 -19.49 12.32 12.38
C ARG B 124 -19.68 12.04 10.90
N ASN B 125 -19.57 10.78 10.46
CA ASN B 125 -19.92 10.38 9.10
C ASN B 125 -19.14 11.20 8.07
N LYS B 126 -17.83 10.97 8.06
CA LYS B 126 -16.92 11.69 7.17
C LYS B 126 -17.35 11.59 5.71
N LYS B 127 -16.83 12.49 4.87
CA LYS B 127 -17.18 12.71 3.47
C LYS B 127 -18.52 13.43 3.33
N MET B 128 -19.23 13.67 4.42
CA MET B 128 -20.46 14.46 4.39
C MET B 128 -20.12 15.95 4.54
N PRO B 129 -20.66 16.82 3.69
CA PRO B 129 -20.24 18.22 3.73
C PRO B 129 -20.59 18.89 5.05
N ASP B 130 -19.76 19.86 5.42
CA ASP B 130 -19.92 20.59 6.67
C ASP B 130 -21.09 21.57 6.57
N VAL B 131 -21.43 22.16 7.72
CA VAL B 131 -22.54 23.11 7.77
C VAL B 131 -22.27 24.35 6.94
N GLY B 132 -20.99 24.64 6.67
CA GLY B 132 -20.67 25.82 5.88
C GLY B 132 -21.20 25.75 4.46
N ALA B 133 -21.15 24.58 3.85
CA ALA B 133 -21.67 24.40 2.50
C ALA B 133 -23.12 23.94 2.50
N ILE B 134 -23.97 24.62 3.27
CA ILE B 134 -25.42 24.49 3.12
C ILE B 134 -25.94 25.40 2.02
N PRO B 135 -25.59 26.70 1.99
CA PRO B 135 -26.18 27.58 0.97
C PRO B 135 -25.84 27.20 -0.45
N ASP B 136 -24.65 26.65 -0.71
CA ASP B 136 -24.30 26.28 -2.07
C ASP B 136 -25.17 25.13 -2.57
N ILE B 137 -25.52 24.20 -1.69
CA ILE B 137 -26.41 23.10 -2.07
C ILE B 137 -27.78 23.64 -2.45
N MET B 138 -28.32 24.57 -1.65
CA MET B 138 -29.61 25.16 -1.98
C MET B 138 -29.56 25.94 -3.28
N ARG B 139 -28.48 26.68 -3.50
CA ARG B 139 -28.33 27.43 -4.74
C ARG B 139 -28.24 26.51 -5.95
N GLN B 140 -27.53 25.39 -5.80
CA GLN B 140 -27.48 24.40 -6.87
C GLN B 140 -28.87 23.81 -7.13
N ALA B 141 -29.63 23.55 -6.07
CA ALA B 141 -30.97 23.01 -6.23
C ALA B 141 -31.87 24.02 -6.93
N LEU B 142 -31.67 25.31 -6.67
CA LEU B 142 -32.48 26.33 -7.33
C LEU B 142 -32.29 26.33 -8.84
N SER B 143 -31.04 26.20 -9.30
CA SER B 143 -30.74 26.23 -10.74
C SER B 143 -30.69 24.81 -11.27
N ILE B 144 -31.89 24.23 -11.43
CA ILE B 144 -32.02 22.86 -11.91
C ILE B 144 -32.96 22.85 -13.11
N SER B 145 -33.03 23.97 -13.82
CA SER B 145 -33.93 24.12 -14.96
C SER B 145 -33.45 23.28 -16.15
N PHE B 146 -34.31 23.16 -17.16
CA PHE B 146 -34.03 22.32 -18.35
C PHE B 146 -33.46 23.16 -19.47
N ASP B 147 -32.27 23.73 -19.25
CA ASP B 147 -31.62 24.55 -20.29
C ASP B 147 -30.33 23.82 -20.72
N SER B 148 -30.08 23.76 -22.03
CA SER B 148 -28.90 23.00 -22.53
C SER B 148 -27.66 23.91 -22.45
N TYR B 149 -26.84 23.73 -21.42
CA TYR B 149 -25.58 24.49 -21.32
C TYR B 149 -24.42 23.52 -21.10
N VAL B 150 -24.00 22.85 -22.18
CA VAL B 150 -22.85 21.91 -22.09
C VAL B 150 -21.67 22.51 -22.86
N GLY B 151 -20.77 23.20 -22.17
CA GLY B 151 -19.57 23.72 -22.84
C GLY B 151 -19.76 25.04 -23.56
N HIS B 152 -18.80 25.44 -24.37
CA HIS B 152 -18.83 26.71 -25.08
C HIS B 152 -18.80 26.46 -26.57
N ASP B 153 -19.95 26.50 -27.21
CA ASP B 153 -19.96 26.43 -28.66
C ASP B 153 -19.23 27.63 -29.25
N TRP B 154 -18.40 27.37 -30.27
CA TRP B 154 -17.60 28.43 -30.86
C TRP B 154 -18.47 29.41 -31.63
N MET B 155 -19.36 28.91 -32.48
CA MET B 155 -20.20 29.77 -33.30
C MET B 155 -21.44 30.27 -32.59
N ASP B 156 -21.99 29.48 -31.66
CA ASP B 156 -23.22 29.84 -30.99
C ASP B 156 -23.02 30.78 -29.80
N ASP B 157 -21.79 30.97 -29.33
CA ASP B 157 -21.53 31.74 -28.12
C ASP B 157 -20.48 32.83 -28.35
N TYR B 158 -20.40 33.37 -29.56
CA TYR B 158 -19.41 34.41 -29.82
C TYR B 158 -19.80 35.77 -29.25
N GLU B 159 -21.09 35.99 -28.96
CA GLU B 159 -21.51 37.24 -28.35
C GLU B 159 -20.97 37.38 -26.94
N ALA B 160 -21.13 36.34 -26.12
CA ALA B 160 -20.60 36.39 -24.76
C ALA B 160 -19.08 36.46 -24.76
N ARG B 161 -18.45 35.78 -25.71
CA ARG B 161 -16.99 35.84 -25.81
C ARG B 161 -16.52 37.24 -26.16
N TRP B 162 -17.22 37.92 -27.08
CA TRP B 162 -16.86 39.29 -27.40
C TRP B 162 -17.12 40.22 -26.22
N LEU B 163 -18.19 39.97 -25.47
CA LEU B 163 -18.43 40.76 -24.25
C LEU B 163 -17.28 40.60 -23.27
N SER B 164 -16.79 39.37 -23.11
CA SER B 164 -15.63 39.13 -22.25
C SER B 164 -14.40 39.86 -22.78
N TYR B 165 -14.21 39.85 -24.10
CA TYR B 165 -13.06 40.54 -24.69
C TYR B 165 -13.12 42.04 -24.41
N MET B 166 -14.25 42.66 -24.71
CA MET B 166 -14.35 44.11 -24.59
C MET B 166 -14.34 44.55 -23.13
N ASN B 167 -15.02 43.81 -22.26
CA ASN B 167 -14.98 44.11 -20.84
C ASN B 167 -13.63 43.75 -20.22
N LYS B 168 -12.86 42.86 -20.86
CA LYS B 168 -11.65 42.30 -20.29
C LYS B 168 -11.93 41.72 -18.90
N ALA B 169 -13.05 41.01 -18.78
CA ALA B 169 -13.47 40.51 -17.48
C ALA B 169 -12.73 39.23 -17.12
N ARG B 170 -11.41 39.25 -17.31
CA ARG B 170 -10.52 38.25 -16.73
C ARG B 170 -9.24 38.86 -16.16
N LYS B 171 -8.85 40.05 -16.59
CA LYS B 171 -7.58 40.63 -16.20
C LYS B 171 -7.69 41.35 -14.86
N VAL B 172 -6.65 41.23 -14.04
CA VAL B 172 -6.49 42.02 -12.84
C VAL B 172 -5.19 42.81 -12.97
N PRO B 173 -5.28 44.09 -13.32
CA PRO B 173 -4.06 44.86 -13.64
C PRO B 173 -3.15 45.02 -12.43
N PHE B 174 -1.85 45.11 -12.71
CA PHE B 174 -0.86 45.42 -11.70
C PHE B 174 -0.81 46.93 -11.45
N LYS B 175 -0.07 47.33 -10.41
CA LYS B 175 0.29 48.73 -10.24
C LYS B 175 1.58 49.08 -10.94
N LEU B 176 2.32 48.09 -11.44
CA LEU B 176 3.55 48.32 -12.19
C LEU B 176 3.27 48.19 -13.68
N ARG B 177 3.62 49.24 -14.44
CA ARG B 177 3.36 49.23 -15.86
C ARG B 177 4.20 48.18 -16.59
N ILE B 178 5.38 47.85 -16.05
CA ILE B 178 6.23 46.86 -16.69
C ILE B 178 5.59 45.48 -16.63
N LEU B 179 4.94 45.15 -15.51
CA LEU B 179 4.24 43.88 -15.39
C LEU B 179 2.92 43.87 -16.14
N ASN B 180 2.40 45.03 -16.53
CA ASN B 180 1.19 45.10 -17.33
C ASN B 180 1.48 45.06 -18.83
N LYS B 181 2.66 45.53 -19.25
CA LYS B 181 2.98 45.50 -20.67
C LYS B 181 3.47 44.14 -21.14
N ILE B 182 3.83 43.25 -20.21
CA ILE B 182 4.20 41.88 -20.57
C ILE B 182 3.07 40.90 -20.34
N THR B 183 2.10 41.23 -19.49
CA THR B 183 0.91 40.41 -19.26
C THR B 183 -0.29 40.87 -20.05
N LYS B 184 -0.15 41.95 -20.84
CA LYS B 184 -1.23 42.48 -21.66
C LYS B 184 -2.47 42.82 -20.84
N GLY B 185 -2.25 43.39 -19.65
CA GLY B 185 -3.35 43.83 -18.82
C GLY B 185 -3.41 43.21 -17.45
N GLY B 186 -2.35 42.50 -17.06
CA GLY B 186 -2.29 41.89 -15.74
C GLY B 186 -2.59 40.41 -15.77
N ALA B 187 -2.62 39.82 -14.58
CA ALA B 187 -2.89 38.41 -14.42
C ALA B 187 -4.39 38.13 -14.55
N GLU B 188 -4.71 36.89 -14.91
CA GLU B 188 -6.08 36.48 -15.13
C GLU B 188 -6.64 35.79 -13.88
N THR B 189 -7.97 35.69 -13.83
CA THR B 189 -8.66 35.23 -12.64
C THR B 189 -8.30 33.80 -12.24
N GLY B 190 -8.63 32.84 -13.07
CA GLY B 190 -8.36 31.45 -12.73
C GLY B 190 -6.96 31.02 -13.12
N THR B 191 -5.96 31.51 -12.39
CA THR B 191 -4.57 31.30 -12.76
C THR B 191 -3.72 31.06 -11.53
N LEU B 192 -2.56 30.43 -11.76
CA LEU B 192 -1.56 30.17 -10.73
C LEU B 192 -0.25 30.82 -11.16
N ASN B 193 0.15 31.88 -10.46
CA ASN B 193 1.35 32.64 -10.79
C ASN B 193 2.41 32.39 -9.73
N VAL B 194 3.66 32.23 -10.17
CA VAL B 194 4.74 31.73 -9.33
C VAL B 194 5.94 32.66 -9.42
N LEU B 195 6.60 32.87 -8.28
CA LEU B 195 7.88 33.56 -8.20
C LEU B 195 8.96 32.57 -7.76
N MET B 196 10.09 32.58 -8.46
CA MET B 196 11.24 31.76 -8.10
C MET B 196 12.43 32.69 -7.85
N ALA B 197 12.96 32.68 -6.64
CA ALA B 197 14.04 33.61 -6.34
C ALA B 197 15.28 32.95 -5.76
N GLY B 198 15.11 31.92 -4.92
CA GLY B 198 16.23 31.29 -4.24
C GLY B 198 16.07 31.36 -2.73
N VAL B 199 17.20 31.53 -2.05
CA VAL B 199 17.23 31.61 -0.58
C VAL B 199 17.64 33.02 -0.19
N ASN B 200 16.77 33.70 0.56
CA ASN B 200 17.01 35.08 0.98
C ASN B 200 17.32 35.99 -0.20
N VAL B 201 16.61 35.78 -1.30
CA VAL B 201 16.73 36.62 -2.47
C VAL B 201 15.50 37.52 -2.67
N GLY B 202 14.35 37.15 -2.09
CA GLY B 202 13.08 37.77 -2.37
C GLY B 202 11.99 36.80 -2.02
N LYS B 203 11.06 36.55 -2.95
CA LYS B 203 10.16 35.40 -2.86
C LYS B 203 9.12 35.57 -1.76
N SER B 204 9.29 36.62 -0.96
CA SER B 204 8.27 37.13 -0.05
C SER B 204 8.26 38.65 0.00
N LEU B 205 9.38 39.31 -0.30
CA LEU B 205 9.35 40.73 -0.61
C LEU B 205 8.50 40.98 -1.85
N GLY B 206 8.64 40.14 -2.87
CA GLY B 206 7.83 40.28 -4.06
C GLY B 206 6.36 40.01 -3.81
N LEU B 207 6.06 38.95 -3.06
CA LEU B 207 4.67 38.64 -2.74
C LEU B 207 4.04 39.74 -1.89
N CYS B 208 4.78 40.26 -0.92
CA CYS B 208 4.27 41.36 -0.10
C CYS B 208 4.07 42.62 -0.94
N SER B 209 4.99 42.89 -1.86
CA SER B 209 4.82 44.05 -2.74
C SER B 209 3.59 43.91 -3.63
N LEU B 210 3.37 42.70 -4.17
CA LEU B 210 2.18 42.46 -4.98
C LEU B 210 0.91 42.61 -4.15
N ALA B 211 0.93 42.10 -2.92
CA ALA B 211 -0.22 42.26 -2.04
C ALA B 211 -0.48 43.73 -1.74
N ALA B 212 0.57 44.51 -1.51
CA ALA B 212 0.41 45.94 -1.26
C ALA B 212 -0.16 46.65 -2.48
N ASP B 213 0.33 46.31 -3.67
CA ASP B 213 -0.20 46.93 -4.88
C ASP B 213 -1.67 46.59 -5.08
N TYR B 214 -2.04 45.32 -4.89
CA TYR B 214 -3.44 44.93 -5.02
C TYR B 214 -4.31 45.61 -3.97
N LEU B 215 -3.76 45.79 -2.76
CA LEU B 215 -4.49 46.51 -1.72
C LEU B 215 -4.72 47.96 -2.11
N GLN B 216 -3.70 48.60 -2.69
CA GLN B 216 -3.85 49.96 -3.18
C GLN B 216 -4.78 50.05 -4.38
N LEU B 217 -5.01 48.93 -5.08
CA LEU B 217 -5.91 48.91 -6.22
C LEU B 217 -7.33 48.52 -5.85
N GLY B 218 -7.63 48.43 -4.56
CA GLY B 218 -8.99 48.16 -4.10
C GLY B 218 -9.38 46.70 -4.01
N HIS B 219 -8.46 45.77 -4.27
CA HIS B 219 -8.77 44.37 -4.22
C HIS B 219 -8.72 43.82 -2.80
N ASN B 220 -9.56 42.83 -2.53
CA ASN B 220 -9.46 42.07 -1.29
C ASN B 220 -8.36 41.03 -1.44
N VAL B 221 -7.39 41.05 -0.53
CA VAL B 221 -6.22 40.19 -0.62
C VAL B 221 -6.17 39.28 0.60
N LEU B 222 -5.94 38.00 0.37
CA LEU B 222 -5.79 37.01 1.44
C LEU B 222 -4.39 36.44 1.36
N TYR B 223 -3.57 36.72 2.37
CA TYR B 223 -2.19 36.27 2.43
C TYR B 223 -2.12 35.09 3.40
N ILE B 224 -2.00 33.89 2.85
CA ILE B 224 -1.83 32.67 3.64
C ILE B 224 -0.34 32.39 3.74
N SER B 225 0.21 32.52 4.95
CA SER B 225 1.68 32.36 5.11
C SER B 225 2.01 31.06 5.85
N MET B 226 2.40 30.01 5.13
CA MET B 226 2.76 28.71 5.74
C MET B 226 4.13 28.82 6.43
N GLN B 227 5.01 29.71 5.94
CA GLN B 227 6.39 29.79 6.49
C GLN B 227 6.55 30.98 7.43
N MET B 228 5.67 31.98 7.35
CA MET B 228 5.86 33.20 8.18
C MET B 228 4.67 33.41 9.11
N ALA B 229 4.89 34.02 10.27
CA ALA B 229 3.81 34.28 11.25
C ALA B 229 2.82 35.30 10.69
N GLU B 230 1.68 35.46 11.37
CA GLU B 230 0.64 36.41 10.89
C GLU B 230 1.14 37.86 11.05
N GLU B 231 2.19 38.06 11.84
CA GLU B 231 2.63 39.46 12.12
C GLU B 231 3.87 39.81 11.29
N VAL B 232 4.75 38.84 11.06
CA VAL B 232 6.01 39.15 10.32
C VAL B 232 5.63 39.70 8.94
N CYS B 233 4.60 39.12 8.31
CA CYS B 233 4.14 39.58 6.97
C CYS B 233 3.52 40.97 7.09
N ALA B 234 2.58 41.15 8.02
CA ALA B 234 1.89 42.46 8.17
C ALA B 234 2.92 43.58 8.24
N LYS B 235 3.85 43.50 9.19
CA LYS B 235 4.89 44.51 9.34
C LYS B 235 5.58 44.81 8.01
N ARG B 236 5.79 43.78 7.19
CA ARG B 236 6.33 44.02 5.85
C ARG B 236 5.36 44.85 5.01
N ILE B 237 4.07 44.56 5.11
CA ILE B 237 3.08 45.36 4.39
C ILE B 237 3.06 46.79 4.90
N ASP B 238 3.20 46.98 6.22
CA ASP B 238 3.27 48.32 6.77
C ASP B 238 4.50 49.07 6.28
N ALA B 239 5.63 48.39 6.20
CA ALA B 239 6.84 49.03 5.65
C ALA B 239 6.63 49.41 4.20
N ASN B 240 5.95 48.56 3.43
CA ASN B 240 5.69 48.87 2.03
C ASN B 240 4.78 50.07 1.87
N MET B 241 3.70 50.15 2.66
CA MET B 241 2.66 51.14 2.42
C MET B 241 2.87 52.45 3.18
N LEU B 242 3.57 52.42 4.30
CA LEU B 242 3.79 53.62 5.10
C LEU B 242 5.09 54.33 4.78
N ASP B 243 5.87 53.82 3.82
CA ASP B 243 7.14 54.41 3.42
C ASP B 243 8.09 54.56 4.61
N VAL B 244 8.11 53.53 5.46
CA VAL B 244 8.99 53.50 6.63
C VAL B 244 9.86 52.25 6.52
N SER B 245 11.14 52.41 6.86
CA SER B 245 12.06 51.28 6.77
C SER B 245 11.69 50.19 7.76
N LEU B 246 11.95 48.94 7.37
CA LEU B 246 11.61 47.81 8.22
C LEU B 246 12.43 47.83 9.51
N ASP B 247 13.64 48.39 9.47
CA ASP B 247 14.44 48.51 10.69
C ASP B 247 13.90 49.61 11.60
N ASP B 248 13.36 50.68 11.01
CA ASP B 248 12.85 51.79 11.80
C ASP B 248 11.69 51.36 12.70
N ILE B 249 10.85 50.44 12.21
CA ILE B 249 9.75 49.93 13.03
C ILE B 249 10.23 49.04 14.16
N ASP B 250 11.46 48.54 14.08
CA ASP B 250 12.04 47.68 15.12
C ASP B 250 12.85 48.46 16.14
N ASP B 251 13.76 49.33 15.68
CA ASP B 251 14.54 50.13 16.62
C ASP B 251 13.64 51.11 17.38
N GLY B 252 12.70 51.74 16.68
CA GLY B 252 11.78 52.66 17.32
C GLY B 252 11.91 54.09 16.85
N HIS B 253 12.31 54.29 15.59
CA HIS B 253 12.45 55.62 15.04
C HIS B 253 11.14 56.19 14.51
N ILE B 254 10.04 55.44 14.59
CA ILE B 254 8.74 55.89 14.14
C ILE B 254 7.83 55.98 15.35
N SER B 255 7.19 57.15 15.53
CA SER B 255 6.32 57.37 16.67
C SER B 255 4.93 56.82 16.38
N TYR B 256 4.18 56.49 17.44
CA TYR B 256 2.86 55.83 17.21
C TYR B 256 1.94 56.75 16.41
N ALA B 257 2.07 58.06 16.62
CA ALA B 257 1.24 59.00 15.83
C ALA B 257 1.46 58.70 14.34
N GLU B 258 2.72 58.55 13.93
CA GLU B 258 3.03 58.28 12.50
C GLU B 258 2.31 57.00 12.07
N TYR B 259 2.55 55.90 12.80
CA TYR B 259 1.94 54.59 12.44
C TYR B 259 0.42 54.74 12.36
N LYS B 260 -0.22 55.03 13.49
CA LYS B 260 -1.71 55.11 13.51
C LYS B 260 -2.17 56.14 12.48
N GLY B 261 -1.51 57.30 12.43
CA GLY B 261 -1.92 58.37 11.51
C GLY B 261 -1.83 57.92 10.06
N LYS B 262 -0.70 57.34 9.66
CA LYS B 262 -0.51 56.85 8.27
C LYS B 262 -1.58 55.78 7.99
N MET B 263 -1.85 54.93 8.97
CA MET B 263 -2.89 53.87 8.80
C MET B 263 -4.23 54.56 8.55
N GLU B 264 -4.58 55.55 9.37
CA GLU B 264 -5.87 56.26 9.20
C GLU B 264 -5.91 56.89 7.80
N LYS B 265 -4.78 57.41 7.33
CA LYS B 265 -4.71 58.02 5.98
C LYS B 265 -5.13 56.98 4.94
N TRP B 266 -4.60 55.76 5.05
CA TRP B 266 -4.97 54.67 4.11
C TRP B 266 -6.45 54.32 4.27
N ARG B 267 -6.93 54.23 5.52
CA ARG B 267 -8.33 53.81 5.77
C ARG B 267 -9.28 54.81 5.08
N GLU B 268 -9.00 56.10 5.21
CA GLU B 268 -9.90 57.14 4.64
C GLU B 268 -9.96 56.95 3.12
N LYS B 269 -8.89 56.41 2.52
CA LYS B 269 -8.85 56.18 1.05
C LYS B 269 -9.85 55.08 0.69
N SER B 270 -10.67 55.30 -0.36
CA SER B 270 -11.72 54.32 -0.74
C SER B 270 -11.15 53.28 -1.70
N THR B 271 -9.91 53.46 -2.16
CA THR B 271 -9.27 52.49 -3.09
C THR B 271 -8.37 51.53 -2.30
N LEU B 272 -8.77 51.18 -1.08
CA LEU B 272 -7.96 50.24 -0.25
C LEU B 272 -8.82 49.03 0.14
N GLY B 273 -8.36 47.83 -0.18
CA GLY B 273 -9.12 46.60 0.14
C GLY B 273 -8.72 46.04 1.50
N ARG B 274 -8.82 44.72 1.67
CA ARG B 274 -8.42 44.08 2.95
C ARG B 274 -7.30 43.06 2.68
N LEU B 275 -6.18 43.19 3.39
CA LEU B 275 -5.05 42.21 3.24
C LEU B 275 -5.08 41.28 4.44
N ILE B 276 -6.12 40.46 4.58
CA ILE B 276 -6.23 39.57 5.73
C ILE B 276 -5.10 38.55 5.66
N VAL B 277 -4.32 38.48 6.73
CA VAL B 277 -3.16 37.58 6.81
C VAL B 277 -3.50 36.45 7.77
N LYS B 278 -3.32 35.21 7.30
CA LYS B 278 -3.59 34.02 8.09
C LYS B 278 -2.36 33.11 8.02
N GLN B 279 -1.91 32.63 9.16
CA GLN B 279 -0.73 31.77 9.23
C GLN B 279 -1.13 30.33 9.55
N TYR B 280 -0.45 29.40 8.90
CA TYR B 280 -0.59 27.98 9.17
C TYR B 280 0.78 27.38 9.43
N PRO B 281 0.85 26.33 10.26
CA PRO B 281 2.14 25.67 10.49
C PRO B 281 2.72 25.09 9.21
N THR B 282 4.05 25.11 9.13
CA THR B 282 4.73 24.67 7.92
C THR B 282 4.44 23.20 7.62
N GLY B 283 3.72 22.96 6.52
CA GLY B 283 3.34 21.61 6.16
C GLY B 283 2.01 21.15 6.72
N GLY B 284 1.16 22.05 7.18
CA GLY B 284 -0.10 21.67 7.77
C GLY B 284 -1.30 22.38 7.21
N ALA B 285 -1.30 22.65 5.91
CA ALA B 285 -2.43 23.31 5.26
C ALA B 285 -2.50 22.85 3.81
N ASP B 286 -3.69 22.40 3.40
CA ASP B 286 -3.94 21.91 2.05
C ASP B 286 -5.01 22.79 1.40
N ALA B 287 -5.43 22.38 0.19
CA ALA B 287 -6.49 23.11 -0.51
C ALA B 287 -7.81 23.04 0.24
N ASN B 288 -8.09 21.93 0.91
CA ASN B 288 -9.30 21.85 1.73
C ASN B 288 -9.24 22.83 2.90
N THR B 289 -8.05 22.97 3.51
CA THR B 289 -7.89 23.96 4.57
C THR B 289 -8.14 25.37 4.04
N PHE B 290 -7.64 25.66 2.83
CA PHE B 290 -7.85 26.98 2.25
C PHE B 290 -9.32 27.22 1.93
N ARG B 291 -10.02 26.17 1.46
CA ARG B 291 -11.46 26.30 1.21
C ARG B 291 -12.22 26.55 2.50
N SER B 292 -11.85 25.85 3.58
CA SER B 292 -12.48 26.10 4.87
C SER B 292 -12.22 27.52 5.34
N LEU B 293 -10.99 28.01 5.15
CA LEU B 293 -10.66 29.39 5.52
C LEU B 293 -11.48 30.38 4.70
N LEU B 294 -11.65 30.12 3.40
CA LEU B 294 -12.44 31.01 2.56
C LEU B 294 -13.90 31.03 3.02
N ASN B 295 -14.46 29.86 3.32
CA ASN B 295 -15.83 29.80 3.78
C ASN B 295 -16.01 30.52 5.11
N GLU B 296 -15.04 30.35 6.03
CA GLU B 296 -15.11 31.03 7.31
C GLU B 296 -15.03 32.54 7.14
N LEU B 297 -14.14 33.01 6.26
CA LEU B 297 -14.03 34.44 6.00
C LEU B 297 -15.31 34.99 5.40
N LYS B 298 -15.90 34.26 4.45
CA LYS B 298 -17.13 34.72 3.82
C LYS B 298 -18.28 34.79 4.82
N LEU B 299 -18.41 33.77 5.67
CA LEU B 299 -19.51 33.74 6.62
C LEU B 299 -19.34 34.79 7.71
N LYS B 300 -18.15 34.86 8.31
CA LYS B 300 -17.97 35.69 9.50
C LYS B 300 -17.61 37.13 9.16
N LYS B 301 -16.54 37.33 8.41
CA LYS B 301 -16.07 38.67 8.09
C LYS B 301 -16.63 39.22 6.78
N ASN B 302 -17.47 38.46 6.09
CA ASN B 302 -18.00 38.86 4.79
C ASN B 302 -16.88 39.22 3.83
N PHE B 303 -15.86 38.37 3.80
CA PHE B 303 -14.64 38.62 3.04
C PHE B 303 -14.55 37.59 1.91
N VAL B 304 -14.67 38.07 0.68
CA VAL B 304 -14.50 37.25 -0.51
C VAL B 304 -13.31 37.79 -1.29
N PRO B 305 -12.15 37.15 -1.17
CA PRO B 305 -10.95 37.71 -1.80
C PRO B 305 -10.98 37.59 -3.31
N THR B 306 -10.30 38.52 -3.98
CA THR B 306 -10.00 38.42 -5.40
C THR B 306 -8.56 38.01 -5.66
N ILE B 307 -7.68 38.16 -4.67
CA ILE B 307 -6.29 37.75 -4.78
C ILE B 307 -5.97 36.86 -3.59
N ILE B 308 -5.42 35.69 -3.87
CA ILE B 308 -4.94 34.76 -2.84
C ILE B 308 -3.45 34.58 -3.03
N ILE B 309 -2.67 34.89 -2.00
CA ILE B 309 -1.22 34.80 -2.05
C ILE B 309 -0.79 33.77 -1.01
N VAL B 310 -0.31 32.62 -1.48
CA VAL B 310 0.26 31.61 -0.62
C VAL B 310 1.76 31.86 -0.55
N ASP B 311 2.29 32.02 0.66
CA ASP B 311 3.68 32.44 0.83
C ASP B 311 4.66 31.41 0.29
N TYR B 312 4.26 30.14 0.20
CA TYR B 312 5.17 29.10 -0.26
C TYR B 312 4.34 27.89 -0.69
N LEU B 313 4.50 27.48 -1.95
CA LEU B 313 3.76 26.33 -2.46
C LEU B 313 4.36 25.01 -1.98
N GLY B 314 5.68 24.95 -1.82
CA GLY B 314 6.36 23.71 -1.51
C GLY B 314 6.31 23.25 -0.07
N ILE B 315 5.76 24.06 0.83
CA ILE B 315 5.67 23.66 2.22
C ILE B 315 4.21 23.53 2.63
N CYS B 316 3.35 23.20 1.66
CA CYS B 316 1.97 22.83 1.91
C CYS B 316 1.85 21.31 1.85
N LYS B 317 0.63 20.81 1.94
CA LYS B 317 0.38 19.38 1.83
C LYS B 317 -0.74 19.13 0.84
N SER B 318 -0.75 17.92 0.27
CA SER B 318 -1.73 17.54 -0.74
C SER B 318 -2.99 16.99 -0.09
N CYS B 319 -4.13 17.50 -0.50
CA CYS B 319 -5.40 16.99 0.02
C CYS B 319 -5.75 15.63 -0.57
N ARG B 320 -5.43 15.41 -1.84
CA ARG B 320 -5.73 14.14 -2.47
C ARG B 320 -4.82 13.03 -1.96
N ILE B 321 -3.53 13.31 -1.85
CA ILE B 321 -2.57 12.31 -1.37
C ILE B 321 -2.80 12.07 0.12
N ARG B 322 -2.91 10.79 0.50
CA ARG B 322 -3.18 10.42 1.89
C ARG B 322 -1.94 9.96 2.64
N VAL B 323 -0.96 9.38 1.94
CA VAL B 323 0.28 8.90 2.55
C VAL B 323 1.42 9.76 2.03
N TYR B 324 2.18 10.35 2.94
CA TYR B 324 3.25 11.26 2.55
C TYR B 324 4.29 10.53 1.70
N SER B 325 4.74 11.20 0.65
CA SER B 325 5.65 10.62 -0.33
C SER B 325 7.00 11.33 -0.25
N GLU B 326 8.07 10.55 -0.23
CA GLU B 326 9.42 11.11 -0.28
C GLU B 326 9.74 11.70 -1.65
N ASN B 327 8.96 11.38 -2.68
CA ASN B 327 9.17 11.91 -4.02
C ASN B 327 8.60 13.32 -4.09
N SER B 328 9.48 14.32 -4.22
CA SER B 328 9.03 15.70 -4.25
C SER B 328 8.37 16.06 -5.58
N TYR B 329 8.59 15.28 -6.63
CA TYR B 329 7.97 15.59 -7.91
C TYR B 329 6.46 15.45 -7.86
N THR B 330 5.97 14.33 -7.34
CA THR B 330 4.52 14.08 -7.34
C THR B 330 3.80 14.97 -6.33
N THR B 331 4.40 15.17 -5.14
CA THR B 331 3.73 15.93 -4.09
C THR B 331 3.56 17.39 -4.49
N VAL B 332 4.64 18.01 -4.99
CA VAL B 332 4.58 19.42 -5.36
C VAL B 332 3.65 19.62 -6.56
N LYS B 333 3.69 18.70 -7.52
CA LYS B 333 2.78 18.79 -8.66
C LYS B 333 1.34 18.68 -8.22
N ALA B 334 1.03 17.76 -7.30
CA ALA B 334 -0.32 17.63 -6.79
C ALA B 334 -0.76 18.89 -6.04
N ILE B 335 0.16 19.46 -5.24
CA ILE B 335 -0.16 20.68 -4.51
C ILE B 335 -0.48 21.82 -5.48
N ALA B 336 0.33 21.95 -6.53
CA ALA B 336 0.11 23.01 -7.51
C ALA B 336 -1.20 22.80 -8.26
N GLU B 337 -1.51 21.56 -8.62
CA GLU B 337 -2.77 21.28 -9.30
C GLU B 337 -3.96 21.61 -8.41
N GLU B 338 -3.89 21.25 -7.13
CA GLU B 338 -4.97 21.56 -6.20
C GLU B 338 -5.12 23.06 -6.03
N LEU B 339 -4.01 23.79 -5.92
CA LEU B 339 -4.07 25.24 -5.78
C LEU B 339 -4.69 25.89 -7.02
N ARG B 340 -4.31 25.43 -8.21
CA ARG B 340 -4.89 26.00 -9.42
C ARG B 340 -6.36 25.65 -9.54
N ALA B 341 -6.75 24.45 -9.11
CA ALA B 341 -8.17 24.10 -9.09
C ALA B 341 -8.93 25.01 -8.15
N LEU B 342 -8.36 25.31 -6.98
CA LEU B 342 -8.98 26.25 -6.06
C LEU B 342 -9.10 27.63 -6.68
N ALA B 343 -8.05 28.07 -7.40
CA ALA B 343 -8.07 29.38 -8.02
C ALA B 343 -9.15 29.48 -9.08
N VAL B 344 -9.27 28.45 -9.93
CA VAL B 344 -10.28 28.49 -10.99
C VAL B 344 -11.68 28.27 -10.42
N GLU B 345 -11.80 27.62 -9.27
CA GLU B 345 -13.12 27.47 -8.65
C GLU B 345 -13.58 28.77 -8.02
N THR B 346 -12.67 29.48 -7.36
CA THR B 346 -13.01 30.74 -6.70
C THR B 346 -12.82 31.95 -7.59
N GLU B 347 -12.29 31.77 -8.80
CA GLU B 347 -12.03 32.88 -9.73
C GLU B 347 -11.14 33.94 -9.08
N THR B 348 -10.09 33.48 -8.41
CA THR B 348 -9.18 34.36 -7.69
C THR B 348 -7.78 34.21 -8.26
N VAL B 349 -7.10 35.33 -8.50
CA VAL B 349 -5.70 35.28 -8.93
C VAL B 349 -4.86 34.74 -7.79
N LEU B 350 -4.19 33.62 -8.02
CA LEU B 350 -3.42 32.93 -7.00
C LEU B 350 -1.94 33.11 -7.28
N TRP B 351 -1.25 33.81 -6.39
CA TRP B 351 0.19 33.98 -6.43
C TRP B 351 0.83 33.08 -5.39
N THR B 352 1.99 32.52 -5.70
CA THR B 352 2.70 31.65 -4.77
C THR B 352 4.19 31.80 -5.04
N ALA B 353 4.99 31.00 -4.35
CA ALA B 353 6.44 31.07 -4.42
C ALA B 353 7.02 29.67 -4.60
N ALA B 354 8.16 29.61 -5.29
CA ALA B 354 8.83 28.35 -5.54
C ALA B 354 10.33 28.51 -5.30
N GLN B 355 10.98 27.42 -4.87
CA GLN B 355 12.43 27.49 -4.55
C GLN B 355 13.26 27.07 -5.77
N VAL B 356 14.32 27.82 -6.07
CA VAL B 356 15.21 27.48 -7.23
C VAL B 356 16.27 26.47 -6.77
N GLY B 357 16.91 25.79 -7.73
CA GLY B 357 17.93 24.77 -7.41
C GLY B 357 19.25 25.38 -6.94
N LYS B 358 20.02 24.60 -6.18
CA LYS B 358 21.29 25.12 -5.60
C LYS B 358 22.23 25.58 -6.74
N GLN B 359 22.19 24.90 -7.88
CA GLN B 359 23.03 25.33 -9.00
C GLN B 359 22.73 26.78 -9.38
N ALA B 360 21.48 27.19 -9.25
CA ALA B 360 21.09 28.53 -9.68
C ALA B 360 21.51 29.59 -8.66
N TRP B 361 21.92 29.16 -7.47
CA TRP B 361 22.38 30.10 -6.45
C TRP B 361 23.64 30.81 -6.92
N ASP B 362 23.63 32.14 -6.80
CA ASP B 362 24.71 33.01 -7.26
C ASP B 362 24.97 32.82 -8.76
N SER B 363 23.93 32.54 -9.53
CA SER B 363 24.03 32.40 -10.98
C SER B 363 23.37 33.58 -11.64
N SER B 364 24.08 34.22 -12.58
CA SER B 364 23.58 35.43 -13.21
C SER B 364 22.32 35.18 -14.04
N ASP B 365 22.06 33.94 -14.42
CA ASP B 365 20.86 33.60 -15.17
C ASP B 365 20.27 32.31 -14.62
N VAL B 366 18.94 32.25 -14.52
CA VAL B 366 18.23 31.09 -14.01
C VAL B 366 17.26 30.62 -15.10
N ASN B 367 17.45 29.39 -15.57
CA ASN B 367 16.57 28.81 -16.56
C ASN B 367 15.44 28.04 -15.88
N MET B 368 14.46 27.63 -16.68
CA MET B 368 13.34 26.86 -16.16
C MET B 368 13.78 25.50 -15.64
N SER B 369 14.90 24.99 -16.13
CA SER B 369 15.46 23.74 -15.63
C SER B 369 16.12 23.89 -14.27
N ASP B 370 16.07 25.07 -13.67
CA ASP B 370 16.57 25.29 -12.32
C ASP B 370 15.50 25.17 -11.25
N ILE B 371 14.28 24.82 -11.63
CA ILE B 371 13.23 24.59 -10.63
C ILE B 371 13.64 23.42 -9.75
N ALA B 372 13.42 23.56 -8.46
CA ALA B 372 14.00 22.63 -7.48
C ALA B 372 13.05 21.49 -7.14
N GLU B 373 11.85 21.81 -6.66
CA GLU B 373 10.99 20.80 -6.05
C GLU B 373 10.44 19.82 -7.09
N SER B 374 9.91 20.34 -8.20
CA SER B 374 9.26 19.48 -9.17
C SER B 374 9.27 20.14 -10.54
N ALA B 375 9.40 19.32 -11.58
CA ALA B 375 9.27 19.79 -12.95
C ALA B 375 7.81 19.89 -13.40
N GLY B 376 6.88 19.34 -12.62
CA GLY B 376 5.46 19.48 -12.94
C GLY B 376 4.88 20.81 -12.54
N LEU B 377 5.49 21.50 -11.57
CA LEU B 377 5.01 22.82 -11.19
C LEU B 377 5.07 23.83 -12.34
N PRO B 378 6.17 23.94 -13.10
CA PRO B 378 6.15 24.87 -14.24
C PRO B 378 5.11 24.51 -15.29
N ALA B 379 4.69 23.25 -15.36
CA ALA B 379 3.72 22.86 -16.37
C ALA B 379 2.31 23.33 -15.99
N THR B 380 2.03 23.41 -14.69
CA THR B 380 0.68 23.80 -14.19
C THR B 380 0.55 25.31 -13.98
N ALA B 381 1.67 26.02 -13.82
CA ALA B 381 1.64 27.47 -13.57
C ALA B 381 1.23 28.22 -14.84
N ASP B 382 0.50 29.33 -14.70
CA ASP B 382 0.09 30.13 -15.88
C ASP B 382 1.15 31.21 -16.16
N PHE B 383 1.94 31.58 -15.14
CA PHE B 383 2.96 32.64 -15.30
C PHE B 383 4.01 32.49 -14.21
N MET B 384 5.26 32.28 -14.62
CA MET B 384 6.36 32.19 -13.66
C MET B 384 7.31 33.36 -13.83
N LEU B 385 7.98 33.73 -12.75
CA LEU B 385 8.98 34.78 -12.76
C LEU B 385 10.18 34.35 -11.93
N ALA B 386 11.36 34.77 -12.37
CA ALA B 386 12.62 34.39 -11.73
C ALA B 386 13.36 35.66 -11.29
N VAL B 387 13.89 35.63 -10.07
CA VAL B 387 14.65 36.75 -9.50
C VAL B 387 16.10 36.33 -9.41
N ILE B 388 16.99 37.06 -10.09
CA ILE B 388 18.37 36.62 -10.26
C ILE B 388 19.38 37.67 -9.84
N GLU B 389 19.04 38.50 -8.87
CA GLU B 389 19.97 39.52 -8.38
C GLU B 389 21.12 38.84 -7.64
N THR B 390 22.28 38.73 -8.30
CA THR B 390 23.38 37.96 -7.71
C THR B 390 24.26 38.80 -6.79
N GLU B 391 25.06 39.70 -7.35
CA GLU B 391 25.95 40.50 -6.51
C GLU B 391 25.97 41.98 -6.86
N GLU B 392 25.93 42.33 -8.15
CA GLU B 392 26.06 43.73 -8.54
C GLU B 392 24.72 44.45 -8.45
N LEU B 393 23.63 43.75 -8.76
CA LEU B 393 22.30 44.35 -8.63
C LEU B 393 21.98 44.65 -7.17
N ALA B 394 22.52 43.87 -6.24
CA ALA B 394 22.33 44.16 -4.82
C ALA B 394 22.96 45.48 -4.43
N ALA B 395 24.15 45.77 -4.97
CA ALA B 395 24.80 47.04 -4.69
C ALA B 395 24.06 48.22 -5.32
N ALA B 396 23.30 47.98 -6.39
CA ALA B 396 22.51 49.02 -7.04
C ALA B 396 21.04 48.96 -6.68
N GLU B 397 20.67 48.13 -5.70
CA GLU B 397 19.28 47.95 -5.28
C GLU B 397 18.40 47.55 -6.47
N GLN B 398 18.88 46.57 -7.25
CA GLN B 398 18.22 46.11 -8.44
C GLN B 398 17.93 44.62 -8.35
N GLN B 399 16.93 44.17 -9.11
CA GLN B 399 16.64 42.76 -9.30
C GLN B 399 16.23 42.53 -10.74
N LEU B 400 16.78 41.48 -11.35
CA LEU B 400 16.50 41.15 -12.74
C LEU B 400 15.49 40.02 -12.78
N ILE B 401 14.45 40.18 -13.59
CA ILE B 401 13.38 39.21 -13.73
C ILE B 401 13.42 38.64 -15.13
N LYS B 402 13.34 37.31 -15.26
CA LYS B 402 13.59 36.65 -16.53
C LYS B 402 12.33 36.29 -17.30
N GLN B 403 11.18 36.14 -16.64
CA GLN B 403 9.94 35.69 -17.36
C GLN B 403 10.16 34.30 -17.95
N ILE B 404 10.30 33.27 -17.11
CA ILE B 404 10.61 31.89 -17.58
C ILE B 404 9.42 31.25 -18.31
N LYS B 405 8.21 31.34 -17.76
CA LYS B 405 7.00 30.80 -18.44
C LYS B 405 5.92 31.87 -18.44
N SER B 406 5.42 32.21 -19.63
CA SER B 406 4.40 33.28 -19.74
C SER B 406 3.24 32.76 -20.59
N ARG B 407 2.12 32.55 -19.94
CA ARG B 407 0.93 32.14 -20.69
C ARG B 407 0.04 33.31 -21.09
N TYR B 408 0.35 34.52 -20.64
CA TYR B 408 -0.38 35.71 -21.05
C TYR B 408 0.20 36.38 -22.28
N GLY B 409 1.37 35.93 -22.74
CA GLY B 409 2.00 36.55 -23.90
C GLY B 409 3.30 35.86 -24.22
N ASP B 410 4.02 36.44 -25.18
CA ASP B 410 5.29 35.89 -25.60
C ASP B 410 6.37 36.26 -24.60
N LYS B 411 6.99 35.27 -23.98
CA LYS B 411 8.01 35.50 -22.98
C LYS B 411 9.34 35.95 -23.58
N ASN B 412 9.50 35.87 -24.89
CA ASN B 412 10.72 36.30 -25.56
C ASN B 412 10.66 37.76 -26.01
N LYS B 413 9.59 38.47 -25.70
CA LYS B 413 9.45 39.85 -26.13
C LYS B 413 10.17 40.82 -25.19
N TRP B 414 9.94 40.67 -23.89
CA TRP B 414 10.50 41.54 -22.85
C TRP B 414 11.07 40.69 -21.72
N ASN B 415 11.93 39.74 -22.09
CA ASN B 415 12.40 38.72 -21.15
C ASN B 415 12.97 39.33 -19.87
N LYS B 416 13.79 40.37 -19.99
CA LYS B 416 14.44 41.00 -18.84
C LYS B 416 14.01 42.46 -18.72
N PHE B 417 13.72 42.90 -17.49
CA PHE B 417 13.39 44.30 -17.29
C PHE B 417 13.97 44.93 -16.02
N LEU B 418 14.77 44.22 -15.22
CA LEU B 418 15.63 44.83 -14.21
C LEU B 418 14.83 45.65 -13.19
N MET B 419 14.04 44.94 -12.40
CA MET B 419 13.18 45.57 -11.39
C MET B 419 14.00 46.24 -10.28
N GLY B 420 13.51 47.38 -9.81
CA GLY B 420 14.12 48.16 -8.74
C GLY B 420 13.74 47.75 -7.32
N VAL B 421 14.37 46.73 -6.77
CA VAL B 421 14.01 46.29 -5.41
C VAL B 421 14.43 47.33 -4.38
N GLN B 422 13.67 47.38 -3.28
CA GLN B 422 14.04 48.14 -2.08
C GLN B 422 13.74 47.24 -0.89
N LYS B 423 14.79 46.68 -0.29
CA LYS B 423 14.62 45.70 0.77
C LYS B 423 14.26 46.33 2.10
N GLY B 424 14.71 47.56 2.35
CA GLY B 424 14.34 48.23 3.59
C GLY B 424 12.84 48.51 3.67
N ASN B 425 12.26 49.02 2.59
CA ASN B 425 10.82 49.23 2.51
C ASN B 425 10.08 48.00 2.00
N GLN B 426 10.80 46.97 1.57
CA GLN B 426 10.18 45.72 1.10
C GLN B 426 9.22 45.97 -0.05
N LYS B 427 9.73 46.55 -1.13
CA LYS B 427 8.88 46.90 -2.26
C LYS B 427 9.66 46.83 -3.56
N TRP B 428 8.92 46.87 -4.66
CA TRP B 428 9.47 46.96 -6.01
C TRP B 428 9.07 48.29 -6.62
N VAL B 429 10.05 49.00 -7.19
CA VAL B 429 9.81 50.23 -7.92
C VAL B 429 10.44 50.10 -9.30
N GLU B 430 9.84 50.78 -10.28
CA GLU B 430 10.30 50.66 -11.65
C GLU B 430 11.57 51.49 -11.86
N ILE B 431 12.15 51.34 -13.05
CA ILE B 431 13.34 52.08 -13.45
C ILE B 431 12.97 52.96 -14.65
N GLU B 432 11.72 53.41 -14.67
CA GLU B 432 11.23 54.26 -15.76
C GLU B 432 12.05 55.54 -15.90
N MET C 1 -40.39 -14.90 -21.92
CA MET C 1 -40.66 -14.09 -23.11
C MET C 1 -40.93 -14.97 -24.32
N VAL C 2 -41.42 -16.19 -24.07
CA VAL C 2 -41.70 -17.11 -25.16
C VAL C 2 -42.81 -16.58 -26.05
N GLU C 3 -43.79 -15.89 -25.48
CA GLU C 3 -44.86 -15.30 -26.28
C GLU C 3 -44.31 -14.30 -27.28
N ILE C 4 -43.41 -13.43 -26.83
CA ILE C 4 -42.80 -12.45 -27.72
C ILE C 4 -42.00 -13.15 -28.81
N ILE C 5 -41.24 -14.18 -28.44
CA ILE C 5 -40.41 -14.89 -29.42
C ILE C 5 -41.27 -15.53 -30.49
N LEU C 6 -42.34 -16.22 -30.09
CA LEU C 6 -43.22 -16.85 -31.06
C LEU C 6 -43.93 -15.81 -31.93
N SER C 7 -44.42 -14.73 -31.32
CA SER C 7 -45.13 -13.71 -32.09
C SER C 7 -44.23 -13.07 -33.13
N HIS C 8 -42.98 -12.77 -32.77
CA HIS C 8 -42.06 -12.16 -33.72
C HIS C 8 -41.43 -13.17 -34.67
N LEU C 9 -41.54 -14.47 -34.36
CA LEU C 9 -41.21 -15.47 -35.36
C LEU C 9 -42.28 -15.54 -36.43
N ILE C 10 -43.55 -15.52 -36.04
CA ILE C 10 -44.63 -15.62 -37.01
C ILE C 10 -44.72 -14.36 -37.87
N PHE C 11 -44.58 -13.18 -37.26
CA PHE C 11 -44.88 -11.92 -37.94
C PHE C 11 -43.61 -11.22 -38.45
N ASP C 12 -42.67 -10.94 -37.56
CA ASP C 12 -41.46 -10.23 -37.97
C ASP C 12 -40.63 -11.11 -38.90
N GLN C 13 -39.89 -10.46 -39.80
CA GLN C 13 -39.16 -11.15 -40.86
C GLN C 13 -37.66 -11.15 -40.67
N ALA C 14 -37.05 -9.98 -40.48
CA ALA C 14 -35.60 -9.91 -40.26
C ALA C 14 -35.21 -10.63 -38.98
N TYR C 15 -36.03 -10.49 -37.93
CA TYR C 15 -35.82 -11.24 -36.71
C TYR C 15 -35.87 -12.74 -36.97
N PHE C 16 -36.82 -13.19 -37.79
CA PHE C 16 -36.89 -14.59 -38.17
C PHE C 16 -35.63 -15.03 -38.89
N SER C 17 -35.14 -14.20 -39.81
CA SER C 17 -33.94 -14.56 -40.56
C SER C 17 -32.73 -14.68 -39.65
N LYS C 18 -32.60 -13.78 -38.68
CA LYS C 18 -31.42 -13.80 -37.81
C LYS C 18 -31.50 -14.89 -36.75
N VAL C 19 -32.70 -15.20 -36.24
CA VAL C 19 -32.82 -16.05 -35.05
C VAL C 19 -33.22 -17.49 -35.35
N TRP C 20 -33.79 -17.76 -36.52
CA TRP C 20 -34.31 -19.11 -36.78
C TRP C 20 -33.23 -20.18 -36.76
N PRO C 21 -32.07 -20.02 -37.39
CA PRO C 21 -31.06 -21.10 -37.33
C PRO C 21 -30.65 -21.47 -35.93
N TYR C 22 -30.59 -20.51 -35.01
CA TYR C 22 -30.26 -20.79 -33.61
C TYR C 22 -31.53 -21.03 -32.78
N MET C 23 -32.37 -21.95 -33.24
CA MET C 23 -33.61 -22.28 -32.53
C MET C 23 -33.76 -23.79 -32.46
N ASP C 24 -34.11 -24.29 -31.28
CA ASP C 24 -34.37 -25.71 -31.08
C ASP C 24 -35.58 -25.88 -30.18
N SER C 25 -36.27 -27.00 -30.35
CA SER C 25 -37.48 -27.26 -29.57
C SER C 25 -37.19 -27.47 -28.09
N GLU C 26 -35.94 -27.78 -27.73
CA GLU C 26 -35.58 -27.98 -26.34
C GLU C 26 -35.39 -26.68 -25.59
N TYR C 27 -35.32 -25.55 -26.29
CA TYR C 27 -35.08 -24.26 -25.65
C TYR C 27 -36.32 -23.63 -25.05
N PHE C 28 -37.52 -24.11 -25.39
CA PHE C 28 -38.73 -23.36 -25.05
C PHE C 28 -39.38 -23.83 -23.75
N GLU C 29 -39.89 -25.06 -23.73
CA GLU C 29 -40.64 -25.57 -22.58
C GLU C 29 -40.94 -27.04 -22.83
N SER C 30 -41.72 -27.64 -21.94
CA SER C 30 -42.29 -28.97 -22.15
C SER C 30 -43.80 -28.93 -22.27
N GLY C 31 -44.39 -27.76 -22.45
CA GLY C 31 -45.83 -27.62 -22.52
C GLY C 31 -46.31 -26.96 -23.80
N PRO C 32 -47.20 -25.99 -23.67
CA PRO C 32 -47.77 -25.34 -24.87
C PRO C 32 -46.73 -24.67 -25.75
N ALA C 33 -45.69 -24.08 -25.16
CA ALA C 33 -44.67 -23.41 -25.96
C ALA C 33 -43.94 -24.39 -26.87
N LYS C 34 -43.58 -25.56 -26.34
CA LYS C 34 -42.89 -26.55 -27.14
C LYS C 34 -43.78 -27.05 -28.28
N ASN C 35 -45.06 -27.28 -28.00
CA ASN C 35 -45.98 -27.73 -29.04
C ASN C 35 -46.14 -26.68 -30.13
N THR C 36 -46.28 -25.41 -29.74
CA THR C 36 -46.41 -24.34 -30.73
C THR C 36 -45.16 -24.23 -31.59
N PHE C 37 -43.98 -24.32 -30.96
CA PHE C 37 -42.74 -24.24 -31.74
C PHE C 37 -42.60 -25.44 -32.65
N LYS C 38 -43.02 -26.62 -32.20
CA LYS C 38 -42.98 -27.80 -33.07
C LYS C 38 -43.91 -27.63 -34.27
N LEU C 39 -45.10 -27.07 -34.05
CA LEU C 39 -46.00 -26.80 -35.17
C LEU C 39 -45.37 -25.82 -36.16
N ILE C 40 -44.77 -24.75 -35.64
CA ILE C 40 -44.15 -23.75 -36.51
C ILE C 40 -43.00 -24.37 -37.29
N LYS C 41 -42.18 -25.17 -36.63
CA LYS C 41 -41.03 -25.79 -37.30
C LYS C 41 -41.49 -26.79 -38.35
N SER C 42 -42.52 -27.59 -38.05
CA SER C 42 -43.05 -28.51 -39.05
C SER C 42 -43.59 -27.76 -40.25
N HIS C 43 -44.32 -26.67 -40.02
CA HIS C 43 -44.85 -25.89 -41.13
C HIS C 43 -43.73 -25.28 -41.97
N VAL C 44 -42.69 -24.77 -41.33
CA VAL C 44 -41.61 -24.15 -42.09
C VAL C 44 -40.79 -25.20 -42.82
N ASN C 45 -40.75 -26.43 -42.31
CA ASN C 45 -40.06 -27.50 -43.04
C ASN C 45 -40.88 -27.96 -44.23
N GLU C 46 -42.19 -28.11 -44.07
CA GLU C 46 -43.05 -28.47 -45.20
C GLU C 46 -43.02 -27.37 -46.26
N TYR C 47 -43.49 -26.18 -45.91
CA TYR C 47 -43.45 -25.01 -46.78
C TYR C 47 -42.36 -24.09 -46.27
N HIS C 48 -41.39 -23.76 -47.14
CA HIS C 48 -40.24 -22.95 -46.74
C HIS C 48 -40.64 -21.48 -46.60
N SER C 49 -41.59 -21.24 -45.69
CA SER C 49 -42.08 -19.90 -45.41
C SER C 49 -42.68 -19.89 -44.02
N VAL C 50 -42.77 -18.70 -43.45
CA VAL C 50 -43.33 -18.55 -42.09
C VAL C 50 -44.84 -18.71 -42.15
N PRO C 51 -45.44 -19.50 -41.28
CA PRO C 51 -46.90 -19.69 -41.31
C PRO C 51 -47.65 -18.49 -40.75
N SER C 52 -48.95 -18.51 -40.92
CA SER C 52 -49.86 -17.51 -40.40
C SER C 52 -50.70 -18.10 -39.28
N ILE C 53 -51.48 -17.23 -38.62
CA ILE C 53 -52.31 -17.67 -37.51
C ILE C 53 -53.38 -18.65 -37.99
N ASN C 54 -54.00 -18.36 -39.13
CA ASN C 54 -54.95 -19.31 -39.71
C ASN C 54 -54.27 -20.61 -40.08
N ALA C 55 -53.04 -20.54 -40.59
CA ALA C 55 -52.27 -21.75 -40.87
C ALA C 55 -52.00 -22.53 -39.59
N LEU C 56 -51.70 -21.82 -38.49
CA LEU C 56 -51.50 -22.49 -37.21
C LEU C 56 -52.76 -23.19 -36.75
N ASN C 57 -53.91 -22.54 -36.90
CA ASN C 57 -55.18 -23.17 -36.52
C ASN C 57 -55.45 -24.40 -37.37
N VAL C 58 -55.17 -24.32 -38.68
CA VAL C 58 -55.35 -25.47 -39.56
C VAL C 58 -54.43 -26.61 -39.15
N ALA C 59 -53.17 -26.30 -38.82
CA ALA C 59 -52.23 -27.33 -38.39
C ALA C 59 -52.68 -27.97 -37.08
N LEU C 60 -53.20 -27.17 -36.16
CA LEU C 60 -53.76 -27.72 -34.93
C LEU C 60 -54.93 -28.65 -35.23
N GLU C 61 -55.80 -28.26 -36.16
CA GLU C 61 -56.96 -29.09 -36.48
C GLU C 61 -56.53 -30.42 -37.10
N ASN C 62 -55.71 -30.38 -38.15
CA ASN C 62 -55.33 -31.62 -38.84
C ASN C 62 -54.35 -32.44 -38.00
N SER C 63 -53.33 -31.80 -37.45
CA SER C 63 -52.35 -32.46 -36.59
C SER C 63 -52.73 -32.17 -35.14
N SER C 64 -53.35 -33.15 -34.48
CA SER C 64 -53.93 -32.95 -33.16
C SER C 64 -53.07 -33.59 -32.09
N PHE C 65 -53.20 -33.06 -30.88
CA PHE C 65 -52.59 -33.61 -29.68
C PHE C 65 -53.68 -34.05 -28.72
N THR C 66 -53.28 -34.51 -27.55
CA THR C 66 -54.26 -34.81 -26.50
C THR C 66 -54.92 -33.52 -26.04
N GLU C 67 -56.25 -33.55 -25.88
CA GLU C 67 -57.01 -32.29 -25.60
C GLU C 67 -56.51 -31.57 -24.34
N THR C 68 -56.04 -32.30 -23.34
CA THR C 68 -55.53 -31.67 -22.10
C THR C 68 -54.58 -30.54 -22.47
N GLU C 69 -53.55 -30.85 -23.27
CA GLU C 69 -52.55 -29.83 -23.70
C GLU C 69 -53.11 -29.08 -24.91
N TYR C 70 -53.96 -29.73 -25.70
CA TYR C 70 -54.43 -29.09 -26.93
C TYR C 70 -55.17 -27.79 -26.61
N SER C 71 -55.96 -27.80 -25.53
CA SER C 71 -56.63 -26.58 -25.10
C SER C 71 -55.60 -25.51 -24.70
N GLY C 72 -54.55 -25.92 -23.99
CA GLY C 72 -53.51 -24.96 -23.62
C GLY C 72 -52.78 -24.41 -24.83
N VAL C 73 -52.58 -25.23 -25.85
CA VAL C 73 -51.92 -24.76 -27.06
C VAL C 73 -52.82 -23.80 -27.83
N LYS C 74 -54.11 -24.13 -27.95
CA LYS C 74 -55.02 -23.26 -28.68
C LYS C 74 -55.23 -21.93 -27.96
N THR C 75 -55.19 -21.94 -26.62
CA THR C 75 -55.23 -20.67 -25.89
C THR C 75 -53.87 -19.99 -25.85
N LEU C 76 -52.79 -20.72 -26.18
CA LEU C 76 -51.49 -20.08 -26.32
C LEU C 76 -51.43 -19.27 -27.61
N ILE C 77 -51.98 -19.80 -28.70
CA ILE C 77 -52.10 -19.03 -29.94
C ILE C 77 -53.43 -18.30 -29.85
N SER C 78 -53.45 -17.26 -29.04
CA SER C 78 -54.47 -16.23 -29.09
C SER C 78 -53.91 -14.87 -28.73
N LYS C 79 -52.60 -14.76 -28.48
CA LYS C 79 -51.98 -13.55 -28.00
C LYS C 79 -50.83 -13.07 -28.89
N LEU C 80 -50.41 -13.85 -29.87
CA LEU C 80 -49.29 -13.47 -30.74
C LEU C 80 -49.73 -12.30 -31.62
N ALA C 81 -49.21 -11.12 -31.33
CA ALA C 81 -49.52 -9.91 -32.08
C ALA C 81 -48.25 -9.36 -32.73
N ASP C 82 -48.43 -8.36 -33.58
CA ASP C 82 -47.32 -7.74 -34.28
C ASP C 82 -46.34 -7.11 -33.31
N SER C 83 -46.80 -6.10 -32.55
CA SER C 83 -46.03 -5.47 -31.49
C SER C 83 -44.64 -5.05 -31.99
N PRO C 84 -44.54 -4.01 -32.80
CA PRO C 84 -43.27 -3.71 -33.46
C PRO C 84 -42.17 -3.25 -32.51
N GLU C 85 -41.52 -4.20 -31.85
CA GLU C 85 -40.40 -3.90 -30.97
C GLU C 85 -39.14 -3.63 -31.77
N ASP C 86 -38.16 -3.02 -31.12
CA ASP C 86 -36.88 -2.75 -31.76
C ASP C 86 -36.10 -4.04 -31.96
N HIS C 87 -35.31 -4.07 -33.04
CA HIS C 87 -34.67 -5.31 -33.46
C HIS C 87 -33.53 -5.71 -32.52
N SER C 88 -32.70 -4.74 -32.12
CA SER C 88 -31.53 -5.05 -31.31
C SER C 88 -31.92 -5.62 -29.96
N TRP C 89 -32.88 -4.98 -29.28
CA TRP C 89 -33.32 -5.48 -27.98
C TRP C 89 -33.94 -6.87 -28.11
N LEU C 90 -34.75 -7.08 -29.16
CA LEU C 90 -35.39 -8.37 -29.34
C LEU C 90 -34.36 -9.47 -29.55
N VAL C 91 -33.35 -9.20 -30.39
CA VAL C 91 -32.31 -10.20 -30.63
C VAL C 91 -31.52 -10.47 -29.36
N LYS C 92 -31.14 -9.42 -28.62
CA LYS C 92 -30.37 -9.62 -27.41
C LYS C 92 -31.16 -10.40 -26.36
N GLU C 93 -32.44 -10.09 -26.19
CA GLU C 93 -33.24 -10.80 -25.20
C GLU C 93 -33.46 -12.25 -25.60
N THR C 94 -33.69 -12.51 -26.89
CA THR C 94 -33.84 -13.89 -27.35
C THR C 94 -32.54 -14.67 -27.13
N GLU C 95 -31.40 -14.03 -27.40
CA GLU C 95 -30.11 -14.68 -27.16
C GLU C 95 -29.93 -15.01 -25.69
N LYS C 96 -30.26 -14.07 -24.80
CA LYS C 96 -30.14 -14.33 -23.37
C LYS C 96 -31.06 -15.47 -22.94
N TYR C 97 -32.29 -15.49 -23.47
CA TYR C 97 -33.23 -16.54 -23.11
C TYR C 97 -32.72 -17.91 -23.55
N VAL C 98 -32.23 -18.01 -24.79
CA VAL C 98 -31.78 -19.30 -25.29
C VAL C 98 -30.50 -19.73 -24.55
N GLN C 99 -29.63 -18.78 -24.19
CA GLN C 99 -28.45 -19.13 -23.43
C GLN C 99 -28.81 -19.66 -22.05
N GLN C 100 -29.77 -19.01 -21.38
CA GLN C 100 -30.21 -19.48 -20.07
C GLN C 100 -30.81 -20.87 -20.16
N ARG C 101 -31.66 -21.10 -21.15
CA ARG C 101 -32.27 -22.42 -21.29
C ARG C 101 -31.25 -23.47 -21.67
N ALA C 102 -30.24 -23.12 -22.46
CA ALA C 102 -29.17 -24.07 -22.78
C ALA C 102 -28.37 -24.44 -21.54
N MET C 103 -28.07 -23.46 -20.69
CA MET C 103 -27.38 -23.76 -19.44
C MET C 103 -28.22 -24.68 -18.55
N PHE C 104 -29.53 -24.39 -18.46
CA PHE C 104 -30.41 -25.24 -17.66
C PHE C 104 -30.44 -26.67 -18.20
N ASN C 105 -30.55 -26.82 -19.52
CA ASN C 105 -30.59 -28.14 -20.13
C ASN C 105 -29.28 -28.89 -19.92
N ALA C 106 -28.15 -28.19 -20.05
CA ALA C 106 -26.86 -28.84 -19.84
C ALA C 106 -26.70 -29.29 -18.38
N THR C 107 -27.11 -28.46 -17.43
CA THR C 107 -27.04 -28.86 -16.03
C THR C 107 -27.93 -30.06 -15.76
N SER C 108 -29.15 -30.07 -16.30
CA SER C 108 -30.03 -31.22 -16.12
C SER C 108 -29.43 -32.47 -16.75
N LYS C 109 -28.81 -32.33 -17.93
CA LYS C 109 -28.22 -33.48 -18.59
C LYS C 109 -27.05 -34.05 -17.79
N ILE C 110 -26.19 -33.19 -17.26
CA ILE C 110 -25.06 -33.70 -16.49
C ILE C 110 -25.54 -34.33 -15.18
N ILE C 111 -26.59 -33.77 -14.57
CA ILE C 111 -27.16 -34.38 -13.38
C ILE C 111 -27.72 -35.77 -13.70
N GLU C 112 -28.41 -35.89 -14.83
CA GLU C 112 -28.95 -37.20 -15.24
C GLU C 112 -27.82 -38.19 -15.52
N ILE C 113 -26.74 -37.73 -16.14
CA ILE C 113 -25.59 -38.60 -16.40
C ILE C 113 -24.99 -39.09 -15.09
N GLN C 114 -24.82 -38.20 -14.12
CA GLN C 114 -24.28 -38.60 -12.83
C GLN C 114 -25.22 -39.59 -12.13
N THR C 115 -26.52 -39.36 -12.20
CA THR C 115 -27.47 -40.29 -11.60
C THR C 115 -27.40 -41.66 -12.26
N ASN C 116 -27.28 -41.68 -13.59
CA ASN C 116 -27.19 -42.95 -14.31
C ASN C 116 -25.91 -43.69 -13.95
N ALA C 117 -24.80 -42.97 -13.79
CA ALA C 117 -23.54 -43.60 -13.44
C ALA C 117 -23.62 -44.29 -12.08
N GLU C 118 -24.39 -43.71 -11.15
CA GLU C 118 -24.53 -44.32 -9.83
C GLU C 118 -25.30 -45.64 -9.91
N LEU C 119 -26.21 -45.75 -10.85
CA LEU C 119 -27.03 -46.95 -10.96
C LEU C 119 -26.15 -48.14 -11.37
N PRO C 120 -26.50 -49.35 -10.94
CA PRO C 120 -25.73 -50.54 -11.35
C PRO C 120 -25.82 -50.75 -12.85
N PRO C 121 -24.77 -51.33 -13.45
CA PRO C 121 -24.75 -51.49 -14.92
C PRO C 121 -25.87 -52.37 -15.44
N GLU C 122 -26.46 -53.18 -14.57
CA GLU C 122 -27.53 -54.07 -15.00
C GLU C 122 -28.74 -53.30 -15.53
N LYS C 123 -29.13 -52.23 -14.84
CA LYS C 123 -30.34 -51.49 -15.16
C LYS C 123 -30.07 -50.08 -15.67
N ARG C 124 -28.81 -49.72 -15.91
CA ARG C 124 -28.49 -48.37 -16.33
C ARG C 124 -28.92 -48.13 -17.77
N ASN C 125 -29.35 -46.90 -18.06
CA ASN C 125 -29.78 -46.54 -19.40
C ASN C 125 -28.60 -46.51 -20.36
N LYS C 126 -28.87 -46.87 -21.62
CA LYS C 126 -27.81 -46.92 -22.62
C LYS C 126 -27.72 -45.66 -23.46
N LYS C 127 -28.82 -44.91 -23.60
CA LYS C 127 -28.80 -43.70 -24.41
C LYS C 127 -28.03 -42.57 -23.75
N MET C 128 -27.97 -42.57 -22.42
CA MET C 128 -27.29 -41.50 -21.71
C MET C 128 -25.78 -41.58 -21.94
N PRO C 129 -25.12 -40.45 -22.12
CA PRO C 129 -23.66 -40.47 -22.32
C PRO C 129 -22.92 -40.83 -21.04
N ASP C 130 -21.65 -41.16 -21.20
CA ASP C 130 -20.80 -41.46 -20.06
C ASP C 130 -20.44 -40.17 -19.32
N VAL C 131 -19.84 -40.34 -18.14
CA VAL C 131 -19.45 -39.20 -17.33
C VAL C 131 -18.37 -38.39 -18.02
N GLY C 132 -17.50 -39.05 -18.79
CA GLY C 132 -16.43 -38.35 -19.48
C GLY C 132 -16.92 -37.31 -20.48
N ALA C 133 -18.17 -37.41 -20.92
CA ALA C 133 -18.75 -36.43 -21.83
C ALA C 133 -19.33 -35.22 -21.11
N ILE C 134 -19.30 -35.21 -19.78
CA ILE C 134 -19.88 -34.09 -19.04
C ILE C 134 -19.19 -32.76 -19.35
N PRO C 135 -17.86 -32.66 -19.37
CA PRO C 135 -17.25 -31.35 -19.65
C PRO C 135 -17.56 -30.81 -21.04
N ASP C 136 -17.32 -31.61 -22.08
CA ASP C 136 -17.41 -31.10 -23.44
C ASP C 136 -18.81 -30.60 -23.77
N ILE C 137 -19.85 -31.36 -23.40
CA ILE C 137 -21.21 -30.90 -23.66
C ILE C 137 -21.47 -29.59 -22.92
N MET C 138 -20.90 -29.44 -21.72
CA MET C 138 -21.03 -28.17 -21.00
C MET C 138 -20.43 -27.04 -21.82
N ARG C 139 -19.27 -27.29 -22.44
CA ARG C 139 -18.69 -26.31 -23.34
C ARG C 139 -19.65 -26.00 -24.49
N GLN C 140 -20.33 -27.03 -24.99
CA GLN C 140 -21.30 -26.83 -26.06
C GLN C 140 -22.42 -25.90 -25.61
N ALA C 141 -22.71 -25.85 -24.32
CA ALA C 141 -23.69 -24.92 -23.80
C ALA C 141 -23.09 -23.56 -23.48
N LEU C 142 -21.78 -23.48 -23.25
CA LEU C 142 -21.15 -22.20 -22.97
C LEU C 142 -21.05 -21.34 -24.23
N SER C 143 -20.67 -21.95 -25.35
CA SER C 143 -20.47 -21.22 -26.60
C SER C 143 -21.72 -21.32 -27.47
N ILE C 144 -22.78 -20.67 -27.00
CA ILE C 144 -24.03 -20.54 -27.75
C ILE C 144 -24.34 -19.06 -27.87
N SER C 145 -24.47 -18.58 -29.10
CA SER C 145 -24.71 -17.17 -29.36
C SER C 145 -25.21 -17.02 -30.79
N PHE C 146 -25.62 -15.80 -31.12
CA PHE C 146 -26.10 -15.49 -32.47
C PHE C 146 -25.02 -14.88 -33.34
N ASP C 147 -23.79 -14.80 -32.86
CA ASP C 147 -22.69 -14.22 -33.64
C ASP C 147 -22.17 -15.27 -34.61
N SER C 148 -22.54 -15.12 -35.88
CA SER C 148 -22.06 -16.04 -36.90
C SER C 148 -20.56 -15.88 -37.18
N TYR C 149 -19.98 -14.76 -36.80
CA TYR C 149 -18.55 -14.50 -36.98
C TYR C 149 -17.87 -14.50 -35.62
N VAL C 150 -16.82 -15.31 -35.49
CA VAL C 150 -16.04 -15.34 -34.26
C VAL C 150 -14.75 -14.54 -34.37
N GLY C 151 -14.27 -14.30 -35.58
CA GLY C 151 -13.10 -13.48 -35.78
C GLY C 151 -13.03 -13.00 -37.21
N HIS C 152 -11.81 -12.71 -37.65
CA HIS C 152 -11.56 -12.32 -39.03
C HIS C 152 -10.72 -13.40 -39.70
N ASP C 153 -11.21 -13.93 -40.81
CA ASP C 153 -10.52 -14.97 -41.55
C ASP C 153 -9.86 -14.36 -42.78
N TRP C 154 -8.59 -14.70 -43.00
CA TRP C 154 -7.82 -14.04 -44.04
C TRP C 154 -8.34 -14.40 -45.43
N MET C 155 -8.55 -15.69 -45.70
CA MET C 155 -8.97 -16.12 -47.02
C MET C 155 -10.49 -16.09 -47.18
N ASP C 156 -11.23 -16.43 -46.12
CA ASP C 156 -12.69 -16.42 -46.21
C ASP C 156 -13.22 -15.00 -46.38
N ASP C 157 -12.62 -14.03 -45.68
CA ASP C 157 -13.10 -12.65 -45.67
C ASP C 157 -12.19 -11.72 -46.48
N TYR C 158 -11.67 -12.21 -47.60
CA TYR C 158 -10.93 -11.30 -48.49
C TYR C 158 -11.84 -10.22 -49.04
N GLU C 159 -13.07 -10.57 -49.38
CA GLU C 159 -14.11 -9.58 -49.57
C GLU C 159 -14.53 -9.02 -48.21
N ALA C 160 -15.09 -7.80 -48.25
CA ALA C 160 -15.41 -6.97 -47.09
C ALA C 160 -14.16 -6.46 -46.39
N ARG C 161 -12.96 -6.87 -46.83
CA ARG C 161 -11.72 -6.22 -46.43
C ARG C 161 -11.15 -5.35 -47.53
N TRP C 162 -11.36 -5.72 -48.79
CA TRP C 162 -11.02 -4.84 -49.90
C TRP C 162 -11.90 -3.60 -49.91
N LEU C 163 -13.14 -3.72 -49.41
CA LEU C 163 -14.00 -2.55 -49.29
C LEU C 163 -13.38 -1.50 -48.38
N SER C 164 -12.74 -1.94 -47.29
CA SER C 164 -12.05 -1.02 -46.40
C SER C 164 -10.84 -0.37 -47.05
N TYR C 165 -10.35 -0.91 -48.17
CA TYR C 165 -9.22 -0.30 -48.87
C TYR C 165 -9.67 0.70 -49.92
N MET C 166 -10.77 0.42 -50.62
CA MET C 166 -11.30 1.37 -51.60
C MET C 166 -11.82 2.61 -50.90
N ASN C 167 -12.83 2.45 -50.04
CA ASN C 167 -13.27 3.51 -49.16
C ASN C 167 -12.52 3.37 -47.85
N LYS C 168 -11.76 4.41 -47.49
CA LYS C 168 -10.88 4.32 -46.33
C LYS C 168 -11.67 4.03 -45.06
N ALA C 169 -12.72 4.81 -44.79
CA ALA C 169 -13.61 4.62 -43.65
C ALA C 169 -12.87 4.75 -42.32
N ARG C 170 -11.59 5.06 -42.37
CA ARG C 170 -10.78 5.30 -41.18
C ARG C 170 -9.98 6.60 -41.27
N LYS C 171 -9.48 6.94 -42.45
CA LYS C 171 -8.61 8.10 -42.59
C LYS C 171 -9.39 9.40 -42.42
N VAL C 172 -8.79 10.34 -41.70
CA VAL C 172 -9.31 11.70 -41.58
C VAL C 172 -8.20 12.66 -41.99
N PRO C 173 -8.33 13.36 -43.12
CA PRO C 173 -7.25 14.23 -43.59
C PRO C 173 -6.93 15.34 -42.61
N PHE C 174 -5.74 15.92 -42.77
CA PHE C 174 -5.18 16.85 -41.81
C PHE C 174 -5.32 18.31 -42.21
N LYS C 175 -5.71 18.59 -43.47
CA LYS C 175 -5.79 19.95 -44.01
C LYS C 175 -4.41 20.56 -44.18
N LEU C 176 -3.38 19.82 -43.76
CA LEU C 176 -1.99 20.18 -43.99
C LEU C 176 -1.35 19.13 -44.88
N ARG C 177 -0.72 19.58 -45.96
CA ARG C 177 -0.19 18.65 -46.95
C ARG C 177 0.96 17.83 -46.39
N ILE C 178 1.80 18.42 -45.54
CA ILE C 178 2.95 17.70 -44.99
C ILE C 178 2.47 16.58 -44.08
N LEU C 179 1.48 16.86 -43.22
CA LEU C 179 0.98 15.83 -42.32
C LEU C 179 0.28 14.72 -43.08
N ASN C 180 -0.48 15.07 -44.13
CA ASN C 180 -1.10 14.04 -44.96
C ASN C 180 -0.05 13.20 -45.67
N LYS C 181 1.05 13.83 -46.10
CA LYS C 181 2.12 13.08 -46.77
C LYS C 181 2.80 12.11 -45.81
N ILE C 182 3.14 12.58 -44.62
CA ILE C 182 3.78 11.68 -43.64
C ILE C 182 2.81 10.71 -43.02
N THR C 183 1.51 10.90 -43.21
CA THR C 183 0.49 10.03 -42.63
C THR C 183 -0.23 9.19 -43.67
N LYS C 184 -0.12 9.54 -44.96
CA LYS C 184 -0.75 8.80 -46.05
C LYS C 184 -2.27 8.75 -45.88
N GLY C 185 -2.86 9.94 -45.78
CA GLY C 185 -4.30 10.08 -45.69
C GLY C 185 -4.82 10.66 -44.39
N GLY C 186 -3.97 10.92 -43.41
CA GLY C 186 -4.39 11.52 -42.16
C GLY C 186 -4.56 10.50 -41.06
N ALA C 187 -4.87 11.00 -39.87
CA ALA C 187 -5.05 10.16 -38.71
C ALA C 187 -6.28 9.28 -38.87
N GLU C 188 -6.23 8.10 -38.26
CA GLU C 188 -7.29 7.11 -38.38
C GLU C 188 -8.20 7.13 -37.16
N THR C 189 -9.43 6.67 -37.36
CA THR C 189 -10.40 6.62 -36.28
C THR C 189 -9.99 5.57 -35.25
N GLY C 190 -10.44 5.77 -34.01
CA GLY C 190 -10.08 4.86 -32.93
C GLY C 190 -8.60 4.84 -32.65
N THR C 191 -7.96 6.00 -32.60
CA THR C 191 -6.52 6.09 -32.40
C THR C 191 -6.21 7.17 -31.38
N LEU C 192 -5.04 7.05 -30.76
CA LEU C 192 -4.53 8.03 -29.81
C LEU C 192 -3.32 8.72 -30.43
N ASN C 193 -3.43 10.02 -30.65
CA ASN C 193 -2.35 10.82 -31.25
C ASN C 193 -1.86 11.83 -30.23
N VAL C 194 -0.54 11.98 -30.14
CA VAL C 194 0.10 12.76 -29.09
C VAL C 194 1.07 13.77 -29.69
N LEU C 195 1.02 15.00 -29.19
CA LEU C 195 2.04 16.01 -29.44
C LEU C 195 2.84 16.18 -28.16
N MET C 196 4.14 15.89 -28.22
CA MET C 196 5.02 15.99 -27.06
C MET C 196 5.96 17.17 -27.25
N ALA C 197 6.09 17.99 -26.21
CA ALA C 197 6.98 19.14 -26.24
C ALA C 197 7.27 19.56 -24.81
N GLY C 198 8.18 20.52 -24.66
CA GLY C 198 8.53 21.03 -23.35
C GLY C 198 7.50 22.01 -22.82
N VAL C 199 7.74 22.50 -21.60
CA VAL C 199 6.74 23.39 -20.93
C VAL C 199 6.49 24.64 -21.79
N ASN C 200 5.21 25.01 -21.97
CA ASN C 200 4.86 26.23 -22.76
C ASN C 200 5.63 26.23 -24.09
N VAL C 201 5.80 25.06 -24.71
CA VAL C 201 6.50 24.98 -26.03
C VAL C 201 5.45 25.12 -27.15
N GLY C 202 4.21 24.74 -26.89
CA GLY C 202 3.14 24.92 -27.89
C GLY C 202 2.30 23.67 -28.10
N LYS C 203 2.06 22.91 -27.02
CA LYS C 203 1.20 21.71 -27.12
C LYS C 203 -0.24 22.16 -27.39
N SER C 204 -0.69 23.21 -26.69
CA SER C 204 -2.07 23.73 -26.90
C SER C 204 -2.15 24.47 -28.23
N LEU C 205 -1.06 25.15 -28.63
CA LEU C 205 -1.07 25.85 -29.91
C LEU C 205 -1.28 24.87 -31.06
N GLY C 206 -0.54 23.76 -31.06
CA GLY C 206 -0.70 22.77 -32.10
C GLY C 206 -2.06 22.10 -32.07
N LEU C 207 -2.56 21.82 -30.87
CA LEU C 207 -3.87 21.20 -30.74
C LEU C 207 -4.97 22.14 -31.23
N CYS C 208 -4.85 23.43 -30.93
CA CYS C 208 -5.84 24.40 -31.41
C CYS C 208 -5.76 24.56 -32.92
N SER C 209 -4.55 24.55 -33.49
CA SER C 209 -4.41 24.62 -34.93
C SER C 209 -5.04 23.40 -35.60
N LEU C 210 -4.82 22.21 -35.04
CA LEU C 210 -5.43 21.00 -35.57
C LEU C 210 -6.95 21.06 -35.45
N ALA C 211 -7.45 21.56 -34.32
CA ALA C 211 -8.89 21.68 -34.13
C ALA C 211 -9.49 22.64 -35.15
N ALA C 212 -8.82 23.77 -35.39
CA ALA C 212 -9.30 24.71 -36.39
C ALA C 212 -9.30 24.10 -37.79
N ASP C 213 -8.23 23.38 -38.14
CA ASP C 213 -8.16 22.74 -39.45
C ASP C 213 -9.26 21.70 -39.62
N TYR C 214 -9.51 20.89 -38.58
CA TYR C 214 -10.60 19.93 -38.62
C TYR C 214 -11.95 20.62 -38.73
N LEU C 215 -12.13 21.73 -38.01
CA LEU C 215 -13.38 22.46 -38.06
C LEU C 215 -13.63 23.02 -39.45
N GLN C 216 -12.58 23.44 -40.14
CA GLN C 216 -12.74 23.91 -41.51
C GLN C 216 -13.08 22.77 -42.46
N LEU C 217 -12.72 21.53 -42.11
CA LEU C 217 -13.12 20.37 -42.91
C LEU C 217 -14.39 19.72 -42.36
N GLY C 218 -15.39 20.54 -42.06
CA GLY C 218 -16.72 20.01 -41.72
C GLY C 218 -16.73 18.93 -40.65
N HIS C 219 -15.95 19.10 -39.59
CA HIS C 219 -15.83 18.09 -38.56
C HIS C 219 -16.40 18.60 -37.23
N ASN C 220 -16.99 17.68 -36.48
CA ASN C 220 -17.39 17.93 -35.10
C ASN C 220 -16.18 17.70 -34.20
N VAL C 221 -15.68 18.79 -33.62
CA VAL C 221 -14.50 18.76 -32.77
C VAL C 221 -14.91 19.11 -31.35
N LEU C 222 -14.55 18.25 -30.40
CA LEU C 222 -14.80 18.49 -28.98
C LEU C 222 -13.46 18.71 -28.29
N TYR C 223 -13.26 19.92 -27.79
CA TYR C 223 -12.03 20.29 -27.12
C TYR C 223 -12.28 20.21 -25.61
N ILE C 224 -11.70 19.18 -24.98
CA ILE C 224 -11.86 18.99 -23.51
C ILE C 224 -10.58 19.50 -22.85
N SER C 225 -10.70 20.37 -21.83
CA SER C 225 -9.50 20.98 -21.22
C SER C 225 -9.48 20.77 -19.71
N MET C 226 -8.55 19.98 -19.20
CA MET C 226 -8.41 19.82 -17.73
C MET C 226 -7.75 21.09 -17.20
N GLN C 227 -7.18 21.89 -18.10
CA GLN C 227 -6.53 23.17 -17.72
C GLN C 227 -6.80 24.18 -18.84
N MET C 228 -6.26 25.39 -18.75
CA MET C 228 -6.42 26.40 -19.83
C MET C 228 -7.87 26.88 -19.86
N ALA C 229 -8.70 26.41 -18.93
CA ALA C 229 -10.11 26.89 -18.84
C ALA C 229 -10.84 26.64 -20.16
N GLU C 230 -11.79 27.50 -20.50
CA GLU C 230 -12.56 27.35 -21.76
C GLU C 230 -12.31 28.57 -22.65
N GLU C 231 -12.75 29.74 -22.22
CA GLU C 231 -12.59 30.98 -23.03
C GLU C 231 -11.21 31.03 -23.68
N VAL C 232 -10.13 30.82 -22.91
CA VAL C 232 -8.76 30.95 -23.47
C VAL C 232 -8.65 30.14 -24.78
N CYS C 233 -9.24 28.94 -24.81
CA CYS C 233 -9.17 28.06 -25.98
C CYS C 233 -9.97 28.63 -27.13
N ALA C 234 -11.14 29.18 -26.84
CA ALA C 234 -11.95 29.81 -27.89
C ALA C 234 -11.25 31.03 -28.47
N LYS C 235 -10.47 31.75 -27.65
CA LYS C 235 -9.71 32.88 -28.16
C LYS C 235 -8.59 32.42 -29.08
N ARG C 236 -7.93 31.31 -28.73
CA ARG C 236 -6.93 30.75 -29.63
C ARG C 236 -7.56 30.34 -30.96
N ILE C 237 -8.74 29.70 -30.89
CA ILE C 237 -9.43 29.30 -32.11
C ILE C 237 -9.84 30.52 -32.94
N ASP C 238 -10.32 31.58 -32.28
CA ASP C 238 -10.69 32.79 -32.99
C ASP C 238 -9.49 33.42 -33.66
N ALA C 239 -8.34 33.44 -32.97
CA ALA C 239 -7.13 33.96 -33.59
C ALA C 239 -6.72 33.14 -34.81
N ASN C 240 -6.87 31.82 -34.73
CA ASN C 240 -6.54 30.98 -35.87
C ASN C 240 -7.50 31.21 -37.04
N MET C 241 -8.80 31.30 -36.75
CA MET C 241 -9.83 31.30 -37.78
C MET C 241 -10.13 32.69 -38.33
N LEU C 242 -10.20 33.70 -37.46
CA LEU C 242 -10.57 35.04 -37.87
C LEU C 242 -9.38 35.87 -38.35
N ASP C 243 -8.18 35.28 -38.39
CA ASP C 243 -6.98 35.96 -38.88
C ASP C 243 -6.72 37.25 -38.10
N VAL C 244 -6.90 37.19 -36.79
CA VAL C 244 -6.62 38.32 -35.90
C VAL C 244 -5.62 37.84 -34.85
N SER C 245 -4.60 38.66 -34.59
CA SER C 245 -3.59 38.30 -33.62
C SER C 245 -4.18 38.30 -32.22
N LEU C 246 -3.52 37.56 -31.32
CA LEU C 246 -3.92 37.56 -29.92
C LEU C 246 -3.74 38.94 -29.30
N ASP C 247 -2.64 39.61 -29.65
CA ASP C 247 -2.39 40.96 -29.15
C ASP C 247 -3.51 41.91 -29.54
N ASP C 248 -4.08 41.75 -30.74
CA ASP C 248 -5.17 42.63 -31.16
C ASP C 248 -6.38 42.50 -30.26
N ILE C 249 -6.70 41.27 -29.85
CA ILE C 249 -7.86 41.07 -28.99
C ILE C 249 -7.65 41.72 -27.63
N ASP C 250 -6.46 41.57 -27.05
CA ASP C 250 -6.18 42.13 -25.73
C ASP C 250 -5.74 43.59 -25.77
N ASP C 251 -5.63 44.19 -26.96
CA ASP C 251 -5.33 45.61 -27.10
C ASP C 251 -6.48 46.38 -27.73
N GLY C 252 -7.57 45.73 -28.08
CA GLY C 252 -8.72 46.40 -28.66
C GLY C 252 -8.48 46.98 -30.04
N HIS C 253 -7.74 46.28 -30.89
CA HIS C 253 -7.51 46.71 -32.25
C HIS C 253 -8.51 46.13 -33.24
N ILE C 254 -9.49 45.38 -32.76
CA ILE C 254 -10.52 44.77 -33.60
C ILE C 254 -11.87 45.24 -33.09
N SER C 255 -12.74 45.64 -34.01
CA SER C 255 -14.06 46.15 -33.66
C SER C 255 -15.09 45.03 -33.66
N TYR C 256 -16.25 45.32 -33.07
CA TYR C 256 -17.34 44.36 -33.06
C TYR C 256 -17.92 44.14 -34.44
N ALA C 257 -17.78 45.11 -35.34
CA ALA C 257 -18.22 44.92 -36.72
C ALA C 257 -17.39 43.86 -37.43
N GLU C 258 -16.05 43.96 -37.29
CA GLU C 258 -15.19 42.97 -37.93
C GLU C 258 -15.39 41.58 -37.34
N TYR C 259 -15.49 41.49 -36.01
CA TYR C 259 -15.64 40.20 -35.35
C TYR C 259 -16.94 39.53 -35.78
N LYS C 260 -18.06 40.24 -35.67
CA LYS C 260 -19.35 39.66 -36.05
C LYS C 260 -19.41 39.37 -37.53
N GLY C 261 -18.82 40.24 -38.36
CA GLY C 261 -18.82 39.99 -39.80
C GLY C 261 -18.06 38.72 -40.15
N LYS C 262 -16.88 38.54 -39.57
CA LYS C 262 -16.10 37.33 -39.84
C LYS C 262 -16.80 36.09 -39.30
N MET C 263 -17.41 36.19 -38.11
CA MET C 263 -18.12 35.03 -37.57
C MET C 263 -19.29 34.63 -38.44
N GLU C 264 -20.07 35.60 -38.92
CA GLU C 264 -21.20 35.27 -39.79
C GLU C 264 -20.73 34.80 -41.16
N LYS C 265 -19.59 35.31 -41.64
CA LYS C 265 -19.02 34.82 -42.89
C LYS C 265 -18.60 33.36 -42.77
N TRP C 266 -18.04 32.99 -41.62
CA TRP C 266 -17.76 31.58 -41.39
C TRP C 266 -19.03 30.76 -41.22
N ARG C 267 -20.06 31.34 -40.61
CA ARG C 267 -21.31 30.60 -40.43
C ARG C 267 -21.98 30.32 -41.77
N GLU C 268 -21.89 31.25 -42.72
CA GLU C 268 -22.53 31.05 -44.02
C GLU C 268 -21.90 29.90 -44.80
N LYS C 269 -20.69 29.48 -44.43
CA LYS C 269 -20.05 28.34 -45.09
C LYS C 269 -20.81 27.06 -44.79
N SER C 270 -21.01 26.24 -45.81
CA SER C 270 -21.59 24.91 -45.62
C SER C 270 -20.54 23.86 -45.29
N THR C 271 -19.27 24.21 -45.31
CA THR C 271 -18.16 23.29 -45.02
C THR C 271 -17.55 23.57 -43.65
N LEU C 272 -18.39 23.92 -42.68
CA LEU C 272 -17.94 24.22 -41.33
C LEU C 272 -18.64 23.29 -40.34
N GLY C 273 -17.89 22.79 -39.38
CA GLY C 273 -18.41 21.91 -38.36
C GLY C 273 -18.80 22.64 -37.09
N ARG C 274 -18.76 21.91 -35.98
CA ARG C 274 -19.06 22.45 -34.67
C ARG C 274 -17.88 22.22 -33.74
N LEU C 275 -17.61 23.21 -32.90
CA LEU C 275 -16.49 23.14 -31.95
C LEU C 275 -17.04 23.45 -30.55
N ILE C 276 -17.21 22.41 -29.74
CA ILE C 276 -17.63 22.55 -28.35
C ILE C 276 -16.37 22.47 -27.49
N VAL C 277 -16.15 23.48 -26.66
CA VAL C 277 -15.00 23.53 -25.76
C VAL C 277 -15.52 23.29 -24.36
N LYS C 278 -14.99 22.26 -23.69
CA LYS C 278 -15.42 21.86 -22.37
C LYS C 278 -14.23 21.93 -21.41
N GLN C 279 -14.48 22.44 -20.20
CA GLN C 279 -13.44 22.60 -19.20
C GLN C 279 -13.71 21.68 -18.01
N TYR C 280 -12.67 21.02 -17.55
CA TYR C 280 -12.72 20.18 -16.35
C TYR C 280 -11.58 20.59 -15.42
N PRO C 281 -11.77 20.41 -14.11
CA PRO C 281 -10.68 20.69 -13.17
C PRO C 281 -9.49 19.78 -13.42
N THR C 282 -8.30 20.30 -13.14
CA THR C 282 -7.08 19.53 -13.33
C THR C 282 -7.09 18.30 -12.43
N GLY C 283 -7.05 17.12 -13.05
CA GLY C 283 -7.12 15.89 -12.29
C GLY C 283 -8.50 15.50 -11.83
N GLY C 284 -9.55 16.08 -12.42
CA GLY C 284 -10.90 15.80 -11.98
C GLY C 284 -11.82 15.26 -13.04
N ALA C 285 -11.25 14.54 -14.02
CA ALA C 285 -12.05 13.94 -15.08
C ALA C 285 -11.34 12.70 -15.60
N ASP C 286 -12.12 11.69 -15.96
CA ASP C 286 -11.57 10.43 -16.46
C ASP C 286 -12.26 10.01 -17.74
N ALA C 287 -12.01 8.77 -18.19
CA ALA C 287 -12.65 8.29 -19.41
C ALA C 287 -14.16 8.18 -19.24
N ASN C 288 -14.62 7.75 -18.07
CA ASN C 288 -16.06 7.68 -17.82
C ASN C 288 -16.70 9.06 -17.79
N THR C 289 -15.99 10.06 -17.26
CA THR C 289 -16.48 11.42 -17.33
C THR C 289 -16.62 11.87 -18.78
N PHE C 290 -15.66 11.49 -19.62
CA PHE C 290 -15.75 11.81 -21.04
C PHE C 290 -16.94 11.12 -21.68
N ARG C 291 -17.20 9.87 -21.30
CA ARG C 291 -18.34 9.14 -21.85
C ARG C 291 -19.65 9.80 -21.44
N SER C 292 -19.75 10.23 -20.18
CA SER C 292 -20.94 10.95 -19.74
C SER C 292 -21.10 12.28 -20.48
N LEU C 293 -19.98 12.97 -20.70
CA LEU C 293 -20.03 14.21 -21.47
C LEU C 293 -20.51 13.96 -22.90
N LEU C 294 -20.02 12.89 -23.52
CA LEU C 294 -20.48 12.56 -24.87
C LEU C 294 -21.95 12.22 -24.89
N ASN C 295 -22.42 11.47 -23.88
CA ASN C 295 -23.84 11.13 -23.81
C ASN C 295 -24.70 12.38 -23.66
N GLU C 296 -24.30 13.31 -22.78
CA GLU C 296 -25.11 14.51 -22.59
C GLU C 296 -25.00 15.44 -23.80
N LEU C 297 -23.86 15.44 -24.49
CA LEU C 297 -23.75 16.20 -25.74
C LEU C 297 -24.67 15.63 -26.81
N LYS C 298 -24.77 14.30 -26.89
CA LYS C 298 -25.64 13.68 -27.87
C LYS C 298 -27.11 13.91 -27.52
N LEU C 299 -27.45 13.95 -26.24
CA LEU C 299 -28.84 14.13 -25.83
C LEU C 299 -29.27 15.59 -25.93
N LYS C 300 -28.60 16.48 -25.20
CA LYS C 300 -29.00 17.88 -25.11
C LYS C 300 -28.81 18.64 -26.41
N LYS C 301 -28.09 18.07 -27.37
CA LYS C 301 -27.93 18.71 -28.68
C LYS C 301 -27.58 17.63 -29.70
N ASN C 302 -27.72 17.98 -30.97
CA ASN C 302 -27.40 17.05 -32.06
C ASN C 302 -25.90 17.13 -32.36
N PHE C 303 -25.10 16.68 -31.39
CA PHE C 303 -23.65 16.79 -31.45
C PHE C 303 -23.03 15.45 -31.15
N VAL C 304 -22.50 14.79 -32.18
CA VAL C 304 -21.71 13.56 -32.02
C VAL C 304 -20.33 13.84 -32.58
N PRO C 305 -19.30 13.98 -31.75
CA PRO C 305 -18.00 14.42 -32.25
C PRO C 305 -17.31 13.36 -33.10
N THR C 306 -16.53 13.83 -34.05
CA THR C 306 -15.61 12.99 -34.81
C THR C 306 -14.15 13.19 -34.42
N ILE C 307 -13.81 14.34 -33.85
CA ILE C 307 -12.48 14.62 -33.34
C ILE C 307 -12.62 15.00 -31.87
N ILE C 308 -11.76 14.43 -31.03
CA ILE C 308 -11.74 14.73 -29.60
C ILE C 308 -10.33 15.15 -29.22
N ILE C 309 -10.17 16.39 -28.79
CA ILE C 309 -8.87 16.97 -28.44
C ILE C 309 -8.83 17.11 -26.93
N VAL C 310 -8.13 16.19 -26.26
CA VAL C 310 -7.86 16.32 -24.83
C VAL C 310 -6.58 17.13 -24.67
N ASP C 311 -6.64 18.20 -23.87
CA ASP C 311 -5.53 19.15 -23.81
C ASP C 311 -4.25 18.49 -23.32
N TYR C 312 -4.35 17.66 -22.29
CA TYR C 312 -3.18 17.01 -21.71
C TYR C 312 -3.66 15.81 -20.92
N LEU C 313 -3.19 14.62 -21.28
CA LEU C 313 -3.65 13.41 -20.61
C LEU C 313 -3.01 13.25 -19.24
N GLY C 314 -1.81 13.80 -19.05
CA GLY C 314 -1.09 13.68 -17.80
C GLY C 314 -1.80 14.30 -16.62
N ILE C 315 -2.67 15.28 -16.88
CA ILE C 315 -3.43 15.94 -15.83
C ILE C 315 -4.86 15.40 -15.75
N CYS C 316 -5.08 14.20 -16.28
CA CYS C 316 -6.34 13.50 -16.07
C CYS C 316 -6.16 12.47 -14.96
N LYS C 317 -7.23 11.73 -14.67
CA LYS C 317 -7.17 10.66 -13.67
C LYS C 317 -7.70 9.37 -14.27
N SER C 318 -7.18 8.26 -13.78
CA SER C 318 -7.60 6.94 -14.26
C SER C 318 -8.96 6.57 -13.67
N CYS C 319 -9.77 5.89 -14.48
CA CYS C 319 -11.07 5.41 -14.03
C CYS C 319 -11.01 4.02 -13.41
N ARG C 320 -9.83 3.43 -13.31
CA ARG C 320 -9.65 2.13 -12.67
C ARG C 320 -8.76 2.22 -11.44
N ILE C 321 -7.58 2.82 -11.57
CA ILE C 321 -6.67 2.96 -10.43
C ILE C 321 -7.20 4.01 -9.47
N ARG C 322 -7.19 3.70 -8.18
CA ARG C 322 -7.54 4.70 -7.18
C ARG C 322 -6.48 5.80 -7.16
N VAL C 323 -6.89 6.97 -6.69
CA VAL C 323 -6.06 8.18 -6.84
C VAL C 323 -4.74 7.99 -6.10
N TYR C 324 -3.63 8.13 -6.84
CA TYR C 324 -2.27 8.05 -6.29
C TYR C 324 -1.99 6.72 -5.60
N SER C 325 -2.65 5.65 -6.05
CA SER C 325 -2.31 4.32 -5.56
C SER C 325 -1.04 3.79 -6.20
N GLU C 326 -0.81 4.12 -7.46
CA GLU C 326 0.33 3.63 -8.23
C GLU C 326 1.24 4.79 -8.61
N ASN C 327 2.38 4.45 -9.20
CA ASN C 327 3.35 5.45 -9.60
C ASN C 327 2.90 6.16 -10.89
N SER C 328 3.76 7.02 -11.41
CA SER C 328 3.44 7.75 -12.64
C SER C 328 3.30 6.79 -13.81
N TYR C 329 4.18 5.81 -13.91
CA TYR C 329 4.18 4.91 -15.06
C TYR C 329 2.86 4.18 -15.20
N THR C 330 2.41 3.51 -14.13
CA THR C 330 1.19 2.73 -14.19
C THR C 330 -0.02 3.61 -14.42
N THR C 331 -0.11 4.74 -13.72
CA THR C 331 -1.28 5.61 -13.84
C THR C 331 -1.39 6.19 -15.26
N VAL C 332 -0.28 6.67 -15.80
CA VAL C 332 -0.32 7.27 -17.13
C VAL C 332 -0.58 6.21 -18.20
N LYS C 333 -0.02 5.01 -18.03
CA LYS C 333 -0.33 3.94 -18.97
C LYS C 333 -1.81 3.60 -18.93
N ALA C 334 -2.39 3.51 -17.73
CA ALA C 334 -3.81 3.22 -17.61
C ALA C 334 -4.66 4.32 -18.24
N ILE C 335 -4.28 5.58 -18.03
CA ILE C 335 -5.03 6.69 -18.61
C ILE C 335 -4.97 6.63 -20.15
N ALA C 336 -3.78 6.36 -20.69
CA ALA C 336 -3.65 6.26 -22.14
C ALA C 336 -4.48 5.11 -22.70
N GLU C 337 -4.46 3.96 -22.02
CA GLU C 337 -5.26 2.83 -22.46
C GLU C 337 -6.76 3.15 -22.42
N GLU C 338 -7.21 3.83 -21.35
CA GLU C 338 -8.61 4.20 -21.26
C GLU C 338 -9.01 5.17 -22.36
N LEU C 339 -8.14 6.15 -22.65
CA LEU C 339 -8.45 7.10 -23.72
C LEU C 339 -8.50 6.42 -25.07
N ARG C 340 -7.60 5.47 -25.32
CA ARG C 340 -7.63 4.76 -26.59
C ARG C 340 -8.86 3.86 -26.69
N ALA C 341 -9.27 3.27 -25.56
CA ALA C 341 -10.50 2.49 -25.55
C ALA C 341 -11.70 3.36 -25.85
N LEU C 342 -11.74 4.56 -25.28
CA LEU C 342 -12.81 5.50 -25.61
C LEU C 342 -12.79 5.87 -27.09
N ALA C 343 -11.60 6.07 -27.65
CA ALA C 343 -11.49 6.42 -29.07
C ALA C 343 -12.00 5.29 -29.95
N VAL C 344 -11.62 4.05 -29.65
CA VAL C 344 -12.06 2.93 -30.48
C VAL C 344 -13.54 2.66 -30.28
N GLU C 345 -14.08 2.93 -29.10
CA GLU C 345 -15.51 2.74 -28.87
C GLU C 345 -16.32 3.77 -29.64
N THR C 346 -15.92 5.04 -29.56
CA THR C 346 -16.65 6.10 -30.23
C THR C 346 -16.28 6.26 -31.71
N GLU C 347 -15.26 5.54 -32.18
CA GLU C 347 -14.80 5.63 -33.56
C GLU C 347 -14.42 7.07 -33.91
N THR C 348 -13.58 7.67 -33.06
CA THR C 348 -13.17 9.06 -33.22
C THR C 348 -11.66 9.15 -33.18
N VAL C 349 -11.14 10.22 -33.77
CA VAL C 349 -9.72 10.54 -33.70
C VAL C 349 -9.48 11.36 -32.44
N LEU C 350 -8.69 10.81 -31.52
CA LEU C 350 -8.41 11.42 -30.23
C LEU C 350 -6.99 11.97 -30.25
N TRP C 351 -6.87 13.29 -30.22
CA TRP C 351 -5.58 13.96 -30.09
C TRP C 351 -5.36 14.39 -28.65
N THR C 352 -4.10 14.43 -28.25
CA THR C 352 -3.73 14.84 -26.90
C THR C 352 -2.29 15.32 -26.92
N ALA C 353 -1.81 15.74 -25.76
CA ALA C 353 -0.45 16.24 -25.62
C ALA C 353 0.19 15.64 -24.39
N ALA C 354 1.52 15.58 -24.40
CA ALA C 354 2.28 15.05 -23.28
C ALA C 354 3.50 15.91 -23.04
N GLN C 355 3.98 15.89 -21.80
CA GLN C 355 5.15 16.65 -21.41
C GLN C 355 6.42 15.84 -21.63
N VAL C 356 7.53 16.53 -21.83
CA VAL C 356 8.83 15.91 -21.92
C VAL C 356 9.55 16.09 -20.59
N GLY C 357 10.66 15.39 -20.42
CA GLY C 357 11.39 15.43 -19.17
C GLY C 357 12.09 16.75 -18.96
N LYS C 358 12.57 16.93 -17.72
CA LYS C 358 13.27 18.15 -17.36
C LYS C 358 14.56 18.31 -18.16
N GLN C 359 15.15 17.20 -18.60
CA GLN C 359 16.41 17.24 -19.34
C GLN C 359 16.26 17.70 -20.78
N ALA C 360 15.05 17.65 -21.32
CA ALA C 360 14.82 18.00 -22.72
C ALA C 360 14.22 19.39 -22.90
N TRP C 361 14.14 20.19 -21.83
CA TRP C 361 13.54 21.51 -21.94
C TRP C 361 14.41 22.50 -22.69
N ASP C 362 15.72 22.25 -22.79
CA ASP C 362 16.64 23.14 -23.51
C ASP C 362 17.51 22.32 -24.45
N SER C 363 16.89 21.42 -25.21
CA SER C 363 17.58 20.54 -26.13
C SER C 363 17.08 20.77 -27.54
N SER C 364 18.01 20.77 -28.50
CA SER C 364 17.64 20.93 -29.91
C SER C 364 17.05 19.66 -30.50
N ASP C 365 17.16 18.53 -29.82
CA ASP C 365 16.61 17.26 -30.29
C ASP C 365 15.88 16.58 -29.13
N VAL C 366 14.71 16.01 -29.43
CA VAL C 366 13.91 15.31 -28.44
C VAL C 366 13.71 13.88 -28.91
N ASN C 367 14.07 12.94 -28.05
CA ASN C 367 13.94 11.52 -28.34
C ASN C 367 12.71 10.95 -27.63
N MET C 368 12.37 9.71 -28.00
CA MET C 368 11.23 9.06 -27.35
C MET C 368 11.50 8.80 -25.88
N SER C 369 12.76 8.62 -25.50
CA SER C 369 13.12 8.43 -24.11
C SER C 369 12.95 9.69 -23.27
N ASP C 370 12.71 10.84 -23.90
CA ASP C 370 12.50 12.09 -23.19
C ASP C 370 11.06 12.28 -22.73
N ILE C 371 10.19 11.29 -22.96
CA ILE C 371 8.80 11.39 -22.55
C ILE C 371 8.73 11.45 -21.03
N ALA C 372 7.94 12.38 -20.50
CA ALA C 372 7.71 12.45 -19.08
C ALA C 372 6.65 11.43 -18.66
N GLU C 373 6.60 11.15 -17.36
CA GLU C 373 5.64 10.22 -16.77
C GLU C 373 5.90 8.84 -17.36
N SER C 374 4.88 8.13 -17.83
CA SER C 374 5.06 6.73 -18.24
C SER C 374 5.83 6.61 -19.55
N ALA C 375 6.52 5.50 -19.70
CA ALA C 375 7.05 5.06 -20.98
C ALA C 375 6.06 4.17 -21.73
N GLY C 376 4.94 3.81 -21.10
CA GLY C 376 3.89 3.08 -21.79
C GLY C 376 3.00 3.93 -22.65
N LEU C 377 3.03 5.25 -22.47
CA LEU C 377 2.29 6.15 -23.36
C LEU C 377 2.78 6.05 -24.80
N PRO C 378 4.09 6.07 -25.10
CA PRO C 378 4.51 5.78 -26.48
C PRO C 378 4.06 4.41 -26.96
N ALA C 379 4.02 3.42 -26.07
CA ALA C 379 3.54 2.09 -26.47
C ALA C 379 2.07 2.13 -26.85
N THR C 380 1.25 2.86 -26.08
CA THR C 380 -0.19 2.92 -26.34
C THR C 380 -0.54 3.86 -27.48
N ALA C 381 0.28 4.87 -27.77
CA ALA C 381 -0.04 5.84 -28.79
C ALA C 381 0.07 5.23 -30.18
N ASP C 382 -0.68 5.81 -31.12
CA ASP C 382 -0.64 5.41 -32.51
C ASP C 382 0.16 6.37 -33.38
N PHE C 383 0.38 7.59 -32.92
CA PHE C 383 1.10 8.60 -33.69
C PHE C 383 1.57 9.67 -32.73
N MET C 384 2.89 9.85 -32.65
CA MET C 384 3.50 10.78 -31.70
C MET C 384 4.43 11.73 -32.44
N LEU C 385 4.25 13.02 -32.22
CA LEU C 385 5.08 14.06 -32.81
C LEU C 385 5.73 14.88 -31.72
N ALA C 386 7.00 15.21 -31.91
CA ALA C 386 7.77 15.99 -30.95
C ALA C 386 7.94 17.41 -31.47
N VAL C 387 7.49 18.39 -30.70
CA VAL C 387 7.61 19.80 -31.06
C VAL C 387 8.85 20.35 -30.38
N ILE C 388 9.81 20.82 -31.17
CA ILE C 388 11.09 21.32 -30.67
C ILE C 388 11.23 22.77 -31.08
N GLU C 389 11.52 23.63 -30.10
CA GLU C 389 11.73 25.05 -30.35
C GLU C 389 13.04 25.48 -29.71
N THR C 390 13.89 26.13 -30.49
CA THR C 390 15.15 26.67 -30.02
C THR C 390 15.22 28.17 -30.32
N GLU C 391 16.32 28.80 -29.89
CA GLU C 391 16.47 30.23 -30.08
C GLU C 391 16.53 30.59 -31.57
N GLU C 392 17.28 29.81 -32.35
CA GLU C 392 17.35 30.08 -33.78
C GLU C 392 16.00 29.85 -34.45
N LEU C 393 15.27 28.81 -34.03
CA LEU C 393 13.95 28.56 -34.58
C LEU C 393 12.96 29.64 -34.16
N ALA C 394 13.04 30.08 -32.90
CA ALA C 394 12.14 31.14 -32.43
C ALA C 394 12.43 32.47 -33.13
N ALA C 395 13.69 32.70 -33.52
CA ALA C 395 14.04 33.93 -34.24
C ALA C 395 13.48 33.95 -35.65
N ALA C 396 12.96 32.82 -36.16
CA ALA C 396 12.40 32.75 -37.50
C ALA C 396 10.94 32.29 -37.50
N GLU C 397 10.31 32.20 -36.32
CA GLU C 397 8.92 31.76 -36.19
C GLU C 397 8.71 30.38 -36.81
N GLN C 398 9.48 29.43 -36.32
CA GLN C 398 9.43 28.06 -36.81
C GLN C 398 9.65 27.08 -35.67
N GLN C 399 9.23 25.85 -35.88
CA GLN C 399 9.44 24.76 -34.95
C GLN C 399 9.94 23.54 -35.71
N LEU C 400 10.27 22.48 -34.98
CA LEU C 400 11.01 21.33 -35.49
C LEU C 400 10.25 20.03 -35.22
N ILE C 401 8.98 20.00 -35.61
CA ILE C 401 8.13 18.82 -35.42
C ILE C 401 8.83 17.58 -35.96
N LYS C 402 9.05 16.60 -35.09
CA LYS C 402 9.80 15.39 -35.41
C LYS C 402 8.94 14.17 -35.12
N GLN C 403 8.99 13.20 -36.03
CA GLN C 403 8.21 11.97 -35.87
C GLN C 403 8.87 11.07 -34.85
N ILE C 404 8.20 10.84 -33.73
CA ILE C 404 8.67 9.95 -32.68
C ILE C 404 8.15 8.54 -32.88
N LYS C 405 6.85 8.40 -33.16
CA LYS C 405 6.23 7.11 -33.41
C LYS C 405 5.19 7.29 -34.50
N SER C 406 5.07 6.30 -35.37
CA SER C 406 4.10 6.35 -36.46
C SER C 406 3.63 4.94 -36.78
N ARG C 407 2.36 4.66 -36.53
CA ARG C 407 1.72 3.45 -37.04
C ARG C 407 1.04 3.69 -38.38
N TYR C 408 1.18 4.89 -38.94
CA TYR C 408 0.59 5.24 -40.23
C TYR C 408 1.60 5.20 -41.36
N GLY C 409 2.89 5.13 -41.06
CA GLY C 409 3.91 5.13 -42.10
C GLY C 409 5.28 4.99 -41.47
N ASP C 410 6.28 5.00 -42.35
CA ASP C 410 7.66 4.87 -41.91
C ASP C 410 8.13 6.20 -41.34
N LYS C 411 8.60 6.17 -40.09
CA LYS C 411 9.01 7.40 -39.42
C LYS C 411 10.30 7.98 -39.97
N ASN C 412 11.03 7.24 -40.82
CA ASN C 412 12.33 7.68 -41.30
C ASN C 412 12.27 8.38 -42.65
N LYS C 413 11.16 8.30 -43.38
CA LYS C 413 11.08 8.95 -44.68
C LYS C 413 11.14 10.46 -44.54
N TRP C 414 10.31 11.04 -43.68
CA TRP C 414 10.35 12.46 -43.32
C TRP C 414 10.31 12.53 -41.80
N ASN C 415 11.49 12.43 -41.18
CA ASN C 415 11.55 12.38 -39.72
C ASN C 415 11.38 13.76 -39.12
N LYS C 416 12.19 14.72 -39.55
CA LYS C 416 12.14 16.09 -39.06
C LYS C 416 11.80 17.02 -40.22
N PHE C 417 10.76 17.83 -40.01
CA PHE C 417 10.32 18.82 -41.04
C PHE C 417 10.01 20.14 -40.34
N LEU C 418 10.55 21.25 -40.85
CA LEU C 418 10.28 22.56 -40.27
C LEU C 418 8.83 22.97 -40.51
N MET C 419 8.27 23.67 -39.52
CA MET C 419 6.90 24.15 -39.59
C MET C 419 6.85 25.58 -39.06
N GLY C 420 6.33 26.51 -39.89
CA GLY C 420 6.19 27.88 -39.44
C GLY C 420 5.08 27.96 -38.40
N VAL C 421 5.36 28.65 -37.31
CA VAL C 421 4.43 28.74 -36.19
C VAL C 421 4.17 30.21 -35.91
N GLN C 422 2.94 30.66 -36.20
CA GLN C 422 2.52 32.01 -35.87
C GLN C 422 1.91 31.97 -34.48
N LYS C 423 2.71 32.34 -33.47
CA LYS C 423 2.23 32.30 -32.10
C LYS C 423 1.17 33.36 -31.84
N GLY C 424 1.25 34.49 -32.54
CA GLY C 424 0.20 35.49 -32.41
C GLY C 424 -1.15 35.00 -32.89
N ASN C 425 -1.15 34.29 -34.01
CA ASN C 425 -2.38 33.69 -34.55
C ASN C 425 -2.59 32.25 -34.10
N GLN C 426 -1.67 31.70 -33.32
CA GLN C 426 -1.77 30.33 -32.83
C GLN C 426 -1.97 29.34 -33.99
N LYS C 427 -1.20 29.53 -35.05
CA LYS C 427 -1.45 28.80 -36.29
C LYS C 427 -0.18 28.10 -36.76
N TRP C 428 -0.38 26.93 -37.36
CA TRP C 428 0.68 26.18 -38.02
C TRP C 428 0.58 26.40 -39.52
N VAL C 429 1.66 26.87 -40.13
CA VAL C 429 1.76 27.02 -41.57
C VAL C 429 2.92 26.16 -42.06
N GLU C 430 2.82 25.72 -43.31
CA GLU C 430 3.80 24.83 -43.89
C GLU C 430 4.70 25.60 -44.86
N ILE C 431 6.00 25.32 -44.78
CA ILE C 431 6.97 26.02 -45.62
C ILE C 431 6.86 25.51 -47.05
N GLU C 432 6.66 26.44 -47.98
CA GLU C 432 6.55 26.10 -49.40
C GLU C 432 7.31 27.10 -50.25
N MET D 1 -20.68 -44.94 3.24
CA MET D 1 -19.74 -45.82 3.92
C MET D 1 -18.64 -45.02 4.61
N VAL D 2 -19.00 -43.86 5.15
CA VAL D 2 -18.03 -43.00 5.80
C VAL D 2 -17.49 -43.65 7.06
N GLU D 3 -18.35 -44.36 7.80
CA GLU D 3 -17.90 -45.02 9.02
C GLU D 3 -16.82 -46.05 8.73
N ILE D 4 -17.00 -46.84 7.67
CA ILE D 4 -16.00 -47.84 7.30
C ILE D 4 -14.69 -47.16 6.91
N ILE D 5 -14.78 -46.07 6.15
CA ILE D 5 -13.57 -45.36 5.71
C ILE D 5 -12.80 -44.85 6.91
N LEU D 6 -13.49 -44.22 7.87
CA LEU D 6 -12.81 -43.71 9.05
C LEU D 6 -12.24 -44.85 9.89
N SER D 7 -13.02 -45.93 10.07
CA SER D 7 -12.56 -47.04 10.89
C SER D 7 -11.31 -47.68 10.33
N HIS D 8 -11.24 -47.85 9.00
CA HIS D 8 -10.06 -48.42 8.39
C HIS D 8 -8.94 -47.40 8.20
N LEU D 9 -9.24 -46.10 8.31
CA LEU D 9 -8.18 -45.12 8.46
C LEU D 9 -7.54 -45.23 9.83
N ILE D 10 -8.31 -45.63 10.84
CA ILE D 10 -7.78 -45.77 12.20
C ILE D 10 -7.13 -47.12 12.40
N PHE D 11 -7.83 -48.21 12.08
CA PHE D 11 -7.38 -49.57 12.43
C PHE D 11 -6.83 -50.34 11.23
N ASP D 12 -6.12 -49.67 10.32
CA ASP D 12 -5.52 -50.38 9.19
C ASP D 12 -4.38 -49.52 8.66
N GLN D 13 -3.15 -50.00 8.81
CA GLN D 13 -1.99 -49.25 8.32
C GLN D 13 -1.88 -49.33 6.80
N ALA D 14 -2.20 -50.49 6.22
CA ALA D 14 -2.13 -50.63 4.77
C ALA D 14 -3.17 -49.75 4.09
N TYR D 15 -4.39 -49.73 4.62
CA TYR D 15 -5.47 -48.89 4.02
C TYR D 15 -5.07 -47.42 4.09
N PHE D 16 -4.55 -46.97 5.23
CA PHE D 16 -4.21 -45.54 5.42
C PHE D 16 -3.13 -45.13 4.40
N SER D 17 -2.18 -46.02 4.12
CA SER D 17 -1.05 -45.64 3.24
C SER D 17 -1.56 -45.24 1.85
N LYS D 18 -2.55 -45.96 1.31
CA LYS D 18 -3.01 -45.68 -0.07
C LYS D 18 -4.10 -44.60 -0.09
N VAL D 19 -5.15 -44.73 0.74
CA VAL D 19 -6.30 -43.78 0.67
C VAL D 19 -5.92 -42.39 1.20
N TRP D 20 -5.13 -42.30 2.27
CA TRP D 20 -4.86 -40.99 2.91
C TRP D 20 -4.35 -39.92 1.94
N PRO D 21 -3.30 -40.16 1.13
CA PRO D 21 -2.76 -39.09 0.32
C PRO D 21 -3.91 -38.38 -0.40
N TYR D 22 -4.97 -39.10 -0.75
CA TYR D 22 -6.10 -38.54 -1.54
C TYR D 22 -7.26 -38.06 -0.69
N MET D 23 -7.46 -38.57 0.52
CA MET D 23 -8.67 -38.17 1.28
C MET D 23 -8.66 -36.66 1.50
N ASP D 24 -9.82 -36.02 1.40
CA ASP D 24 -9.95 -34.57 1.63
C ASP D 24 -11.17 -34.31 2.50
N SER D 25 -11.23 -33.16 3.12
CA SER D 25 -12.28 -32.83 4.08
C SER D 25 -13.64 -32.62 3.42
N GLU D 26 -13.68 -32.31 2.12
CA GLU D 26 -14.92 -32.03 1.43
C GLU D 26 -15.58 -33.27 0.85
N TYR D 27 -15.22 -34.46 1.32
CA TYR D 27 -15.74 -35.69 0.76
C TYR D 27 -16.64 -36.48 1.70
N PHE D 28 -16.96 -35.98 2.89
CA PHE D 28 -17.67 -36.78 3.86
C PHE D 28 -19.07 -36.27 4.16
N GLU D 29 -19.20 -35.06 4.70
CA GLU D 29 -20.49 -34.56 5.17
C GLU D 29 -20.35 -33.13 5.67
N SER D 30 -21.44 -32.53 6.13
CA SER D 30 -21.41 -31.25 6.82
C SER D 30 -21.63 -31.39 8.32
N GLY D 31 -21.58 -32.61 8.85
CA GLY D 31 -21.85 -32.85 10.25
C GLY D 31 -20.78 -33.63 10.97
N PRO D 32 -21.18 -34.73 11.63
CA PRO D 32 -20.22 -35.50 12.44
C PRO D 32 -19.04 -36.04 11.63
N ALA D 33 -19.28 -36.47 10.40
CA ALA D 33 -18.22 -37.11 9.62
C ALA D 33 -17.09 -36.12 9.32
N LYS D 34 -17.45 -34.91 8.88
CA LYS D 34 -16.42 -33.92 8.58
C LYS D 34 -15.66 -33.51 9.83
N ASN D 35 -16.35 -33.38 10.97
CA ASN D 35 -15.68 -33.01 12.20
C ASN D 35 -14.71 -34.11 12.65
N THR D 36 -15.14 -35.37 12.57
CA THR D 36 -14.26 -36.48 12.94
C THR D 36 -13.03 -36.52 12.01
N PHE D 37 -13.24 -36.33 10.71
CA PHE D 37 -12.11 -36.33 9.80
C PHE D 37 -11.19 -35.14 10.03
N LYS D 38 -11.74 -33.99 10.41
CA LYS D 38 -10.90 -32.85 10.74
C LYS D 38 -10.06 -33.13 11.98
N LEU D 39 -10.64 -33.78 12.98
CA LEU D 39 -9.87 -34.19 14.15
C LEU D 39 -8.73 -35.12 13.74
N ILE D 40 -9.04 -36.12 12.92
CA ILE D 40 -8.02 -37.08 12.50
C ILE D 40 -6.92 -36.39 11.70
N LYS D 41 -7.31 -35.48 10.79
CA LYS D 41 -6.34 -34.78 9.97
C LYS D 41 -5.44 -33.87 10.81
N SER D 42 -6.02 -33.19 11.78
CA SER D 42 -5.21 -32.36 12.68
C SER D 42 -4.23 -33.21 13.46
N HIS D 43 -4.67 -34.36 13.97
CA HIS D 43 -3.77 -35.25 14.70
C HIS D 43 -2.65 -35.74 13.79
N VAL D 44 -2.97 -36.10 12.55
CA VAL D 44 -1.95 -36.57 11.62
C VAL D 44 -0.96 -35.48 11.29
N ASN D 45 -1.45 -34.25 11.07
CA ASN D 45 -0.54 -33.15 10.78
C ASN D 45 0.34 -32.81 11.98
N GLU D 46 -0.16 -33.02 13.19
CA GLU D 46 0.60 -32.68 14.39
C GLU D 46 1.58 -33.77 14.81
N TYR D 47 1.29 -35.05 14.52
CA TYR D 47 2.12 -36.14 15.00
C TYR D 47 2.53 -37.14 13.93
N HIS D 48 2.03 -37.02 12.70
CA HIS D 48 2.40 -37.92 11.60
C HIS D 48 2.13 -39.37 11.94
N SER D 49 0.99 -39.62 12.60
CA SER D 49 0.58 -40.97 12.94
C SER D 49 -0.94 -41.01 13.04
N VAL D 50 -1.48 -42.21 12.90
CA VAL D 50 -2.94 -42.39 12.96
C VAL D 50 -3.38 -42.36 14.41
N PRO D 51 -4.32 -41.48 14.77
CA PRO D 51 -4.76 -41.41 16.18
C PRO D 51 -5.54 -42.65 16.59
N SER D 52 -5.49 -42.93 17.89
CA SER D 52 -6.27 -44.00 18.47
C SER D 52 -7.61 -43.46 18.96
N ILE D 53 -8.43 -44.35 19.52
CA ILE D 53 -9.72 -43.92 20.04
C ILE D 53 -9.54 -42.98 21.22
N ASN D 54 -8.57 -43.28 22.10
CA ASN D 54 -8.29 -42.39 23.21
C ASN D 54 -7.82 -41.03 22.74
N ALA D 55 -6.95 -41.00 21.71
CA ALA D 55 -6.50 -39.73 21.18
C ALA D 55 -7.65 -38.94 20.56
N LEU D 56 -8.54 -39.62 19.85
CA LEU D 56 -9.70 -38.94 19.28
C LEU D 56 -10.60 -38.37 20.36
N ASN D 57 -10.82 -39.13 21.44
CA ASN D 57 -11.63 -38.63 22.54
C ASN D 57 -10.99 -37.42 23.20
N VAL D 58 -9.67 -37.46 23.40
CA VAL D 58 -8.97 -36.34 24.01
C VAL D 58 -9.09 -35.10 23.12
N ALA D 59 -8.89 -35.26 21.81
CA ALA D 59 -9.05 -34.13 20.91
C ALA D 59 -10.48 -33.63 20.87
N LEU D 60 -11.46 -34.54 21.02
CA LEU D 60 -12.86 -34.15 21.06
C LEU D 60 -13.16 -33.30 22.29
N GLU D 61 -12.60 -33.69 23.44
CA GLU D 61 -12.82 -32.89 24.65
C GLU D 61 -12.18 -31.53 24.54
N ASN D 62 -11.04 -31.44 23.86
CA ASN D 62 -10.38 -30.16 23.61
C ASN D 62 -10.82 -29.56 22.27
N SER D 63 -12.13 -29.45 22.09
CA SER D 63 -12.69 -28.90 20.87
C SER D 63 -13.81 -27.94 21.23
N SER D 64 -14.09 -27.00 20.32
CA SER D 64 -14.95 -25.86 20.62
C SER D 64 -16.33 -25.94 19.96
N PHE D 65 -16.68 -27.06 19.33
CA PHE D 65 -17.99 -27.09 18.69
C PHE D 65 -19.08 -27.39 19.72
N THR D 66 -20.31 -27.17 19.29
CA THR D 66 -21.45 -27.10 20.20
C THR D 66 -21.85 -28.50 20.68
N GLU D 67 -22.95 -28.57 21.45
CA GLU D 67 -23.37 -29.81 22.07
C GLU D 67 -23.83 -30.84 21.06
N THR D 68 -24.59 -30.39 20.05
CA THR D 68 -25.08 -31.31 19.00
C THR D 68 -23.87 -31.93 18.28
N GLU D 69 -22.94 -31.09 17.82
CA GLU D 69 -21.76 -31.57 17.11
C GLU D 69 -20.92 -32.48 17.99
N TYR D 70 -20.76 -32.12 19.27
CA TYR D 70 -20.01 -32.94 20.20
C TYR D 70 -20.65 -34.32 20.35
N SER D 71 -21.97 -34.36 20.52
CA SER D 71 -22.65 -35.65 20.66
C SER D 71 -22.56 -36.48 19.38
N GLY D 72 -22.69 -35.85 18.22
CA GLY D 72 -22.56 -36.59 16.97
C GLY D 72 -21.18 -37.18 16.80
N VAL D 73 -20.14 -36.38 17.09
CA VAL D 73 -18.77 -36.88 16.96
C VAL D 73 -18.52 -38.00 17.97
N LYS D 74 -19.02 -37.85 19.20
CA LYS D 74 -18.84 -38.89 20.20
C LYS D 74 -19.49 -40.20 19.77
N THR D 75 -20.72 -40.12 19.26
CA THR D 75 -21.39 -41.33 18.78
C THR D 75 -20.65 -41.96 17.62
N LEU D 76 -20.18 -41.14 16.67
CA LEU D 76 -19.47 -41.66 15.52
C LEU D 76 -18.16 -42.34 15.94
N ILE D 77 -17.44 -41.74 16.89
CA ILE D 77 -16.20 -42.34 17.37
C ILE D 77 -16.50 -43.64 18.11
N SER D 78 -17.55 -43.66 18.92
CA SER D 78 -17.91 -44.88 19.63
C SER D 78 -18.32 -45.98 18.68
N LYS D 79 -18.85 -45.63 17.50
CA LYS D 79 -19.25 -46.63 16.52
C LYS D 79 -18.08 -47.16 15.68
N LEU D 80 -16.92 -46.51 15.72
CA LEU D 80 -15.79 -46.95 14.92
C LEU D 80 -15.22 -48.25 15.50
N ALA D 81 -15.11 -49.27 14.66
CA ALA D 81 -14.56 -50.55 15.08
C ALA D 81 -14.03 -51.28 13.86
N ASP D 82 -12.88 -51.93 14.02
CA ASP D 82 -12.28 -52.68 12.93
C ASP D 82 -13.10 -53.92 12.61
N SER D 83 -13.16 -54.27 11.33
CA SER D 83 -13.90 -55.43 10.87
C SER D 83 -13.04 -56.27 9.95
N PRO D 84 -13.27 -57.58 9.91
CA PRO D 84 -12.53 -58.43 8.96
C PRO D 84 -12.86 -58.08 7.52
N GLU D 85 -11.89 -57.56 6.78
CA GLU D 85 -12.10 -57.06 5.44
C GLU D 85 -10.92 -57.45 4.56
N ASP D 86 -10.97 -57.05 3.30
CA ASP D 86 -9.92 -57.34 2.32
C ASP D 86 -9.46 -56.03 1.69
N HIS D 87 -8.18 -55.83 1.48
CA HIS D 87 -7.70 -54.51 0.99
C HIS D 87 -8.41 -54.09 -0.31
N SER D 88 -8.62 -54.99 -1.26
CA SER D 88 -9.17 -54.60 -2.59
C SER D 88 -10.59 -54.03 -2.49
N TRP D 89 -11.52 -54.71 -1.83
CA TRP D 89 -12.91 -54.21 -1.84
C TRP D 89 -12.90 -52.84 -1.21
N LEU D 90 -12.02 -52.61 -0.25
CA LEU D 90 -12.09 -51.32 0.44
C LEU D 90 -11.52 -50.21 -0.43
N VAL D 91 -10.41 -50.47 -1.11
CA VAL D 91 -9.79 -49.44 -1.94
C VAL D 91 -10.70 -49.06 -3.11
N LYS D 92 -11.30 -50.06 -3.77
CA LYS D 92 -12.21 -49.77 -4.87
C LYS D 92 -13.45 -49.04 -4.41
N GLU D 93 -14.03 -49.47 -3.29
CA GLU D 93 -15.22 -48.79 -2.78
C GLU D 93 -14.91 -47.36 -2.35
N THR D 94 -13.74 -47.15 -1.73
CA THR D 94 -13.33 -45.80 -1.36
C THR D 94 -13.11 -44.94 -2.59
N GLU D 95 -12.53 -45.50 -3.65
CA GLU D 95 -12.36 -44.75 -4.88
C GLU D 95 -13.71 -44.35 -5.46
N LYS D 96 -14.66 -45.27 -5.48
CA LYS D 96 -15.99 -44.95 -5.97
C LYS D 96 -16.64 -43.86 -5.13
N TYR D 97 -16.53 -43.96 -3.80
CA TYR D 97 -17.15 -42.97 -2.93
C TYR D 97 -16.52 -41.59 -3.11
N VAL D 98 -15.18 -41.55 -3.21
CA VAL D 98 -14.50 -40.28 -3.39
C VAL D 98 -14.85 -39.66 -4.75
N GLN D 99 -14.92 -40.47 -5.80
CA GLN D 99 -15.31 -39.96 -7.10
C GLN D 99 -16.73 -39.43 -7.09
N GLN D 100 -17.65 -40.15 -6.45
CA GLN D 100 -19.03 -39.68 -6.38
C GLN D 100 -19.13 -38.37 -5.60
N ARG D 101 -18.42 -38.27 -4.48
CA ARG D 101 -18.47 -37.04 -3.70
C ARG D 101 -17.82 -35.87 -4.46
N ALA D 102 -16.74 -36.14 -5.20
CA ALA D 102 -16.13 -35.10 -6.02
C ALA D 102 -17.08 -34.63 -7.10
N MET D 103 -17.79 -35.55 -7.75
CA MET D 103 -18.78 -35.16 -8.75
C MET D 103 -19.91 -34.35 -8.13
N PHE D 104 -20.37 -34.77 -6.95
CA PHE D 104 -21.44 -34.04 -6.27
C PHE D 104 -21.02 -32.63 -5.91
N ASN D 105 -19.81 -32.47 -5.35
CA ASN D 105 -19.32 -31.13 -5.03
C ASN D 105 -19.13 -30.29 -6.28
N ALA D 106 -18.64 -30.92 -7.35
CA ALA D 106 -18.44 -30.18 -8.60
C ALA D 106 -19.75 -29.68 -9.17
N THR D 107 -20.79 -30.53 -9.18
CA THR D 107 -22.06 -30.08 -9.73
C THR D 107 -22.73 -29.05 -8.83
N SER D 108 -22.55 -29.17 -7.50
CA SER D 108 -23.07 -28.15 -6.61
C SER D 108 -22.39 -26.80 -6.86
N LYS D 109 -21.07 -26.82 -7.05
CA LYS D 109 -20.35 -25.59 -7.36
C LYS D 109 -20.75 -25.03 -8.72
N ILE D 110 -21.01 -25.91 -9.69
CA ILE D 110 -21.46 -25.47 -11.01
C ILE D 110 -22.82 -24.75 -10.89
N ILE D 111 -23.74 -25.33 -10.12
CA ILE D 111 -25.03 -24.70 -9.92
C ILE D 111 -24.87 -23.36 -9.20
N GLU D 112 -23.98 -23.31 -8.20
CA GLU D 112 -23.74 -22.06 -7.48
C GLU D 112 -23.18 -20.99 -8.41
N ILE D 113 -22.24 -21.36 -9.29
CA ILE D 113 -21.67 -20.40 -10.23
C ILE D 113 -22.75 -19.90 -11.18
N GLN D 114 -23.59 -20.81 -11.69
CA GLN D 114 -24.65 -20.39 -12.60
C GLN D 114 -25.65 -19.46 -11.92
N THR D 115 -26.04 -19.76 -10.69
CA THR D 115 -27.00 -18.91 -9.99
C THR D 115 -26.38 -17.64 -9.45
N ASN D 116 -25.05 -17.57 -9.37
CA ASN D 116 -24.37 -16.35 -8.94
C ASN D 116 -24.12 -15.41 -10.11
N ALA D 117 -23.72 -15.95 -11.27
CA ALA D 117 -23.51 -15.12 -12.45
C ALA D 117 -24.81 -14.51 -12.97
N GLU D 118 -25.95 -15.14 -12.68
CA GLU D 118 -27.25 -14.59 -13.07
C GLU D 118 -27.78 -13.62 -12.02
N LEU D 119 -26.94 -12.65 -11.66
CA LEU D 119 -27.25 -11.64 -10.67
C LEU D 119 -26.79 -10.29 -11.18
N PRO D 120 -27.43 -9.19 -10.76
CA PRO D 120 -26.97 -7.87 -11.18
C PRO D 120 -25.57 -7.62 -10.67
N PRO D 121 -24.74 -6.91 -11.43
CA PRO D 121 -23.36 -6.66 -11.01
C PRO D 121 -23.32 -5.82 -9.74
N GLU D 122 -22.11 -5.77 -9.15
CA GLU D 122 -21.80 -5.09 -7.89
C GLU D 122 -22.55 -5.74 -6.73
N LYS D 123 -23.32 -6.81 -7.02
CA LYS D 123 -23.98 -7.61 -6.00
C LYS D 123 -23.86 -9.10 -6.32
N ARG D 124 -22.81 -9.48 -7.04
CA ARG D 124 -22.64 -10.84 -7.51
C ARG D 124 -21.73 -11.68 -6.63
N ASN D 125 -21.35 -11.18 -5.46
CA ASN D 125 -20.54 -11.94 -4.49
C ASN D 125 -19.22 -12.37 -5.12
N LYS D 126 -18.38 -11.37 -5.38
CA LYS D 126 -17.12 -11.57 -6.07
C LYS D 126 -16.24 -12.58 -5.34
N LYS D 127 -15.16 -12.98 -6.02
CA LYS D 127 -14.22 -14.06 -5.71
C LYS D 127 -14.82 -15.41 -6.10
N MET D 128 -16.05 -15.43 -6.62
CA MET D 128 -16.65 -16.62 -7.21
C MET D 128 -16.26 -16.72 -8.68
N PRO D 129 -15.78 -17.88 -9.14
CA PRO D 129 -15.35 -17.99 -10.54
C PRO D 129 -16.51 -17.81 -11.51
N ASP D 130 -16.18 -17.29 -12.69
CA ASP D 130 -17.18 -17.03 -13.72
C ASP D 130 -17.59 -18.33 -14.40
N VAL D 131 -18.60 -18.23 -15.27
CA VAL D 131 -19.11 -19.41 -15.97
C VAL D 131 -18.07 -20.00 -16.90
N GLY D 132 -17.08 -19.20 -17.33
CA GLY D 132 -16.10 -19.69 -18.28
C GLY D 132 -15.38 -20.94 -17.80
N ALA D 133 -15.02 -20.98 -16.52
CA ALA D 133 -14.41 -22.17 -15.94
C ALA D 133 -15.45 -23.07 -15.29
N ILE D 134 -16.55 -23.33 -15.99
CA ILE D 134 -17.51 -24.36 -15.56
C ILE D 134 -17.03 -25.74 -15.99
N PRO D 135 -16.62 -25.96 -17.26
CA PRO D 135 -16.19 -27.32 -17.62
C PRO D 135 -14.88 -27.73 -16.97
N ASP D 136 -13.94 -26.80 -16.81
CA ASP D 136 -12.65 -27.14 -16.21
C ASP D 136 -12.82 -27.73 -14.83
N ILE D 137 -13.72 -27.15 -14.02
CA ILE D 137 -14.01 -27.70 -12.70
C ILE D 137 -14.46 -29.14 -12.83
N MET D 138 -15.35 -29.42 -13.79
CA MET D 138 -15.79 -30.79 -14.00
C MET D 138 -14.62 -31.67 -14.43
N ARG D 139 -13.68 -31.11 -15.20
CA ARG D 139 -12.49 -31.87 -15.57
C ARG D 139 -11.66 -32.21 -14.34
N GLN D 140 -11.71 -31.37 -13.30
CA GLN D 140 -11.05 -31.70 -12.05
C GLN D 140 -11.81 -32.76 -11.27
N ALA D 141 -13.12 -32.90 -11.51
CA ALA D 141 -13.89 -33.91 -10.80
C ALA D 141 -13.65 -35.30 -11.36
N LEU D 142 -13.16 -35.40 -12.59
CA LEU D 142 -12.89 -36.70 -13.20
C LEU D 142 -11.45 -37.16 -13.03
N SER D 143 -10.54 -36.27 -12.67
CA SER D 143 -9.12 -36.63 -12.50
C SER D 143 -8.83 -37.02 -11.05
N ILE D 144 -9.64 -37.92 -10.50
CA ILE D 144 -9.42 -38.45 -9.15
C ILE D 144 -9.64 -39.96 -9.20
N SER D 145 -8.55 -40.73 -9.29
CA SER D 145 -8.70 -42.17 -9.50
C SER D 145 -7.71 -43.00 -8.67
N PHE D 146 -7.15 -42.46 -7.59
CA PHE D 146 -6.24 -43.20 -6.71
C PHE D 146 -5.03 -43.75 -7.45
N ASP D 147 -4.62 -43.08 -8.54
CA ASP D 147 -3.57 -43.59 -9.41
C ASP D 147 -2.58 -42.49 -9.75
N SER D 148 -2.09 -41.78 -8.73
CA SER D 148 -1.15 -40.70 -8.95
C SER D 148 0.13 -41.22 -9.61
N TYR D 149 0.59 -40.50 -10.62
CA TYR D 149 1.78 -40.88 -11.36
C TYR D 149 3.02 -40.46 -10.56
N VAL D 150 3.80 -41.44 -10.11
CA VAL D 150 4.95 -41.14 -9.26
C VAL D 150 6.00 -40.32 -10.01
N GLY D 151 6.27 -40.68 -11.25
CA GLY D 151 7.24 -39.95 -12.05
C GLY D 151 7.85 -40.86 -13.11
N HIS D 152 8.91 -40.35 -13.73
CA HIS D 152 9.61 -41.03 -14.81
C HIS D 152 10.93 -41.57 -14.29
N ASP D 153 11.17 -42.86 -14.50
CA ASP D 153 12.41 -43.52 -14.08
C ASP D 153 13.37 -43.55 -15.26
N TRP D 154 14.63 -43.17 -15.00
CA TRP D 154 15.60 -43.05 -16.08
C TRP D 154 15.91 -44.40 -16.71
N MET D 155 16.11 -45.44 -15.89
CA MET D 155 16.50 -46.74 -16.39
C MET D 155 15.31 -47.66 -16.68
N ASP D 156 14.29 -47.61 -15.82
CA ASP D 156 13.13 -48.47 -16.03
C ASP D 156 12.37 -48.08 -17.29
N ASP D 157 12.20 -46.78 -17.53
CA ASP D 157 11.43 -46.28 -18.67
C ASP D 157 12.39 -45.52 -19.59
N TYR D 158 13.01 -46.23 -20.53
CA TYR D 158 13.85 -45.59 -21.53
C TYR D 158 13.48 -45.95 -22.96
N GLU D 159 12.74 -47.04 -23.19
CA GLU D 159 12.20 -47.29 -24.52
C GLU D 159 11.15 -46.25 -24.89
N ALA D 160 10.26 -45.92 -23.95
CA ALA D 160 9.28 -44.87 -24.18
C ALA D 160 9.97 -43.53 -24.39
N ARG D 161 11.05 -43.27 -23.65
CA ARG D 161 11.80 -42.03 -23.84
C ARG D 161 12.45 -41.99 -25.21
N TRP D 162 13.03 -43.10 -25.66
CA TRP D 162 13.65 -43.13 -26.99
C TRP D 162 12.61 -43.00 -28.09
N LEU D 163 11.39 -43.47 -27.83
CA LEU D 163 10.31 -43.22 -28.80
C LEU D 163 9.73 -41.83 -28.57
N SER D 164 10.61 -40.85 -28.39
CA SER D 164 10.24 -39.44 -28.41
C SER D 164 11.29 -38.57 -29.08
N TYR D 165 12.36 -39.15 -29.63
CA TYR D 165 13.44 -38.40 -30.25
C TYR D 165 13.30 -38.30 -31.76
N MET D 166 12.93 -39.39 -32.43
CA MET D 166 12.66 -39.36 -33.86
C MET D 166 11.21 -39.04 -34.17
N ASN D 167 10.36 -38.92 -33.15
CA ASN D 167 8.98 -38.53 -33.38
C ASN D 167 8.90 -37.13 -33.98
N LYS D 168 9.58 -36.17 -33.36
CA LYS D 168 9.74 -34.80 -33.85
C LYS D 168 8.42 -34.08 -34.07
N ALA D 169 7.30 -34.64 -33.61
CA ALA D 169 6.04 -33.94 -33.68
C ALA D 169 5.98 -32.76 -32.73
N ARG D 170 6.92 -32.64 -31.80
CA ARG D 170 6.94 -31.52 -30.88
C ARG D 170 7.45 -30.25 -31.56
N LYS D 171 8.38 -30.39 -32.50
CA LYS D 171 8.99 -29.24 -33.14
C LYS D 171 8.20 -28.83 -34.38
N VAL D 172 7.99 -27.53 -34.53
CA VAL D 172 7.30 -26.92 -35.66
C VAL D 172 8.31 -26.06 -36.42
N PRO D 173 8.75 -26.48 -37.60
CA PRO D 173 9.80 -25.75 -38.31
C PRO D 173 9.35 -24.36 -38.74
N PHE D 174 10.31 -23.44 -38.78
CA PHE D 174 10.10 -22.10 -39.32
C PHE D 174 10.10 -22.17 -40.85
N LYS D 175 10.09 -21.00 -41.49
CA LYS D 175 10.36 -20.91 -42.92
C LYS D 175 11.69 -20.27 -43.23
N LEU D 176 12.19 -19.39 -42.37
CA LEU D 176 13.53 -18.85 -42.52
C LEU D 176 14.56 -19.89 -42.10
N ARG D 177 15.66 -19.95 -42.84
CA ARG D 177 16.68 -20.97 -42.57
C ARG D 177 17.47 -20.64 -41.31
N ILE D 178 17.72 -19.36 -41.03
CA ILE D 178 18.54 -18.99 -39.88
C ILE D 178 17.81 -19.31 -38.58
N LEU D 179 16.50 -19.07 -38.54
CA LEU D 179 15.73 -19.37 -37.32
C LEU D 179 15.68 -20.87 -37.06
N ASN D 180 15.56 -21.68 -38.12
CA ASN D 180 15.63 -23.12 -37.96
C ASN D 180 17.02 -23.55 -37.49
N LYS D 181 18.07 -22.91 -38.01
CA LYS D 181 19.42 -23.28 -37.63
C LYS D 181 19.69 -22.98 -36.16
N ILE D 182 19.28 -21.81 -35.68
CA ILE D 182 19.56 -21.46 -34.29
C ILE D 182 18.70 -22.28 -33.34
N THR D 183 17.49 -22.65 -33.74
CA THR D 183 16.59 -23.43 -32.90
C THR D 183 16.71 -24.93 -33.15
N LYS D 184 17.56 -25.34 -34.09
CA LYS D 184 17.80 -26.76 -34.39
C LYS D 184 16.50 -27.50 -34.71
N GLY D 185 15.78 -26.98 -35.70
CA GLY D 185 14.56 -27.61 -36.17
C GLY D 185 13.29 -26.81 -35.95
N GLY D 186 13.39 -25.59 -35.42
CA GLY D 186 12.22 -24.76 -35.21
C GLY D 186 11.76 -24.78 -33.76
N ALA D 187 10.68 -24.02 -33.52
CA ALA D 187 10.13 -23.93 -32.19
C ALA D 187 9.37 -25.21 -31.83
N GLU D 188 9.13 -25.38 -30.54
CA GLU D 188 8.47 -26.57 -30.01
C GLU D 188 7.09 -26.23 -29.49
N THR D 189 6.18 -27.20 -29.59
CA THR D 189 4.84 -27.02 -29.04
C THR D 189 4.89 -26.93 -27.53
N GLY D 190 3.90 -26.25 -26.96
CA GLY D 190 3.88 -26.03 -25.53
C GLY D 190 5.00 -25.15 -25.02
N THR D 191 5.29 -24.06 -25.70
CA THR D 191 6.34 -23.14 -25.32
C THR D 191 5.82 -21.71 -25.40
N LEU D 192 6.65 -20.76 -24.94
CA LEU D 192 6.34 -19.34 -24.97
C LEU D 192 7.54 -18.60 -25.52
N ASN D 193 7.46 -18.16 -26.78
CA ASN D 193 8.52 -17.42 -27.43
C ASN D 193 8.17 -15.94 -27.44
N VAL D 194 9.20 -15.10 -27.32
CA VAL D 194 9.03 -13.67 -27.08
C VAL D 194 9.92 -12.88 -28.01
N LEU D 195 9.41 -11.75 -28.51
CA LEU D 195 10.18 -10.75 -29.24
C LEU D 195 10.27 -9.48 -28.41
N MET D 196 11.49 -9.01 -28.19
CA MET D 196 11.76 -7.75 -27.50
C MET D 196 12.39 -6.78 -28.48
N ALA D 197 11.71 -5.68 -28.74
CA ALA D 197 12.25 -4.73 -29.70
C ALA D 197 12.30 -3.30 -29.16
N GLY D 198 11.33 -2.91 -28.36
CA GLY D 198 11.14 -1.52 -28.00
C GLY D 198 9.79 -1.00 -28.51
N VAL D 199 9.74 0.29 -28.81
CA VAL D 199 8.54 0.93 -29.32
C VAL D 199 8.79 1.32 -30.77
N ASN D 200 7.93 0.83 -31.67
CA ASN D 200 7.96 1.18 -33.09
C ASN D 200 9.30 0.79 -33.72
N VAL D 201 9.74 -0.44 -33.44
CA VAL D 201 10.96 -0.97 -34.02
C VAL D 201 10.62 -2.17 -34.89
N GLY D 202 9.54 -2.85 -34.53
CA GLY D 202 9.16 -4.12 -35.12
C GLY D 202 8.16 -4.79 -34.20
N LYS D 203 8.41 -6.05 -33.85
CA LYS D 203 7.77 -6.68 -32.69
C LYS D 203 6.29 -6.96 -32.92
N SER D 204 5.75 -6.45 -34.02
CA SER D 204 4.42 -6.85 -34.51
C SER D 204 4.54 -7.10 -35.99
N LEU D 205 5.50 -6.42 -36.63
CA LEU D 205 5.93 -6.80 -37.98
C LEU D 205 6.54 -8.19 -37.96
N GLY D 206 7.36 -8.48 -36.96
CA GLY D 206 7.92 -9.82 -36.83
C GLY D 206 6.87 -10.87 -36.55
N LEU D 207 5.90 -10.55 -35.70
CA LEU D 207 4.82 -11.49 -35.43
C LEU D 207 3.98 -11.74 -36.68
N CYS D 208 3.70 -10.70 -37.45
CA CYS D 208 2.95 -10.88 -38.69
C CYS D 208 3.74 -11.69 -39.72
N SER D 209 5.06 -11.45 -39.79
CA SER D 209 5.89 -12.23 -40.70
C SER D 209 5.91 -13.71 -40.30
N LEU D 210 6.02 -13.98 -38.99
CA LEU D 210 5.94 -15.35 -38.52
C LEU D 210 4.60 -15.98 -38.84
N ALA D 211 3.52 -15.23 -38.62
CA ALA D 211 2.18 -15.74 -38.94
C ALA D 211 2.05 -16.09 -40.41
N ALA D 212 2.55 -15.21 -41.28
CA ALA D 212 2.49 -15.47 -42.72
C ALA D 212 3.32 -16.70 -43.09
N ASP D 213 4.52 -16.82 -42.52
CA ASP D 213 5.38 -17.96 -42.84
C ASP D 213 4.76 -19.27 -42.38
N TYR D 214 4.18 -19.27 -41.18
CA TYR D 214 3.49 -20.48 -40.71
C TYR D 214 2.28 -20.78 -41.56
N LEU D 215 1.54 -19.75 -41.97
CA LEU D 215 0.36 -19.95 -42.80
C LEU D 215 0.74 -20.56 -44.15
N GLN D 216 1.86 -20.15 -44.72
CA GLN D 216 2.31 -20.75 -45.97
C GLN D 216 2.71 -22.21 -45.79
N LEU D 217 3.18 -22.58 -44.60
CA LEU D 217 3.53 -23.97 -44.34
C LEU D 217 2.37 -24.75 -43.71
N GLY D 218 1.19 -24.62 -44.29
CA GLY D 218 0.06 -25.48 -43.93
C GLY D 218 -0.28 -25.49 -42.46
N HIS D 219 -0.29 -24.32 -41.82
CA HIS D 219 -0.58 -24.23 -40.40
C HIS D 219 -1.83 -23.39 -40.15
N ASN D 220 -2.53 -23.73 -39.07
CA ASN D 220 -3.66 -22.94 -38.59
C ASN D 220 -3.13 -21.94 -37.56
N VAL D 221 -3.22 -20.66 -37.88
CA VAL D 221 -2.64 -19.59 -37.07
C VAL D 221 -3.76 -18.75 -36.48
N LEU D 222 -3.67 -18.48 -35.19
CA LEU D 222 -4.64 -17.65 -34.46
C LEU D 222 -3.91 -16.41 -33.97
N TYR D 223 -4.05 -15.31 -34.70
CA TYR D 223 -3.50 -14.03 -34.28
C TYR D 223 -4.46 -13.37 -33.31
N ILE D 224 -3.94 -12.93 -32.16
CA ILE D 224 -4.73 -12.24 -31.15
C ILE D 224 -4.09 -10.88 -30.91
N SER D 225 -4.82 -9.81 -31.26
CA SER D 225 -4.32 -8.46 -31.17
C SER D 225 -5.03 -7.75 -30.03
N MET D 226 -4.26 -7.34 -29.01
CA MET D 226 -4.88 -6.72 -27.80
C MET D 226 -4.93 -5.20 -27.97
N GLN D 227 -4.23 -4.68 -28.98
CA GLN D 227 -4.23 -3.22 -29.26
C GLN D 227 -4.75 -2.97 -30.67
N MET D 228 -3.98 -3.38 -31.69
CA MET D 228 -4.37 -3.12 -33.11
C MET D 228 -5.69 -3.84 -33.40
N ALA D 229 -6.44 -3.35 -34.39
CA ALA D 229 -7.76 -3.96 -34.73
C ALA D 229 -7.56 -5.19 -35.60
N GLU D 230 -8.64 -5.75 -36.16
CA GLU D 230 -8.55 -6.96 -36.96
C GLU D 230 -8.18 -6.66 -38.40
N GLU D 231 -8.50 -5.47 -38.91
CA GLU D 231 -8.21 -5.14 -40.30
C GLU D 231 -6.80 -4.62 -40.50
N VAL D 232 -6.18 -4.05 -39.46
CA VAL D 232 -4.79 -3.62 -39.58
C VAL D 232 -3.86 -4.82 -39.65
N CYS D 233 -4.08 -5.81 -38.77
CA CYS D 233 -3.27 -7.02 -38.81
C CYS D 233 -3.51 -7.80 -40.10
N ALA D 234 -4.77 -7.86 -40.55
CA ALA D 234 -5.06 -8.50 -41.82
C ALA D 234 -4.44 -7.76 -42.98
N LYS D 235 -4.36 -6.43 -42.90
CA LYS D 235 -3.69 -5.65 -43.94
C LYS D 235 -2.19 -5.95 -43.96
N ARG D 236 -1.58 -6.09 -42.77
CA ARG D 236 -0.18 -6.47 -42.72
C ARG D 236 0.04 -7.85 -43.34
N ILE D 237 -0.84 -8.80 -43.03
CA ILE D 237 -0.71 -10.14 -43.61
C ILE D 237 -0.92 -10.09 -45.12
N ASP D 238 -1.85 -9.27 -45.59
CA ASP D 238 -2.05 -9.12 -47.03
C ASP D 238 -0.81 -8.54 -47.70
N ALA D 239 -0.20 -7.54 -47.08
CA ALA D 239 1.03 -6.97 -47.64
C ALA D 239 2.15 -8.01 -47.68
N ASN D 240 2.23 -8.85 -46.65
CA ASN D 240 3.26 -9.88 -46.62
C ASN D 240 3.02 -10.94 -47.71
N MET D 241 1.80 -11.46 -47.78
CA MET D 241 1.52 -12.58 -48.67
C MET D 241 1.50 -12.15 -50.13
N LEU D 242 0.82 -11.03 -50.43
CA LEU D 242 0.60 -10.65 -51.81
C LEU D 242 1.77 -9.88 -52.42
N ASP D 243 2.81 -9.61 -51.62
CA ASP D 243 3.98 -8.85 -52.08
C ASP D 243 3.59 -7.47 -52.61
N VAL D 244 2.63 -6.83 -51.95
CA VAL D 244 2.19 -5.49 -52.27
C VAL D 244 2.44 -4.60 -51.06
N SER D 245 3.08 -3.45 -51.28
CA SER D 245 3.44 -2.58 -50.18
C SER D 245 2.20 -2.02 -49.51
N LEU D 246 2.33 -1.73 -48.21
CA LEU D 246 1.24 -1.08 -47.48
C LEU D 246 0.92 0.30 -48.06
N ASP D 247 1.93 0.99 -48.60
CA ASP D 247 1.69 2.26 -49.27
C ASP D 247 0.85 2.07 -50.53
N ASP D 248 1.07 1.00 -51.27
CA ASP D 248 0.28 0.75 -52.48
C ASP D 248 -1.18 0.54 -52.15
N ILE D 249 -1.48 -0.20 -51.08
CA ILE D 249 -2.86 -0.38 -50.65
C ILE D 249 -3.45 0.96 -50.21
N ASP D 250 -2.69 1.75 -49.45
CA ASP D 250 -3.19 3.04 -49.01
C ASP D 250 -3.38 3.99 -50.19
N ASP D 251 -2.44 4.01 -51.13
CA ASP D 251 -2.49 4.92 -52.26
C ASP D 251 -3.30 4.36 -53.44
N GLY D 252 -3.86 3.17 -53.31
CA GLY D 252 -4.68 2.60 -54.37
C GLY D 252 -3.92 2.28 -55.64
N HIS D 253 -2.70 1.76 -55.53
CA HIS D 253 -1.92 1.36 -56.69
C HIS D 253 -2.14 -0.09 -57.07
N ILE D 254 -3.02 -0.81 -56.38
CA ILE D 254 -3.37 -2.19 -56.69
C ILE D 254 -4.86 -2.24 -56.98
N SER D 255 -5.22 -2.89 -58.09
CA SER D 255 -6.60 -2.96 -58.52
C SER D 255 -7.30 -4.17 -57.88
N TYR D 256 -8.63 -4.17 -57.99
CA TYR D 256 -9.40 -5.30 -57.47
C TYR D 256 -9.13 -6.58 -58.24
N ALA D 257 -8.83 -6.47 -59.54
CA ALA D 257 -8.52 -7.65 -60.34
C ALA D 257 -7.27 -8.34 -59.83
N GLU D 258 -6.20 -7.57 -59.59
CA GLU D 258 -4.96 -8.16 -59.08
C GLU D 258 -5.14 -8.76 -57.70
N TYR D 259 -5.86 -8.06 -56.82
CA TYR D 259 -6.11 -8.56 -55.48
C TYR D 259 -6.89 -9.87 -55.52
N LYS D 260 -7.95 -9.91 -56.33
CA LYS D 260 -8.75 -11.13 -56.45
C LYS D 260 -7.91 -12.27 -57.03
N GLY D 261 -7.12 -11.97 -58.06
CA GLY D 261 -6.29 -13.01 -58.66
C GLY D 261 -5.27 -13.58 -57.70
N LYS D 262 -4.60 -12.71 -56.94
CA LYS D 262 -3.62 -13.19 -55.96
C LYS D 262 -4.29 -14.00 -54.86
N MET D 263 -5.44 -13.54 -54.36
CA MET D 263 -6.14 -14.28 -53.31
C MET D 263 -6.58 -15.66 -53.80
N GLU D 264 -7.12 -15.73 -55.02
CA GLU D 264 -7.55 -17.03 -55.55
C GLU D 264 -6.36 -17.92 -55.84
N LYS D 265 -5.25 -17.35 -56.31
CA LYS D 265 -4.05 -18.14 -56.55
C LYS D 265 -3.51 -18.73 -55.25
N TRP D 266 -3.56 -17.96 -54.17
CA TRP D 266 -3.18 -18.51 -52.87
C TRP D 266 -4.17 -19.58 -52.41
N ARG D 267 -5.47 -19.36 -52.65
CA ARG D 267 -6.47 -20.32 -52.19
C ARG D 267 -6.31 -21.66 -52.90
N GLU D 268 -6.01 -21.65 -54.20
CA GLU D 268 -5.91 -22.91 -54.93
C GLU D 268 -4.67 -23.71 -54.58
N LYS D 269 -3.73 -23.14 -53.83
CA LYS D 269 -2.54 -23.88 -53.41
C LYS D 269 -2.88 -24.76 -52.21
N SER D 270 -2.47 -26.03 -52.28
CA SER D 270 -2.77 -26.96 -51.20
C SER D 270 -1.96 -26.65 -49.95
N THR D 271 -0.74 -26.15 -50.10
CA THR D 271 0.13 -25.84 -48.97
C THR D 271 -0.20 -24.45 -48.43
N LEU D 272 -1.34 -24.37 -47.74
CA LEU D 272 -1.77 -23.13 -47.09
C LEU D 272 -2.81 -23.48 -46.05
N GLY D 273 -2.64 -22.95 -44.84
CA GLY D 273 -3.54 -23.21 -43.74
C GLY D 273 -4.65 -22.18 -43.67
N ARG D 274 -5.07 -21.89 -42.44
CA ARG D 274 -6.09 -20.87 -42.20
C ARG D 274 -5.61 -19.95 -41.08
N LEU D 275 -5.67 -18.64 -41.34
CA LEU D 275 -5.30 -17.62 -40.37
C LEU D 275 -6.54 -16.89 -39.91
N ILE D 276 -6.71 -16.78 -38.60
CA ILE D 276 -7.86 -16.10 -38.01
C ILE D 276 -7.37 -15.05 -37.04
N VAL D 277 -7.84 -13.81 -37.20
CA VAL D 277 -7.41 -12.67 -36.40
C VAL D 277 -8.56 -12.28 -35.47
N LYS D 278 -8.26 -12.20 -34.18
CA LYS D 278 -9.23 -11.82 -33.16
C LYS D 278 -8.69 -10.64 -32.37
N GLN D 279 -9.55 -9.67 -32.11
CA GLN D 279 -9.18 -8.44 -31.41
C GLN D 279 -9.89 -8.36 -30.07
N TYR D 280 -9.13 -8.03 -29.03
CA TYR D 280 -9.67 -7.77 -27.71
C TYR D 280 -9.22 -6.40 -27.23
N PRO D 281 -10.05 -5.71 -26.46
CA PRO D 281 -9.61 -4.43 -25.88
C PRO D 281 -8.43 -4.63 -24.94
N THR D 282 -7.58 -3.61 -24.87
CA THR D 282 -6.38 -3.70 -24.05
C THR D 282 -6.74 -3.98 -22.59
N GLY D 283 -6.11 -5.00 -22.02
CA GLY D 283 -6.39 -5.39 -20.66
C GLY D 283 -7.72 -6.08 -20.46
N GLY D 284 -8.28 -6.68 -21.51
CA GLY D 284 -9.58 -7.31 -21.42
C GLY D 284 -9.62 -8.74 -21.91
N ALA D 285 -8.47 -9.41 -21.88
CA ALA D 285 -8.41 -10.81 -22.28
C ALA D 285 -7.34 -11.50 -21.43
N ASP D 286 -7.57 -12.76 -21.11
CA ASP D 286 -6.66 -13.54 -20.27
C ASP D 286 -6.58 -14.96 -20.81
N ALA D 287 -5.98 -15.84 -20.02
CA ALA D 287 -5.86 -17.25 -20.43
C ALA D 287 -7.24 -17.90 -20.54
N ASN D 288 -8.13 -17.62 -19.59
CA ASN D 288 -9.48 -18.17 -19.66
C ASN D 288 -10.23 -17.65 -20.88
N THR D 289 -10.05 -16.37 -21.19
CA THR D 289 -10.65 -15.82 -22.40
C THR D 289 -10.13 -16.52 -23.65
N PHE D 290 -8.83 -16.81 -23.68
CA PHE D 290 -8.25 -17.49 -24.83
C PHE D 290 -8.75 -18.93 -24.93
N ARG D 291 -8.96 -19.59 -23.78
CA ARG D 291 -9.51 -20.93 -23.80
C ARG D 291 -10.96 -20.93 -24.30
N SER D 292 -11.75 -19.94 -23.87
CA SER D 292 -13.11 -19.82 -24.39
C SER D 292 -13.10 -19.56 -25.89
N LEU D 293 -12.17 -18.72 -26.35
CA LEU D 293 -12.02 -18.47 -27.78
C LEU D 293 -11.65 -19.75 -28.52
N LEU D 294 -10.75 -20.55 -27.94
CA LEU D 294 -10.37 -21.81 -28.54
C LEU D 294 -11.56 -22.75 -28.65
N ASN D 295 -12.36 -22.85 -27.59
CA ASN D 295 -13.53 -23.73 -27.62
C ASN D 295 -14.53 -23.29 -28.67
N GLU D 296 -14.83 -21.99 -28.72
CA GLU D 296 -15.81 -21.52 -29.71
C GLU D 296 -15.26 -21.59 -31.12
N LEU D 297 -13.94 -21.49 -31.29
CA LEU D 297 -13.35 -21.69 -32.61
C LEU D 297 -13.46 -23.15 -33.04
N LYS D 298 -13.18 -24.07 -32.12
CA LYS D 298 -13.29 -25.50 -32.45
C LYS D 298 -14.72 -25.87 -32.80
N LEU D 299 -15.69 -25.34 -32.04
CA LEU D 299 -17.08 -25.72 -32.28
C LEU D 299 -17.67 -25.00 -33.50
N LYS D 300 -17.67 -23.66 -33.48
CA LYS D 300 -18.36 -22.90 -34.52
C LYS D 300 -17.62 -22.94 -35.84
N LYS D 301 -16.29 -22.78 -35.83
CA LYS D 301 -15.51 -22.63 -37.04
C LYS D 301 -14.64 -23.83 -37.36
N ASN D 302 -14.74 -24.91 -36.59
CA ASN D 302 -13.90 -26.11 -36.75
C ASN D 302 -12.45 -25.75 -37.03
N PHE D 303 -11.94 -24.80 -36.26
CA PHE D 303 -10.60 -24.26 -36.42
C PHE D 303 -9.75 -24.67 -35.22
N VAL D 304 -8.75 -25.50 -35.46
CA VAL D 304 -7.85 -25.95 -34.40
C VAL D 304 -6.47 -25.37 -34.66
N PRO D 305 -6.07 -24.31 -33.95
CA PRO D 305 -4.78 -23.68 -34.20
C PRO D 305 -3.62 -24.46 -33.59
N THR D 306 -2.45 -24.24 -34.17
CA THR D 306 -1.20 -24.76 -33.62
C THR D 306 -0.15 -23.68 -33.38
N ILE D 307 -0.34 -22.47 -33.94
CA ILE D 307 0.67 -21.42 -33.88
C ILE D 307 0.08 -20.17 -33.23
N ILE D 308 -0.78 -20.35 -32.22
CA ILE D 308 -1.44 -19.25 -31.52
C ILE D 308 -0.46 -18.12 -31.25
N ILE D 309 -0.82 -16.90 -31.67
CA ILE D 309 0.01 -15.72 -31.53
C ILE D 309 -0.76 -14.69 -30.71
N VAL D 310 -0.09 -14.12 -29.69
CA VAL D 310 -0.70 -13.03 -28.88
C VAL D 310 0.17 -11.79 -29.11
N ASP D 311 -0.42 -10.65 -29.50
CA ASP D 311 0.39 -9.46 -29.87
C ASP D 311 1.25 -8.95 -28.72
N TYR D 312 0.69 -8.75 -27.52
CA TYR D 312 1.57 -8.35 -26.39
C TYR D 312 1.02 -8.94 -25.09
N LEU D 313 1.84 -9.73 -24.37
CA LEU D 313 1.43 -10.33 -23.08
C LEU D 313 1.22 -9.21 -22.05
N GLY D 314 2.08 -8.19 -22.09
CA GLY D 314 1.98 -7.06 -21.13
C GLY D 314 0.64 -6.36 -21.23
N ILE D 315 -0.04 -6.48 -22.37
CA ILE D 315 -1.34 -5.78 -22.59
C ILE D 315 -2.49 -6.68 -22.10
N CYS D 316 -2.20 -7.96 -21.83
CA CYS D 316 -3.26 -8.90 -21.35
C CYS D 316 -3.55 -8.78 -19.86
N LYS D 317 -4.63 -9.40 -19.39
CA LYS D 317 -5.03 -9.39 -17.95
C LYS D 317 -4.71 -10.73 -17.29
N SER D 318 -4.15 -10.71 -16.09
CA SER D 318 -3.91 -11.98 -15.35
C SER D 318 -5.26 -12.59 -14.98
N CYS D 319 -5.37 -13.91 -15.03
CA CYS D 319 -6.67 -14.60 -14.75
C CYS D 319 -6.72 -14.99 -13.28
N ARG D 320 -5.74 -14.56 -12.48
CA ARG D 320 -5.67 -14.98 -11.07
C ARG D 320 -5.49 -13.76 -10.16
N ILE D 321 -4.72 -12.76 -10.58
CA ILE D 321 -4.45 -11.63 -9.70
C ILE D 321 -5.42 -10.51 -10.06
N ARG D 322 -6.02 -9.91 -9.05
CA ARG D 322 -6.91 -8.77 -9.27
C ARG D 322 -6.12 -7.62 -9.89
N VAL D 323 -6.79 -6.86 -10.76
CA VAL D 323 -6.10 -5.83 -11.53
C VAL D 323 -5.52 -4.77 -10.60
N TYR D 324 -4.27 -4.40 -10.88
CA TYR D 324 -3.54 -3.36 -10.15
C TYR D 324 -3.38 -3.69 -8.66
N SER D 325 -3.40 -4.97 -8.31
CA SER D 325 -3.16 -5.40 -6.93
C SER D 325 -1.66 -5.57 -6.66
N GLU D 326 -1.01 -6.42 -7.44
CA GLU D 326 0.43 -6.65 -7.33
C GLU D 326 1.18 -5.76 -8.31
N ASN D 327 2.48 -5.64 -8.08
CA ASN D 327 3.32 -4.80 -8.92
C ASN D 327 3.49 -5.41 -10.31
N SER D 328 4.25 -4.70 -11.16
CA SER D 328 4.44 -5.16 -12.53
C SER D 328 5.15 -6.51 -12.57
N TYR D 329 6.13 -6.71 -11.69
CA TYR D 329 6.92 -7.95 -11.68
C TYR D 329 6.01 -9.16 -11.51
N THR D 330 5.26 -9.20 -10.40
CA THR D 330 4.42 -10.35 -10.11
C THR D 330 3.33 -10.54 -11.16
N THR D 331 2.69 -9.45 -11.57
CA THR D 331 1.58 -9.56 -12.51
C THR D 331 2.05 -10.09 -13.86
N VAL D 332 3.16 -9.55 -14.38
CA VAL D 332 3.65 -9.98 -15.67
C VAL D 332 4.18 -11.41 -15.61
N LYS D 333 4.85 -11.77 -14.51
CA LYS D 333 5.30 -13.14 -14.36
C LYS D 333 4.11 -14.11 -14.35
N ALA D 334 3.05 -13.75 -13.63
CA ALA D 334 1.85 -14.59 -13.60
C ALA D 334 1.22 -14.71 -14.97
N ILE D 335 1.14 -13.60 -15.71
CA ILE D 335 0.53 -13.63 -17.04
C ILE D 335 1.34 -14.52 -17.97
N ALA D 336 2.66 -14.41 -17.93
CA ALA D 336 3.51 -15.25 -18.78
C ALA D 336 3.38 -16.73 -18.40
N GLU D 337 3.34 -17.02 -17.10
CA GLU D 337 3.18 -18.40 -16.67
C GLU D 337 1.84 -18.97 -17.11
N GLU D 338 0.78 -18.18 -17.03
CA GLU D 338 -0.54 -18.65 -17.46
C GLU D 338 -0.57 -18.87 -18.97
N LEU D 339 0.08 -17.99 -19.74
CA LEU D 339 0.14 -18.19 -21.18
C LEU D 339 0.92 -19.45 -21.53
N ARG D 340 2.03 -19.71 -20.83
CA ARG D 340 2.78 -20.93 -21.07
C ARG D 340 1.96 -22.16 -20.69
N ALA D 341 1.18 -22.06 -19.61
CA ALA D 341 0.30 -23.16 -19.23
C ALA D 341 -0.75 -23.41 -20.31
N LEU D 342 -1.32 -22.36 -20.87
CA LEU D 342 -2.27 -22.52 -21.97
C LEU D 342 -1.59 -23.18 -23.16
N ALA D 343 -0.37 -22.76 -23.48
CA ALA D 343 0.34 -23.31 -24.64
C ALA D 343 0.61 -24.80 -24.45
N VAL D 344 1.04 -25.20 -23.25
CA VAL D 344 1.27 -26.63 -23.01
C VAL D 344 -0.04 -27.39 -22.97
N GLU D 345 -1.13 -26.74 -22.54
CA GLU D 345 -2.42 -27.42 -22.51
C GLU D 345 -2.92 -27.73 -23.92
N THR D 346 -2.91 -26.74 -24.80
CA THR D 346 -3.40 -26.95 -26.15
C THR D 346 -2.32 -27.40 -27.12
N GLU D 347 -1.09 -27.55 -26.66
CA GLU D 347 0.03 -28.05 -27.47
C GLU D 347 0.21 -27.22 -28.74
N THR D 348 0.43 -25.92 -28.53
CA THR D 348 0.62 -24.98 -29.63
C THR D 348 1.87 -24.15 -29.40
N VAL D 349 2.47 -23.68 -30.49
CA VAL D 349 3.60 -22.77 -30.39
C VAL D 349 3.04 -21.37 -30.13
N LEU D 350 3.33 -20.82 -28.96
CA LEU D 350 2.82 -19.51 -28.56
C LEU D 350 3.91 -18.46 -28.77
N TRP D 351 3.56 -17.42 -29.54
CA TRP D 351 4.47 -16.33 -29.84
C TRP D 351 3.90 -15.04 -29.28
N THR D 352 4.78 -14.19 -28.74
CA THR D 352 4.36 -12.98 -28.07
C THR D 352 5.43 -11.90 -28.24
N ALA D 353 5.07 -10.68 -27.89
CA ALA D 353 5.96 -9.54 -27.94
C ALA D 353 6.11 -8.95 -26.54
N ALA D 354 7.27 -8.35 -26.28
CA ALA D 354 7.53 -7.74 -24.98
C ALA D 354 8.31 -6.44 -25.18
N GLN D 355 7.97 -5.45 -24.38
CA GLN D 355 8.64 -4.15 -24.43
C GLN D 355 9.97 -4.21 -23.68
N VAL D 356 10.85 -3.28 -24.03
CA VAL D 356 12.09 -3.08 -23.30
C VAL D 356 11.99 -1.77 -22.52
N GLY D 357 12.92 -1.57 -21.59
CA GLY D 357 12.92 -0.38 -20.79
C GLY D 357 13.24 0.86 -21.60
N LYS D 358 12.95 2.01 -21.00
CA LYS D 358 13.21 3.29 -21.66
C LYS D 358 14.70 3.49 -21.94
N GLN D 359 15.57 2.91 -21.11
CA GLN D 359 17.00 3.07 -21.30
C GLN D 359 17.52 2.31 -22.51
N ALA D 360 16.81 1.29 -22.96
CA ALA D 360 17.25 0.50 -24.11
C ALA D 360 16.84 1.12 -25.45
N TRP D 361 15.94 2.09 -25.45
CA TRP D 361 15.50 2.71 -26.69
C TRP D 361 16.64 3.48 -27.33
N ASP D 362 16.69 3.43 -28.66
CA ASP D 362 17.71 4.13 -29.44
C ASP D 362 19.12 3.75 -29.00
N SER D 363 19.31 2.45 -28.72
CA SER D 363 20.60 1.93 -28.31
C SER D 363 21.05 0.85 -29.30
N SER D 364 22.36 0.81 -29.56
CA SER D 364 22.91 -0.14 -30.52
C SER D 364 22.90 -1.57 -30.00
N ASP D 365 22.59 -1.79 -28.72
CA ASP D 365 22.56 -3.13 -28.16
C ASP D 365 21.48 -3.17 -27.08
N VAL D 366 20.80 -4.32 -27.00
CA VAL D 366 19.74 -4.54 -26.02
C VAL D 366 20.08 -5.80 -25.27
N ASN D 367 20.20 -5.70 -23.94
CA ASN D 367 20.53 -6.82 -23.09
C ASN D 367 19.25 -7.42 -22.49
N MET D 368 19.41 -8.60 -21.90
CA MET D 368 18.27 -9.27 -21.26
C MET D 368 17.77 -8.49 -20.05
N SER D 369 18.66 -7.73 -19.39
CA SER D 369 18.28 -6.92 -18.25
C SER D 369 17.43 -5.72 -18.64
N ASP D 370 17.30 -5.44 -19.93
CA ASP D 370 16.49 -4.31 -20.41
C ASP D 370 15.01 -4.65 -20.54
N ILE D 371 14.60 -5.86 -20.16
CA ILE D 371 13.19 -6.21 -20.19
C ILE D 371 12.40 -5.23 -19.34
N ALA D 372 11.21 -4.85 -19.81
CA ALA D 372 10.53 -3.69 -19.24
C ALA D 372 9.79 -4.03 -17.97
N GLU D 373 8.80 -4.92 -18.05
CA GLU D 373 7.80 -4.99 -16.99
C GLU D 373 8.10 -6.04 -15.92
N SER D 374 8.95 -7.01 -16.19
CA SER D 374 9.26 -8.03 -15.20
C SER D 374 10.54 -8.76 -15.57
N ALA D 375 11.32 -9.10 -14.54
CA ALA D 375 12.46 -9.98 -14.73
C ALA D 375 12.07 -11.45 -14.76
N GLY D 376 10.85 -11.78 -14.33
CA GLY D 376 10.39 -13.16 -14.38
C GLY D 376 10.01 -13.65 -15.76
N LEU D 377 9.66 -12.73 -16.67
CA LEU D 377 9.31 -13.12 -18.03
C LEU D 377 10.45 -13.85 -18.75
N PRO D 378 11.70 -13.39 -18.71
CA PRO D 378 12.78 -14.21 -19.27
C PRO D 378 12.92 -15.56 -18.60
N ALA D 379 12.61 -15.66 -17.30
CA ALA D 379 12.75 -16.92 -16.60
C ALA D 379 11.66 -17.91 -16.97
N THR D 380 10.47 -17.42 -17.34
CA THR D 380 9.34 -18.29 -17.66
C THR D 380 9.05 -18.35 -19.16
N ALA D 381 10.08 -18.09 -19.99
CA ALA D 381 9.89 -18.08 -21.46
C ALA D 381 10.89 -19.03 -22.12
N ASP D 382 10.42 -19.88 -23.05
CA ASP D 382 11.32 -20.88 -23.69
C ASP D 382 12.36 -20.21 -24.58
N PHE D 383 11.95 -19.26 -25.42
CA PHE D 383 12.90 -18.62 -26.37
C PHE D 383 12.58 -17.12 -26.43
N MET D 384 13.61 -16.29 -26.45
CA MET D 384 13.40 -14.83 -26.62
C MET D 384 14.35 -14.33 -27.70
N LEU D 385 13.90 -13.39 -28.51
CA LEU D 385 14.77 -12.80 -29.55
C LEU D 385 14.66 -11.27 -29.44
N ALA D 386 15.78 -10.58 -29.44
CA ALA D 386 15.83 -9.13 -29.31
C ALA D 386 15.99 -8.50 -30.68
N VAL D 387 15.10 -7.56 -31.01
CA VAL D 387 15.13 -6.86 -32.29
C VAL D 387 15.73 -5.48 -32.07
N ILE D 388 16.85 -5.21 -32.75
CA ILE D 388 17.61 -3.98 -32.57
C ILE D 388 17.71 -3.28 -33.91
N GLU D 389 17.38 -1.98 -33.91
CA GLU D 389 17.46 -1.17 -35.12
C GLU D 389 18.15 0.14 -34.80
N THR D 390 19.20 0.47 -35.55
CA THR D 390 19.88 1.74 -35.48
C THR D 390 19.66 2.50 -36.78
N GLU D 391 20.20 3.73 -36.83
CA GLU D 391 20.04 4.53 -38.04
C GLU D 391 20.75 3.89 -39.22
N GLU D 392 21.95 3.36 -39.00
CA GLU D 392 22.67 2.66 -40.06
C GLU D 392 21.91 1.42 -40.52
N LEU D 393 21.38 0.65 -39.58
CA LEU D 393 20.60 -0.52 -39.94
C LEU D 393 19.31 -0.14 -40.66
N ALA D 394 18.66 0.93 -40.21
CA ALA D 394 17.44 1.39 -40.88
C ALA D 394 17.73 1.84 -42.30
N ALA D 395 18.86 2.53 -42.52
CA ALA D 395 19.23 2.94 -43.87
C ALA D 395 19.58 1.74 -44.76
N ALA D 396 19.95 0.61 -44.16
CA ALA D 396 20.28 -0.60 -44.91
C ALA D 396 19.11 -1.56 -45.01
N GLU D 397 17.93 -1.17 -44.51
CA GLU D 397 16.74 -2.02 -44.50
C GLU D 397 17.01 -3.35 -43.81
N GLN D 398 17.74 -3.30 -42.69
CA GLN D 398 18.10 -4.49 -41.94
C GLN D 398 17.88 -4.25 -40.46
N GLN D 399 17.69 -5.35 -39.72
CA GLN D 399 17.58 -5.32 -38.28
C GLN D 399 18.46 -6.42 -37.69
N LEU D 400 19.03 -6.14 -36.51
CA LEU D 400 19.91 -7.12 -35.84
C LEU D 400 19.09 -7.89 -34.82
N ILE D 401 18.94 -9.20 -35.02
CA ILE D 401 18.19 -10.05 -34.06
C ILE D 401 19.23 -10.71 -33.15
N LYS D 402 19.16 -10.45 -31.85
CA LYS D 402 20.12 -11.05 -30.89
C LYS D 402 19.40 -12.15 -30.11
N GLN D 403 20.02 -13.32 -29.99
CA GLN D 403 19.41 -14.43 -29.23
C GLN D 403 19.63 -14.13 -27.76
N ILE D 404 18.57 -13.78 -27.02
CA ILE D 404 18.74 -13.36 -25.60
C ILE D 404 18.55 -14.59 -24.69
N LYS D 405 17.45 -15.32 -24.84
CA LYS D 405 17.25 -16.56 -24.08
C LYS D 405 16.98 -17.66 -25.09
N SER D 406 17.95 -18.54 -25.32
CA SER D 406 17.79 -19.59 -26.37
C SER D 406 17.72 -20.94 -25.69
N ARG D 407 16.52 -21.41 -25.43
CA ARG D 407 16.38 -22.68 -24.72
C ARG D 407 16.48 -23.89 -25.63
N TYR D 408 16.36 -23.71 -26.95
CA TYR D 408 16.47 -24.81 -27.89
C TYR D 408 17.90 -25.08 -28.34
N GLY D 409 18.83 -24.23 -27.96
CA GLY D 409 20.20 -24.40 -28.39
C GLY D 409 21.13 -23.47 -27.65
N ASP D 410 22.39 -23.47 -28.07
CA ASP D 410 23.39 -22.60 -27.47
C ASP D 410 23.25 -21.20 -28.06
N LYS D 411 23.03 -20.22 -27.18
CA LYS D 411 22.82 -18.82 -27.61
C LYS D 411 24.15 -18.20 -28.00
N ASN D 412 25.26 -18.69 -27.48
CA ASN D 412 26.56 -18.05 -27.79
C ASN D 412 26.81 -18.17 -29.29
N LYS D 413 26.43 -19.30 -29.88
CA LYS D 413 26.59 -19.51 -31.35
C LYS D 413 25.52 -18.71 -32.09
N TRP D 414 25.93 -17.98 -33.14
CA TRP D 414 24.97 -17.18 -33.94
C TRP D 414 24.17 -16.24 -33.03
N ASN D 415 24.83 -15.53 -32.12
CA ASN D 415 24.09 -14.69 -31.14
C ASN D 415 23.44 -13.52 -31.87
N LYS D 416 24.16 -12.89 -32.80
CA LYS D 416 23.61 -11.71 -33.51
C LYS D 416 23.72 -11.93 -35.02
N PHE D 417 22.59 -11.88 -35.73
CA PHE D 417 22.58 -11.98 -37.21
C PHE D 417 21.69 -10.85 -37.73
N LEU D 418 21.86 -10.47 -38.98
CA LEU D 418 21.11 -9.31 -39.53
C LEU D 418 19.96 -9.81 -40.41
N MET D 419 18.71 -9.60 -39.99
CA MET D 419 17.57 -9.95 -40.85
C MET D 419 17.36 -8.82 -41.84
N GLY D 420 16.70 -9.08 -42.97
CA GLY D 420 16.44 -8.03 -43.94
C GLY D 420 15.03 -7.51 -43.80
N VAL D 421 14.63 -7.05 -42.63
CA VAL D 421 13.25 -6.59 -42.56
C VAL D 421 12.95 -5.59 -43.67
N GLN D 422 11.83 -5.80 -44.36
CA GLN D 422 11.27 -4.85 -45.30
C GLN D 422 9.99 -4.30 -44.68
N LYS D 423 10.03 -3.03 -44.26
CA LYS D 423 8.91 -2.48 -43.51
C LYS D 423 7.69 -2.21 -44.38
N GLY D 424 7.91 -1.98 -45.68
CA GLY D 424 6.78 -1.77 -46.57
C GLY D 424 5.91 -3.01 -46.73
N ASN D 425 6.55 -4.17 -46.85
CA ASN D 425 5.84 -5.44 -47.05
C ASN D 425 5.63 -6.21 -45.76
N GLN D 426 6.09 -5.70 -44.61
CA GLN D 426 5.93 -6.36 -43.32
C GLN D 426 6.50 -7.78 -43.36
N LYS D 427 7.70 -7.92 -43.92
CA LYS D 427 8.30 -9.21 -44.17
C LYS D 427 9.72 -9.26 -43.66
N TRP D 428 10.13 -10.43 -43.17
CA TRP D 428 11.51 -10.72 -42.82
C TRP D 428 12.13 -11.57 -43.92
N VAL D 429 13.31 -11.17 -44.39
CA VAL D 429 14.04 -11.93 -45.40
C VAL D 429 15.44 -12.18 -44.88
N GLU D 430 16.04 -13.28 -45.32
CA GLU D 430 17.39 -13.61 -44.92
C GLU D 430 18.41 -12.91 -45.81
N ILE D 431 19.66 -12.91 -45.36
CA ILE D 431 20.76 -12.33 -46.11
C ILE D 431 21.67 -13.40 -46.72
N GLU D 432 21.53 -14.64 -46.29
CA GLU D 432 22.33 -15.73 -46.84
C GLU D 432 22.01 -15.97 -48.31
N MET E 1 -7.62 -35.74 30.70
CA MET E 1 -7.01 -37.03 30.35
C MET E 1 -6.26 -37.61 31.54
N VAL E 2 -6.80 -37.39 32.74
CA VAL E 2 -6.13 -37.88 33.95
C VAL E 2 -6.07 -39.41 33.95
N GLU E 3 -7.12 -40.06 33.43
CA GLU E 3 -7.13 -41.52 33.40
C GLU E 3 -5.99 -42.06 32.54
N ILE E 4 -5.76 -41.45 31.38
CA ILE E 4 -4.67 -41.88 30.51
C ILE E 4 -3.33 -41.67 31.20
N ILE E 5 -3.16 -40.52 31.87
CA ILE E 5 -1.89 -40.22 32.52
C ILE E 5 -1.60 -41.24 33.61
N LEU E 6 -2.60 -41.55 34.43
CA LEU E 6 -2.41 -42.53 35.50
C LEU E 6 -2.15 -43.92 34.94
N SER E 7 -2.91 -44.31 33.91
CA SER E 7 -2.75 -45.64 33.33
C SER E 7 -1.36 -45.83 32.75
N HIS E 8 -0.84 -44.81 32.04
CA HIS E 8 0.49 -44.91 31.48
C HIS E 8 1.59 -44.62 32.49
N LEU E 9 1.25 -44.05 33.65
CA LEU E 9 2.20 -44.02 34.75
C LEU E 9 2.39 -45.40 35.33
N ILE E 10 1.29 -46.11 35.59
CA ILE E 10 1.39 -47.44 36.18
C ILE E 10 1.94 -48.44 35.17
N PHE E 11 1.42 -48.42 33.93
CA PHE E 11 1.64 -49.50 32.98
C PHE E 11 2.67 -49.19 31.91
N ASP E 12 3.44 -48.10 32.04
CA ASP E 12 4.45 -47.77 31.04
C ASP E 12 5.66 -47.19 31.74
N GLN E 13 6.81 -47.85 31.60
CA GLN E 13 8.04 -47.37 32.22
C GLN E 13 8.64 -46.19 31.47
N ALA E 14 8.56 -46.20 30.13
CA ALA E 14 9.10 -45.10 29.35
C ALA E 14 8.37 -43.80 29.65
N TYR E 15 7.04 -43.86 29.78
CA TYR E 15 6.27 -42.68 30.16
C TYR E 15 6.61 -42.23 31.57
N PHE E 16 6.77 -43.18 32.50
CA PHE E 16 7.11 -42.85 33.88
C PHE E 16 8.50 -42.23 33.98
N SER E 17 9.39 -42.56 33.05
CA SER E 17 10.77 -42.07 33.11
C SER E 17 10.94 -40.66 32.54
N LYS E 18 9.88 -40.07 32.00
CA LYS E 18 9.97 -38.74 31.41
C LYS E 18 8.99 -37.73 31.99
N VAL E 19 7.98 -38.22 32.73
CA VAL E 19 6.91 -37.33 33.26
C VAL E 19 6.96 -37.28 34.80
N TRP E 20 7.37 -38.36 35.47
CA TRP E 20 7.35 -38.39 36.97
C TRP E 20 8.23 -37.27 37.53
N PRO E 21 9.38 -36.92 36.91
CA PRO E 21 10.17 -35.80 37.39
C PRO E 21 9.32 -34.54 37.56
N TYR E 22 8.34 -34.34 36.67
CA TYR E 22 7.51 -33.10 36.72
C TYR E 22 6.05 -33.46 36.93
N MET E 23 5.65 -33.69 38.18
CA MET E 23 4.27 -34.11 38.49
C MET E 23 3.97 -33.78 39.96
N ASP E 24 2.80 -33.19 40.24
CA ASP E 24 2.42 -32.78 41.58
C ASP E 24 0.95 -33.10 41.79
N SER E 25 0.57 -33.21 43.07
CA SER E 25 -0.82 -33.47 43.41
C SER E 25 -1.73 -32.31 43.02
N GLU E 26 -1.19 -31.09 42.98
CA GLU E 26 -2.00 -29.94 42.60
C GLU E 26 -2.38 -29.96 41.12
N TYR E 27 -1.64 -30.70 40.30
CA TYR E 27 -1.87 -30.70 38.86
C TYR E 27 -3.11 -31.48 38.44
N PHE E 28 -3.60 -32.40 39.26
CA PHE E 28 -4.59 -33.36 38.76
C PHE E 28 -6.03 -32.91 39.01
N GLU E 29 -6.43 -32.82 40.27
CA GLU E 29 -7.82 -32.55 40.62
C GLU E 29 -7.89 -32.36 42.13
N SER E 30 -9.10 -32.24 42.66
CA SER E 30 -9.33 -32.23 44.09
C SER E 30 -10.12 -33.45 44.56
N GLY E 31 -10.45 -34.37 43.66
CA GLY E 31 -11.25 -35.53 44.01
C GLY E 31 -10.50 -36.84 43.88
N PRO E 32 -11.12 -37.81 43.21
CA PRO E 32 -10.49 -39.14 43.08
C PRO E 32 -9.15 -39.13 42.37
N ALA E 33 -8.97 -38.23 41.40
CA ALA E 33 -7.72 -38.17 40.66
C ALA E 33 -6.55 -37.81 41.58
N LYS E 34 -6.73 -36.80 42.42
CA LYS E 34 -5.66 -36.40 43.32
C LYS E 34 -5.35 -37.51 44.32
N ASN E 35 -6.38 -38.18 44.84
CA ASN E 35 -6.16 -39.26 45.79
C ASN E 35 -5.42 -40.42 45.15
N THR E 36 -5.78 -40.77 43.91
CA THR E 36 -5.07 -41.84 43.21
C THR E 36 -3.61 -41.47 42.98
N PHE E 37 -3.35 -40.23 42.56
CA PHE E 37 -1.96 -39.81 42.37
C PHE E 37 -1.21 -39.78 43.68
N LYS E 38 -1.89 -39.41 44.78
CA LYS E 38 -1.23 -39.42 46.08
C LYS E 38 -0.88 -40.83 46.51
N LEU E 39 -1.76 -41.80 46.24
CA LEU E 39 -1.43 -43.19 46.51
C LEU E 39 -0.22 -43.64 45.69
N ILE E 40 -0.19 -43.28 44.41
CA ILE E 40 0.94 -43.65 43.56
C ILE E 40 2.23 -43.04 44.09
N LYS E 41 2.19 -41.75 44.46
CA LYS E 41 3.37 -41.08 44.95
C LYS E 41 3.84 -41.66 46.28
N SER E 42 2.90 -41.97 47.18
CA SER E 42 3.27 -42.59 48.45
C SER E 42 3.92 -43.95 48.23
N HIS E 43 3.36 -44.75 47.33
CA HIS E 43 3.93 -46.07 47.08
C HIS E 43 5.31 -45.96 46.44
N VAL E 44 5.50 -45.03 45.51
CA VAL E 44 6.81 -44.91 44.88
C VAL E 44 7.84 -44.34 45.86
N ASN E 45 7.40 -43.51 46.81
CA ASN E 45 8.32 -42.99 47.81
C ASN E 45 8.74 -44.08 48.79
N GLU E 46 7.77 -44.86 49.29
CA GLU E 46 8.11 -45.92 50.24
C GLU E 46 8.91 -47.03 49.56
N TYR E 47 8.59 -47.34 48.32
CA TYR E 47 9.29 -48.38 47.57
C TYR E 47 9.58 -47.84 46.17
N HIS E 48 10.86 -47.74 45.84
CA HIS E 48 11.27 -47.03 44.61
C HIS E 48 10.95 -47.83 43.36
N SER E 49 9.67 -48.02 43.08
CA SER E 49 9.22 -48.68 41.85
C SER E 49 7.79 -48.27 41.58
N VAL E 50 7.38 -48.48 40.33
CA VAL E 50 6.00 -48.15 39.94
C VAL E 50 5.05 -49.20 40.48
N PRO E 51 3.99 -48.81 41.19
CA PRO E 51 3.09 -49.81 41.77
C PRO E 51 2.23 -50.49 40.72
N SER E 52 1.68 -51.64 41.11
CA SER E 52 0.74 -52.39 40.29
C SER E 52 -0.68 -52.18 40.80
N ILE E 53 -1.64 -52.72 40.04
CA ILE E 53 -3.04 -52.54 40.40
C ILE E 53 -3.35 -53.21 41.74
N ASN E 54 -2.86 -54.43 41.94
CA ASN E 54 -3.10 -55.12 43.20
C ASN E 54 -2.44 -54.37 44.36
N ALA E 55 -1.19 -53.93 44.17
CA ALA E 55 -0.51 -53.18 45.22
C ALA E 55 -1.22 -51.85 45.49
N LEU E 56 -1.69 -51.19 44.43
CA LEU E 56 -2.41 -49.92 44.61
C LEU E 56 -3.70 -50.14 45.39
N ASN E 57 -4.41 -51.23 45.09
CA ASN E 57 -5.65 -51.52 45.81
C ASN E 57 -5.37 -51.86 47.27
N VAL E 58 -4.30 -52.61 47.53
CA VAL E 58 -3.93 -52.92 48.90
C VAL E 58 -3.59 -51.65 49.66
N ALA E 59 -2.84 -50.73 49.03
CA ALA E 59 -2.53 -49.46 49.66
C ALA E 59 -3.78 -48.64 49.92
N LEU E 60 -4.73 -48.67 48.98
CA LEU E 60 -5.99 -47.97 49.16
C LEU E 60 -6.76 -48.53 50.34
N GLU E 61 -6.74 -49.86 50.51
CA GLU E 61 -7.35 -50.47 51.68
C GLU E 61 -6.65 -50.02 52.96
N ASN E 62 -5.31 -49.95 52.92
CA ASN E 62 -4.56 -49.50 54.09
C ASN E 62 -4.83 -48.04 54.39
N SER E 63 -4.82 -47.20 53.35
CA SER E 63 -5.07 -45.77 53.54
C SER E 63 -6.53 -45.52 53.92
N SER E 64 -6.76 -44.37 54.56
CA SER E 64 -8.08 -44.02 55.09
C SER E 64 -8.68 -42.89 54.27
N PHE E 65 -9.89 -43.12 53.76
CA PHE E 65 -10.64 -42.11 53.03
C PHE E 65 -12.10 -42.20 53.46
N THR E 66 -12.82 -41.09 53.28
CA THR E 66 -14.26 -41.11 53.51
C THR E 66 -14.95 -41.95 52.43
N GLU E 67 -16.25 -42.19 52.63
CA GLU E 67 -16.97 -43.13 51.78
C GLU E 67 -16.98 -42.66 50.32
N THR E 68 -17.27 -41.38 50.12
CA THR E 68 -17.37 -40.86 48.73
C THR E 68 -16.01 -40.99 48.06
N GLU E 69 -14.96 -40.51 48.72
CA GLU E 69 -13.63 -40.57 48.13
C GLU E 69 -13.17 -42.00 47.93
N TYR E 70 -13.52 -42.90 48.86
CA TYR E 70 -13.18 -44.31 48.70
C TYR E 70 -13.84 -44.88 47.45
N SER E 71 -15.13 -44.59 47.26
CA SER E 71 -15.83 -45.08 46.07
C SER E 71 -15.24 -44.49 44.80
N GLY E 72 -14.93 -43.19 44.81
CA GLY E 72 -14.34 -42.57 43.64
C GLY E 72 -12.99 -43.17 43.28
N VAL E 73 -12.15 -43.40 44.29
CA VAL E 73 -10.84 -43.99 44.04
C VAL E 73 -10.97 -45.41 43.53
N LYS E 74 -11.88 -46.20 44.11
CA LYS E 74 -12.08 -47.57 43.61
C LYS E 74 -12.53 -47.56 42.16
N THR E 75 -13.50 -46.69 41.83
CA THR E 75 -13.98 -46.62 40.45
C THR E 75 -12.87 -46.20 39.50
N LEU E 76 -12.06 -45.22 39.90
CA LEU E 76 -10.98 -44.75 39.03
C LEU E 76 -9.91 -45.83 38.87
N ILE E 77 -9.56 -46.53 39.94
CA ILE E 77 -8.54 -47.58 39.86
C ILE E 77 -9.02 -48.72 38.98
N SER E 78 -10.33 -49.02 39.01
CA SER E 78 -10.86 -50.06 38.12
C SER E 78 -10.62 -49.72 36.66
N LYS E 79 -10.54 -48.42 36.33
CA LYS E 79 -10.41 -47.98 34.95
C LYS E 79 -8.96 -47.66 34.60
N LEU E 80 -8.15 -48.71 34.48
CA LEU E 80 -6.75 -48.57 34.08
C LEU E 80 -6.40 -49.73 33.16
N ALA E 81 -5.93 -49.42 31.96
CA ALA E 81 -5.50 -50.40 30.98
C ALA E 81 -4.17 -49.98 30.38
N ASP E 82 -3.51 -50.94 29.71
CA ASP E 82 -2.24 -50.65 29.06
C ASP E 82 -2.39 -49.61 27.97
N SER E 83 -3.17 -49.94 26.92
CA SER E 83 -3.51 -49.01 25.84
C SER E 83 -2.26 -48.37 25.25
N PRO E 84 -1.48 -49.10 24.46
CA PRO E 84 -0.19 -48.57 23.99
C PRO E 84 -0.32 -47.46 22.97
N GLU E 85 -0.57 -46.23 23.44
CA GLU E 85 -0.62 -45.07 22.55
C GLU E 85 0.79 -44.64 22.16
N ASP E 86 0.84 -43.71 21.21
CA ASP E 86 2.12 -43.18 20.75
C ASP E 86 2.80 -42.40 21.87
N HIS E 87 4.14 -42.51 21.93
CA HIS E 87 4.88 -41.86 23.00
C HIS E 87 4.95 -40.35 22.81
N SER E 88 5.21 -39.90 21.58
CA SER E 88 5.35 -38.47 21.32
C SER E 88 4.04 -37.73 21.60
N TRP E 89 2.92 -38.25 21.10
CA TRP E 89 1.64 -37.62 21.39
C TRP E 89 1.34 -37.63 22.87
N LEU E 90 1.66 -38.73 23.55
CA LEU E 90 1.37 -38.83 24.98
C LEU E 90 2.15 -37.79 25.77
N VAL E 91 3.44 -37.64 25.47
CA VAL E 91 4.24 -36.67 26.22
C VAL E 91 3.81 -35.24 25.90
N LYS E 92 3.49 -34.97 24.63
CA LYS E 92 3.03 -33.63 24.28
C LYS E 92 1.71 -33.31 24.98
N GLU E 93 0.78 -34.27 25.00
CA GLU E 93 -0.51 -34.04 25.62
C GLU E 93 -0.40 -33.87 27.12
N THR E 94 0.46 -34.66 27.77
CA THR E 94 0.62 -34.49 29.21
C THR E 94 1.33 -33.18 29.54
N GLU E 95 2.25 -32.74 28.68
CA GLU E 95 2.85 -31.42 28.87
C GLU E 95 1.80 -30.32 28.77
N LYS E 96 0.91 -30.42 27.78
CA LYS E 96 -0.15 -29.42 27.64
C LYS E 96 -1.08 -29.44 28.86
N TYR E 97 -1.44 -30.63 29.33
CA TYR E 97 -2.32 -30.73 30.49
C TYR E 97 -1.67 -30.13 31.73
N VAL E 98 -0.39 -30.44 31.95
CA VAL E 98 0.32 -29.88 33.09
C VAL E 98 0.39 -28.36 33.00
N GLN E 99 0.69 -27.84 31.80
CA GLN E 99 0.78 -26.39 31.64
C GLN E 99 -0.56 -25.72 31.92
N GLN E 100 -1.66 -26.27 31.41
CA GLN E 100 -2.94 -25.62 31.61
C GLN E 100 -3.38 -25.69 33.07
N ARG E 101 -3.14 -26.83 33.74
CA ARG E 101 -3.50 -26.91 35.15
C ARG E 101 -2.64 -25.98 35.99
N ALA E 102 -1.35 -25.86 35.67
CA ALA E 102 -0.49 -24.94 36.40
C ALA E 102 -0.92 -23.50 36.20
N MET E 103 -1.32 -23.13 34.98
CA MET E 103 -1.82 -21.78 34.74
C MET E 103 -3.10 -21.52 35.53
N PHE E 104 -4.01 -22.50 35.56
CA PHE E 104 -5.23 -22.34 36.35
C PHE E 104 -4.91 -22.15 37.82
N ASN E 105 -4.01 -22.96 38.36
CA ASN E 105 -3.63 -22.82 39.77
C ASN E 105 -2.99 -21.47 40.05
N ALA E 106 -2.13 -21.00 39.15
CA ALA E 106 -1.49 -19.71 39.33
C ALA E 106 -2.50 -18.57 39.31
N THR E 107 -3.47 -18.64 38.39
CA THR E 107 -4.51 -17.61 38.34
C THR E 107 -5.34 -17.61 39.62
N SER E 108 -5.71 -18.79 40.11
CA SER E 108 -6.45 -18.86 41.36
C SER E 108 -5.62 -18.31 42.51
N LYS E 109 -4.32 -18.60 42.53
CA LYS E 109 -3.46 -18.12 43.60
C LYS E 109 -3.36 -16.60 43.60
N ILE E 110 -3.19 -16.00 42.41
CA ILE E 110 -3.08 -14.54 42.37
C ILE E 110 -4.42 -13.89 42.68
N ILE E 111 -5.54 -14.52 42.31
CA ILE E 111 -6.85 -13.99 42.68
C ILE E 111 -7.01 -14.02 44.20
N GLU E 112 -6.59 -15.11 44.84
CA GLU E 112 -6.65 -15.18 46.29
C GLU E 112 -5.74 -14.14 46.94
N ILE E 113 -4.56 -13.91 46.36
CA ILE E 113 -3.66 -12.89 46.89
C ILE E 113 -4.31 -11.51 46.81
N GLN E 114 -4.93 -11.20 45.67
CA GLN E 114 -5.61 -9.91 45.52
C GLN E 114 -6.75 -9.78 46.51
N THR E 115 -7.54 -10.84 46.69
CA THR E 115 -8.66 -10.78 47.63
C THR E 115 -8.16 -10.59 49.06
N ASN E 116 -7.08 -11.26 49.43
CA ASN E 116 -6.52 -11.11 50.77
C ASN E 116 -5.91 -9.73 50.97
N ALA E 117 -5.38 -9.12 49.91
CA ALA E 117 -4.77 -7.80 50.04
C ALA E 117 -5.80 -6.75 50.44
N GLU E 118 -7.02 -6.85 49.92
CA GLU E 118 -8.05 -5.86 50.22
C GLU E 118 -8.56 -5.98 51.65
N LEU E 119 -8.28 -7.09 52.33
CA LEU E 119 -8.74 -7.26 53.71
C LEU E 119 -7.96 -6.32 54.64
N PRO E 120 -8.56 -5.96 55.78
CA PRO E 120 -7.83 -5.16 56.76
C PRO E 120 -6.64 -5.93 57.29
N PRO E 121 -5.58 -5.22 57.69
CA PRO E 121 -4.36 -5.92 58.13
C PRO E 121 -4.59 -6.89 59.28
N GLU E 122 -5.51 -6.58 60.19
CA GLU E 122 -5.81 -7.51 61.28
C GLU E 122 -6.42 -8.80 60.75
N LYS E 123 -7.35 -8.70 59.80
CA LYS E 123 -8.04 -9.88 59.29
C LYS E 123 -7.19 -10.69 58.31
N ARG E 124 -6.30 -10.03 57.58
CA ARG E 124 -5.60 -10.71 56.49
C ARG E 124 -4.63 -11.76 57.03
N ASN E 125 -4.41 -12.80 56.22
CA ASN E 125 -3.50 -13.88 56.56
C ASN E 125 -2.08 -13.52 56.17
N LYS E 126 -1.14 -13.80 57.07
CA LYS E 126 0.26 -13.51 56.81
C LYS E 126 0.94 -14.56 55.94
N LYS E 127 0.31 -15.72 55.74
CA LYS E 127 0.93 -16.77 54.93
C LYS E 127 0.88 -16.41 53.44
N MET E 128 -0.22 -15.83 52.98
CA MET E 128 -0.33 -15.47 51.58
C MET E 128 0.65 -14.35 51.24
N PRO E 129 1.29 -14.41 50.08
CA PRO E 129 2.27 -13.39 49.72
C PRO E 129 1.61 -12.06 49.37
N ASP E 130 2.44 -11.03 49.28
CA ASP E 130 1.96 -9.71 48.89
C ASP E 130 1.67 -9.68 47.39
N VAL E 131 1.09 -8.56 46.95
CA VAL E 131 0.76 -8.40 45.54
C VAL E 131 2.02 -8.37 44.68
N GLY E 132 3.15 -7.95 45.26
CA GLY E 132 4.39 -7.89 44.50
C GLY E 132 4.87 -9.24 44.03
N ALA E 133 4.35 -10.33 44.59
CA ALA E 133 4.69 -11.68 44.17
C ALA E 133 3.76 -12.20 43.08
N ILE E 134 2.83 -11.39 42.60
CA ILE E 134 1.95 -11.82 41.51
C ILE E 134 2.70 -12.15 40.23
N PRO E 135 3.62 -11.31 39.73
CA PRO E 135 4.22 -11.61 38.42
C PRO E 135 5.04 -12.88 38.39
N ASP E 136 6.00 -13.04 39.30
CA ASP E 136 6.85 -14.22 39.27
C ASP E 136 6.06 -15.50 39.48
N ILE E 137 4.93 -15.39 40.19
CA ILE E 137 4.02 -16.56 40.33
C ILE E 137 3.50 -16.93 38.94
N MET E 138 3.48 -15.97 38.02
CA MET E 138 2.93 -16.21 36.66
C MET E 138 4.03 -16.74 35.74
N ARG E 139 5.21 -16.11 35.74
CA ARG E 139 6.29 -16.53 34.81
C ARG E 139 6.72 -17.96 35.13
N GLN E 140 6.82 -18.30 36.42
CA GLN E 140 7.25 -19.66 36.84
C GLN E 140 6.22 -20.66 36.32
N ALA E 141 4.94 -20.29 36.37
CA ALA E 141 3.88 -21.17 35.85
C ALA E 141 4.05 -21.31 34.34
N LEU E 142 4.89 -20.44 33.75
CA LEU E 142 5.16 -20.54 32.29
C LEU E 142 6.57 -21.10 32.06
N SER E 143 7.05 -21.95 32.98
CA SER E 143 8.35 -22.58 32.77
C SER E 143 8.33 -24.01 33.29
N ILE E 144 7.27 -24.75 32.95
CA ILE E 144 7.08 -26.11 33.44
C ILE E 144 7.08 -27.08 32.27
N SER E 145 7.85 -26.76 31.23
CA SER E 145 7.98 -27.65 30.08
C SER E 145 8.70 -28.93 30.48
N PHE E 146 8.41 -30.00 29.75
CA PHE E 146 9.01 -31.31 30.00
C PHE E 146 10.31 -31.40 29.20
N ASP E 147 11.43 -31.15 29.87
CA ASP E 147 12.74 -31.26 29.22
C ASP E 147 13.78 -31.48 30.30
N SER E 148 14.30 -32.71 30.39
CA SER E 148 15.32 -33.05 31.35
C SER E 148 16.74 -32.91 30.81
N TYR E 149 16.90 -32.76 29.50
CA TYR E 149 18.21 -32.64 28.90
C TYR E 149 18.72 -31.21 29.04
N VAL E 150 19.91 -31.05 29.61
CA VAL E 150 20.46 -29.72 29.84
C VAL E 150 21.41 -29.30 28.73
N GLY E 151 22.05 -30.24 28.05
CA GLY E 151 22.91 -29.95 26.93
C GLY E 151 24.33 -30.40 27.18
N HIS E 152 25.20 -30.04 26.23
CA HIS E 152 26.61 -30.37 26.31
C HIS E 152 27.27 -29.67 27.50
N ASP E 153 28.47 -30.11 27.85
CA ASP E 153 29.22 -29.50 28.93
C ASP E 153 30.66 -29.14 28.58
N TRP E 154 31.22 -29.69 27.51
CA TRP E 154 32.53 -29.33 26.96
C TRP E 154 33.67 -29.83 27.83
N MET E 155 33.37 -30.32 29.03
CA MET E 155 34.43 -30.83 29.89
C MET E 155 34.02 -32.18 30.47
N ASP E 156 32.72 -32.39 30.62
CA ASP E 156 32.19 -33.67 31.06
C ASP E 156 31.77 -34.56 29.91
N ASP E 157 31.85 -34.07 28.67
CA ASP E 157 31.38 -34.80 27.50
C ASP E 157 32.33 -34.69 26.31
N TYR E 158 33.62 -34.48 26.58
CA TYR E 158 34.55 -34.31 25.46
C TYR E 158 34.85 -35.64 24.77
N GLU E 159 34.73 -36.75 25.50
CA GLU E 159 34.88 -38.05 24.87
C GLU E 159 33.75 -38.31 23.86
N ALA E 160 32.51 -38.04 24.26
CA ALA E 160 31.39 -38.20 23.35
C ALA E 160 31.50 -37.26 22.16
N ARG E 161 31.98 -36.03 22.41
CA ARG E 161 32.15 -35.08 21.30
C ARG E 161 33.23 -35.56 20.33
N TRP E 162 34.32 -36.13 20.86
CA TRP E 162 35.35 -36.66 19.98
C TRP E 162 34.83 -37.84 19.17
N LEU E 163 34.02 -38.69 19.79
CA LEU E 163 33.39 -39.77 19.04
C LEU E 163 32.47 -39.21 17.95
N SER E 164 31.77 -38.12 18.25
CA SER E 164 30.94 -37.47 17.25
C SER E 164 31.78 -36.89 16.11
N TYR E 165 33.01 -36.47 16.41
CA TYR E 165 33.91 -36.01 15.35
C TYR E 165 34.20 -37.12 14.35
N MET E 166 34.16 -38.38 14.79
CA MET E 166 34.44 -39.51 13.92
C MET E 166 33.21 -39.98 13.15
N ASN E 167 32.03 -39.44 13.44
CA ASN E 167 30.81 -39.79 12.72
C ASN E 167 30.72 -38.93 11.46
N LYS E 168 31.27 -39.46 10.37
CA LYS E 168 31.23 -38.80 9.07
C LYS E 168 30.12 -39.35 8.18
N ALA E 169 29.12 -40.01 8.77
CA ALA E 169 28.03 -40.58 7.98
C ALA E 169 27.14 -39.51 7.36
N ARG E 170 27.20 -38.27 7.86
CA ARG E 170 26.38 -37.20 7.30
C ARG E 170 26.93 -36.73 5.95
N LYS E 171 28.22 -36.87 5.72
CA LYS E 171 28.83 -36.39 4.49
C LYS E 171 28.41 -37.24 3.30
N VAL E 172 28.27 -36.58 2.15
CA VAL E 172 27.99 -37.23 0.88
C VAL E 172 28.95 -36.68 -0.15
N PRO E 173 29.85 -37.50 -0.73
CA PRO E 173 30.83 -36.97 -1.67
C PRO E 173 30.17 -36.45 -2.94
N PHE E 174 30.95 -35.65 -3.69
CA PHE E 174 30.43 -34.88 -4.81
C PHE E 174 30.74 -35.47 -6.18
N LYS E 175 31.68 -36.41 -6.27
CA LYS E 175 32.16 -36.98 -7.53
C LYS E 175 33.03 -35.95 -8.26
N LEU E 176 33.08 -34.73 -7.74
CA LEU E 176 33.98 -33.68 -8.23
C LEU E 176 34.96 -33.36 -7.12
N ARG E 177 36.26 -33.45 -7.42
CA ARG E 177 37.27 -33.30 -6.40
C ARG E 177 37.32 -31.88 -5.85
N ILE E 178 37.04 -30.87 -6.68
CA ILE E 178 37.09 -29.49 -6.21
C ILE E 178 35.95 -29.23 -5.22
N LEU E 179 34.75 -29.75 -5.51
CA LEU E 179 33.62 -29.55 -4.61
C LEU E 179 33.85 -30.26 -3.28
N ASN E 180 34.41 -31.46 -3.31
CA ASN E 180 34.77 -32.15 -2.08
C ASN E 180 35.84 -31.39 -1.30
N LYS E 181 36.81 -30.81 -2.02
CA LYS E 181 37.85 -30.03 -1.37
C LYS E 181 37.28 -28.81 -0.66
N ILE E 182 36.33 -28.13 -1.30
CA ILE E 182 35.78 -26.91 -0.71
C ILE E 182 34.68 -27.21 0.31
N THR E 183 34.10 -28.40 0.30
CA THR E 183 33.09 -28.77 1.29
C THR E 183 33.65 -29.65 2.41
N LYS E 184 34.96 -29.92 2.41
CA LYS E 184 35.60 -30.74 3.43
C LYS E 184 34.95 -32.13 3.53
N GLY E 185 34.65 -32.71 2.38
CA GLY E 185 34.10 -34.06 2.36
C GLY E 185 32.73 -34.17 1.74
N GLY E 186 32.30 -33.14 1.02
CA GLY E 186 31.02 -33.17 0.34
C GLY E 186 29.91 -32.56 1.18
N ALA E 187 28.72 -32.56 0.59
CA ALA E 187 27.54 -32.01 1.25
C ALA E 187 27.08 -32.94 2.37
N GLU E 188 26.25 -32.41 3.24
CA GLU E 188 25.74 -33.12 4.40
C GLU E 188 24.24 -33.36 4.28
N THR E 189 23.76 -34.40 4.94
CA THR E 189 22.35 -34.73 4.89
C THR E 189 21.53 -33.70 5.66
N GLY E 190 20.29 -33.51 5.20
CA GLY E 190 19.40 -32.56 5.85
C GLY E 190 19.83 -31.12 5.75
N THR E 191 20.33 -30.71 4.58
CA THR E 191 20.80 -29.34 4.37
C THR E 191 20.23 -28.80 3.08
N LEU E 192 20.04 -27.47 3.05
CA LEU E 192 19.50 -26.78 1.88
C LEU E 192 20.65 -26.20 1.09
N ASN E 193 20.99 -26.83 -0.03
CA ASN E 193 22.05 -26.38 -0.91
C ASN E 193 21.45 -25.73 -2.15
N VAL E 194 22.02 -24.60 -2.56
CA VAL E 194 21.47 -23.78 -3.62
C VAL E 194 22.54 -23.53 -4.67
N LEU E 195 22.14 -23.55 -5.94
CA LEU E 195 23.02 -23.23 -7.06
C LEU E 195 22.36 -22.10 -7.84
N MET E 196 22.84 -20.87 -7.62
CA MET E 196 22.19 -19.68 -8.16
C MET E 196 23.02 -19.11 -9.31
N ALA E 197 22.31 -18.49 -10.25
CA ALA E 197 22.92 -17.84 -11.42
C ALA E 197 21.84 -16.98 -12.07
N GLY E 198 22.18 -16.39 -13.21
CA GLY E 198 21.23 -15.61 -13.97
C GLY E 198 20.32 -16.49 -14.82
N VAL E 199 19.54 -15.81 -15.65
CA VAL E 199 18.61 -16.51 -16.55
C VAL E 199 19.40 -17.05 -17.74
N ASN E 200 19.20 -18.34 -18.04
CA ASN E 200 19.84 -19.02 -19.18
C ASN E 200 21.36 -19.04 -19.02
N VAL E 201 21.80 -19.43 -17.82
CA VAL E 201 23.23 -19.58 -17.54
C VAL E 201 23.63 -21.02 -17.27
N GLY E 202 22.71 -21.89 -16.88
CA GLY E 202 23.07 -23.27 -16.61
C GLY E 202 22.74 -23.77 -15.22
N LYS E 203 21.70 -23.20 -14.60
CA LYS E 203 21.28 -23.68 -13.29
C LYS E 203 20.75 -25.10 -13.38
N SER E 204 19.82 -25.36 -14.30
CA SER E 204 19.32 -26.72 -14.49
C SER E 204 20.39 -27.63 -15.07
N LEU E 205 21.33 -27.07 -15.84
CA LEU E 205 22.48 -27.85 -16.29
C LEU E 205 23.28 -28.35 -15.10
N GLY E 206 23.56 -27.48 -14.14
CA GLY E 206 24.28 -27.90 -12.95
C GLY E 206 23.49 -28.88 -12.11
N LEU E 207 22.19 -28.67 -11.99
CA LEU E 207 21.36 -29.60 -11.23
C LEU E 207 21.37 -30.99 -11.87
N CYS E 208 21.25 -31.07 -13.19
CA CYS E 208 21.29 -32.36 -13.87
C CYS E 208 22.67 -32.99 -13.80
N SER E 209 23.73 -32.17 -13.83
CA SER E 209 25.07 -32.71 -13.67
C SER E 209 25.25 -33.31 -12.27
N LEU E 210 24.77 -32.62 -11.24
CA LEU E 210 24.83 -33.18 -9.89
C LEU E 210 24.00 -34.45 -9.79
N ALA E 211 22.83 -34.48 -10.42
CA ALA E 211 22.00 -35.68 -10.41
C ALA E 211 22.73 -36.85 -11.05
N ALA E 212 23.37 -36.62 -12.21
CA ALA E 212 24.10 -37.70 -12.87
C ALA E 212 25.29 -38.15 -12.05
N ASP E 213 26.01 -37.21 -11.44
CA ASP E 213 27.17 -37.57 -10.62
C ASP E 213 26.75 -38.39 -9.40
N TYR E 214 25.64 -38.02 -8.76
CA TYR E 214 25.14 -38.81 -7.64
C TYR E 214 24.61 -40.16 -8.09
N LEU E 215 24.01 -40.22 -9.30
CA LEU E 215 23.53 -41.49 -9.82
C LEU E 215 24.68 -42.46 -10.08
N GLN E 216 25.79 -41.96 -10.61
CA GLN E 216 26.94 -42.81 -10.87
C GLN E 216 27.65 -43.26 -9.60
N LEU E 217 27.36 -42.65 -8.46
CA LEU E 217 27.93 -43.06 -7.18
C LEU E 217 27.04 -44.04 -6.43
N GLY E 218 25.88 -44.39 -6.98
CA GLY E 218 25.00 -45.34 -6.34
C GLY E 218 23.89 -44.75 -5.50
N HIS E 219 23.73 -43.43 -5.51
CA HIS E 219 22.68 -42.80 -4.73
C HIS E 219 21.34 -42.88 -5.44
N ASN E 220 20.28 -42.67 -4.67
CA ASN E 220 18.93 -42.51 -5.21
C ASN E 220 18.63 -41.02 -5.32
N VAL E 221 18.33 -40.56 -6.53
CA VAL E 221 18.16 -39.14 -6.83
C VAL E 221 16.73 -38.91 -7.27
N LEU E 222 16.08 -37.94 -6.65
CA LEU E 222 14.71 -37.54 -7.00
C LEU E 222 14.77 -36.12 -7.58
N TYR E 223 14.59 -36.02 -8.89
CA TYR E 223 14.61 -34.74 -9.58
C TYR E 223 13.17 -34.25 -9.74
N ILE E 224 12.88 -33.08 -9.17
CA ILE E 224 11.55 -32.49 -9.23
C ILE E 224 11.63 -31.28 -10.15
N SER E 225 11.07 -31.42 -11.35
CA SER E 225 11.07 -30.35 -12.33
C SER E 225 9.86 -29.46 -12.14
N MET E 226 10.07 -28.15 -12.18
CA MET E 226 8.96 -27.21 -11.90
C MET E 226 8.53 -26.50 -13.20
N GLN E 227 9.51 -26.11 -14.02
CA GLN E 227 9.20 -25.38 -15.28
C GLN E 227 9.26 -26.35 -16.46
N MET E 228 10.36 -27.10 -16.59
CA MET E 228 10.53 -28.04 -17.73
C MET E 228 9.64 -29.27 -17.52
N ALA E 229 9.47 -30.09 -18.56
CA ALA E 229 8.69 -31.33 -18.43
C ALA E 229 9.61 -32.47 -17.99
N GLU E 230 9.02 -33.63 -17.65
CA GLU E 230 9.84 -34.77 -17.15
C GLU E 230 10.77 -35.28 -18.25
N GLU E 231 10.26 -35.45 -19.47
CA GLU E 231 11.08 -36.05 -20.56
C GLU E 231 12.28 -35.16 -20.91
N VAL E 232 12.08 -33.86 -21.09
CA VAL E 232 13.20 -32.96 -21.54
C VAL E 232 14.41 -33.15 -20.62
N CYS E 233 14.18 -33.22 -19.30
CA CYS E 233 15.26 -33.34 -18.32
C CYS E 233 15.96 -34.68 -18.43
N ALA E 234 15.19 -35.75 -18.65
CA ALA E 234 15.79 -37.06 -18.85
C ALA E 234 16.69 -37.08 -20.08
N LYS E 235 16.39 -36.25 -21.08
CA LYS E 235 17.28 -36.11 -22.22
C LYS E 235 18.62 -35.51 -21.81
N ARG E 236 18.59 -34.52 -20.92
CA ARG E 236 19.84 -33.93 -20.42
C ARG E 236 20.63 -34.95 -19.60
N ILE E 237 19.94 -35.74 -18.78
CA ILE E 237 20.60 -36.77 -18.01
C ILE E 237 21.22 -37.82 -18.94
N ASP E 238 20.51 -38.17 -20.03
CA ASP E 238 21.06 -39.09 -21.01
C ASP E 238 22.29 -38.51 -21.70
N ALA E 239 22.25 -37.22 -22.02
CA ALA E 239 23.41 -36.58 -22.62
C ALA E 239 24.60 -36.59 -21.67
N ASN E 240 24.35 -36.44 -20.37
CA ASN E 240 25.45 -36.51 -19.40
C ASN E 240 25.99 -37.92 -19.27
N MET E 241 25.11 -38.91 -19.14
CA MET E 241 25.54 -40.28 -18.88
C MET E 241 26.12 -40.95 -20.12
N LEU E 242 25.31 -41.07 -21.17
CA LEU E 242 25.79 -41.67 -22.42
C LEU E 242 26.92 -40.86 -23.04
N ASP E 243 26.96 -39.56 -22.77
CA ASP E 243 28.05 -38.68 -23.19
C ASP E 243 28.19 -38.69 -24.71
N VAL E 244 27.13 -38.22 -25.39
CA VAL E 244 27.25 -38.02 -26.83
C VAL E 244 27.01 -36.55 -27.17
N SER E 245 25.78 -36.06 -26.93
CA SER E 245 25.43 -34.67 -27.19
C SER E 245 23.96 -34.41 -26.85
N LEU E 246 23.55 -33.15 -26.96
CA LEU E 246 22.13 -32.80 -26.94
C LEU E 246 21.56 -32.71 -28.35
N ASP E 247 22.32 -32.13 -29.28
CA ASP E 247 21.82 -32.00 -30.65
C ASP E 247 21.88 -33.33 -31.39
N ASP E 248 22.92 -34.14 -31.14
CA ASP E 248 23.03 -35.43 -31.81
C ASP E 248 21.87 -36.35 -31.45
N ILE E 249 21.32 -36.21 -30.25
CA ILE E 249 20.11 -36.96 -29.90
C ILE E 249 18.95 -36.54 -30.79
N ASP E 250 18.80 -35.24 -31.00
CA ASP E 250 17.71 -34.72 -31.82
C ASP E 250 18.02 -34.68 -33.31
N ASP E 251 19.28 -34.89 -33.71
CA ASP E 251 19.67 -34.90 -35.11
C ASP E 251 19.84 -36.30 -35.67
N GLY E 252 19.53 -37.34 -34.88
CA GLY E 252 19.60 -38.70 -35.37
C GLY E 252 20.98 -39.27 -35.51
N HIS E 253 22.01 -38.60 -34.97
CA HIS E 253 23.37 -39.12 -35.06
C HIS E 253 23.58 -40.36 -34.20
N ILE E 254 22.64 -40.69 -33.30
CA ILE E 254 22.71 -41.89 -32.48
C ILE E 254 21.65 -42.86 -32.97
N SER E 255 22.10 -44.05 -33.37
CA SER E 255 21.14 -45.10 -33.79
C SER E 255 20.62 -45.81 -32.54
N TYR E 256 19.50 -46.53 -32.67
CA TYR E 256 18.94 -47.28 -31.53
C TYR E 256 19.99 -48.28 -31.02
N ALA E 257 20.81 -48.86 -31.91
CA ALA E 257 21.74 -49.87 -31.43
C ALA E 257 22.67 -49.29 -30.36
N GLU E 258 23.27 -48.13 -30.65
CA GLU E 258 24.18 -47.51 -29.69
C GLU E 258 23.46 -47.11 -28.42
N TYR E 259 22.24 -46.57 -28.54
CA TYR E 259 21.49 -46.14 -27.37
C TYR E 259 21.18 -47.34 -26.46
N LYS E 260 20.67 -48.42 -27.06
CA LYS E 260 20.39 -49.63 -26.29
C LYS E 260 21.66 -50.20 -25.66
N GLY E 261 22.75 -50.23 -26.44
CA GLY E 261 23.99 -50.77 -25.91
C GLY E 261 24.49 -49.99 -24.71
N LYS E 262 24.49 -48.65 -24.81
CA LYS E 262 24.96 -47.83 -23.71
C LYS E 262 24.05 -47.94 -22.49
N MET E 263 22.73 -47.97 -22.70
CA MET E 263 21.82 -48.10 -21.58
C MET E 263 22.00 -49.44 -20.87
N GLU E 264 22.18 -50.52 -21.64
CA GLU E 264 22.38 -51.82 -21.03
C GLU E 264 23.73 -51.90 -20.32
N LYS E 265 24.76 -51.27 -20.89
CA LYS E 265 26.06 -51.25 -20.22
C LYS E 265 25.99 -50.51 -18.90
N TRP E 266 25.24 -49.40 -18.85
CA TRP E 266 25.04 -48.71 -17.59
C TRP E 266 24.19 -49.53 -16.62
N ARG E 267 23.25 -50.32 -17.15
CA ARG E 267 22.46 -51.20 -16.29
C ARG E 267 23.33 -52.28 -15.66
N GLU E 268 24.31 -52.79 -16.41
CA GLU E 268 25.19 -53.84 -15.89
C GLU E 268 26.02 -53.35 -14.71
N LYS E 269 26.30 -52.05 -14.65
CA LYS E 269 27.08 -51.51 -13.55
C LYS E 269 26.35 -51.69 -12.22
N SER E 270 27.09 -52.15 -11.21
CA SER E 270 26.54 -52.29 -9.86
C SER E 270 26.70 -51.04 -9.02
N THR E 271 27.42 -50.03 -9.53
CA THR E 271 27.63 -48.78 -8.83
C THR E 271 26.61 -47.72 -9.21
N LEU E 272 25.60 -48.07 -10.00
CA LEU E 272 24.58 -47.12 -10.43
C LEU E 272 23.39 -47.17 -9.48
N GLY E 273 22.73 -46.03 -9.32
CA GLY E 273 21.58 -45.93 -8.45
C GLY E 273 20.27 -45.85 -9.21
N ARG E 274 19.31 -45.11 -8.66
CA ARG E 274 18.00 -44.94 -9.27
C ARG E 274 17.67 -43.46 -9.35
N LEU E 275 17.09 -43.06 -10.48
CA LEU E 275 16.73 -41.67 -10.74
C LEU E 275 15.27 -41.58 -11.16
N ILE E 276 14.50 -40.77 -10.45
CA ILE E 276 13.09 -40.54 -10.75
C ILE E 276 12.90 -39.05 -11.02
N VAL E 277 12.28 -38.73 -12.15
CA VAL E 277 12.03 -37.35 -12.55
C VAL E 277 10.54 -37.09 -12.43
N LYS E 278 10.17 -36.06 -11.66
CA LYS E 278 8.79 -35.68 -11.46
C LYS E 278 8.60 -34.22 -11.84
N GLN E 279 7.57 -33.93 -12.62
CA GLN E 279 7.25 -32.59 -13.05
C GLN E 279 5.98 -32.10 -12.37
N TYR E 280 5.96 -30.81 -12.03
CA TYR E 280 4.81 -30.16 -11.43
C TYR E 280 4.53 -28.85 -12.16
N PRO E 281 3.25 -28.46 -12.23
CA PRO E 281 2.94 -27.14 -12.79
C PRO E 281 3.52 -26.03 -11.92
N THR E 282 3.84 -24.91 -12.56
CA THR E 282 4.43 -23.79 -11.86
C THR E 282 3.52 -23.30 -10.74
N GLY E 283 4.10 -23.12 -9.55
CA GLY E 283 3.35 -22.67 -8.40
C GLY E 283 2.31 -23.65 -7.89
N GLY E 284 2.67 -24.94 -7.81
CA GLY E 284 1.72 -25.92 -7.35
C GLY E 284 2.28 -27.04 -6.49
N ALA E 285 3.39 -26.79 -5.80
CA ALA E 285 4.00 -27.86 -5.02
C ALA E 285 4.83 -27.28 -3.89
N ASP E 286 4.95 -28.05 -2.81
CA ASP E 286 5.87 -27.76 -1.71
C ASP E 286 6.14 -29.06 -0.97
N ALA E 287 6.72 -28.94 0.24
CA ALA E 287 7.04 -30.10 1.04
C ALA E 287 5.80 -30.95 1.33
N ASN E 288 4.64 -30.30 1.48
CA ASN E 288 3.41 -31.06 1.68
C ASN E 288 3.12 -31.96 0.49
N THR E 289 3.28 -31.43 -0.72
CA THR E 289 3.20 -32.28 -1.91
C THR E 289 4.40 -33.21 -1.98
N PHE E 290 5.58 -32.72 -1.57
CA PHE E 290 6.78 -33.54 -1.65
C PHE E 290 6.73 -34.71 -0.68
N ARG E 291 6.15 -34.51 0.50
CA ARG E 291 6.04 -35.62 1.46
C ARG E 291 5.10 -36.70 0.95
N SER E 292 3.97 -36.31 0.38
CA SER E 292 3.06 -37.29 -0.21
C SER E 292 3.73 -38.00 -1.38
N LEU E 293 4.49 -37.27 -2.19
CA LEU E 293 5.22 -37.89 -3.30
C LEU E 293 6.26 -38.88 -2.77
N LEU E 294 6.94 -38.54 -1.68
CA LEU E 294 7.90 -39.45 -1.07
C LEU E 294 7.22 -40.72 -0.58
N ASN E 295 6.08 -40.57 0.10
CA ASN E 295 5.35 -41.75 0.58
C ASN E 295 4.89 -42.63 -0.57
N GLU E 296 4.37 -42.02 -1.64
CA GLU E 296 3.92 -42.79 -2.78
C GLU E 296 5.10 -43.49 -3.47
N LEU E 297 6.23 -42.80 -3.58
CA LEU E 297 7.42 -43.42 -4.17
C LEU E 297 7.88 -44.61 -3.35
N LYS E 298 7.92 -44.46 -2.02
CA LYS E 298 8.37 -45.56 -1.17
C LYS E 298 7.41 -46.74 -1.23
N LEU E 299 6.11 -46.47 -1.29
CA LEU E 299 5.13 -47.55 -1.37
C LEU E 299 5.19 -48.28 -2.71
N LYS E 300 5.20 -47.53 -3.81
CA LYS E 300 5.11 -48.14 -5.12
C LYS E 300 6.39 -48.87 -5.50
N LYS E 301 7.55 -48.28 -5.16
CA LYS E 301 8.84 -48.86 -5.51
C LYS E 301 9.79 -48.73 -4.33
N ASN E 302 10.79 -49.60 -4.30
CA ASN E 302 11.79 -49.58 -3.23
C ASN E 302 12.76 -48.42 -3.49
N PHE E 303 12.22 -47.21 -3.37
CA PHE E 303 12.96 -45.99 -3.70
C PHE E 303 12.85 -45.01 -2.54
N VAL E 304 13.92 -44.92 -1.74
CA VAL E 304 14.04 -43.88 -0.73
C VAL E 304 15.19 -42.97 -1.16
N PRO E 305 14.91 -41.79 -1.71
CA PRO E 305 15.97 -40.99 -2.30
C PRO E 305 16.92 -40.40 -1.26
N THR E 306 18.21 -40.49 -1.57
CA THR E 306 19.24 -39.84 -0.76
C THR E 306 19.48 -38.40 -1.19
N ILE E 307 19.29 -38.10 -2.47
CA ILE E 307 19.44 -36.76 -3.01
C ILE E 307 18.08 -36.30 -3.53
N ILE E 308 17.66 -35.10 -3.15
CA ILE E 308 16.39 -34.51 -3.67
C ILE E 308 16.73 -33.20 -4.38
N ILE E 309 16.55 -33.15 -5.70
CA ILE E 309 16.86 -31.92 -6.47
C ILE E 309 15.55 -31.22 -6.81
N VAL E 310 15.41 -29.95 -6.42
CA VAL E 310 14.20 -29.16 -6.80
C VAL E 310 14.62 -28.22 -7.93
N ASP E 311 13.87 -28.22 -9.05
CA ASP E 311 14.28 -27.42 -10.23
C ASP E 311 14.43 -25.95 -9.83
N TYR E 312 13.46 -25.38 -9.13
CA TYR E 312 13.64 -24.00 -8.62
C TYR E 312 12.76 -23.80 -7.38
N LEU E 313 13.29 -23.19 -6.33
CA LEU E 313 12.50 -22.89 -5.10
C LEU E 313 11.43 -21.84 -5.43
N GLY E 314 11.78 -20.82 -6.20
CA GLY E 314 10.83 -19.73 -6.51
C GLY E 314 9.57 -20.27 -7.17
N ILE E 315 9.71 -21.13 -8.17
CA ILE E 315 8.55 -21.72 -8.90
C ILE E 315 7.71 -22.53 -7.90
N CYS E 316 8.29 -22.94 -6.78
CA CYS E 316 7.57 -23.78 -5.80
C CYS E 316 6.51 -22.94 -5.09
N LYS E 317 5.59 -23.57 -4.37
CA LYS E 317 4.49 -22.84 -3.69
C LYS E 317 4.57 -23.09 -2.18
N SER E 318 4.47 -22.03 -1.37
CA SER E 318 4.59 -22.16 0.10
C SER E 318 3.41 -22.97 0.65
N CYS E 319 3.57 -23.58 1.83
CA CYS E 319 2.50 -24.45 2.39
C CYS E 319 1.41 -23.62 3.07
N ARG E 320 1.79 -22.71 3.98
CA ARG E 320 0.82 -21.93 4.75
C ARG E 320 0.39 -20.66 4.02
N ILE E 321 1.35 -19.89 3.52
CA ILE E 321 1.03 -18.66 2.81
C ILE E 321 0.39 -19.01 1.47
N ARG E 322 -0.64 -18.24 1.08
CA ARG E 322 -1.36 -18.50 -0.15
C ARG E 322 -0.49 -18.09 -1.34
N VAL E 323 -1.08 -18.12 -2.53
CA VAL E 323 -0.30 -17.90 -3.76
C VAL E 323 0.24 -16.48 -3.80
N TYR E 324 -0.54 -15.50 -3.38
CA TYR E 324 -0.11 -14.10 -3.37
C TYR E 324 -0.56 -13.41 -2.09
N SER E 325 -0.46 -14.10 -0.96
CA SER E 325 -0.87 -13.51 0.31
C SER E 325 0.10 -12.42 0.76
N GLU E 326 1.39 -12.70 0.69
CA GLU E 326 2.41 -11.76 1.15
C GLU E 326 3.46 -11.58 0.07
N ASN E 327 4.44 -10.74 0.34
CA ASN E 327 5.45 -10.35 -0.63
C ASN E 327 6.50 -11.46 -0.76
N SER E 328 7.51 -11.18 -1.58
CA SER E 328 8.56 -12.19 -1.88
C SER E 328 9.43 -12.50 -0.68
N TYR E 329 9.77 -11.51 0.14
CA TYR E 329 10.71 -11.78 1.24
C TYR E 329 10.13 -12.80 2.20
N THR E 330 8.82 -12.95 2.21
CA THR E 330 8.21 -13.84 3.22
C THR E 330 8.03 -15.22 2.63
N THR E 331 7.15 -15.35 1.65
CA THR E 331 6.84 -16.66 1.11
C THR E 331 8.04 -17.38 0.54
N VAL E 332 9.01 -16.67 -0.04
CA VAL E 332 10.22 -17.35 -0.51
C VAL E 332 11.00 -17.90 0.67
N LYS E 333 11.15 -17.11 1.72
CA LYS E 333 11.82 -17.60 2.93
C LYS E 333 11.03 -18.72 3.58
N ALA E 334 9.70 -18.66 3.53
CA ALA E 334 8.88 -19.74 4.07
C ALA E 334 9.09 -21.02 3.29
N ILE E 335 9.16 -20.94 1.97
CA ILE E 335 9.43 -22.12 1.14
C ILE E 335 10.81 -22.67 1.43
N ALA E 336 11.80 -21.78 1.61
CA ALA E 336 13.14 -22.24 1.94
C ALA E 336 13.16 -22.97 3.28
N GLU E 337 12.49 -22.42 4.29
CA GLU E 337 12.42 -23.08 5.59
C GLU E 337 11.71 -24.42 5.50
N GLU E 338 10.62 -24.48 4.74
CA GLU E 338 9.90 -25.74 4.59
C GLU E 338 10.75 -26.78 3.88
N LEU E 339 11.50 -26.38 2.85
CA LEU E 339 12.38 -27.32 2.16
C LEU E 339 13.50 -27.81 3.06
N ARG E 340 14.10 -26.91 3.86
CA ARG E 340 15.13 -27.35 4.79
C ARG E 340 14.55 -28.29 5.84
N ALA E 341 13.34 -28.01 6.33
CA ALA E 341 12.69 -28.91 7.28
C ALA E 341 12.43 -30.28 6.66
N LEU E 342 11.98 -30.30 5.40
CA LEU E 342 11.78 -31.56 4.71
C LEU E 342 13.09 -32.32 4.55
N ALA E 343 14.16 -31.62 4.21
CA ALA E 343 15.46 -32.27 4.05
C ALA E 343 15.96 -32.85 5.37
N VAL E 344 15.81 -32.11 6.46
CA VAL E 344 16.30 -32.59 7.75
C VAL E 344 15.39 -33.71 8.28
N GLU E 345 14.12 -33.72 7.87
CA GLU E 345 13.25 -34.82 8.25
C GLU E 345 13.60 -36.09 7.48
N THR E 346 13.83 -35.98 6.17
CA THR E 346 14.18 -37.13 5.36
C THR E 346 15.65 -37.47 5.40
N GLU E 347 16.48 -36.62 6.02
CA GLU E 347 17.93 -36.81 6.07
C GLU E 347 18.50 -36.97 4.66
N THR E 348 18.16 -36.03 3.79
CA THR E 348 18.58 -36.05 2.39
C THR E 348 19.22 -34.73 2.02
N VAL E 349 20.14 -34.78 1.07
CA VAL E 349 20.78 -33.58 0.54
C VAL E 349 19.83 -32.93 -0.46
N LEU E 350 19.42 -31.70 -0.16
CA LEU E 350 18.46 -30.98 -0.98
C LEU E 350 19.20 -29.94 -1.82
N TRP E 351 19.02 -30.02 -3.13
CA TRP E 351 19.59 -29.08 -4.08
C TRP E 351 18.48 -28.32 -4.78
N THR E 352 18.68 -27.02 -4.96
CA THR E 352 17.73 -26.19 -5.66
C THR E 352 18.49 -25.04 -6.32
N ALA E 353 17.81 -24.35 -7.24
CA ALA E 353 18.36 -23.21 -7.93
C ALA E 353 17.73 -21.93 -7.40
N ALA E 354 18.39 -20.81 -7.68
CA ALA E 354 17.89 -19.51 -7.30
C ALA E 354 18.18 -18.52 -8.43
N GLN E 355 17.29 -17.54 -8.56
CA GLN E 355 17.46 -16.53 -9.59
C GLN E 355 18.20 -15.31 -9.03
N VAL E 356 18.84 -14.59 -9.94
CA VAL E 356 19.61 -13.39 -9.62
C VAL E 356 18.91 -12.21 -10.25
N GLY E 357 18.83 -11.10 -9.50
CA GLY E 357 18.22 -9.90 -10.03
C GLY E 357 18.94 -9.38 -11.26
N LYS E 358 18.25 -8.48 -11.97
CA LYS E 358 18.78 -7.99 -13.25
C LYS E 358 20.08 -7.23 -13.11
N GLN E 359 20.41 -6.78 -11.90
CA GLN E 359 21.63 -5.99 -11.72
C GLN E 359 22.90 -6.79 -11.96
N ALA E 360 22.85 -8.12 -11.84
CA ALA E 360 24.03 -8.96 -12.00
C ALA E 360 23.90 -9.95 -13.15
N TRP E 361 22.96 -9.73 -14.06
CA TRP E 361 22.78 -10.66 -15.18
C TRP E 361 23.90 -10.55 -16.21
N ASP E 362 24.60 -9.41 -16.26
CA ASP E 362 25.69 -9.22 -17.20
C ASP E 362 26.98 -8.79 -16.51
N SER E 363 27.15 -9.12 -15.23
CA SER E 363 28.30 -8.71 -14.46
C SER E 363 29.30 -9.86 -14.35
N SER E 364 30.59 -9.50 -14.29
CA SER E 364 31.64 -10.50 -14.15
C SER E 364 31.60 -11.19 -12.80
N ASP E 365 30.94 -10.61 -11.81
CA ASP E 365 30.81 -11.21 -10.48
C ASP E 365 29.39 -11.03 -9.98
N VAL E 366 28.99 -11.92 -9.07
CA VAL E 366 27.69 -11.86 -8.42
C VAL E 366 27.90 -12.05 -6.92
N ASN E 367 27.22 -11.22 -6.12
CA ASN E 367 27.32 -11.28 -4.68
C ASN E 367 26.05 -11.88 -4.08
N MET E 368 26.09 -12.10 -2.77
CA MET E 368 24.92 -12.65 -2.09
C MET E 368 23.74 -11.69 -2.12
N SER E 369 24.02 -10.38 -2.17
CA SER E 369 22.95 -9.39 -2.26
C SER E 369 22.20 -9.46 -3.58
N ASP E 370 22.76 -10.11 -4.59
CA ASP E 370 22.11 -10.25 -5.89
C ASP E 370 21.23 -11.50 -5.95
N ILE E 371 20.32 -11.63 -4.99
CA ILE E 371 19.34 -12.71 -4.97
C ILE E 371 18.00 -12.13 -5.38
N ALA E 372 17.42 -12.66 -6.46
CA ALA E 372 16.21 -12.06 -7.02
C ALA E 372 15.05 -12.14 -6.04
N GLU E 373 14.90 -13.27 -5.36
CA GLU E 373 13.83 -13.46 -4.40
C GLU E 373 14.30 -13.03 -3.02
N SER E 374 13.55 -13.39 -1.98
CA SER E 374 13.86 -13.00 -0.61
C SER E 374 15.31 -13.25 -0.24
N ALA E 375 15.86 -12.37 0.60
CA ALA E 375 17.19 -12.54 1.16
C ALA E 375 17.19 -13.51 2.35
N GLY E 376 16.03 -14.05 2.72
CA GLY E 376 15.98 -15.12 3.69
C GLY E 376 16.43 -16.46 3.13
N LEU E 377 16.37 -16.63 1.81
CA LEU E 377 16.94 -17.84 1.22
C LEU E 377 18.45 -17.94 1.45
N PRO E 378 19.26 -16.88 1.29
CA PRO E 378 20.64 -16.95 1.77
C PRO E 378 20.75 -16.73 3.27
N ALA E 379 19.82 -17.29 4.03
CA ALA E 379 19.90 -17.45 5.47
C ALA E 379 19.58 -18.88 5.87
N THR E 380 18.64 -19.53 5.19
CA THR E 380 18.33 -20.94 5.38
C THR E 380 19.25 -21.85 4.57
N ALA E 381 20.01 -21.30 3.64
CA ALA E 381 20.87 -22.09 2.76
C ALA E 381 22.15 -22.51 3.49
N ASP E 382 22.86 -23.47 2.93
CA ASP E 382 24.06 -24.01 3.64
C ASP E 382 25.28 -23.89 2.74
N PHE E 383 25.13 -24.27 1.46
CA PHE E 383 26.25 -24.16 0.49
C PHE E 383 25.70 -23.48 -0.77
N MET E 384 25.52 -22.15 -0.71
CA MET E 384 24.95 -21.42 -1.86
C MET E 384 26.07 -21.06 -2.83
N LEU E 385 26.34 -21.91 -3.82
CA LEU E 385 27.35 -21.55 -4.85
C LEU E 385 26.71 -20.60 -5.86
N ALA E 386 27.52 -20.04 -6.73
CA ALA E 386 27.08 -19.07 -7.73
C ALA E 386 27.78 -19.33 -9.05
N VAL E 387 27.04 -19.22 -10.15
CA VAL E 387 27.56 -19.48 -11.49
C VAL E 387 27.61 -18.16 -12.25
N ILE E 388 28.80 -17.80 -12.71
CA ILE E 388 29.04 -16.55 -13.44
C ILE E 388 29.68 -16.90 -14.78
N GLU E 389 29.07 -16.44 -15.86
CA GLU E 389 29.57 -16.68 -17.20
C GLU E 389 29.68 -15.35 -17.96
N THR E 390 30.81 -15.15 -18.62
CA THR E 390 31.06 -13.96 -19.43
C THR E 390 31.37 -14.39 -20.86
N GLU E 391 31.73 -13.41 -21.70
CA GLU E 391 32.09 -13.71 -23.08
C GLU E 391 33.42 -14.45 -23.15
N GLU E 392 34.41 -14.00 -22.37
CA GLU E 392 35.70 -14.69 -22.35
C GLU E 392 35.55 -16.10 -21.81
N LEU E 393 34.72 -16.27 -20.76
CA LEU E 393 34.48 -17.61 -20.21
C LEU E 393 33.75 -18.49 -21.22
N ALA E 394 32.71 -17.96 -21.87
CA ALA E 394 31.98 -18.74 -22.85
C ALA E 394 32.85 -19.11 -24.04
N ALA E 395 33.85 -18.29 -24.35
CA ALA E 395 34.79 -18.64 -25.42
C ALA E 395 35.59 -19.89 -25.06
N ALA E 396 35.97 -20.01 -23.79
CA ALA E 396 36.73 -21.16 -23.31
C ALA E 396 35.84 -22.26 -22.75
N GLU E 397 34.52 -22.09 -22.79
CA GLU E 397 33.56 -23.06 -22.26
C GLU E 397 33.82 -23.33 -20.78
N GLN E 398 34.08 -22.26 -20.02
CA GLN E 398 34.48 -22.39 -18.62
C GLN E 398 33.66 -21.42 -17.77
N GLN E 399 32.56 -21.90 -17.20
CA GLN E 399 31.82 -21.10 -16.24
C GLN E 399 32.62 -20.92 -14.96
N LEU E 400 32.48 -19.75 -14.35
CA LEU E 400 33.14 -19.42 -13.10
C LEU E 400 32.16 -19.67 -11.96
N ILE E 401 32.62 -20.40 -10.94
CA ILE E 401 31.80 -20.70 -9.76
C ILE E 401 32.42 -19.99 -8.57
N LYS E 402 31.63 -19.13 -7.93
CA LYS E 402 32.07 -18.35 -6.79
C LYS E 402 31.42 -18.88 -5.52
N GLN E 403 32.21 -19.06 -4.45
CA GLN E 403 31.65 -19.64 -3.20
C GLN E 403 30.91 -18.51 -2.47
N ILE E 404 29.57 -18.52 -2.45
CA ILE E 404 28.81 -17.36 -1.89
C ILE E 404 28.49 -17.57 -0.41
N LYS E 405 27.88 -18.69 -0.03
CA LYS E 405 27.64 -18.97 1.41
C LYS E 405 28.18 -20.38 1.70
N SER E 406 29.26 -20.49 2.46
CA SER E 406 29.88 -21.82 2.71
C SER E 406 29.80 -22.14 4.19
N ARG E 407 28.79 -22.91 4.57
CA ARG E 407 28.65 -23.31 5.97
C ARG E 407 29.51 -24.50 6.33
N TYR E 408 29.79 -25.39 5.37
CA TYR E 408 30.61 -26.57 5.65
C TYR E 408 32.06 -26.18 5.90
N GLY E 409 32.63 -25.36 5.02
CA GLY E 409 34.04 -25.04 5.10
C GLY E 409 34.33 -23.56 5.03
N ASP E 410 35.59 -23.21 4.76
CA ASP E 410 36.01 -21.82 4.68
C ASP E 410 35.57 -21.23 3.35
N LYS E 411 34.74 -20.19 3.42
CA LYS E 411 34.17 -19.59 2.22
C LYS E 411 35.23 -18.93 1.34
N ASN E 412 36.39 -18.60 1.89
CA ASN E 412 37.36 -17.77 1.18
C ASN E 412 38.67 -18.51 0.89
N LYS E 413 38.75 -19.81 1.18
CA LYS E 413 39.97 -20.54 0.89
C LYS E 413 40.17 -20.73 -0.61
N TRP E 414 39.13 -21.17 -1.31
CA TRP E 414 39.08 -21.19 -2.77
C TRP E 414 37.79 -20.48 -3.16
N ASN E 415 37.84 -19.15 -3.24
CA ASN E 415 36.62 -18.38 -3.41
C ASN E 415 36.06 -18.54 -4.82
N LYS E 416 36.92 -18.46 -5.83
CA LYS E 416 36.51 -18.54 -7.22
C LYS E 416 37.32 -19.60 -7.93
N PHE E 417 36.63 -20.59 -8.51
CA PHE E 417 37.27 -21.63 -9.28
C PHE E 417 36.54 -21.83 -10.60
N LEU E 418 37.31 -22.14 -11.64
CA LEU E 418 36.76 -22.34 -12.97
C LEU E 418 36.34 -23.79 -13.16
N MET E 419 35.18 -23.97 -13.79
CA MET E 419 34.68 -25.27 -14.19
C MET E 419 34.82 -25.42 -15.70
N GLY E 420 34.60 -26.64 -16.19
CA GLY E 420 34.74 -26.94 -17.60
C GLY E 420 33.43 -27.26 -18.28
N VAL E 421 32.40 -26.47 -17.99
CA VAL E 421 31.04 -26.72 -18.43
C VAL E 421 30.96 -27.00 -19.93
N GLN E 422 30.43 -28.16 -20.29
CA GLN E 422 30.14 -28.52 -21.67
C GLN E 422 28.62 -28.45 -21.84
N LYS E 423 28.17 -27.45 -22.59
CA LYS E 423 26.73 -27.21 -22.70
C LYS E 423 26.04 -28.26 -23.55
N GLY E 424 26.74 -28.82 -24.54
CA GLY E 424 26.14 -29.87 -25.35
C GLY E 424 25.86 -31.14 -24.57
N ASN E 425 26.74 -31.48 -23.64
CA ASN E 425 26.61 -32.70 -22.85
C ASN E 425 25.96 -32.48 -21.49
N GLN E 426 25.65 -31.23 -21.14
CA GLN E 426 25.04 -30.91 -19.85
C GLN E 426 25.87 -31.45 -18.69
N LYS E 427 27.18 -31.22 -18.76
CA LYS E 427 28.13 -31.80 -17.83
C LYS E 427 29.09 -30.74 -17.31
N TRP E 428 29.40 -30.83 -16.03
CA TRP E 428 30.46 -30.03 -15.42
C TRP E 428 31.75 -30.85 -15.42
N VAL E 429 32.83 -30.25 -15.91
CA VAL E 429 34.13 -30.91 -15.99
C VAL E 429 35.11 -30.14 -15.11
N GLU E 430 35.77 -30.85 -14.21
CA GLU E 430 36.80 -30.23 -13.38
C GLU E 430 38.01 -29.84 -14.22
N ILE E 431 38.71 -28.81 -13.78
CA ILE E 431 39.87 -28.28 -14.49
C ILE E 431 41.11 -28.53 -13.64
N GLU E 432 42.10 -29.20 -14.24
CA GLU E 432 43.37 -29.47 -13.58
C GLU E 432 44.53 -28.89 -14.39
N MET F 1 -14.89 3.93 46.31
CA MET F 1 -15.17 5.32 46.67
C MET F 1 -15.20 6.21 45.43
N VAL F 2 -15.89 5.74 44.39
CA VAL F 2 -15.95 6.50 43.14
C VAL F 2 -16.67 7.83 43.35
N GLU F 3 -17.73 7.82 44.15
CA GLU F 3 -18.49 9.05 44.38
C GLU F 3 -17.62 10.11 45.04
N ILE F 4 -16.81 9.72 46.01
CA ILE F 4 -15.90 10.67 46.67
C ILE F 4 -14.88 11.20 45.68
N ILE F 5 -14.35 10.33 44.82
CA ILE F 5 -13.34 10.75 43.85
C ILE F 5 -13.94 11.79 42.89
N LEU F 6 -15.14 11.52 42.38
CA LEU F 6 -15.78 12.48 41.49
C LEU F 6 -16.12 13.78 42.21
N SER F 7 -16.60 13.68 43.46
CA SER F 7 -16.97 14.87 44.21
C SER F 7 -15.77 15.76 44.44
N HIS F 8 -14.62 15.18 44.79
CA HIS F 8 -13.43 15.99 45.04
C HIS F 8 -12.67 16.35 43.76
N LEU F 9 -12.97 15.68 42.64
CA LEU F 9 -12.50 16.19 41.35
C LEU F 9 -13.26 17.44 40.97
N ILE F 10 -14.56 17.48 41.25
CA ILE F 10 -15.36 18.64 40.87
C ILE F 10 -15.15 19.80 41.82
N PHE F 11 -15.23 19.54 43.14
CA PHE F 11 -15.32 20.59 44.14
C PHE F 11 -13.99 20.96 44.78
N ASP F 12 -12.90 20.26 44.46
CA ASP F 12 -11.61 20.53 45.06
C ASP F 12 -10.57 20.74 43.97
N GLN F 13 -9.59 21.60 44.26
CA GLN F 13 -8.59 22.01 43.28
C GLN F 13 -7.24 21.35 43.51
N ALA F 14 -6.75 21.32 44.75
CA ALA F 14 -5.49 20.64 45.02
C ALA F 14 -5.62 19.15 44.75
N TYR F 15 -6.73 18.55 45.14
CA TYR F 15 -6.98 17.15 44.82
C TYR F 15 -7.02 16.93 43.31
N PHE F 16 -7.67 17.84 42.58
CA PHE F 16 -7.71 17.72 41.12
C PHE F 16 -6.32 17.87 40.53
N SER F 17 -5.54 18.82 41.02
CA SER F 17 -4.18 19.01 40.50
C SER F 17 -3.29 17.81 40.81
N LYS F 18 -3.56 17.10 41.90
CA LYS F 18 -2.72 15.98 42.30
C LYS F 18 -3.10 14.68 41.61
N VAL F 19 -4.39 14.41 41.41
CA VAL F 19 -4.84 13.09 41.00
C VAL F 19 -5.29 13.03 39.54
N TRP F 20 -5.61 14.16 38.91
CA TRP F 20 -6.20 14.10 37.57
C TRP F 20 -5.31 13.45 36.52
N PRO F 21 -4.01 13.77 36.40
CA PRO F 21 -3.22 13.18 35.32
C PRO F 21 -3.13 11.66 35.36
N TYR F 22 -3.42 11.04 36.49
CA TYR F 22 -3.30 9.60 36.65
C TYR F 22 -4.63 8.87 36.54
N MET F 23 -5.75 9.58 36.60
CA MET F 23 -7.06 8.95 36.47
C MET F 23 -7.29 8.49 35.04
N ASP F 24 -8.01 7.39 34.90
CA ASP F 24 -8.34 6.83 33.60
C ASP F 24 -9.77 6.30 33.64
N SER F 25 -10.39 6.23 32.46
CA SER F 25 -11.78 5.79 32.37
C SER F 25 -11.93 4.31 32.75
N GLU F 26 -10.87 3.53 32.60
CA GLU F 26 -10.95 2.10 32.89
C GLU F 26 -11.00 1.80 34.38
N TYR F 27 -10.79 2.80 35.24
CA TYR F 27 -10.79 2.61 36.68
C TYR F 27 -12.19 2.70 37.28
N PHE F 28 -13.22 2.92 36.47
CA PHE F 28 -14.58 3.08 36.95
C PHE F 28 -15.49 2.01 36.37
N GLU F 29 -16.49 1.62 37.14
CA GLU F 29 -17.45 0.63 36.69
C GLU F 29 -18.29 1.19 35.54
N SER F 30 -18.81 0.28 34.72
CA SER F 30 -19.50 0.64 33.48
C SER F 30 -20.84 1.32 33.71
N GLY F 31 -21.25 1.56 34.95
CA GLY F 31 -22.52 2.19 35.21
C GLY F 31 -22.45 3.70 35.09
N PRO F 32 -23.10 4.40 36.02
CA PRO F 32 -23.06 5.87 35.98
C PRO F 32 -21.65 6.44 36.15
N ALA F 33 -20.77 5.73 36.84
CA ALA F 33 -19.46 6.28 37.18
C ALA F 33 -18.63 6.54 35.93
N LYS F 34 -18.55 5.57 35.03
CA LYS F 34 -17.73 5.73 33.83
C LYS F 34 -18.27 6.83 32.94
N ASN F 35 -19.60 6.93 32.80
CA ASN F 35 -20.18 7.98 31.97
C ASN F 35 -19.96 9.36 32.57
N THR F 36 -20.10 9.49 33.89
CA THR F 36 -19.82 10.77 34.54
C THR F 36 -18.37 11.16 34.37
N PHE F 37 -17.45 10.21 34.53
CA PHE F 37 -16.04 10.52 34.29
C PHE F 37 -15.78 10.88 32.84
N LYS F 38 -16.49 10.25 31.90
CA LYS F 38 -16.36 10.62 30.50
C LYS F 38 -16.77 12.07 30.28
N LEU F 39 -17.90 12.47 30.88
CA LEU F 39 -18.32 13.86 30.76
C LEU F 39 -17.29 14.81 31.33
N ILE F 40 -16.76 14.49 32.52
CA ILE F 40 -15.77 15.36 33.16
C ILE F 40 -14.51 15.45 32.30
N LYS F 41 -14.04 14.32 31.79
CA LYS F 41 -12.83 14.30 30.98
C LYS F 41 -13.03 15.07 29.68
N SER F 42 -14.18 14.92 29.03
CA SER F 42 -14.45 15.68 27.82
C SER F 42 -14.49 17.17 28.10
N HIS F 43 -15.11 17.57 29.21
CA HIS F 43 -15.15 18.98 29.55
C HIS F 43 -13.75 19.53 29.81
N VAL F 44 -12.91 18.75 30.50
CA VAL F 44 -11.56 19.21 30.79
C VAL F 44 -10.73 19.29 29.51
N ASN F 45 -10.91 18.33 28.59
CA ASN F 45 -10.19 18.38 27.33
C ASN F 45 -10.65 19.54 26.46
N GLU F 46 -11.91 19.94 26.57
CA GLU F 46 -12.42 21.00 25.70
C GLU F 46 -12.23 22.40 26.29
N TYR F 47 -12.15 22.53 27.61
CA TYR F 47 -12.07 23.85 28.23
C TYR F 47 -10.92 24.01 29.23
N HIS F 48 -10.15 22.95 29.49
CA HIS F 48 -8.97 23.02 30.35
C HIS F 48 -9.31 23.56 31.74
N SER F 49 -10.46 23.14 32.27
CA SER F 49 -10.86 23.55 33.60
C SER F 49 -11.82 22.50 34.17
N VAL F 50 -11.96 22.52 35.49
CA VAL F 50 -12.84 21.57 36.16
C VAL F 50 -14.28 22.01 35.98
N PRO F 51 -15.16 21.17 35.46
CA PRO F 51 -16.56 21.56 35.28
C PRO F 51 -17.29 21.67 36.62
N SER F 52 -18.37 22.46 36.59
CA SER F 52 -19.25 22.61 37.73
C SER F 52 -20.42 21.63 37.58
N ILE F 53 -21.39 21.72 38.50
CA ILE F 53 -22.57 20.87 38.40
C ILE F 53 -23.44 21.29 37.23
N ASN F 54 -23.59 22.59 37.01
CA ASN F 54 -24.37 23.09 35.89
C ASN F 54 -23.76 22.67 34.56
N ALA F 55 -22.45 22.73 34.45
CA ALA F 55 -21.76 22.33 33.21
C ALA F 55 -22.07 20.89 32.87
N LEU F 56 -21.99 20.01 33.84
CA LEU F 56 -22.23 18.57 33.64
C LEU F 56 -23.70 18.33 33.33
N ASN F 57 -24.62 19.00 34.00
CA ASN F 57 -26.05 18.83 33.64
C ASN F 57 -26.30 19.33 32.22
N VAL F 58 -25.58 20.35 31.77
CA VAL F 58 -25.68 20.76 30.37
C VAL F 58 -25.05 19.71 29.46
N ALA F 59 -23.89 19.19 29.85
CA ALA F 59 -23.24 18.15 29.06
C ALA F 59 -24.08 16.87 29.04
N LEU F 60 -24.81 16.57 30.11
CA LEU F 60 -25.63 15.34 30.16
C LEU F 60 -26.77 15.49 29.18
N GLU F 61 -27.39 16.65 29.14
CA GLU F 61 -28.55 16.87 28.25
C GLU F 61 -28.06 16.81 26.80
N ASN F 62 -26.89 17.35 26.54
CA ASN F 62 -26.32 17.33 25.17
C ASN F 62 -25.50 16.06 24.98
N SER F 63 -26.04 14.90 25.33
CA SER F 63 -25.31 13.63 25.23
C SER F 63 -26.22 12.58 24.63
N SER F 64 -25.59 11.57 24.01
CA SER F 64 -26.31 10.45 23.41
C SER F 64 -26.31 9.29 24.39
N PHE F 65 -27.17 9.39 25.40
CA PHE F 65 -27.29 8.37 26.43
C PHE F 65 -28.69 7.77 26.41
N THR F 66 -28.78 6.49 26.77
CA THR F 66 -30.06 5.83 26.92
C THR F 66 -30.76 6.33 28.19
N GLU F 67 -32.02 5.91 28.35
CA GLU F 67 -32.79 6.36 29.51
C GLU F 67 -32.16 5.88 30.81
N THR F 68 -31.72 4.62 30.85
CA THR F 68 -31.09 4.10 32.06
C THR F 68 -29.78 4.83 32.35
N GLU F 69 -28.95 5.02 31.33
CA GLU F 69 -27.69 5.73 31.51
C GLU F 69 -27.93 7.17 31.93
N TYR F 70 -28.89 7.84 31.28
CA TYR F 70 -29.20 9.22 31.62
C TYR F 70 -29.67 9.33 33.07
N SER F 71 -30.56 8.44 33.49
CA SER F 71 -31.05 8.47 34.87
C SER F 71 -29.93 8.20 35.86
N GLY F 72 -29.07 7.23 35.56
CA GLY F 72 -27.96 6.94 36.46
C GLY F 72 -27.00 8.10 36.59
N VAL F 73 -26.64 8.71 35.47
CA VAL F 73 -25.72 9.85 35.52
C VAL F 73 -26.34 11.01 36.28
N LYS F 74 -27.63 11.28 36.03
CA LYS F 74 -28.29 12.39 36.74
C LYS F 74 -28.35 12.12 38.24
N THR F 75 -28.67 10.89 38.63
CA THR F 75 -28.70 10.55 40.06
C THR F 75 -27.32 10.70 40.68
N LEU F 76 -26.27 10.23 39.99
CA LEU F 76 -24.93 10.33 40.54
C LEU F 76 -24.49 11.78 40.66
N ILE F 77 -24.83 12.62 39.68
CA ILE F 77 -24.51 14.04 39.76
C ILE F 77 -25.26 14.70 40.92
N SER F 78 -26.52 14.31 41.13
CA SER F 78 -27.27 14.86 42.26
C SER F 78 -26.65 14.44 43.58
N LYS F 79 -26.14 13.21 43.68
CA LYS F 79 -25.57 12.72 44.92
C LYS F 79 -24.22 13.34 45.26
N LEU F 80 -23.57 14.00 44.33
CA LEU F 80 -22.25 14.57 44.60
C LEU F 80 -22.35 15.72 45.59
N ALA F 81 -21.38 15.78 46.51
CA ALA F 81 -21.32 16.85 47.50
C ALA F 81 -19.89 16.97 47.98
N ASP F 82 -19.56 18.14 48.54
CA ASP F 82 -18.21 18.43 49.00
C ASP F 82 -18.13 18.10 50.48
N SER F 83 -17.75 16.87 50.79
CA SER F 83 -17.56 16.46 52.18
C SER F 83 -16.19 16.90 52.65
N PRO F 84 -16.11 17.71 53.71
CA PRO F 84 -14.79 18.20 54.17
C PRO F 84 -13.98 17.08 54.80
N GLU F 85 -12.81 16.82 54.21
CA GLU F 85 -11.86 15.83 54.74
C GLU F 85 -10.46 16.38 54.54
N ASP F 86 -9.46 15.54 54.74
CA ASP F 86 -8.06 15.97 54.73
C ASP F 86 -7.39 15.59 53.42
N HIS F 87 -6.59 16.50 52.89
CA HIS F 87 -5.85 16.24 51.64
C HIS F 87 -4.52 15.55 51.93
N SER F 88 -4.59 14.51 52.73
CA SER F 88 -3.54 13.49 52.83
C SER F 88 -4.09 12.08 52.90
N TRP F 89 -5.31 11.90 53.35
CA TRP F 89 -6.02 10.63 53.30
C TRP F 89 -6.72 10.41 51.98
N LEU F 90 -7.23 11.49 51.37
CA LEU F 90 -7.89 11.37 50.07
C LEU F 90 -6.93 10.88 49.00
N VAL F 91 -5.72 11.43 48.95
CA VAL F 91 -4.79 11.09 47.89
C VAL F 91 -4.37 9.63 48.01
N LYS F 92 -4.04 9.18 49.22
CA LYS F 92 -3.62 7.79 49.40
C LYS F 92 -4.78 6.83 49.16
N GLU F 93 -5.99 7.19 49.59
CA GLU F 93 -7.13 6.33 49.31
C GLU F 93 -7.41 6.22 47.82
N THR F 94 -7.31 7.34 47.10
CA THR F 94 -7.49 7.31 45.65
C THR F 94 -6.41 6.46 44.99
N GLU F 95 -5.17 6.56 45.46
CA GLU F 95 -4.09 5.75 44.91
C GLU F 95 -4.37 4.26 45.14
N LYS F 96 -4.83 3.91 46.34
CA LYS F 96 -5.17 2.52 46.63
C LYS F 96 -6.29 2.04 45.72
N TYR F 97 -7.32 2.85 45.53
CA TYR F 97 -8.44 2.46 44.69
C TYR F 97 -7.99 2.27 43.25
N VAL F 98 -7.14 3.16 42.75
CA VAL F 98 -6.65 3.05 41.37
C VAL F 98 -5.80 1.80 41.21
N GLN F 99 -4.94 1.50 42.20
CA GLN F 99 -4.13 0.28 42.13
C GLN F 99 -5.01 -0.97 42.13
N GLN F 100 -6.05 -0.99 42.98
CA GLN F 100 -6.94 -2.13 43.01
C GLN F 100 -7.67 -2.30 41.68
N ARG F 101 -8.13 -1.19 41.09
CA ARG F 101 -8.82 -1.28 39.81
C ARG F 101 -7.88 -1.77 38.71
N ALA F 102 -6.63 -1.30 38.73
CA ALA F 102 -5.66 -1.76 37.75
C ALA F 102 -5.40 -3.25 37.89
N MET F 103 -5.26 -3.73 39.12
CA MET F 103 -5.07 -5.16 39.35
C MET F 103 -6.28 -5.96 38.86
N PHE F 104 -7.49 -5.47 39.13
CA PHE F 104 -8.70 -6.15 38.68
C PHE F 104 -8.74 -6.24 37.16
N ASN F 105 -8.43 -5.13 36.48
CA ASN F 105 -8.43 -5.13 35.02
C ASN F 105 -7.38 -6.08 34.47
N ALA F 106 -6.19 -6.10 35.09
CA ALA F 106 -5.15 -7.02 34.65
C ALA F 106 -5.58 -8.48 34.83
N THR F 107 -6.22 -8.79 35.96
CA THR F 107 -6.69 -10.16 36.18
C THR F 107 -7.72 -10.56 35.14
N SER F 108 -8.68 -9.68 34.86
CA SER F 108 -9.67 -9.98 33.83
C SER F 108 -9.00 -10.17 32.47
N LYS F 109 -8.02 -9.33 32.15
CA LYS F 109 -7.34 -9.43 30.86
C LYS F 109 -6.58 -10.75 30.72
N ILE F 110 -5.89 -11.19 31.79
CA ILE F 110 -5.15 -12.44 31.68
C ILE F 110 -6.11 -13.62 31.63
N ILE F 111 -7.25 -13.55 32.32
CA ILE F 111 -8.24 -14.61 32.20
C ILE F 111 -8.75 -14.70 30.77
N GLU F 112 -9.02 -13.55 30.15
CA GLU F 112 -9.45 -13.54 28.75
C GLU F 112 -8.36 -14.09 27.84
N ILE F 113 -7.10 -13.77 28.13
CA ILE F 113 -5.99 -14.28 27.32
C ILE F 113 -5.93 -15.81 27.39
N GLN F 114 -6.05 -16.35 28.60
CA GLN F 114 -6.00 -17.80 28.76
C GLN F 114 -7.19 -18.48 28.08
N THR F 115 -8.37 -17.86 28.17
CA THR F 115 -9.52 -18.40 27.45
C THR F 115 -9.31 -18.37 25.95
N ASN F 116 -8.70 -17.29 25.44
CA ASN F 116 -8.46 -17.17 24.00
C ASN F 116 -7.44 -18.18 23.52
N ALA F 117 -6.42 -18.46 24.34
CA ALA F 117 -5.35 -19.36 23.91
C ALA F 117 -5.86 -20.77 23.67
N GLU F 118 -6.75 -21.26 24.54
CA GLU F 118 -7.22 -22.63 24.43
C GLU F 118 -8.13 -22.86 23.24
N LEU F 119 -8.58 -21.80 22.57
CA LEU F 119 -9.44 -21.96 21.41
C LEU F 119 -8.65 -22.54 20.24
N PRO F 120 -9.31 -23.32 19.38
CA PRO F 120 -8.62 -23.90 18.23
C PRO F 120 -8.26 -22.84 17.21
N PRO F 121 -7.28 -23.11 16.34
CA PRO F 121 -6.91 -22.13 15.31
C PRO F 121 -8.07 -21.89 14.34
N GLU F 122 -7.98 -20.78 13.62
CA GLU F 122 -8.98 -20.27 12.68
C GLU F 122 -10.26 -19.82 13.38
N LYS F 123 -10.31 -19.85 14.72
CA LYS F 123 -11.45 -19.37 15.46
C LYS F 123 -10.99 -18.43 16.57
N ARG F 124 -9.76 -18.60 17.02
CA ARG F 124 -9.22 -17.77 18.10
C ARG F 124 -8.98 -16.35 17.61
N ASN F 125 -9.08 -15.41 18.54
CA ASN F 125 -8.88 -14.01 18.21
C ASN F 125 -7.40 -13.73 17.92
N LYS F 126 -7.17 -12.90 16.91
CA LYS F 126 -5.82 -12.47 16.54
C LYS F 126 -5.50 -11.12 17.15
N LYS F 127 -4.21 -10.79 17.18
CA LYS F 127 -3.64 -9.60 17.79
C LYS F 127 -3.78 -9.59 19.30
N MET F 128 -4.38 -10.61 19.90
CA MET F 128 -4.47 -10.74 21.35
C MET F 128 -3.21 -11.44 21.88
N PRO F 129 -2.56 -10.89 22.90
CA PRO F 129 -1.29 -11.46 23.36
C PRO F 129 -1.46 -12.89 23.87
N ASP F 130 -0.40 -13.68 23.70
CA ASP F 130 -0.41 -15.09 24.04
C ASP F 130 -0.26 -15.25 25.56
N VAL F 131 -0.12 -16.50 26.01
CA VAL F 131 -0.05 -16.76 27.44
C VAL F 131 1.24 -16.20 28.04
N GLY F 132 2.34 -16.26 27.28
CA GLY F 132 3.61 -15.79 27.80
C GLY F 132 3.65 -14.31 28.11
N ALA F 133 2.69 -13.55 27.61
CA ALA F 133 2.58 -12.13 27.90
C ALA F 133 1.88 -11.83 29.21
N ILE F 134 1.38 -12.85 29.90
CA ILE F 134 0.61 -12.63 31.13
C ILE F 134 1.43 -11.95 32.21
N PRO F 135 2.63 -12.42 32.58
CA PRO F 135 3.35 -11.74 33.67
C PRO F 135 3.66 -10.28 33.39
N ASP F 136 4.01 -9.95 32.15
CA ASP F 136 4.34 -8.56 31.82
C ASP F 136 3.17 -7.63 32.12
N ILE F 137 1.96 -8.03 31.73
CA ILE F 137 0.77 -7.26 32.07
C ILE F 137 0.69 -7.08 33.58
N MET F 138 0.88 -8.16 34.33
CA MET F 138 0.84 -8.06 35.79
C MET F 138 1.97 -7.21 36.34
N ARG F 139 3.06 -7.05 35.59
CA ARG F 139 4.11 -6.13 36.01
C ARG F 139 3.71 -4.68 35.77
N GLN F 140 2.88 -4.42 34.77
CA GLN F 140 2.46 -3.05 34.50
C GLN F 140 1.45 -2.56 35.53
N ALA F 141 0.51 -3.42 35.93
CA ALA F 141 -0.54 -2.99 36.85
C ALA F 141 0.03 -2.61 38.21
N LEU F 142 1.02 -3.36 38.70
CA LEU F 142 1.62 -3.06 39.99
C LEU F 142 2.43 -1.76 39.98
N SER F 143 2.77 -1.24 38.80
CA SER F 143 3.55 -0.03 38.69
C SER F 143 2.72 1.24 38.71
N ILE F 144 1.41 1.13 38.85
CA ILE F 144 0.54 2.31 38.88
C ILE F 144 0.74 3.05 40.19
N SER F 145 1.01 4.35 40.10
CA SER F 145 1.19 5.19 41.27
C SER F 145 0.94 6.63 40.87
N PHE F 146 0.68 7.48 41.87
CA PHE F 146 0.32 8.90 41.58
C PHE F 146 1.61 9.70 41.46
N ASP F 147 2.74 9.02 41.37
CA ASP F 147 4.03 9.71 41.19
C ASP F 147 4.57 9.34 39.80
N SER F 148 4.87 10.35 38.98
CA SER F 148 5.35 10.10 37.60
C SER F 148 6.63 10.88 37.34
N TYR F 149 7.65 10.23 36.77
CA TYR F 149 8.89 10.94 36.39
C TYR F 149 8.94 10.98 34.87
N VAL F 150 8.93 12.18 34.27
CA VAL F 150 8.87 12.27 32.79
C VAL F 150 10.28 12.54 32.24
N GLY F 151 11.03 13.43 32.87
CA GLY F 151 12.37 13.77 32.37
C GLY F 151 13.27 14.18 33.51
N HIS F 152 14.54 14.49 33.24
CA HIS F 152 15.41 14.80 34.36
C HIS F 152 15.30 16.29 34.67
N ASP F 153 14.89 16.61 35.90
CA ASP F 153 14.64 17.99 36.30
C ASP F 153 15.90 18.54 36.95
N TRP F 154 16.55 19.47 36.26
CA TRP F 154 17.67 20.20 36.84
C TRP F 154 17.19 21.02 38.03
N MET F 155 17.99 21.03 39.09
CA MET F 155 17.74 21.77 40.33
C MET F 155 16.64 21.11 41.16
N ASP F 156 15.98 20.09 40.61
CA ASP F 156 15.04 19.29 41.37
C ASP F 156 15.51 17.86 41.57
N ASP F 157 16.27 17.32 40.62
CA ASP F 157 16.93 16.02 40.76
C ASP F 157 18.42 16.26 40.55
N TYR F 158 19.10 16.65 41.63
CA TYR F 158 20.54 16.84 41.57
C TYR F 158 21.31 15.98 42.56
N GLU F 159 20.65 15.47 43.61
CA GLU F 159 21.28 14.47 44.45
C GLU F 159 21.51 13.17 43.68
N ALA F 160 20.50 12.73 42.92
CA ALA F 160 20.66 11.53 42.11
C ALA F 160 21.73 11.73 41.05
N ARG F 161 21.80 12.93 40.47
CA ARG F 161 22.83 13.19 39.47
C ARG F 161 24.22 13.17 40.09
N TRP F 162 24.37 13.69 41.30
CA TRP F 162 25.66 13.61 41.98
C TRP F 162 26.02 12.17 42.30
N LEU F 163 25.04 11.37 42.71
CA LEU F 163 25.29 9.94 42.93
C LEU F 163 25.76 9.28 41.65
N SER F 164 25.12 9.60 40.52
CA SER F 164 25.54 9.05 39.24
C SER F 164 26.96 9.47 38.90
N TYR F 165 27.31 10.72 39.21
CA TYR F 165 28.68 11.18 39.01
C TYR F 165 29.66 10.35 39.82
N MET F 166 29.41 10.21 41.12
CA MET F 166 30.38 9.58 42.01
C MET F 166 30.40 8.05 41.89
N ASN F 167 29.26 7.43 41.63
CA ASN F 167 29.16 5.98 41.62
C ASN F 167 29.25 5.44 40.19
N LYS F 168 29.80 4.24 40.08
CA LYS F 168 29.93 3.55 38.80
C LYS F 168 29.40 2.13 38.95
N ALA F 169 28.64 1.69 37.95
CA ALA F 169 28.06 0.35 37.99
C ALA F 169 29.14 -0.71 37.83
N ARG F 170 28.90 -1.87 38.45
CA ARG F 170 29.86 -3.01 38.37
C ARG F 170 29.96 -3.48 36.91
N LYS F 171 31.12 -3.97 36.50
CA LYS F 171 31.30 -4.37 35.08
C LYS F 171 31.89 -5.78 34.99
N VAL F 172 31.35 -6.64 34.11
CA VAL F 172 31.96 -7.99 33.87
C VAL F 172 33.02 -7.82 32.79
N PRO F 173 34.33 -7.80 33.12
CA PRO F 173 35.37 -7.50 32.13
C PRO F 173 35.42 -8.53 31.02
N PHE F 174 35.83 -8.06 29.83
CA PHE F 174 36.14 -8.94 28.73
C PHE F 174 37.57 -9.46 28.88
N LYS F 175 38.00 -10.28 27.92
CA LYS F 175 39.40 -10.65 27.84
C LYS F 175 40.16 -9.85 26.78
N LEU F 176 39.45 -9.25 25.83
CA LEU F 176 40.05 -8.36 24.86
C LEU F 176 40.08 -6.95 25.44
N ARG F 177 41.28 -6.35 25.46
CA ARG F 177 41.42 -5.05 26.10
C ARG F 177 40.73 -3.94 25.30
N ILE F 178 40.55 -4.14 24.00
CA ILE F 178 39.90 -3.11 23.19
C ILE F 178 38.43 -2.96 23.58
N LEU F 179 37.76 -4.08 23.86
CA LEU F 179 36.37 -4.00 24.30
C LEU F 179 36.27 -3.34 25.67
N ASN F 180 37.22 -3.61 26.56
CA ASN F 180 37.24 -2.93 27.85
C ASN F 180 37.46 -1.43 27.67
N LYS F 181 38.33 -1.05 26.74
CA LYS F 181 38.55 0.37 26.47
C LYS F 181 37.28 1.05 25.95
N ILE F 182 36.58 0.40 25.02
CA ILE F 182 35.37 0.99 24.46
C ILE F 182 34.16 0.85 25.37
N THR F 183 34.26 0.06 26.44
CA THR F 183 33.16 -0.13 27.36
C THR F 183 33.48 0.30 28.79
N LYS F 184 34.65 0.88 29.02
CA LYS F 184 35.03 1.41 30.33
C LYS F 184 35.00 0.33 31.41
N GLY F 185 35.50 -0.86 31.07
CA GLY F 185 35.63 -1.93 32.03
C GLY F 185 34.79 -3.17 31.74
N GLY F 186 34.02 -3.22 30.67
CA GLY F 186 33.24 -4.40 30.35
C GLY F 186 31.76 -4.13 30.22
N ALA F 187 30.94 -5.17 30.42
CA ALA F 187 29.50 -5.08 30.30
C ALA F 187 28.84 -5.31 31.65
N GLU F 188 27.73 -4.62 31.87
CA GLU F 188 27.00 -4.74 33.13
C GLU F 188 26.14 -6.00 33.14
N THR F 189 25.58 -6.30 34.30
CA THR F 189 24.90 -7.57 34.51
C THR F 189 23.59 -7.66 33.74
N GLY F 190 22.64 -6.79 34.03
CA GLY F 190 21.34 -6.85 33.38
C GLY F 190 21.30 -6.13 32.06
N THR F 191 21.94 -6.69 31.03
CA THR F 191 22.05 -6.02 29.74
C THR F 191 21.75 -7.00 28.62
N LEU F 192 21.38 -6.44 27.47
CA LEU F 192 21.18 -7.19 26.23
C LEU F 192 22.17 -6.67 25.20
N ASN F 193 23.19 -7.47 24.91
CA ASN F 193 24.24 -7.09 23.98
C ASN F 193 24.08 -7.84 22.66
N VAL F 194 24.20 -7.11 21.56
CA VAL F 194 23.94 -7.63 20.23
C VAL F 194 25.18 -7.42 19.36
N LEU F 195 25.54 -8.43 18.59
CA LEU F 195 26.65 -8.37 17.64
C LEU F 195 26.07 -8.62 16.25
N MET F 196 25.56 -7.58 15.62
CA MET F 196 24.99 -7.70 14.29
C MET F 196 26.09 -7.95 13.27
N ALA F 197 25.73 -8.65 12.20
CA ALA F 197 26.66 -8.94 11.11
C ALA F 197 25.85 -9.47 9.94
N GLY F 198 26.50 -9.53 8.78
CA GLY F 198 25.89 -10.10 7.60
C GLY F 198 25.87 -11.62 7.65
N VAL F 199 25.28 -12.20 6.61
CA VAL F 199 25.19 -13.65 6.53
C VAL F 199 26.56 -14.24 6.22
N ASN F 200 26.96 -15.24 7.00
CA ASN F 200 28.18 -16.00 6.77
C ASN F 200 29.41 -15.09 6.82
N VAL F 201 29.47 -14.24 7.85
CA VAL F 201 30.58 -13.32 8.04
C VAL F 201 31.13 -13.35 9.45
N GLY F 202 30.58 -14.17 10.35
CA GLY F 202 31.15 -14.32 11.67
C GLY F 202 30.28 -13.93 12.85
N LYS F 203 28.96 -14.09 12.72
CA LYS F 203 28.09 -13.88 13.86
C LYS F 203 28.37 -14.90 14.97
N SER F 204 28.41 -16.18 14.61
CA SER F 204 28.69 -17.21 15.61
C SER F 204 30.16 -17.27 15.96
N LEU F 205 31.05 -16.86 15.05
CA LEU F 205 32.48 -16.82 15.37
C LEU F 205 32.74 -15.85 16.51
N GLY F 206 32.17 -14.65 16.44
CA GLY F 206 32.36 -13.69 17.52
C GLY F 206 31.73 -14.14 18.82
N LEU F 207 30.52 -14.71 18.75
CA LEU F 207 29.87 -15.19 19.96
C LEU F 207 30.64 -16.33 20.60
N CYS F 208 31.17 -17.25 19.80
CA CYS F 208 31.97 -18.34 20.35
C CYS F 208 33.28 -17.82 20.92
N SER F 209 33.88 -16.81 20.28
CA SER F 209 35.09 -16.20 20.83
C SER F 209 34.81 -15.57 22.18
N LEU F 210 33.68 -14.85 22.29
CA LEU F 210 33.30 -14.27 23.57
C LEU F 210 33.05 -15.36 24.62
N ALA F 211 32.39 -16.44 24.22
CA ALA F 211 32.11 -17.53 25.15
C ALA F 211 33.41 -18.14 25.67
N ALA F 212 34.37 -18.37 24.77
CA ALA F 212 35.66 -18.91 25.19
C ALA F 212 36.39 -17.94 26.12
N ASP F 213 36.38 -16.65 25.79
CA ASP F 213 37.05 -15.66 26.62
C ASP F 213 36.44 -15.60 28.01
N TYR F 214 35.11 -15.63 28.10
CA TYR F 214 34.45 -15.62 29.40
C TYR F 214 34.69 -16.91 30.16
N LEU F 215 34.73 -18.04 29.46
CA LEU F 215 34.99 -19.32 30.13
C LEU F 215 36.39 -19.36 30.72
N GLN F 216 37.37 -18.76 30.03
CA GLN F 216 38.72 -18.70 30.58
C GLN F 216 38.84 -17.76 31.77
N LEU F 217 37.82 -16.94 32.03
CA LEU F 217 37.83 -16.02 33.16
C LEU F 217 37.05 -16.55 34.36
N GLY F 218 36.57 -17.79 34.31
CA GLY F 218 35.89 -18.39 35.44
C GLY F 218 34.40 -18.18 35.49
N HIS F 219 33.77 -17.76 34.40
CA HIS F 219 32.33 -17.56 34.37
C HIS F 219 31.62 -18.84 33.95
N ASN F 220 30.37 -18.97 34.40
CA ASN F 220 29.49 -20.02 33.93
C ASN F 220 28.75 -19.51 32.69
N VAL F 221 29.01 -20.12 31.55
CA VAL F 221 28.50 -19.64 30.27
C VAL F 221 27.49 -20.66 29.74
N LEU F 222 26.32 -20.16 29.36
CA LEU F 222 25.28 -20.96 28.72
C LEU F 222 25.15 -20.48 27.27
N TYR F 223 25.41 -21.39 26.33
CA TYR F 223 25.33 -21.09 24.91
C TYR F 223 24.09 -21.75 24.36
N ILE F 224 23.08 -20.95 24.00
CA ILE F 224 21.84 -21.50 23.40
C ILE F 224 21.88 -21.26 21.89
N SER F 225 21.87 -22.32 21.06
CA SER F 225 21.90 -22.18 19.57
C SER F 225 20.56 -22.59 18.93
N MET F 226 20.36 -22.31 17.63
CA MET F 226 19.05 -22.61 16.99
C MET F 226 19.32 -23.03 15.54
N GLN F 227 20.46 -22.59 15.00
CA GLN F 227 20.83 -22.95 13.62
C GLN F 227 22.07 -23.85 13.66
N MET F 228 22.44 -24.33 14.85
CA MET F 228 23.70 -25.13 14.96
C MET F 228 23.55 -26.24 16.01
N ALA F 229 24.10 -27.42 15.72
CA ALA F 229 24.10 -28.53 16.66
C ALA F 229 25.04 -28.22 17.83
N GLU F 230 24.80 -28.91 18.95
CA GLU F 230 25.62 -28.71 20.14
C GLU F 230 27.07 -29.06 19.87
N GLU F 231 27.31 -30.15 19.13
CA GLU F 231 28.67 -30.57 18.84
C GLU F 231 29.40 -29.55 17.99
N VAL F 232 28.68 -28.86 17.11
CA VAL F 232 29.32 -27.86 16.24
C VAL F 232 29.80 -26.66 17.06
N CYS F 233 28.94 -26.14 17.94
CA CYS F 233 29.34 -25.04 18.80
C CYS F 233 30.46 -25.44 19.75
N ALA F 234 30.36 -26.64 20.32
CA ALA F 234 31.43 -27.11 21.19
C ALA F 234 32.73 -27.33 20.43
N LYS F 235 32.65 -27.68 19.15
CA LYS F 235 33.85 -27.80 18.33
C LYS F 235 34.46 -26.43 18.04
N ARG F 236 33.62 -25.42 17.83
CA ARG F 236 34.14 -24.06 17.71
C ARG F 236 34.86 -23.64 18.99
N ILE F 237 34.26 -23.95 20.14
CA ILE F 237 34.90 -23.62 21.42
C ILE F 237 36.21 -24.37 21.58
N ASP F 238 36.23 -25.66 21.21
CA ASP F 238 37.45 -26.44 21.30
C ASP F 238 38.55 -25.86 20.43
N ALA F 239 38.20 -25.48 19.19
CA ALA F 239 39.18 -24.84 18.31
C ALA F 239 39.70 -23.55 18.91
N ASN F 240 38.82 -22.79 19.56
CA ASN F 240 39.26 -21.55 20.20
C ASN F 240 40.23 -21.84 21.35
N MET F 241 39.95 -22.85 22.16
CA MET F 241 40.69 -23.07 23.39
C MET F 241 41.83 -24.08 23.26
N LEU F 242 41.72 -25.06 22.37
CA LEU F 242 42.78 -26.04 22.19
C LEU F 242 43.79 -25.64 21.13
N ASP F 243 43.62 -24.48 20.50
CA ASP F 243 44.53 -23.98 19.47
C ASP F 243 44.72 -25.00 18.34
N VAL F 244 43.63 -25.64 17.94
CA VAL F 244 43.62 -26.56 16.81
C VAL F 244 42.58 -26.08 15.82
N SER F 245 42.95 -26.07 14.53
CA SER F 245 42.03 -25.61 13.51
C SER F 245 40.88 -26.57 13.33
N LEU F 246 39.73 -26.04 12.89
CA LEU F 246 38.59 -26.89 12.57
C LEU F 246 38.93 -27.85 11.44
N ASP F 247 39.80 -27.44 10.53
CA ASP F 247 40.27 -28.36 9.49
C ASP F 247 41.02 -29.53 10.10
N ASP F 248 41.86 -29.26 11.11
CA ASP F 248 42.60 -30.33 11.77
C ASP F 248 41.66 -31.31 12.46
N ILE F 249 40.62 -30.81 13.12
CA ILE F 249 39.70 -31.67 13.83
C ILE F 249 38.91 -32.54 12.85
N ASP F 250 38.40 -31.93 11.78
CA ASP F 250 37.62 -32.68 10.80
C ASP F 250 38.48 -33.69 10.06
N ASP F 251 39.68 -33.28 9.65
CA ASP F 251 40.56 -34.19 8.91
C ASP F 251 41.16 -35.27 9.80
N GLY F 252 41.12 -35.10 11.12
CA GLY F 252 41.72 -36.05 12.02
C GLY F 252 43.21 -35.88 12.21
N HIS F 253 43.75 -34.68 11.96
CA HIS F 253 45.18 -34.45 12.17
C HIS F 253 45.56 -34.64 13.63
N ILE F 254 44.73 -34.15 14.55
CA ILE F 254 44.98 -34.33 15.97
C ILE F 254 44.47 -35.72 16.38
N SER F 255 45.21 -36.36 17.29
CA SER F 255 44.83 -37.66 17.79
C SER F 255 43.99 -37.53 19.05
N TYR F 256 43.38 -38.64 19.47
CA TYR F 256 42.61 -38.64 20.70
C TYR F 256 43.50 -38.42 21.92
N ALA F 257 44.75 -38.87 21.87
CA ALA F 257 45.66 -38.68 22.99
C ALA F 257 45.95 -37.19 23.21
N GLU F 258 46.28 -36.47 22.15
CA GLU F 258 46.56 -35.05 22.28
C GLU F 258 45.32 -34.28 22.72
N TYR F 259 44.17 -34.64 22.16
CA TYR F 259 42.91 -33.99 22.54
C TYR F 259 42.62 -34.20 24.02
N LYS F 260 42.75 -35.43 24.49
CA LYS F 260 42.51 -35.72 25.91
C LYS F 260 43.52 -35.01 26.80
N GLY F 261 44.78 -34.98 26.39
CA GLY F 261 45.78 -34.27 27.17
C GLY F 261 45.49 -32.79 27.30
N LYS F 262 45.11 -32.14 26.19
CA LYS F 262 44.78 -30.73 26.25
C LYS F 262 43.53 -30.49 27.10
N MET F 263 42.52 -31.36 26.96
CA MET F 263 41.31 -31.19 27.76
C MET F 263 41.60 -31.33 29.25
N GLU F 264 42.45 -32.30 29.62
CA GLU F 264 42.77 -32.47 31.03
C GLU F 264 43.66 -31.33 31.54
N LYS F 265 44.54 -30.81 30.71
CA LYS F 265 45.33 -29.64 31.10
C LYS F 265 44.43 -28.44 31.36
N TRP F 266 43.40 -28.25 30.52
CA TRP F 266 42.44 -27.19 30.78
C TRP F 266 41.63 -27.47 32.04
N ARG F 267 41.29 -28.73 32.29
CA ARG F 267 40.52 -29.08 33.47
C ARG F 267 41.29 -28.77 34.75
N GLU F 268 42.59 -29.06 34.77
CA GLU F 268 43.37 -28.88 35.99
C GLU F 268 43.52 -27.42 36.40
N LYS F 269 43.23 -26.48 35.50
CA LYS F 269 43.32 -25.06 35.83
C LYS F 269 42.14 -24.64 36.69
N SER F 270 42.43 -23.91 37.77
CA SER F 270 41.37 -23.46 38.67
C SER F 270 40.57 -22.30 38.09
N THR F 271 41.19 -21.48 37.24
CA THR F 271 40.52 -20.32 36.66
C THR F 271 39.72 -20.70 35.42
N LEU F 272 38.84 -21.69 35.56
CA LEU F 272 37.99 -22.16 34.47
C LEU F 272 36.57 -22.30 34.96
N GLY F 273 35.63 -21.87 34.14
CA GLY F 273 34.22 -21.99 34.44
C GLY F 273 33.62 -23.25 33.83
N ARG F 274 32.30 -23.21 33.64
CA ARG F 274 31.57 -24.30 33.01
C ARG F 274 30.76 -23.73 31.86
N LEU F 275 30.95 -24.30 30.67
CA LEU F 275 30.21 -23.91 29.48
C LEU F 275 29.25 -25.02 29.10
N ILE F 276 27.97 -24.69 28.99
CA ILE F 276 26.93 -25.65 28.66
C ILE F 276 26.21 -25.18 27.40
N VAL F 277 26.20 -26.03 26.38
CA VAL F 277 25.62 -25.71 25.09
C VAL F 277 24.29 -26.45 24.96
N LYS F 278 23.22 -25.71 24.73
CA LYS F 278 21.89 -26.26 24.54
C LYS F 278 21.37 -25.85 23.17
N GLN F 279 20.90 -26.83 22.40
CA GLN F 279 20.38 -26.59 21.07
C GLN F 279 18.86 -26.69 21.07
N TYR F 280 18.22 -25.72 20.43
CA TYR F 280 16.79 -25.73 20.24
C TYR F 280 16.46 -25.62 18.76
N PRO F 281 15.35 -26.21 18.32
CA PRO F 281 14.95 -26.07 16.91
C PRO F 281 14.58 -24.63 16.59
N THR F 282 14.73 -24.28 15.32
CA THR F 282 14.44 -22.93 14.86
C THR F 282 12.98 -22.57 15.15
N GLY F 283 12.78 -21.50 15.92
CA GLY F 283 11.46 -21.08 16.31
C GLY F 283 10.83 -21.89 17.42
N GLY F 284 11.58 -22.81 18.03
CA GLY F 284 11.06 -23.66 19.06
C GLY F 284 11.40 -23.29 20.49
N ALA F 285 12.14 -22.20 20.69
CA ALA F 285 12.53 -21.76 22.02
C ALA F 285 12.18 -20.30 22.23
N ASP F 286 11.79 -19.96 23.45
CA ASP F 286 11.43 -18.60 23.82
C ASP F 286 12.07 -18.30 25.17
N ALA F 287 11.70 -17.15 25.74
CA ALA F 287 12.26 -16.76 27.04
C ALA F 287 11.81 -17.70 28.15
N ASN F 288 10.56 -18.17 28.11
CA ASN F 288 10.08 -19.08 29.13
C ASN F 288 10.78 -20.43 29.06
N THR F 289 11.03 -20.87 27.81
CA THR F 289 11.78 -22.14 27.60
C THR F 289 13.20 -21.92 28.09
N PHE F 290 13.78 -20.75 27.78
CA PHE F 290 15.13 -20.44 28.31
C PHE F 290 15.04 -20.43 29.84
N ARG F 291 13.93 -19.92 30.38
CA ARG F 291 13.73 -19.93 31.85
C ARG F 291 13.61 -21.38 32.33
N SER F 292 12.77 -22.18 31.66
CA SER F 292 12.65 -23.61 32.02
C SER F 292 14.02 -24.27 31.88
N LEU F 293 14.76 -23.92 30.83
CA LEU F 293 16.12 -24.47 30.61
C LEU F 293 17.01 -24.02 31.77
N LEU F 294 16.99 -22.73 32.09
CA LEU F 294 17.79 -22.20 33.23
C LEU F 294 17.31 -22.90 34.51
N ASN F 295 16.01 -23.18 34.58
CA ASN F 295 15.45 -23.86 35.78
C ASN F 295 16.10 -25.24 35.94
N GLU F 296 16.12 -26.03 34.85
CA GLU F 296 16.71 -27.38 34.91
C GLU F 296 18.23 -27.27 34.99
N LEU F 297 18.81 -26.26 34.33
CA LEU F 297 20.28 -26.04 34.40
C LEU F 297 20.65 -25.76 35.86
N LYS F 298 19.77 -25.04 36.58
CA LYS F 298 20.03 -24.72 38.01
C LYS F 298 19.67 -25.93 38.87
N LEU F 299 18.88 -26.86 38.34
CA LEU F 299 18.44 -28.06 39.12
C LEU F 299 19.16 -29.30 38.60
N LYS F 300 18.77 -29.79 37.43
CA LYS F 300 19.38 -31.03 36.86
C LYS F 300 20.90 -30.87 36.82
N LYS F 301 21.40 -29.76 36.26
CA LYS F 301 22.86 -29.57 36.11
C LYS F 301 23.38 -28.67 37.24
N ASN F 302 22.47 -28.10 38.04
CA ASN F 302 22.87 -27.22 39.17
C ASN F 302 23.88 -26.18 38.66
N PHE F 303 23.51 -25.44 37.60
CA PHE F 303 24.40 -24.41 37.01
C PHE F 303 23.67 -23.06 36.98
N VAL F 304 24.23 -22.03 37.60
CA VAL F 304 23.62 -20.67 37.54
C VAL F 304 24.19 -19.93 36.33
N PRO F 305 23.36 -19.37 35.43
CA PRO F 305 23.86 -18.71 34.22
C PRO F 305 24.55 -17.37 34.54
N THR F 306 25.41 -16.89 33.64
CA THR F 306 26.10 -15.59 33.84
C THR F 306 26.24 -14.89 32.48
N ILE F 307 26.53 -15.66 31.43
CA ILE F 307 26.71 -15.07 30.06
C ILE F 307 25.82 -15.85 29.08
N ILE F 308 24.50 -15.79 29.28
CA ILE F 308 23.56 -16.48 28.35
C ILE F 308 23.78 -15.91 26.94
N ILE F 309 23.98 -16.79 25.94
CA ILE F 309 24.28 -16.31 24.57
C ILE F 309 23.28 -16.95 23.59
N VAL F 310 22.35 -16.15 23.08
CA VAL F 310 21.39 -16.65 22.06
C VAL F 310 22.03 -16.51 20.68
N ASP F 311 22.48 -17.62 20.09
CA ASP F 311 23.17 -17.59 18.81
C ASP F 311 22.53 -16.59 17.84
N TYR F 312 21.20 -16.54 17.80
CA TYR F 312 20.50 -15.73 16.82
C TYR F 312 19.18 -15.28 17.43
N LEU F 313 18.95 -13.96 17.45
CA LEU F 313 17.72 -13.41 18.02
C LEU F 313 16.54 -13.63 17.09
N GLY F 314 16.76 -13.52 15.78
CA GLY F 314 15.66 -13.58 14.82
C GLY F 314 15.01 -14.93 14.67
N ILE F 315 15.62 -15.98 15.21
CA ILE F 315 15.05 -17.32 15.09
C ILE F 315 14.17 -17.67 16.31
N CYS F 316 14.50 -17.15 17.48
CA CYS F 316 13.80 -17.50 18.70
C CYS F 316 12.32 -17.13 18.61
N LYS F 317 11.51 -17.79 19.44
CA LYS F 317 10.09 -17.53 19.47
C LYS F 317 9.80 -16.23 20.22
N SER F 318 8.63 -15.64 19.91
CA SER F 318 8.30 -14.32 20.46
C SER F 318 8.07 -14.37 21.96
N CYS F 319 7.38 -15.40 22.45
CA CYS F 319 6.99 -15.60 23.84
C CYS F 319 5.93 -14.61 24.30
N ARG F 320 5.57 -13.63 23.46
CA ARG F 320 4.57 -12.63 23.83
C ARG F 320 3.54 -12.51 22.72
N ILE F 321 3.95 -12.84 21.50
CA ILE F 321 3.11 -12.76 20.31
C ILE F 321 3.00 -14.16 19.72
N ARG F 322 1.80 -14.53 19.30
CA ARG F 322 1.61 -15.80 18.63
C ARG F 322 2.39 -15.84 17.33
N VAL F 323 2.81 -17.04 16.93
CA VAL F 323 3.64 -17.18 15.74
C VAL F 323 2.87 -16.74 14.50
N TYR F 324 3.52 -15.95 13.66
CA TYR F 324 2.95 -15.47 12.40
C TYR F 324 1.70 -14.64 12.65
N SER F 325 1.79 -13.71 13.60
CA SER F 325 0.69 -12.80 13.92
C SER F 325 1.00 -11.36 13.57
N GLU F 326 2.12 -10.82 14.05
CA GLU F 326 2.54 -9.47 13.76
C GLU F 326 3.65 -9.48 12.72
N ASN F 327 4.16 -8.29 12.39
CA ASN F 327 5.24 -8.16 11.42
C ASN F 327 6.57 -8.51 12.08
N SER F 328 7.63 -8.52 11.27
CA SER F 328 8.95 -8.86 11.77
C SER F 328 9.45 -7.86 12.79
N TYR F 329 9.21 -6.57 12.55
CA TYR F 329 9.68 -5.53 13.46
C TYR F 329 9.11 -5.72 14.86
N THR F 330 7.79 -5.88 14.96
CA THR F 330 7.15 -6.01 16.26
C THR F 330 7.59 -7.30 16.97
N THR F 331 7.65 -8.41 16.23
CA THR F 331 8.03 -9.68 16.84
C THR F 331 9.47 -9.63 17.35
N VAL F 332 10.39 -9.07 16.57
CA VAL F 332 11.79 -9.02 16.98
C VAL F 332 11.95 -8.06 18.15
N LYS F 333 11.21 -6.95 18.16
CA LYS F 333 11.27 -6.04 19.31
C LYS F 333 10.76 -6.73 20.56
N ALA F 334 9.68 -7.50 20.44
CA ALA F 334 9.16 -8.24 21.59
C ALA F 334 10.17 -9.26 22.09
N ILE F 335 10.84 -9.95 21.16
CA ILE F 335 11.87 -10.92 21.55
C ILE F 335 13.00 -10.22 22.29
N ALA F 336 13.43 -9.06 21.78
CA ALA F 336 14.49 -8.31 22.44
C ALA F 336 14.08 -7.88 23.84
N GLU F 337 12.85 -7.41 24.00
CA GLU F 337 12.37 -7.00 25.32
C GLU F 337 12.30 -8.19 26.26
N GLU F 338 11.81 -9.34 25.79
CA GLU F 338 11.75 -10.53 26.63
C GLU F 338 13.15 -10.98 27.05
N LEU F 339 14.09 -10.97 26.11
CA LEU F 339 15.46 -11.40 26.45
C LEU F 339 16.11 -10.44 27.43
N ARG F 340 15.89 -9.14 27.28
CA ARG F 340 16.46 -8.19 28.24
C ARG F 340 15.82 -8.34 29.61
N ALA F 341 14.51 -8.61 29.65
CA ALA F 341 13.85 -8.88 30.92
C ALA F 341 14.42 -10.12 31.59
N LEU F 342 14.68 -11.17 30.80
CA LEU F 342 15.30 -12.37 31.33
C LEU F 342 16.70 -12.09 31.87
N ALA F 343 17.48 -11.29 31.15
CA ALA F 343 18.82 -10.94 31.62
C ALA F 343 18.77 -10.15 32.92
N VAL F 344 17.83 -9.20 33.01
CA VAL F 344 17.70 -8.42 34.24
C VAL F 344 17.27 -9.32 35.40
N GLU F 345 16.31 -10.22 35.15
CA GLU F 345 15.84 -11.11 36.21
C GLU F 345 16.94 -12.03 36.70
N THR F 346 17.73 -12.58 35.79
CA THR F 346 18.76 -13.55 36.14
C THR F 346 20.10 -12.91 36.44
N GLU F 347 20.23 -11.60 36.29
CA GLU F 347 21.48 -10.87 36.52
C GLU F 347 22.62 -11.48 35.69
N THR F 348 22.35 -11.73 34.42
CA THR F 348 23.30 -12.36 33.53
C THR F 348 23.57 -11.47 32.32
N VAL F 349 24.84 -11.36 31.94
CA VAL F 349 25.20 -10.64 30.73
C VAL F 349 24.74 -11.47 29.53
N LEU F 350 23.82 -10.93 28.75
CA LEU F 350 23.20 -11.64 27.65
C LEU F 350 23.76 -11.14 26.33
N TRP F 351 24.29 -12.03 25.53
CA TRP F 351 24.88 -11.65 24.25
C TRP F 351 24.09 -12.34 23.14
N THR F 352 23.85 -11.65 22.03
CA THR F 352 23.08 -12.20 20.89
C THR F 352 23.72 -11.72 19.58
N ALA F 353 23.16 -12.09 18.44
CA ALA F 353 23.71 -11.71 17.13
C ALA F 353 22.54 -11.63 16.14
N ALA F 354 22.16 -10.39 15.80
CA ALA F 354 21.14 -10.19 14.79
C ALA F 354 21.76 -10.12 13.40
N GLN F 355 20.91 -10.08 12.39
CA GLN F 355 21.35 -10.03 11.00
C GLN F 355 21.01 -8.69 10.38
N VAL F 356 21.98 -8.11 9.67
CA VAL F 356 21.79 -6.83 8.99
C VAL F 356 21.05 -7.07 7.68
N GLY F 357 20.56 -5.99 7.07
CA GLY F 357 19.82 -6.08 5.84
C GLY F 357 20.70 -6.40 4.65
N LYS F 358 20.04 -6.68 3.52
CA LYS F 358 20.76 -7.04 2.31
C LYS F 358 21.64 -5.89 1.82
N GLN F 359 21.23 -4.65 2.11
CA GLN F 359 22.04 -3.50 1.71
C GLN F 359 23.38 -3.48 2.43
N ALA F 360 23.38 -3.84 3.72
CA ALA F 360 24.61 -3.77 4.51
C ALA F 360 25.59 -4.85 4.11
N TRP F 361 25.11 -5.89 3.43
CA TRP F 361 26.01 -6.96 2.97
C TRP F 361 26.99 -6.40 1.96
N ASP F 362 28.28 -6.72 2.18
CA ASP F 362 29.37 -6.26 1.31
C ASP F 362 29.39 -4.73 1.22
N SER F 363 29.08 -4.07 2.33
CA SER F 363 29.12 -2.62 2.42
C SER F 363 30.20 -2.21 3.40
N SER F 364 31.11 -1.33 2.96
CA SER F 364 32.25 -0.95 3.78
C SER F 364 31.87 -0.19 5.04
N ASP F 365 30.63 0.30 5.12
CA ASP F 365 30.16 1.00 6.30
C ASP F 365 28.68 0.68 6.52
N VAL F 366 28.29 0.54 7.78
CA VAL F 366 26.91 0.26 8.15
C VAL F 366 26.48 1.26 9.21
N ASN F 367 25.17 1.40 9.36
CA ASN F 367 24.59 2.30 10.36
C ASN F 367 23.31 1.66 10.89
N MET F 368 22.58 2.42 11.72
CA MET F 368 21.35 1.88 12.29
C MET F 368 20.27 1.65 11.25
N SER F 369 20.35 2.30 10.09
CA SER F 369 19.40 2.02 9.01
C SER F 369 19.91 0.90 8.11
N ASP F 370 20.29 -0.21 8.74
CA ASP F 370 20.70 -1.42 8.05
C ASP F 370 20.19 -2.69 8.69
N ILE F 371 19.59 -2.61 9.88
CA ILE F 371 19.06 -3.79 10.55
C ILE F 371 17.90 -4.35 9.75
N ALA F 372 17.92 -5.66 9.53
CA ALA F 372 16.93 -6.27 8.65
C ALA F 372 15.58 -6.42 9.34
N GLU F 373 15.53 -7.19 10.42
CA GLU F 373 14.26 -7.60 10.99
C GLU F 373 13.55 -6.45 11.70
N SER F 374 14.28 -5.69 12.51
CA SER F 374 13.65 -4.66 13.33
C SER F 374 14.65 -3.56 13.67
N ALA F 375 14.25 -2.32 13.43
CA ALA F 375 15.05 -1.16 13.83
C ALA F 375 14.82 -0.77 15.29
N GLY F 376 13.88 -1.42 15.97
CA GLY F 376 13.68 -1.19 17.40
C GLY F 376 14.62 -1.95 18.31
N LEU F 377 15.44 -2.83 17.74
CA LEU F 377 16.42 -3.55 18.54
C LEU F 377 17.43 -2.62 19.23
N PRO F 378 18.01 -1.61 18.58
CA PRO F 378 18.92 -0.71 19.31
C PRO F 378 18.29 -0.04 20.50
N ALA F 379 17.01 0.34 20.41
CA ALA F 379 16.36 0.96 21.54
C ALA F 379 16.28 0.00 22.73
N THR F 380 15.99 -1.28 22.46
CA THR F 380 15.90 -2.27 23.53
C THR F 380 17.28 -2.71 24.00
N ALA F 381 18.25 -2.73 23.09
CA ALA F 381 19.61 -3.22 23.42
C ALA F 381 20.39 -2.24 24.30
N ASP F 382 21.51 -2.68 24.87
CA ASP F 382 22.35 -1.83 25.76
C ASP F 382 23.73 -1.65 25.13
N PHE F 383 24.13 -2.54 24.24
CA PHE F 383 25.40 -2.38 23.48
C PHE F 383 25.22 -3.13 22.17
N MET F 384 25.56 -2.51 21.06
CA MET F 384 25.37 -3.15 19.73
C MET F 384 26.62 -2.94 18.88
N LEU F 385 27.18 -4.02 18.35
CA LEU F 385 28.37 -3.95 17.51
C LEU F 385 28.03 -4.48 16.12
N ALA F 386 28.94 -4.25 15.18
CA ALA F 386 28.76 -4.66 13.80
C ALA F 386 30.03 -5.31 13.26
N VAL F 387 29.89 -6.06 12.18
CA VAL F 387 30.99 -6.73 11.51
C VAL F 387 31.01 -6.32 10.04
N ILE F 388 32.15 -5.84 9.56
CA ILE F 388 32.24 -5.21 8.25
C ILE F 388 33.27 -5.91 7.37
N GLU F 389 33.46 -7.21 7.54
CA GLU F 389 34.39 -7.98 6.71
C GLU F 389 33.76 -8.19 5.34
N THR F 390 33.94 -7.20 4.46
CA THR F 390 33.23 -7.24 3.19
C THR F 390 34.04 -7.80 2.03
N GLU F 391 35.12 -7.13 1.63
CA GLU F 391 35.85 -7.54 0.44
C GLU F 391 37.33 -7.79 0.70
N GLU F 392 38.03 -6.85 1.33
CA GLU F 392 39.48 -6.93 1.46
C GLU F 392 39.94 -7.28 2.87
N LEU F 393 39.07 -7.15 3.87
CA LEU F 393 39.43 -7.58 5.21
C LEU F 393 39.60 -9.09 5.29
N ALA F 394 38.82 -9.84 4.51
CA ALA F 394 38.95 -11.29 4.48
C ALA F 394 40.30 -11.72 3.94
N ALA F 395 40.79 -11.05 2.89
CA ALA F 395 42.10 -11.38 2.36
C ALA F 395 43.21 -11.03 3.34
N ALA F 396 43.02 -9.99 4.14
CA ALA F 396 43.98 -9.61 5.16
C ALA F 396 43.71 -10.28 6.51
N GLU F 397 42.72 -11.16 6.58
CA GLU F 397 42.38 -11.90 7.80
C GLU F 397 42.06 -10.93 8.94
N GLN F 398 41.18 -9.96 8.65
CA GLN F 398 40.82 -8.93 9.62
C GLN F 398 39.31 -8.69 9.52
N GLN F 399 38.83 -7.76 10.32
CA GLN F 399 37.41 -7.44 10.40
C GLN F 399 37.28 -5.94 10.70
N LEU F 400 36.07 -5.51 11.06
CA LEU F 400 35.82 -4.14 11.42
C LEU F 400 34.54 -4.06 12.24
N ILE F 401 34.55 -3.22 13.27
CA ILE F 401 33.42 -3.05 14.18
C ILE F 401 32.98 -1.60 14.16
N LYS F 402 31.67 -1.39 13.98
CA LYS F 402 31.11 -0.05 13.84
C LYS F 402 30.73 0.59 15.17
N GLN F 403 30.39 -0.21 16.18
CA GLN F 403 29.90 0.35 17.47
C GLN F 403 28.64 1.18 17.18
N ILE F 404 27.56 0.54 16.74
CA ILE F 404 26.30 1.25 16.33
C ILE F 404 25.63 1.93 17.52
N LYS F 405 25.52 1.24 18.65
CA LYS F 405 24.92 1.82 19.87
C LYS F 405 25.70 1.32 21.07
N SER F 406 26.41 2.19 21.77
CA SER F 406 27.16 1.79 22.99
C SER F 406 26.64 2.59 24.16
N ARG F 407 25.88 1.94 25.04
CA ARG F 407 25.39 2.62 26.22
C ARG F 407 26.41 2.65 27.36
N TYR F 408 27.48 1.84 27.27
CA TYR F 408 28.49 1.83 28.32
C TYR F 408 29.41 3.04 28.25
N GLY F 409 29.60 3.61 27.08
CA GLY F 409 30.48 4.76 26.90
C GLY F 409 29.98 5.65 25.79
N ASP F 410 30.91 6.16 24.99
CA ASP F 410 30.60 7.02 23.88
C ASP F 410 30.94 6.30 22.58
N LYS F 411 29.96 6.20 21.68
CA LYS F 411 30.18 5.48 20.43
C LYS F 411 31.14 6.21 19.52
N ASN F 412 31.16 7.55 19.56
CA ASN F 412 32.04 8.32 18.70
C ASN F 412 33.38 8.63 19.35
N LYS F 413 34.06 7.61 19.89
CA LYS F 413 35.43 7.75 20.36
C LYS F 413 36.35 6.74 19.71
N TRP F 414 35.97 5.47 19.69
CA TRP F 414 36.68 4.40 18.99
C TRP F 414 35.68 3.66 18.11
N ASN F 415 34.92 4.45 17.34
CA ASN F 415 33.76 3.93 16.60
C ASN F 415 34.16 2.75 15.70
N LYS F 416 35.18 2.93 14.88
CA LYS F 416 35.66 1.88 13.99
C LYS F 416 37.04 1.43 14.43
N PHE F 417 37.19 0.13 14.71
CA PHE F 417 38.48 -0.47 14.99
C PHE F 417 38.58 -1.82 14.29
N LEU F 418 39.81 -2.24 14.04
CA LEU F 418 40.09 -3.43 13.23
C LEU F 418 40.30 -4.62 14.16
N MET F 419 39.62 -5.72 13.86
CA MET F 419 39.74 -6.95 14.62
C MET F 419 40.37 -8.04 13.77
N GLY F 420 41.35 -8.73 14.35
CA GLY F 420 42.03 -9.83 13.69
C GLY F 420 41.29 -11.15 13.79
N VAL F 421 40.26 -11.33 12.96
CA VAL F 421 39.48 -12.57 13.02
C VAL F 421 40.28 -13.71 12.42
N GLN F 422 40.45 -14.77 13.20
CA GLN F 422 41.08 -16.00 12.75
C GLN F 422 40.00 -17.08 12.69
N LYS F 423 39.64 -17.49 11.47
CA LYS F 423 38.52 -18.37 11.25
C LYS F 423 38.85 -19.85 11.48
N GLY F 424 40.11 -20.24 11.32
CA GLY F 424 40.49 -21.61 11.61
C GLY F 424 40.33 -21.94 13.08
N ASN F 425 40.76 -21.04 13.96
CA ASN F 425 40.59 -21.20 15.40
C ASN F 425 39.33 -20.54 15.93
N GLN F 426 38.59 -19.83 15.07
CA GLN F 426 37.33 -19.19 15.45
C GLN F 426 37.52 -18.23 16.63
N LYS F 427 38.46 -17.30 16.47
CA LYS F 427 38.78 -16.38 17.55
C LYS F 427 39.05 -14.97 17.01
N TRP F 428 39.11 -14.02 17.93
CA TRP F 428 39.49 -12.65 17.64
C TRP F 428 40.83 -12.36 18.31
N VAL F 429 41.79 -11.88 17.54
CA VAL F 429 43.06 -11.41 18.08
C VAL F 429 43.13 -9.90 17.84
N GLU F 430 43.90 -9.22 18.68
CA GLU F 430 44.04 -7.78 18.58
C GLU F 430 45.18 -7.41 17.66
N ILE F 431 45.01 -6.29 16.94
CA ILE F 431 46.03 -5.83 16.02
C ILE F 431 47.21 -5.18 16.73
N GLU F 432 47.06 -4.84 18.00
CA GLU F 432 48.15 -4.24 18.77
C GLU F 432 49.28 -5.24 19.01
PG AGS H . 13.00 32.15 2.60
S1G AGS H . 14.86 32.20 2.04
O2G AGS H . 12.36 30.78 2.23
O3G AGS H . 12.93 32.36 4.15
PB AGS H . 12.89 34.71 1.76
O1B AGS H . 13.68 34.79 0.50
O2B AGS H . 13.76 34.92 3.00
O3B AGS H . 12.22 33.30 1.91
PA AGS H . 12.16 37.32 2.23
O1A AGS H . 11.23 38.29 1.63
O2A AGS H . 12.21 37.33 3.77
O3A AGS H . 11.79 35.84 1.82
O5' AGS H . 13.58 37.59 1.61
C5' AGS H . 14.68 38.04 2.42
C4' AGS H . 15.23 39.33 1.85
O4' AGS H . 14.66 40.44 2.58
C3' AGS H . 16.73 39.50 1.95
O3' AGS H . 17.23 40.30 0.89
C2' AGS H . 16.90 40.18 3.32
O2' AGS H . 18.08 40.98 3.36
C1' AGS H . 15.65 41.07 3.37
N9 AGS H . 15.11 41.24 4.72
C8 AGS H . 14.32 40.36 5.41
N7 AGS H . 13.97 40.77 6.61
C5 AGS H . 14.58 42.02 6.71
C6 AGS H . 14.60 42.98 7.73
N6 AGS H . 13.97 42.84 8.90
N1 AGS H . 15.30 44.13 7.51
C2 AGS H . 15.93 44.28 6.34
N3 AGS H . 15.98 43.44 5.31
C4 AGS H . 15.28 42.32 5.55
MG MG I . 10.55 32.96 3.39
PG AGS J . 1.79 24.43 -21.13
S1G AGS J . 3.01 23.79 -19.76
O2G AGS J . 1.60 25.92 -21.20
O3G AGS J . 0.44 23.73 -21.17
PB AGS J . 1.85 24.24 -24.06
O1B AGS J . 0.49 23.61 -24.14
O2B AGS J . 2.92 23.80 -25.00
O3B AGS J . 2.41 24.07 -22.57
PA AGS J . 0.74 26.73 -25.11
O1A AGS J . -0.47 27.11 -24.34
O2A AGS J . 0.55 26.02 -26.41
O3A AGS J . 1.68 25.83 -24.17
O5' AGS J . 1.66 28.02 -25.35
C5' AGS J . 2.85 27.88 -26.17
C4' AGS J . 3.39 29.24 -26.51
O4' AGS J . 2.35 30.03 -27.17
C3' AGS J . 3.84 30.13 -25.34
O3' AGS J . 5.17 29.84 -24.94
C2' AGS J . 3.70 31.52 -25.95
O2' AGS J . 4.77 31.84 -26.82
C1' AGS J . 2.40 31.36 -26.73
N9 AGS J . 1.20 31.62 -25.93
C8 AGS J . 0.51 30.73 -25.15
N7 AGS J . -0.53 31.24 -24.56
C5 AGS J . -0.54 32.57 -24.98
C6 AGS J . -1.41 33.64 -24.70
N6 AGS J . -2.48 33.55 -23.90
N1 AGS J . -1.14 34.83 -25.28
C2 AGS J . -0.07 34.92 -26.08
N3 AGS J . 0.81 33.98 -26.42
C4 AGS J . 0.52 32.81 -25.82
MG MG K . -1.50 22.73 -21.18
PG AGS L . 4.32 -0.95 -30.55
S1G AGS L . 2.38 -1.03 -30.35
O2G AGS L . 4.95 -2.26 -30.01
O3G AGS L . 4.88 0.26 -29.74
PB AGS L . 5.53 -1.93 -32.76
O1B AGS L . 6.74 -2.23 -31.95
O2B AGS L . 4.58 -3.12 -32.90
O3B AGS L . 4.69 -0.78 -32.06
PA AGS L . 5.11 -1.99 -35.49
O1A AGS L . 5.21 -3.45 -35.69
O2A AGS L . 3.69 -1.50 -35.30
O3A AGS L . 5.94 -1.51 -34.23
O5' AGS L . 5.81 -1.28 -36.72
C5' AGS L . 7.24 -1.11 -36.77
C4' AGS L . 7.58 -0.23 -37.95
O4' AGS L . 6.73 -0.55 -39.06
C3' AGS L . 7.37 1.26 -37.72
O3' AGS L . 8.49 1.85 -37.07
C2' AGS L . 7.21 1.79 -39.15
O2' AGS L . 8.46 2.14 -39.73
C1' AGS L . 6.59 0.60 -39.89
N9 AGS L . 5.18 0.76 -40.21
C8 AGS L . 4.11 0.59 -39.36
N7 AGS L . 2.95 0.79 -39.94
C5 AGS L . 3.27 1.12 -41.25
C6 AGS L . 2.48 1.45 -42.36
N6 AGS L . 1.14 1.51 -42.34
N1 AGS L . 3.12 1.71 -43.52
C2 AGS L . 4.45 1.65 -43.56
N3 AGS L . 5.30 1.35 -42.57
C4 AGS L . 4.64 1.09 -41.43
MG MG M . 2.84 -3.18 -31.60
PG AGS N . 16.47 -20.13 -16.74
S1G AGS N . 16.78 -19.96 -18.66
O2G AGS N . 16.67 -18.86 -15.94
O3G AGS N . 15.17 -20.79 -16.35
PB AGS N . 17.90 -22.66 -16.39
O1B AGS N . 16.62 -23.41 -16.53
O2B AGS N . 18.92 -23.12 -15.40
O3B AGS N . 17.56 -21.13 -16.11
PA AGS N . 19.13 -23.74 -18.81
O1A AGS N . 17.94 -24.45 -19.37
O2A AGS N . 20.16 -24.55 -18.09
O3A AGS N . 18.62 -22.59 -17.82
O5' AGS N . 19.84 -22.88 -19.96
C5' AGS N . 21.10 -22.24 -19.64
C4' AGS N . 22.11 -22.56 -20.72
O4' AGS N . 21.80 -23.86 -21.27
C3' AGS N . 22.13 -21.61 -21.92
O3' AGS N . 23.45 -21.49 -22.45
C2' AGS N . 21.21 -22.31 -22.90
O2' AGS N . 21.40 -21.91 -24.24
C1' AGS N . 21.62 -23.76 -22.67
N9 AGS N . 20.60 -24.72 -23.06
C8 AGS N . 19.45 -25.04 -22.36
N7 AGS N . 18.72 -25.94 -22.96
C5 AGS N . 19.43 -26.26 -24.12
C6 AGS N . 19.17 -27.16 -25.16
N6 AGS N . 18.10 -27.93 -25.22
N1 AGS N . 20.09 -27.23 -26.16
C2 AGS N . 21.17 -26.44 -26.08
N3 AGS N . 21.51 -25.55 -25.16
C4 AGS N . 20.59 -25.51 -24.19
MG MG O . 14.88 -22.96 -15.03
PG AGS P . 24.87 -17.84 9.42
S1G AGS P . 24.01 -16.18 8.90
O2G AGS P . 24.53 -18.95 8.39
O3G AGS P . 24.35 -18.27 10.82
PB AGS P . 27.05 -16.88 10.70
O1B AGS P . 26.66 -15.45 10.66
O2B AGS P . 26.57 -17.61 11.95
O3B AGS P . 26.41 -17.64 9.47
PA AGS P . 29.33 -18.41 10.94
O1A AGS P . 29.96 -18.43 12.28
O2A AGS P . 28.27 -19.49 10.73
O3A AGS P . 28.64 -17.02 10.67
O5' AGS P . 30.48 -18.51 9.86
C5' AGS P . 31.46 -17.47 9.72
C4' AGS P . 32.56 -17.94 8.81
O4' AGS P . 33.20 -19.11 9.38
C3' AGS P . 32.13 -18.40 7.43
O3' AGS P . 31.97 -17.29 6.55
C2' AGS P . 33.28 -19.31 7.00
O2' AGS P . 34.29 -18.58 6.30
C1' AGS P . 33.84 -19.82 8.35
N9 AGS P . 33.64 -21.24 8.56
C8 AGS P . 32.45 -21.89 8.80
N7 AGS P . 32.56 -23.18 8.96
C5 AGS P . 33.93 -23.41 8.84
C6 AGS P . 34.70 -24.58 8.90
N6 AGS P . 34.20 -25.80 9.14
N1 AGS P . 36.04 -24.46 8.72
C2 AGS P . 36.54 -23.25 8.50
N3 AGS P . 35.92 -22.07 8.41
C4 AGS P . 34.60 -22.23 8.59
MG MG Q . 24.77 -18.60 12.58
#